data_2ORL
#
_entry.id   2ORL
#
loop_
_entity.id
_entity.type
_entity.pdbx_description
1 polymer 'Cytochrome c iso-1'
2 non-polymer 'HEME C'
3 non-polymer 4-AMINOPHENOL
#
_entity_poly.entity_id   1
_entity_poly.type   'polypeptide(L)'
_entity_poly.pdbx_seq_one_letter_code
;TEFKAGSAKKGATLFKTRCLQCHTVEKGGPHKVGPNLHGIFGRHSGQAEGYSYTDANIKKNVLWDENNMSEYLTNPKKYI
PGTKMAFGGLKKEKDRNDLITYLKKATE
;
_entity_poly.pdbx_strand_id   A
#
loop_
_chem_comp.id
_chem_comp.type
_chem_comp.name
_chem_comp.formula
4NL non-polymer 4-AMINOPHENOL 'C6 H7 N O'
HEC non-polymer 'HEME C' 'C34 H34 Fe N4 O4'
#
# COMPACT_ATOMS: atom_id res chain seq x y z
N THR A 1 -4.90 13.97 -3.24
CA THR A 1 -5.77 15.13 -3.49
C THR A 1 -5.18 15.94 -4.62
N GLU A 2 -3.87 16.19 -4.58
CA GLU A 2 -3.16 16.93 -5.61
C GLU A 2 -2.33 15.92 -6.38
N PHE A 3 -3.00 14.85 -6.84
CA PHE A 3 -2.36 13.77 -7.60
C PHE A 3 -1.75 14.28 -8.92
N LYS A 4 -0.68 13.59 -9.33
CA LYS A 4 0.08 13.86 -10.54
C LYS A 4 0.74 12.56 -10.97
N ALA A 5 0.50 12.17 -12.22
CA ALA A 5 1.02 10.93 -12.80
C ALA A 5 2.56 10.85 -12.75
N GLY A 6 3.06 9.63 -12.51
CA GLY A 6 4.49 9.36 -12.40
C GLY A 6 5.00 8.44 -13.51
N SER A 7 5.93 7.55 -13.15
CA SER A 7 6.54 6.57 -14.06
C SER A 7 7.05 5.37 -13.27
N ALA A 8 6.89 4.18 -13.84
CA ALA A 8 7.31 2.92 -13.20
C ALA A 8 8.77 2.95 -12.67
N LYS A 9 9.72 3.54 -13.41
CA LYS A 9 11.14 3.59 -12.99
C LYS A 9 11.46 4.56 -11.83
N LYS A 10 10.44 5.21 -11.27
CA LYS A 10 10.62 6.14 -10.13
C LYS A 10 9.92 5.60 -8.89
N GLY A 11 8.63 5.27 -9.01
CA GLY A 11 7.87 4.70 -7.89
C GLY A 11 8.51 3.43 -7.35
N ALA A 12 9.07 2.58 -8.23
CA ALA A 12 9.73 1.34 -7.84
C ALA A 12 10.94 1.58 -6.91
N THR A 13 11.85 2.51 -7.25
CA THR A 13 13.01 2.80 -6.38
C THR A 13 12.61 3.11 -4.93
N LEU A 14 11.49 3.83 -4.74
CA LEU A 14 10.97 4.20 -3.41
C LEU A 14 10.41 2.97 -2.71
N PHE A 15 9.41 2.33 -3.33
CA PHE A 15 8.77 1.10 -2.81
C PHE A 15 9.80 -0.01 -2.50
N LYS A 16 10.84 -0.13 -3.35
CA LYS A 16 11.89 -1.15 -3.21
C LYS A 16 12.87 -0.93 -2.04
N THR A 17 12.79 0.24 -1.38
CA THR A 17 13.66 0.63 -0.24
C THR A 17 12.84 1.35 0.88
N ARG A 18 11.51 1.10 0.86
CA ARG A 18 10.53 1.67 1.82
C ARG A 18 9.43 0.67 2.20
N CYS A 19 8.92 -0.06 1.20
CA CYS A 19 7.83 -1.01 1.39
C CYS A 19 8.30 -2.46 1.19
N LEU A 20 9.31 -2.67 0.33
CA LEU A 20 9.86 -4.00 0.03
C LEU A 20 10.27 -4.80 1.29
N GLN A 21 10.87 -4.11 2.27
CA GLN A 21 11.32 -4.69 3.55
C GLN A 21 10.35 -5.73 4.16
N CYS A 22 9.03 -5.53 4.03
CA CYS A 22 8.00 -6.43 4.55
C CYS A 22 7.00 -6.96 3.50
N HIS A 23 6.68 -6.15 2.48
CA HIS A 23 5.69 -6.48 1.44
C HIS A 23 6.31 -7.07 0.15
N THR A 24 5.40 -7.51 -0.72
CA THR A 24 5.72 -8.10 -2.03
C THR A 24 4.89 -7.40 -3.14
N VAL A 25 5.57 -6.83 -4.14
CA VAL A 25 4.91 -6.08 -5.25
C VAL A 25 4.25 -6.99 -6.32
N GLU A 26 4.75 -8.21 -6.45
CA GLU A 26 4.29 -9.21 -7.40
C GLU A 26 3.71 -10.41 -6.62
N LYS A 27 3.26 -11.49 -7.29
CA LYS A 27 2.70 -12.64 -6.56
C LYS A 27 3.63 -13.86 -6.45
N GLY A 28 4.95 -13.67 -6.50
CA GLY A 28 5.89 -14.80 -6.41
C GLY A 28 6.61 -14.89 -5.05
N GLY A 29 6.64 -13.76 -4.32
CA GLY A 29 7.30 -13.68 -3.00
C GLY A 29 6.36 -14.06 -1.86
N PRO A 30 6.78 -14.94 -0.94
CA PRO A 30 5.96 -15.33 0.21
C PRO A 30 5.63 -14.13 1.11
N HIS A 31 4.53 -14.24 1.85
CA HIS A 31 4.10 -13.17 2.76
C HIS A 31 5.17 -12.96 3.85
N LYS A 32 5.87 -11.82 3.81
CA LYS A 32 6.92 -11.50 4.79
C LYS A 32 6.30 -10.83 6.04
N VAL A 33 6.94 -9.79 6.59
CA VAL A 33 6.43 -9.04 7.74
C VAL A 33 5.08 -8.37 7.39
N GLY A 34 4.85 -8.18 6.06
CA GLY A 34 3.60 -7.60 5.53
C GLY A 34 2.97 -8.48 4.43
N PRO A 35 1.66 -8.36 4.21
CA PRO A 35 0.93 -9.16 3.21
C PRO A 35 1.26 -8.80 1.75
N ASN A 36 0.73 -9.57 0.81
CA ASN A 36 0.96 -9.32 -0.62
C ASN A 36 0.03 -8.16 -1.08
N LEU A 37 0.61 -7.18 -1.82
CA LEU A 37 -0.07 -5.97 -2.31
C LEU A 37 -0.51 -6.06 -3.80
N HIS A 38 0.01 -7.07 -4.52
CA HIS A 38 -0.28 -7.35 -5.95
C HIS A 38 -1.76 -7.71 -6.18
N GLY A 39 -2.57 -6.70 -6.50
CA GLY A 39 -4.00 -6.87 -6.76
C GLY A 39 -4.93 -6.16 -5.76
N ILE A 40 -4.40 -5.31 -4.88
CA ILE A 40 -5.25 -4.60 -3.92
C ILE A 40 -6.21 -3.61 -4.59
N PHE A 41 -5.77 -2.91 -5.64
CA PHE A 41 -6.61 -1.92 -6.35
C PHE A 41 -7.96 -2.51 -6.80
N GLY A 42 -9.03 -1.98 -6.20
CA GLY A 42 -10.41 -2.38 -6.47
C GLY A 42 -11.02 -3.28 -5.37
N ARG A 43 -10.23 -3.67 -4.37
CA ARG A 43 -10.66 -4.54 -3.26
C ARG A 43 -10.68 -3.75 -1.95
N HIS A 44 -11.24 -4.34 -0.91
CA HIS A 44 -11.36 -3.71 0.40
C HIS A 44 -10.17 -4.11 1.27
N SER A 45 -9.91 -3.36 2.36
CA SER A 45 -8.80 -3.66 3.26
C SER A 45 -8.94 -5.06 3.86
N GLY A 46 -7.80 -5.71 4.07
CA GLY A 46 -7.77 -7.06 4.63
C GLY A 46 -8.10 -8.22 3.67
N GLN A 47 -7.53 -8.26 2.44
CA GLN A 47 -7.83 -9.36 1.48
C GLN A 47 -6.60 -10.19 0.96
N ALA A 48 -5.47 -10.21 1.67
CA ALA A 48 -4.27 -10.98 1.23
C ALA A 48 -4.50 -12.52 1.16
N GLU A 49 -4.08 -13.11 0.03
CA GLU A 49 -4.22 -14.55 -0.24
C GLU A 49 -3.24 -15.43 0.60
N GLY A 50 -3.63 -15.67 1.88
CA GLY A 50 -2.85 -16.51 2.81
C GLY A 50 -2.16 -15.76 3.97
N TYR A 51 -2.73 -14.63 4.41
CA TYR A 51 -2.18 -13.81 5.51
C TYR A 51 -3.29 -13.11 6.35
N SER A 52 -3.11 -13.12 7.68
CA SER A 52 -4.07 -12.53 8.64
C SER A 52 -3.85 -11.02 8.88
N TYR A 53 -4.98 -10.33 9.15
CA TYR A 53 -5.08 -8.87 9.41
C TYR A 53 -5.63 -8.58 10.87
N THR A 54 -5.50 -7.32 11.35
CA THR A 54 -5.97 -6.92 12.71
C THR A 54 -7.49 -6.66 12.79
N ASP A 55 -8.02 -6.61 14.00
CA ASP A 55 -9.44 -6.35 14.27
C ASP A 55 -9.90 -5.00 13.66
N ALA A 56 -9.01 -4.00 13.64
CA ALA A 56 -9.29 -2.66 13.13
C ALA A 56 -9.17 -2.53 11.59
N ASN A 57 -8.25 -3.26 10.94
CA ASN A 57 -8.06 -3.17 9.48
C ASN A 57 -9.23 -3.82 8.71
N ILE A 58 -9.75 -4.93 9.23
CA ILE A 58 -10.90 -5.65 8.63
C ILE A 58 -12.18 -4.80 8.73
N LYS A 59 -12.70 -4.59 9.95
CA LYS A 59 -13.82 -3.65 10.21
C LYS A 59 -13.78 -2.36 9.35
N LYS A 60 -12.60 -2.00 8.84
CA LYS A 60 -12.36 -0.77 8.08
C LYS A 60 -12.78 -0.87 6.59
N ASN A 61 -12.58 -2.06 5.98
CA ASN A 61 -12.91 -2.44 4.58
C ASN A 61 -12.80 -1.29 3.56
N VAL A 62 -11.70 -0.52 3.63
CA VAL A 62 -11.50 0.61 2.72
C VAL A 62 -11.31 0.11 1.30
N LEU A 63 -11.97 0.74 0.33
CA LEU A 63 -11.84 0.34 -1.06
C LEU A 63 -10.58 0.99 -1.65
N TRP A 64 -9.50 0.21 -1.73
CA TRP A 64 -8.22 0.67 -2.23
C TRP A 64 -8.32 1.22 -3.66
N ASP A 65 -8.29 2.55 -3.75
CA ASP A 65 -8.37 3.34 -4.99
C ASP A 65 -7.05 4.13 -5.20
N GLU A 66 -7.02 4.98 -6.22
CA GLU A 66 -5.84 5.79 -6.58
C GLU A 66 -5.51 6.77 -5.44
N ASN A 67 -6.48 7.61 -5.06
CA ASN A 67 -6.32 8.59 -4.00
C ASN A 67 -6.39 7.92 -2.60
N ASN A 68 -7.37 7.07 -2.34
CA ASN A 68 -7.54 6.37 -1.05
C ASN A 68 -6.24 5.70 -0.51
N MET A 69 -5.43 5.04 -1.35
CA MET A 69 -4.17 4.42 -0.89
C MET A 69 -3.27 5.43 -0.11
N SER A 70 -3.22 6.69 -0.57
CA SER A 70 -2.47 7.76 0.13
C SER A 70 -3.10 8.14 1.49
N GLU A 71 -4.44 8.14 1.57
CA GLU A 71 -5.18 8.44 2.79
C GLU A 71 -4.56 7.69 4.00
N TYR A 72 -4.41 6.38 3.83
CA TYR A 72 -3.80 5.46 4.82
C TYR A 72 -2.27 5.54 4.86
N LEU A 73 -1.59 5.71 3.71
CA LEU A 73 -0.12 5.82 3.70
C LEU A 73 0.42 6.99 4.56
N THR A 74 -0.24 8.15 4.56
CA THR A 74 0.20 9.30 5.36
C THR A 74 0.30 8.97 6.86
N ASN A 75 -0.65 8.18 7.38
CA ASN A 75 -0.64 7.77 8.80
C ASN A 75 -1.50 6.50 9.02
N PRO A 76 -0.90 5.31 8.91
CA PRO A 76 -1.62 4.04 9.11
C PRO A 76 -2.19 3.88 10.54
N LYS A 77 -1.44 4.39 11.52
CA LYS A 77 -1.83 4.32 12.95
C LYS A 77 -3.05 5.20 13.25
N LYS A 78 -3.17 6.35 12.59
CA LYS A 78 -4.31 7.26 12.82
C LYS A 78 -5.60 6.73 12.17
N TYR A 79 -5.49 6.13 10.98
CA TYR A 79 -6.64 5.57 10.26
C TYR A 79 -7.11 4.19 10.78
N ILE A 80 -6.13 3.31 11.06
CA ILE A 80 -6.37 1.97 11.57
C ILE A 80 -5.56 1.81 12.89
N PRO A 81 -6.17 2.18 14.02
CA PRO A 81 -5.53 2.08 15.35
C PRO A 81 -5.27 0.64 15.78
N GLY A 82 -4.01 0.30 15.96
CA GLY A 82 -3.62 -1.06 16.36
C GLY A 82 -3.02 -1.92 15.23
N THR A 83 -3.04 -1.42 13.99
CA THR A 83 -2.53 -2.13 12.79
C THR A 83 -1.04 -2.47 12.88
N LYS A 84 -0.68 -3.63 12.32
CA LYS A 84 0.70 -4.14 12.33
C LYS A 84 1.68 -3.26 11.52
N MET A 85 1.20 -2.48 10.54
CA MET A 85 2.08 -1.64 9.70
C MET A 85 2.66 -0.44 10.49
N ALA A 86 3.93 -0.59 10.87
CA ALA A 86 4.67 0.40 11.67
C ALA A 86 5.76 1.19 10.90
N PHE A 87 5.61 1.21 9.59
CA PHE A 87 6.48 1.87 8.59
C PHE A 87 6.71 3.39 8.80
N GLY A 88 5.81 4.10 9.49
CA GLY A 88 5.99 5.54 9.72
C GLY A 88 5.05 6.45 8.93
N GLY A 89 4.74 6.09 7.67
CA GLY A 89 3.82 6.85 6.81
C GLY A 89 4.48 7.99 6.02
N LEU A 90 4.48 7.89 4.69
CA LEU A 90 5.07 8.88 3.78
C LEU A 90 4.14 10.11 3.65
N LYS A 91 4.43 11.10 4.49
CA LYS A 91 3.71 12.38 4.60
C LYS A 91 3.64 13.20 3.30
N LYS A 92 4.70 13.16 2.49
CA LYS A 92 4.80 13.91 1.24
C LYS A 92 3.95 13.31 0.11
N GLU A 93 2.83 13.97 -0.21
CA GLU A 93 1.91 13.56 -1.28
C GLU A 93 2.55 13.47 -2.68
N LYS A 94 3.42 14.42 -3.04
CA LYS A 94 4.09 14.42 -4.35
C LYS A 94 4.88 13.14 -4.58
N ASP A 95 5.51 12.68 -3.52
CA ASP A 95 6.29 11.45 -3.43
C ASP A 95 5.39 10.20 -3.60
N ARG A 96 4.18 10.18 -2.99
CA ARG A 96 3.24 9.04 -3.17
C ARG A 96 2.62 9.03 -4.58
N ASN A 97 2.35 10.20 -5.16
CA ASN A 97 1.79 10.31 -6.52
C ASN A 97 2.51 9.35 -7.52
N ASP A 98 3.84 9.44 -7.61
CA ASP A 98 4.65 8.54 -8.46
C ASP A 98 4.55 7.06 -8.00
N LEU A 99 4.53 6.82 -6.69
CA LEU A 99 4.40 5.46 -6.10
C LEU A 99 3.10 4.74 -6.57
N ILE A 100 2.00 5.48 -6.68
CA ILE A 100 0.69 4.94 -7.11
C ILE A 100 0.78 4.46 -8.57
N THR A 101 1.38 5.28 -9.44
CA THR A 101 1.56 4.94 -10.87
C THR A 101 2.29 3.59 -11.04
N TYR A 102 3.38 3.36 -10.30
CA TYR A 102 4.11 2.08 -10.35
C TYR A 102 3.22 0.89 -9.96
N LEU A 103 2.63 0.92 -8.76
CA LEU A 103 1.72 -0.14 -8.28
C LEU A 103 0.53 -0.33 -9.24
N LYS A 104 -0.03 0.80 -9.66
CA LYS A 104 -1.14 0.84 -10.61
C LYS A 104 -0.76 0.08 -11.89
N LYS A 105 0.49 0.23 -12.38
CA LYS A 105 1.00 -0.44 -13.62
C LYS A 105 1.19 -1.97 -13.49
N ALA A 106 1.49 -2.38 -12.28
CA ALA A 106 1.71 -3.77 -11.82
C ALA A 106 0.37 -4.54 -11.60
N THR A 107 -0.67 -3.84 -11.13
CA THR A 107 -2.02 -4.40 -10.91
C THR A 107 -2.85 -4.40 -12.21
N GLU A 108 -2.74 -3.33 -13.02
CA GLU A 108 -3.49 -3.23 -14.29
C GLU A 108 -2.55 -2.95 -15.47
FE HEC B . 2.10 -1.87 4.58
CHA HEC B . -0.99 -3.38 5.14
CHB HEC B . 0.89 -0.40 1.68
CHC HEC B . 5.20 -0.39 4.04
CHD HEC B . 3.50 -3.81 7.11
NA HEC B . 0.30 -1.86 3.62
C1A HEC B . -0.88 -2.50 4.03
C2A HEC B . -1.90 -2.29 3.07
C3A HEC B . -1.38 -1.47 2.08
C4A HEC B . -0.02 -1.22 2.42
CMA HEC B . -2.13 -0.99 0.86
CAA HEC B . -3.30 -2.81 3.13
CBA HEC B . -3.41 -4.29 2.75
CGA HEC B . -4.86 -4.80 2.91
O1A HEC B . -5.62 -4.19 3.68
O2A HEC B . -5.19 -5.83 2.30
NB HEC B . 2.87 -0.61 3.17
C1B HEC B . 2.23 -0.12 2.03
C2B HEC B . 3.12 0.70 1.28
C3B HEC B . 4.32 0.76 1.98
C4B HEC B . 4.16 -0.05 3.15
CMB HEC B . 2.86 1.24 -0.11
CAB HEC B . 5.55 1.58 1.68
CBB HEC B . 5.28 3.08 1.75
NC HEC B . 3.96 -2.02 5.46
C1C HEC B . 5.12 -1.29 5.13
C2C HEC B . 6.23 -1.75 5.88
C3C HEC B . 5.79 -2.78 6.69
C4C HEC B . 4.37 -2.92 6.44
CMC HEC B . 7.64 -1.24 5.76
CAC HEC B . 6.63 -3.74 7.48
CBC HEC B . 7.12 -3.16 8.79
ND HEC B . 1.38 -3.26 5.92
C1D HEC B . 2.11 -3.98 6.86
C2D HEC B . 1.26 -4.88 7.56
C3D HEC B . -0.03 -4.71 7.08
C4D HEC B . 0.04 -3.72 6.05
CMD HEC B . 1.75 -5.97 8.45
CAD HEC B . -1.27 -5.34 7.66
CBD HEC B . -1.78 -4.56 8.88
CGD HEC B . -2.60 -5.38 9.87
O1D HEC B . -3.18 -6.43 9.52
O2D HEC B . -2.63 -4.96 11.05
HHA HEC B . -2.00 -3.74 5.40
HHB HEC B . 0.52 0.02 0.74
HHC HEC B . 6.13 0.19 3.97
HHD HEC B . 3.95 -4.50 7.84
HMA1 HEC B . -2.38 0.05 0.99
HMA2 HEC B . -3.02 -1.58 0.74
HMA3 HEC B . -1.50 -1.10 -0.02
HAA1 HEC B . -3.92 -2.24 2.45
HAA2 HEC B . -3.67 -2.68 4.13
HBA1 HEC B . -2.76 -4.87 3.39
HBA2 HEC B . -3.11 -4.42 1.73
HMB1 HEC B . 1.82 1.05 -0.38
HMB2 HEC B . 3.51 0.75 -0.82
HMB3 HEC B . 3.04 2.31 -0.12
HAB HEC B . 6.27 1.36 2.44
HBB1 HEC B . 4.47 3.26 2.44
HBB2 HEC B . 5.04 3.48 0.78
HBB3 HEC B . 6.17 3.57 2.13
HMC1 HEC B . 7.68 -0.18 5.99
HMC2 HEC B . 7.98 -1.38 4.74
HMC3 HEC B . 8.29 -1.78 6.43
HAC HEC B . 5.99 -4.58 7.74
HBC1 HEC B . 6.26 -3.05 9.45
HBC2 HEC B . 7.56 -2.20 8.62
HBC3 HEC B . 7.84 -3.83 9.25
HMD1 HEC B . 2.37 -5.54 9.24
HMD2 HEC B . 2.36 -6.67 7.88
HMD3 HEC B . 0.92 -6.49 8.90
HAD1 HEC B . -1.04 -6.35 7.96
HAD2 HEC B . -2.05 -5.36 6.90
HBD1 HEC B . -2.40 -3.74 8.52
HBD2 HEC B . -0.93 -4.15 9.40
C2 4NL C . -7.91 0.76 -9.89
C6 4NL C . -7.66 2.60 -8.37
C3 4NL C . -6.55 0.77 -10.14
C4 4NL C . -5.74 1.70 -9.51
C5 4NL C . -6.30 2.61 -8.62
C1 4NL C . -8.46 1.66 -9.00
N1 4NL C . -9.89 1.63 -8.73
O1 4NL C . -4.35 1.73 -9.77
H2 4NL C . -6.11 0.04 -10.86
H6 4NL C . -10.43 2.50 -8.78
H3 4NL C . -5.64 3.38 -8.11
H5 4NL C . -3.92 2.41 -9.20
H4 4NL C . -8.10 3.34 -7.65
H1 4NL C . -8.57 0.00 -10.41
H7 4NL C . -10.34 0.75 -8.48
N THR A 1 -4.29 16.52 -2.07
CA THR A 1 -4.67 15.88 -3.34
C THR A 1 -4.13 16.72 -4.47
N GLU A 2 -2.80 16.87 -4.55
CA GLU A 2 -2.14 17.63 -5.61
C GLU A 2 -1.40 16.61 -6.47
N PHE A 3 -2.14 15.62 -6.96
CA PHE A 3 -1.60 14.55 -7.80
C PHE A 3 -0.86 15.11 -9.05
N LYS A 4 0.18 14.38 -9.44
CA LYS A 4 1.01 14.67 -10.60
C LYS A 4 1.54 13.33 -11.12
N ALA A 5 1.38 13.13 -12.43
CA ALA A 5 1.81 11.91 -13.12
C ALA A 5 3.30 11.58 -12.88
N GLY A 6 3.59 10.28 -12.77
CA GLY A 6 4.95 9.78 -12.55
C GLY A 6 5.42 8.86 -13.69
N SER A 7 6.16 7.82 -13.33
CA SER A 7 6.71 6.83 -14.26
C SER A 7 7.00 5.52 -13.53
N ALA A 8 6.65 4.40 -14.14
CA ALA A 8 6.87 3.07 -13.57
C ALA A 8 8.32 2.85 -13.02
N LYS A 9 9.35 3.37 -13.70
CA LYS A 9 10.75 3.21 -13.24
C LYS A 9 11.17 4.17 -12.10
N LYS A 10 10.25 4.98 -11.58
CA LYS A 10 10.54 5.91 -10.47
C LYS A 10 9.82 5.45 -9.20
N GLY A 11 8.51 5.20 -9.30
CA GLY A 11 7.73 4.73 -8.16
C GLY A 11 8.29 3.43 -7.56
N ALA A 12 8.90 2.59 -8.41
CA ALA A 12 9.49 1.32 -7.98
C ALA A 12 10.61 1.52 -6.94
N THR A 13 11.59 2.39 -7.19
CA THR A 13 12.68 2.64 -6.22
C THR A 13 12.16 2.89 -4.78
N LEU A 14 10.99 3.53 -4.66
CA LEU A 14 10.35 3.84 -3.36
C LEU A 14 9.89 2.56 -2.69
N PHE A 15 8.73 2.04 -3.09
CA PHE A 15 8.15 0.80 -2.56
C PHE A 15 9.18 -0.34 -2.45
N LYS A 16 10.03 -0.49 -3.48
CA LYS A 16 11.03 -1.56 -3.56
C LYS A 16 12.28 -1.36 -2.65
N THR A 17 12.28 -0.28 -1.85
CA THR A 17 13.38 0.07 -0.92
C THR A 17 12.85 0.54 0.47
N ARG A 18 11.60 1.01 0.49
CA ARG A 18 10.90 1.51 1.69
C ARG A 18 9.83 0.54 2.21
N CYS A 19 9.21 -0.20 1.29
CA CYS A 19 8.13 -1.14 1.62
C CYS A 19 8.59 -2.59 1.49
N LEU A 20 9.64 -2.82 0.70
CA LEU A 20 10.20 -4.17 0.47
C LEU A 20 10.55 -4.92 1.78
N GLN A 21 11.05 -4.19 2.79
CA GLN A 21 11.43 -4.74 4.10
C GLN A 21 10.43 -5.74 4.71
N CYS A 22 9.12 -5.56 4.46
CA CYS A 22 8.07 -6.44 4.98
C CYS A 22 7.12 -7.02 3.90
N HIS A 23 6.80 -6.23 2.85
CA HIS A 23 5.87 -6.62 1.79
C HIS A 23 6.54 -7.20 0.53
N THR A 24 5.72 -7.34 -0.51
CA THR A 24 6.12 -7.83 -1.83
C THR A 24 5.09 -7.35 -2.89
N VAL A 25 5.56 -6.64 -3.92
CA VAL A 25 4.68 -6.10 -5.00
C VAL A 25 4.26 -7.16 -6.06
N GLU A 26 5.04 -8.22 -6.16
CA GLU A 26 4.82 -9.32 -7.11
C GLU A 26 3.88 -10.35 -6.47
N LYS A 27 3.38 -11.35 -7.21
CA LYS A 27 2.47 -12.35 -6.62
C LYS A 27 3.17 -13.49 -5.84
N GLY A 28 4.20 -14.11 -6.42
CA GLY A 28 4.91 -15.21 -5.73
C GLY A 28 5.92 -14.71 -4.67
N GLY A 29 5.76 -13.45 -4.24
CA GLY A 29 6.64 -12.83 -3.24
C GLY A 29 6.48 -13.42 -1.84
N PRO A 30 7.57 -13.79 -1.16
CA PRO A 30 7.49 -14.33 0.19
C PRO A 30 6.89 -13.32 1.18
N HIS A 31 5.81 -13.71 1.84
CA HIS A 31 5.14 -12.86 2.81
C HIS A 31 6.05 -12.69 4.06
N LYS A 32 6.47 -11.45 4.33
CA LYS A 32 7.33 -11.14 5.49
C LYS A 32 6.49 -10.49 6.61
N VAL A 33 6.99 -9.42 7.24
CA VAL A 33 6.26 -8.68 8.28
C VAL A 33 4.96 -8.09 7.71
N GLY A 34 4.93 -7.95 6.37
CA GLY A 34 3.76 -7.45 5.62
C GLY A 34 3.28 -8.44 4.54
N PRO A 35 1.96 -8.62 4.40
CA PRO A 35 1.39 -9.56 3.41
C PRO A 35 1.54 -9.08 1.96
N ASN A 36 1.09 -9.92 1.02
CA ASN A 36 1.17 -9.58 -0.41
C ASN A 36 0.19 -8.39 -0.70
N LEU A 37 0.58 -7.50 -1.63
CA LEU A 37 -0.17 -6.29 -2.02
C LEU A 37 -0.63 -6.31 -3.51
N HIS A 38 -0.11 -7.26 -4.30
CA HIS A 38 -0.41 -7.44 -5.73
C HIS A 38 -1.88 -7.82 -5.97
N GLY A 39 -2.70 -6.79 -6.26
CA GLY A 39 -4.14 -6.95 -6.53
C GLY A 39 -5.06 -6.32 -5.49
N ILE A 40 -4.59 -5.33 -4.71
CA ILE A 40 -5.47 -4.69 -3.71
C ILE A 40 -6.46 -3.70 -4.34
N PHE A 41 -6.09 -3.05 -5.45
CA PHE A 41 -6.95 -2.05 -6.13
C PHE A 41 -8.32 -2.64 -6.51
N GLY A 42 -9.36 -2.09 -5.86
CA GLY A 42 -10.75 -2.48 -6.06
C GLY A 42 -11.29 -3.45 -4.99
N ARG A 43 -10.43 -3.89 -4.06
CA ARG A 43 -10.79 -4.83 -2.97
C ARG A 43 -10.78 -4.09 -1.63
N HIS A 44 -11.36 -4.73 -0.62
CA HIS A 44 -11.43 -4.15 0.73
C HIS A 44 -10.17 -4.47 1.50
N SER A 45 -9.94 -3.77 2.64
CA SER A 45 -8.77 -4.01 3.48
C SER A 45 -8.80 -5.40 4.08
N GLY A 46 -7.63 -6.02 4.22
CA GLY A 46 -7.51 -7.36 4.78
C GLY A 46 -7.81 -8.54 3.83
N GLN A 47 -7.36 -8.52 2.56
CA GLN A 47 -7.65 -9.62 1.60
C GLN A 47 -6.43 -10.45 1.08
N ALA A 48 -5.26 -10.42 1.74
CA ALA A 48 -4.07 -11.19 1.32
C ALA A 48 -4.32 -12.73 1.22
N GLU A 49 -4.05 -13.30 0.03
CA GLU A 49 -4.25 -14.73 -0.27
C GLU A 49 -3.25 -15.64 0.49
N GLY A 50 -3.55 -15.89 1.79
CA GLY A 50 -2.74 -16.76 2.67
C GLY A 50 -2.12 -16.07 3.90
N TYR A 51 -2.48 -14.80 4.15
CA TYR A 51 -1.96 -14.02 5.30
C TYR A 51 -3.09 -13.27 6.07
N SER A 52 -3.01 -13.33 7.41
CA SER A 52 -4.00 -12.72 8.32
C SER A 52 -3.75 -11.21 8.57
N TYR A 53 -4.81 -10.55 9.09
CA TYR A 53 -4.87 -9.11 9.42
C TYR A 53 -5.41 -8.87 10.88
N THR A 54 -5.45 -7.60 11.35
CA THR A 54 -5.92 -7.24 12.72
C THR A 54 -7.44 -7.05 12.81
N ASP A 55 -7.95 -7.00 14.04
CA ASP A 55 -9.38 -6.83 14.33
C ASP A 55 -9.94 -5.50 13.75
N ALA A 56 -9.11 -4.45 13.77
CA ALA A 56 -9.47 -3.11 13.29
C ALA A 56 -9.34 -2.93 11.75
N ASN A 57 -8.36 -3.57 11.10
CA ASN A 57 -8.14 -3.42 9.65
C ASN A 57 -9.24 -4.14 8.83
N ILE A 58 -9.70 -5.30 9.33
CA ILE A 58 -10.77 -6.08 8.68
C ILE A 58 -12.12 -5.35 8.83
N LYS A 59 -12.69 -5.27 10.04
CA LYS A 59 -13.89 -4.46 10.33
C LYS A 59 -13.97 -3.13 9.55
N LYS A 60 -12.83 -2.63 9.06
CA LYS A 60 -12.71 -1.35 8.35
C LYS A 60 -13.17 -1.40 6.88
N ASN A 61 -12.91 -2.54 6.20
CA ASN A 61 -13.25 -2.88 4.78
C ASN A 61 -13.03 -1.71 3.79
N VAL A 62 -11.94 -0.96 3.97
CA VAL A 62 -11.65 0.18 3.08
C VAL A 62 -11.35 -0.32 1.68
N LEU A 63 -12.07 0.21 0.68
CA LEU A 63 -11.87 -0.21 -0.70
C LEU A 63 -10.70 0.59 -1.31
N TRP A 64 -9.53 -0.06 -1.38
CA TRP A 64 -8.31 0.55 -1.89
C TRP A 64 -8.50 1.07 -3.34
N ASP A 65 -8.52 2.39 -3.45
CA ASP A 65 -8.69 3.15 -4.70
C ASP A 65 -7.43 4.00 -4.98
N GLU A 66 -7.49 4.85 -5.99
CA GLU A 66 -6.37 5.71 -6.40
C GLU A 66 -6.01 6.68 -5.26
N ASN A 67 -6.97 7.49 -4.82
CA ASN A 67 -6.78 8.44 -3.72
C ASN A 67 -6.80 7.71 -2.34
N ASN A 68 -7.74 6.79 -2.11
CA ASN A 68 -7.83 6.03 -0.84
C ASN A 68 -6.49 5.40 -0.38
N MET A 69 -5.76 4.70 -1.24
CA MET A 69 -4.44 4.14 -0.86
C MET A 69 -3.50 5.21 -0.23
N SER A 70 -3.53 6.44 -0.74
CA SER A 70 -2.73 7.56 -0.21
C SER A 70 -3.16 7.96 1.22
N GLU A 71 -4.46 7.93 1.51
CA GLU A 71 -5.02 8.25 2.83
C GLU A 71 -4.32 7.43 3.93
N TYR A 72 -4.18 6.12 3.67
CA TYR A 72 -3.51 5.15 4.55
C TYR A 72 -1.98 5.26 4.51
N LEU A 73 -1.37 5.45 3.33
CA LEU A 73 0.10 5.60 3.24
C LEU A 73 0.66 6.76 4.08
N THR A 74 -0.05 7.90 4.17
CA THR A 74 0.41 9.05 4.97
C THR A 74 0.45 8.75 6.47
N ASN A 75 -0.51 7.95 6.97
CA ASN A 75 -0.55 7.55 8.39
C ASN A 75 -1.45 6.30 8.59
N PRO A 76 -0.89 5.09 8.51
CA PRO A 76 -1.64 3.84 8.69
C PRO A 76 -2.32 3.71 10.06
N LYS A 77 -1.58 4.06 11.12
CA LYS A 77 -2.07 4.00 12.51
C LYS A 77 -3.23 4.97 12.75
N LYS A 78 -3.21 6.14 12.12
CA LYS A 78 -4.29 7.13 12.27
C LYS A 78 -5.53 6.74 11.45
N TYR A 79 -5.34 6.23 10.23
CA TYR A 79 -6.43 5.78 9.35
C TYR A 79 -7.14 4.50 9.86
N ILE A 80 -6.34 3.55 10.36
CA ILE A 80 -6.81 2.29 10.92
C ILE A 80 -6.13 2.10 12.30
N PRO A 81 -6.80 2.55 13.38
CA PRO A 81 -6.28 2.44 14.75
C PRO A 81 -6.19 0.99 15.24
N GLY A 82 -4.97 0.49 15.36
CA GLY A 82 -4.74 -0.90 15.79
C GLY A 82 -4.03 -1.79 14.75
N THR A 83 -3.62 -1.21 13.61
CA THR A 83 -2.91 -1.93 12.52
C THR A 83 -1.43 -2.20 12.82
N LYS A 84 -0.95 -3.35 12.36
CA LYS A 84 0.45 -3.78 12.56
C LYS A 84 1.45 -2.94 11.76
N MET A 85 1.05 -2.32 10.64
CA MET A 85 1.96 -1.52 9.80
C MET A 85 2.47 -0.25 10.55
N ALA A 86 3.71 -0.34 11.01
CA ALA A 86 4.39 0.71 11.80
C ALA A 86 5.50 1.48 11.06
N PHE A 87 5.37 1.51 9.73
CA PHE A 87 6.26 2.16 8.75
C PHE A 87 6.42 3.69 8.91
N GLY A 88 5.57 4.36 9.70
CA GLY A 88 5.70 5.82 9.88
C GLY A 88 4.80 6.67 8.97
N GLY A 89 4.66 6.27 7.70
CA GLY A 89 3.84 6.99 6.71
C GLY A 89 4.61 8.07 5.91
N LEU A 90 4.66 7.90 4.58
CA LEU A 90 5.33 8.83 3.67
C LEU A 90 4.50 10.12 3.50
N LYS A 91 4.80 11.08 4.39
CA LYS A 91 4.16 12.41 4.49
C LYS A 91 4.23 13.24 3.19
N LYS A 92 5.33 13.08 2.43
CA LYS A 92 5.56 13.82 1.17
C LYS A 92 4.59 13.39 0.06
N GLU A 93 3.56 14.20 -0.19
CA GLU A 93 2.56 13.96 -1.23
C GLU A 93 3.14 13.78 -2.66
N LYS A 94 4.14 14.59 -3.03
CA LYS A 94 4.77 14.52 -4.36
C LYS A 94 5.40 13.13 -4.61
N ASP A 95 5.98 12.60 -3.54
CA ASP A 95 6.62 11.30 -3.49
C ASP A 95 5.61 10.15 -3.68
N ARG A 96 4.40 10.23 -3.08
CA ARG A 96 3.34 9.21 -3.29
C ARG A 96 2.75 9.29 -4.71
N ASN A 97 2.61 10.50 -5.25
CA ASN A 97 2.08 10.72 -6.62
C ASN A 97 2.71 9.74 -7.63
N ASP A 98 4.04 9.66 -7.67
CA ASP A 98 4.77 8.71 -8.55
C ASP A 98 4.53 7.23 -8.15
N LEU A 99 4.44 6.94 -6.84
CA LEU A 99 4.16 5.58 -6.31
C LEU A 99 2.84 5.00 -6.87
N ILE A 100 1.79 5.82 -6.98
CA ILE A 100 0.48 5.42 -7.52
C ILE A 100 0.65 4.91 -8.96
N THR A 101 1.33 5.69 -9.82
CA THR A 101 1.58 5.31 -11.22
C THR A 101 2.24 3.91 -11.32
N TYR A 102 3.23 3.63 -10.48
CA TYR A 102 3.90 2.31 -10.47
C TYR A 102 2.95 1.18 -10.06
N LEU A 103 2.31 1.29 -8.89
CA LEU A 103 1.38 0.27 -8.38
C LEU A 103 0.18 0.07 -9.30
N LYS A 104 -0.31 1.20 -9.82
CA LYS A 104 -1.43 1.24 -10.76
C LYS A 104 -1.06 0.48 -12.04
N LYS A 105 0.20 0.59 -12.52
CA LYS A 105 0.69 -0.10 -13.76
C LYS A 105 0.93 -1.61 -13.62
N ALA A 106 1.26 -2.00 -12.39
CA ALA A 106 1.52 -3.37 -11.92
C ALA A 106 0.22 -4.19 -11.66
N THR A 107 -0.84 -3.53 -11.16
CA THR A 107 -2.16 -4.13 -10.89
C THR A 107 -3.03 -4.16 -12.16
N GLU A 108 -2.99 -3.10 -12.97
CA GLU A 108 -3.79 -3.03 -14.21
C GLU A 108 -2.90 -2.74 -15.45
FE HEC B . 2.18 -1.95 4.74
CHA HEC B . -0.92 -3.45 5.25
CHB HEC B . 1.05 -0.58 1.76
CHC HEC B . 5.28 -0.47 4.24
CHD HEC B . 3.49 -3.79 7.37
NA HEC B . 0.41 -1.97 3.72
C1A HEC B . -0.79 -2.61 4.12
C2A HEC B . -1.77 -2.43 3.11
C3A HEC B . -1.23 -1.64 2.10
C4A HEC B . 0.12 -1.37 2.48
CMA HEC B . -1.93 -1.21 0.85
CAA HEC B . -3.18 -2.95 3.15
CBA HEC B . -3.27 -4.46 2.82
CGA HEC B . -4.71 -4.96 2.95
O1A HEC B . -5.51 -4.32 3.66
O2A HEC B . -5.04 -6.02 2.36
NB HEC B . 2.99 -0.73 3.30
C1B HEC B . 2.38 -0.29 2.13
C2B HEC B . 3.30 0.52 1.38
C3B HEC B . 4.47 0.60 2.11
C4B HEC B . 4.27 -0.17 3.31
CMB HEC B . 3.07 1.00 -0.04
CAB HEC B . 5.70 1.41 1.82
CBB HEC B . 5.43 2.92 1.83
NC HEC B . 4.01 -2.06 5.67
C1C HEC B . 5.16 -1.34 5.36
C2C HEC B . 6.26 -1.77 6.16
C3C HEC B . 5.79 -2.77 6.99
C4C HEC B . 4.39 -2.92 6.71
CMC HEC B . 7.67 -1.24 6.06
CAC HEC B . 6.61 -3.71 7.83
CBC HEC B . 7.06 -3.07 9.15
ND HEC B . 1.41 -3.29 6.09
C1D HEC B . 2.11 -3.97 7.09
C2D HEC B . 1.25 -4.86 7.79
C3D HEC B . -0.03 -4.70 7.26
C4D HEC B . 0.08 -3.75 6.20
CMD HEC B . 1.72 -5.91 8.74
CAD HEC B . -1.28 -5.32 7.83
CBD HEC B . -1.84 -4.49 8.99
CGD HEC B . -2.68 -5.29 10.00
O1D HEC B . -3.24 -6.35 9.66
O2D HEC B . -2.76 -4.83 11.15
HHA HEC B . -1.95 -3.80 5.48
HHB HEC B . 0.70 -0.19 0.78
HHC HEC B . 6.21 0.10 4.18
HHD HEC B . 3.93 -4.46 8.14
HMA1 HEC B . -2.20 -0.17 0.94
HMA2 HEC B . -2.83 -1.80 0.71
HMA3 HEC B . -1.28 -1.35 0.00
HAA1 HEC B . -3.77 -2.41 2.43
HAA2 HEC B . -3.59 -2.79 4.14
HBA1 HEC B . -2.65 -5.01 3.49
HBA2 HEC B . -2.94 -4.61 1.81
HMB1 HEC B . 2.05 0.80 -0.33
HMB2 HEC B . 3.75 0.49 -0.71
HMB3 HEC B . 3.26 2.07 -0.08
HAB HEC B . 6.40 1.22 2.62
HBB1 HEC B . 4.59 3.11 2.49
HBB2 HEC B . 5.22 3.27 0.84
HBB3 HEC B . 6.31 3.42 2.23
HMC1 HEC B . 7.70 -0.19 6.27
HMC2 HEC B . 8.05 -1.43 5.06
HMC3 HEC B . 8.30 -1.77 6.77
HAC HEC B . 5.97 -4.52 8.10
HBC1 HEC B . 6.18 -2.94 9.77
HBC2 HEC B . 7.51 -2.11 8.96
HBC3 HEC B . 7.76 -3.71 9.65
HMD1 HEC B . 2.30 -5.45 9.52
HMD2 HEC B . 2.34 -6.63 8.21
HMD3 HEC B . 0.87 -6.41 9.17
HAD1 HEC B . -1.07 -6.32 8.17
HAD2 HEC B . -2.04 -5.37 7.05
HBD1 HEC B . -2.44 -3.70 8.59
HBD2 HEC B . -1.01 -4.06 9.53
C2 4NL C . -8.05 0.83 -9.96
C6 4NL C . -7.87 2.47 -8.22
C3 4NL C . -6.69 0.93 -10.20
C4 4NL C . -5.92 1.80 -9.45
C5 4NL C . -6.51 2.57 -8.45
C1 4NL C . -8.64 1.60 -8.97
N1 4NL C . -10.06 1.49 -8.73
O1 4NL C . -4.53 1.89 -9.69
H2 4NL C . -6.21 0.31 -11.01
H6 4NL C . -10.50 0.57 -8.65
H3 4NL C . -5.87 3.27 -7.85
H5 4NL C . -4.12 2.47 -9.00
H4 4NL C . -8.35 3.11 -7.43
H1 4NL C . -8.67 0.14 -10.59
H7 4NL C . -10.63 2.34 -8.63
N THR A 1 -3.83 16.20 -1.82
CA THR A 1 -3.99 15.31 -2.97
C THR A 1 -3.68 16.10 -4.22
N GLU A 2 -2.39 16.36 -4.48
CA GLU A 2 -1.93 17.09 -5.66
C GLU A 2 -1.28 16.08 -6.58
N PHE A 3 -2.02 15.00 -6.87
CA PHE A 3 -1.53 13.90 -7.70
C PHE A 3 -0.95 14.39 -9.05
N LYS A 4 0.06 13.67 -9.52
CA LYS A 4 0.75 13.92 -10.77
C LYS A 4 1.38 12.60 -11.21
N ALA A 5 1.02 12.18 -12.43
CA ALA A 5 1.47 10.91 -13.01
C ALA A 5 3.00 10.69 -12.86
N GLY A 6 3.38 9.43 -12.62
CA GLY A 6 4.77 9.04 -12.45
C GLY A 6 5.27 8.11 -13.57
N SER A 7 6.09 7.14 -13.20
CA SER A 7 6.67 6.15 -14.11
C SER A 7 7.08 4.90 -13.34
N ALA A 8 6.77 3.72 -13.90
CA ALA A 8 7.10 2.43 -13.28
C ALA A 8 8.56 2.35 -12.75
N LYS A 9 9.55 2.92 -13.46
CA LYS A 9 10.96 2.87 -13.03
C LYS A 9 11.36 3.93 -11.97
N LYS A 10 10.40 4.73 -11.49
CA LYS A 10 10.65 5.75 -10.45
C LYS A 10 9.96 5.37 -9.15
N GLY A 11 8.65 5.12 -9.20
CA GLY A 11 7.90 4.72 -8.02
C GLY A 11 8.45 3.44 -7.38
N ALA A 12 8.92 2.50 -8.21
CA ALA A 12 9.51 1.24 -7.73
C ALA A 12 10.71 1.45 -6.80
N THR A 13 11.68 2.30 -7.17
CA THR A 13 12.85 2.56 -6.29
C THR A 13 12.46 2.93 -4.85
N LEU A 14 11.38 3.70 -4.68
CA LEU A 14 10.87 4.14 -3.38
C LEU A 14 10.25 2.97 -2.63
N PHE A 15 9.31 2.26 -3.28
CA PHE A 15 8.62 1.09 -2.73
C PHE A 15 9.60 -0.07 -2.42
N LYS A 16 10.60 -0.25 -3.30
CA LYS A 16 11.61 -1.33 -3.16
C LYS A 16 12.60 -1.15 -1.99
N THR A 17 12.40 -0.10 -1.17
CA THR A 17 13.25 0.21 0.01
C THR A 17 12.38 0.59 1.26
N ARG A 18 11.34 1.40 1.01
CA ARG A 18 10.42 1.93 2.04
C ARG A 18 9.24 0.99 2.33
N CYS A 19 9.01 0.03 1.42
CA CYS A 19 7.92 -0.93 1.54
C CYS A 19 8.41 -2.38 1.39
N LEU A 20 9.44 -2.61 0.55
CA LEU A 20 10.02 -3.94 0.31
C LEU A 20 10.45 -4.67 1.60
N GLN A 21 11.02 -3.93 2.55
CA GLN A 21 11.46 -4.44 3.87
C GLN A 21 10.50 -5.47 4.51
N CYS A 22 9.18 -5.29 4.34
CA CYS A 22 8.15 -6.20 4.87
C CYS A 22 7.20 -6.78 3.80
N HIS A 23 6.88 -6.02 2.75
CA HIS A 23 5.92 -6.40 1.70
C HIS A 23 6.58 -7.02 0.45
N THR A 24 5.73 -7.22 -0.56
CA THR A 24 6.10 -7.76 -1.87
C THR A 24 5.12 -7.21 -2.95
N VAL A 25 5.65 -6.51 -3.96
CA VAL A 25 4.83 -5.88 -5.04
C VAL A 25 4.30 -6.90 -6.09
N GLU A 26 5.04 -7.98 -6.29
CA GLU A 26 4.72 -9.04 -7.25
C GLU A 26 4.08 -10.22 -6.49
N LYS A 27 3.33 -11.11 -7.14
CA LYS A 27 2.71 -12.24 -6.44
C LYS A 27 3.62 -13.47 -6.23
N GLY A 28 4.80 -13.49 -6.84
CA GLY A 28 5.73 -14.62 -6.64
C GLY A 28 6.50 -14.57 -5.32
N GLY A 29 6.43 -13.41 -4.63
CA GLY A 29 7.12 -13.21 -3.35
C GLY A 29 6.30 -13.69 -2.16
N PRO A 30 6.86 -14.55 -1.30
CA PRO A 30 6.15 -15.05 -0.12
C PRO A 30 5.76 -13.92 0.84
N HIS A 31 4.62 -14.09 1.52
CA HIS A 31 4.13 -13.09 2.47
C HIS A 31 5.15 -12.91 3.61
N LYS A 32 5.81 -11.74 3.66
CA LYS A 32 6.81 -11.43 4.69
C LYS A 32 6.13 -10.73 5.90
N VAL A 33 6.80 -9.76 6.52
CA VAL A 33 6.26 -9.00 7.65
C VAL A 33 4.95 -8.29 7.24
N GLY A 34 4.80 -8.06 5.93
CA GLY A 34 3.60 -7.43 5.33
C GLY A 34 2.98 -8.30 4.23
N PRO A 35 1.66 -8.18 4.02
CA PRO A 35 0.93 -8.96 2.99
C PRO A 35 1.27 -8.58 1.55
N ASN A 36 0.93 -9.45 0.61
CA ASN A 36 1.18 -9.20 -0.82
C ASN A 36 0.21 -8.08 -1.30
N LEU A 37 0.78 -7.00 -1.88
CA LEU A 37 0.05 -5.81 -2.35
C LEU A 37 -0.37 -5.89 -3.85
N HIS A 38 0.03 -6.97 -4.53
CA HIS A 38 -0.28 -7.25 -5.95
C HIS A 38 -1.76 -7.63 -6.15
N GLY A 39 -2.57 -6.63 -6.54
CA GLY A 39 -4.01 -6.79 -6.77
C GLY A 39 -4.90 -6.19 -5.69
N ILE A 40 -4.48 -5.12 -4.99
CA ILE A 40 -5.32 -4.51 -3.96
C ILE A 40 -6.33 -3.51 -4.54
N PHE A 41 -5.94 -2.72 -5.55
CA PHE A 41 -6.83 -1.71 -6.17
C PHE A 41 -8.14 -2.33 -6.66
N GLY A 42 -9.24 -1.93 -6.02
CA GLY A 42 -10.60 -2.39 -6.30
C GLY A 42 -11.18 -3.32 -5.22
N ARG A 43 -10.35 -3.75 -4.25
CA ARG A 43 -10.76 -4.66 -3.16
C ARG A 43 -10.75 -3.91 -1.82
N HIS A 44 -11.28 -4.55 -0.80
CA HIS A 44 -11.35 -3.97 0.54
C HIS A 44 -10.09 -4.31 1.33
N SER A 45 -9.84 -3.60 2.44
CA SER A 45 -8.68 -3.86 3.29
C SER A 45 -8.77 -5.24 3.91
N GLY A 46 -7.62 -5.94 3.95
CA GLY A 46 -7.54 -7.29 4.51
C GLY A 46 -7.91 -8.44 3.55
N GLN A 47 -7.34 -8.51 2.33
CA GLN A 47 -7.67 -9.61 1.38
C GLN A 47 -6.47 -10.45 0.83
N ALA A 48 -5.26 -10.32 1.39
CA ALA A 48 -4.09 -11.10 0.91
C ALA A 48 -4.28 -12.65 0.98
N GLU A 49 -4.05 -13.32 -0.16
CA GLU A 49 -4.20 -14.79 -0.30
C GLU A 49 -3.02 -15.57 0.37
N GLY A 50 -3.08 -15.64 1.73
CA GLY A 50 -2.07 -16.35 2.53
C GLY A 50 -1.49 -15.54 3.72
N TYR A 51 -2.20 -14.48 4.16
CA TYR A 51 -1.75 -13.63 5.28
C TYR A 51 -2.95 -13.09 6.13
N SER A 52 -2.74 -13.04 7.45
CA SER A 52 -3.74 -12.56 8.43
C SER A 52 -3.58 -11.06 8.78
N TYR A 53 -4.73 -10.38 8.89
CA TYR A 53 -4.88 -8.95 9.24
C TYR A 53 -5.45 -8.74 10.70
N THR A 54 -5.29 -7.53 11.28
CA THR A 54 -5.78 -7.20 12.65
C THR A 54 -7.29 -7.01 12.74
N ASP A 55 -7.81 -7.06 13.98
CA ASP A 55 -9.24 -6.89 14.26
C ASP A 55 -9.80 -5.58 13.67
N ALA A 56 -8.99 -4.52 13.68
CA ALA A 56 -9.36 -3.19 13.18
C ALA A 56 -9.22 -3.01 11.66
N ASN A 57 -8.22 -3.65 11.01
CA ASN A 57 -8.02 -3.53 9.55
C ASN A 57 -9.14 -4.25 8.75
N ILE A 58 -9.60 -5.39 9.25
CA ILE A 58 -10.70 -6.16 8.63
C ILE A 58 -12.02 -5.40 8.76
N LYS A 59 -12.56 -5.26 9.97
CA LYS A 59 -13.74 -4.40 10.27
C LYS A 59 -13.77 -3.08 9.46
N LYS A 60 -12.60 -2.63 8.97
CA LYS A 60 -12.43 -1.36 8.25
C LYS A 60 -12.85 -1.41 6.76
N ASN A 61 -12.56 -2.56 6.09
CA ASN A 61 -12.85 -2.89 4.67
C ASN A 61 -12.79 -1.68 3.71
N VAL A 62 -11.74 -0.87 3.83
CA VAL A 62 -11.58 0.31 2.96
C VAL A 62 -11.36 -0.12 1.52
N LEU A 63 -12.09 0.48 0.59
CA LEU A 63 -11.95 0.14 -0.82
C LEU A 63 -10.72 0.84 -1.40
N TRP A 64 -9.62 0.10 -1.49
CA TRP A 64 -8.34 0.61 -2.00
C TRP A 64 -8.50 1.20 -3.41
N ASP A 65 -8.54 2.52 -3.46
CA ASP A 65 -8.68 3.34 -4.66
C ASP A 65 -7.43 4.24 -4.84
N GLU A 66 -7.45 5.13 -5.84
CA GLU A 66 -6.33 6.03 -6.15
C GLU A 66 -6.05 6.95 -4.94
N ASN A 67 -7.09 7.54 -4.37
CA ASN A 67 -6.97 8.44 -3.23
C ASN A 67 -7.02 7.65 -1.88
N ASN A 68 -7.98 6.72 -1.72
CA ASN A 68 -8.12 5.92 -0.49
C ASN A 68 -6.80 5.22 -0.04
N MET A 69 -6.00 4.64 -0.94
CA MET A 69 -4.71 4.04 -0.55
C MET A 69 -3.72 5.09 0.05
N SER A 70 -3.68 6.30 -0.53
CA SER A 70 -2.82 7.40 -0.03
C SER A 70 -3.21 7.84 1.40
N GLU A 71 -4.50 7.85 1.72
CA GLU A 71 -5.01 8.21 3.05
C GLU A 71 -4.27 7.40 4.14
N TYR A 72 -4.28 6.07 3.98
CA TYR A 72 -3.62 5.10 4.88
C TYR A 72 -2.08 5.23 4.87
N LEU A 73 -1.45 5.42 3.71
CA LEU A 73 0.02 5.56 3.65
C LEU A 73 0.56 6.76 4.45
N THR A 74 -0.11 7.93 4.40
CA THR A 74 0.34 9.12 5.15
C THR A 74 0.28 8.91 6.66
N ASN A 75 -0.64 8.08 7.15
CA ASN A 75 -0.77 7.78 8.59
C ASN A 75 -1.58 6.47 8.82
N PRO A 76 -0.90 5.31 8.77
CA PRO A 76 -1.57 4.00 8.98
C PRO A 76 -2.17 3.84 10.38
N LYS A 77 -1.57 4.50 11.36
CA LYS A 77 -2.03 4.46 12.77
C LYS A 77 -3.33 5.25 12.97
N LYS A 78 -3.49 6.37 12.27
CA LYS A 78 -4.69 7.20 12.41
C LYS A 78 -5.87 6.63 11.61
N TYR A 79 -5.61 6.11 10.41
CA TYR A 79 -6.65 5.53 9.53
C TYR A 79 -7.19 4.17 10.04
N ILE A 80 -6.29 3.33 10.54
CA ILE A 80 -6.61 2.02 11.10
C ILE A 80 -5.97 1.92 12.51
N PRO A 81 -6.71 2.35 13.54
CA PRO A 81 -6.23 2.32 14.93
C PRO A 81 -6.05 0.88 15.46
N GLY A 82 -4.81 0.42 15.47
CA GLY A 82 -4.49 -0.94 15.93
C GLY A 82 -3.73 -1.80 14.90
N THR A 83 -3.54 -1.28 13.67
CA THR A 83 -2.85 -1.99 12.57
C THR A 83 -1.35 -2.18 12.80
N LYS A 84 -0.84 -3.32 12.35
CA LYS A 84 0.58 -3.68 12.51
C LYS A 84 1.53 -2.81 11.65
N MET A 85 1.04 -2.16 10.59
CA MET A 85 1.89 -1.34 9.72
C MET A 85 2.38 -0.05 10.43
N ALA A 86 3.66 -0.09 10.81
CA ALA A 86 4.36 1.00 11.51
C ALA A 86 5.45 1.72 10.69
N PHE A 87 5.30 1.62 9.36
CA PHE A 87 6.17 2.18 8.31
C PHE A 87 6.59 3.66 8.50
N GLY A 88 5.76 4.49 9.16
CA GLY A 88 6.12 5.91 9.37
C GLY A 88 5.14 6.93 8.79
N GLY A 89 4.63 6.67 7.57
CA GLY A 89 3.67 7.55 6.88
C GLY A 89 4.33 8.61 5.98
N LEU A 90 4.18 8.44 4.65
CA LEU A 90 4.74 9.34 3.65
C LEU A 90 3.88 10.61 3.50
N LYS A 91 4.27 11.62 4.29
CA LYS A 91 3.63 12.95 4.38
C LYS A 91 3.82 13.84 3.13
N LYS A 92 4.67 13.40 2.19
CA LYS A 92 4.97 14.12 0.96
C LYS A 92 4.16 13.59 -0.24
N GLU A 93 3.27 14.43 -0.77
CA GLU A 93 2.43 14.10 -1.93
C GLU A 93 3.22 13.77 -3.22
N LYS A 94 4.24 14.55 -3.57
CA LYS A 94 5.06 14.32 -4.77
C LYS A 94 5.63 12.90 -4.78
N ASP A 95 6.12 12.50 -3.63
CA ASP A 95 6.69 11.19 -3.34
C ASP A 95 5.67 10.05 -3.60
N ARG A 96 4.43 10.16 -3.10
CA ARG A 96 3.37 9.14 -3.36
C ARG A 96 2.88 9.18 -4.81
N ASN A 97 2.79 10.38 -5.42
CA ASN A 97 2.35 10.55 -6.81
C ASN A 97 2.94 9.48 -7.75
N ASP A 98 4.28 9.38 -7.81
CA ASP A 98 4.99 8.35 -8.61
C ASP A 98 4.76 6.92 -8.06
N LEU A 99 4.73 6.77 -6.73
CA LEU A 99 4.48 5.48 -6.05
C LEU A 99 3.14 4.83 -6.48
N ILE A 100 2.09 5.66 -6.65
CA ILE A 100 0.76 5.20 -7.08
C ILE A 100 0.84 4.63 -8.51
N THR A 101 1.47 5.37 -9.44
CA THR A 101 1.64 4.93 -10.84
C THR A 101 2.25 3.52 -10.93
N TYR A 102 3.25 3.21 -10.10
CA TYR A 102 3.87 1.88 -10.09
C TYR A 102 2.89 0.78 -9.62
N LEU A 103 2.28 0.95 -8.45
CA LEU A 103 1.30 0.00 -7.89
C LEU A 103 0.10 -0.16 -8.82
N LYS A 104 -0.46 0.99 -9.22
CA LYS A 104 -1.59 1.06 -10.14
C LYS A 104 -1.28 0.26 -11.43
N LYS A 105 -0.04 0.37 -11.96
CA LYS A 105 0.39 -0.32 -13.21
C LYS A 105 0.51 -1.86 -13.11
N ALA A 106 0.85 -2.30 -11.92
CA ALA A 106 1.02 -3.70 -11.49
C ALA A 106 -0.33 -4.41 -11.20
N THR A 107 -1.30 -3.67 -10.64
CA THR A 107 -2.67 -4.16 -10.35
C THR A 107 -3.55 -4.16 -11.62
N GLU A 108 -3.44 -3.11 -12.45
CA GLU A 108 -4.21 -3.00 -13.70
C GLU A 108 -3.30 -2.79 -14.93
FE HEC B . 2.18 -1.75 4.56
CHA HEC B . -0.91 -3.28 5.08
CHB HEC B . 1.02 -0.37 1.60
CHC HEC B . 5.26 -0.24 4.08
CHD HEC B . 3.52 -3.58 7.19
NA HEC B . 0.40 -1.78 3.55
C1A HEC B . -0.78 -2.42 3.95
C2A HEC B . -1.77 -2.25 2.94
C3A HEC B . -1.23 -1.46 1.94
C4A HEC B . 0.11 -1.17 2.32
CMA HEC B . -1.95 -1.03 0.69
CAA HEC B . -3.18 -2.79 2.99
CBA HEC B . -3.25 -4.29 2.65
CGA HEC B . -4.69 -4.82 2.78
O1A HEC B . -5.48 -4.19 3.51
O2A HEC B . -5.00 -5.87 2.19
NB HEC B . 2.97 -0.51 3.14
C1B HEC B . 2.36 -0.07 1.96
C2B HEC B . 3.26 0.75 1.22
C3B HEC B . 4.44 0.85 1.96
C4B HEC B . 4.24 0.07 3.14
CMB HEC B . 3.04 1.24 -0.18
CAB HEC B . 5.66 1.66 1.66
CBB HEC B . 5.38 3.17 1.68
NC HEC B . 4.01 -1.83 5.50
C1C HEC B . 5.16 -1.10 5.19
C2C HEC B . 6.26 -1.52 5.98
C3C HEC B . 5.80 -2.54 6.81
C4C HEC B . 4.40 -2.70 6.53
CMC HEC B . 7.67 -0.99 5.88
CAC HEC B . 6.64 -3.47 7.65
CBC HEC B . 7.08 -2.84 8.96
ND HEC B . 1.43 -3.09 5.92
C1D HEC B . 2.14 -3.78 6.92
C2D HEC B . 1.28 -4.67 7.61
C3D HEC B . 0.01 -4.53 7.08
C4D HEC B . 0.10 -3.58 6.02
CMD HEC B . 1.77 -5.73 8.55
CAD HEC B . -1.25 -5.16 7.64
CBD HEC B . -1.81 -4.34 8.82
CGD HEC B . -2.64 -5.16 9.82
O1D HEC B . -3.19 -6.22 9.48
O2D HEC B . -2.71 -4.71 10.98
HHA HEC B . -1.93 -3.64 5.32
HHB HEC B . 0.68 0.02 0.62
HHC HEC B . 6.19 0.35 4.02
HHD HEC B . 3.95 -4.25 7.96
HMA1 HEC B . -2.23 0.01 0.79
HMA2 HEC B . -2.84 -1.62 0.56
HMA3 HEC B . -1.30 -1.15 -0.16
HAA1 HEC B . -3.78 -2.25 2.27
HAA2 HEC B . -3.58 -2.63 3.97
HBA1 HEC B . -2.62 -4.84 3.33
HBA2 HEC B . -2.92 -4.44 1.64
HMB1 HEC B . 2.02 1.02 -0.48
HMB2 HEC B . 3.71 0.75 -0.87
HMB3 HEC B . 3.20 2.31 -0.23
HAB HEC B . 6.35 1.48 2.45
HBB1 HEC B . 4.53 3.35 2.34
HBB2 HEC B . 5.16 3.54 0.70
HBB3 HEC B . 6.25 3.69 2.07
HMC1 HEC B . 7.68 0.07 6.09
HMC2 HEC B . 8.04 -1.17 4.88
HMC3 HEC B . 8.30 -1.50 6.59
HAC HEC B . 6.00 -4.29 7.91
HBC1 HEC B . 6.21 -2.72 9.60
HBC2 HEC B . 7.51 -1.87 8.78
HBC3 HEC B . 7.79 -3.48 9.46
HMD1 HEC B . 2.35 -5.26 9.34
HMD2 HEC B . 2.39 -6.44 8.02
HMD3 HEC B . 0.92 -6.25 8.98
HAD1 HEC B . -1.02 -6.16 7.98
HAD2 HEC B . -1.99 -5.22 6.87
HBD1 HEC B . -2.42 -3.56 8.43
HBD2 HEC B . -0.98 -3.91 9.35
C2 4NL C . -8.35 1.28 -9.96
C6 4NL C . -8.07 2.83 -8.16
C3 4NL C . -6.98 1.22 -10.14
C4 4NL C . -6.15 1.97 -9.32
C5 4NL C . -6.69 2.77 -8.33
C1 4NL C . -8.89 2.08 -8.97
N1 4NL C . -10.33 2.12 -8.79
O1 4NL C . -4.75 1.93 -9.51
H2 4NL C . -6.54 0.58 -10.94
H6 4NL C . -10.91 1.35 -9.13
H3 4NL C . -6.03 3.39 -7.67
H5 4NL C . -4.32 2.57 -8.89
H4 4NL C . -8.50 3.48 -7.36
H1 4NL C . -9.03 0.68 -10.63
H7 4NL C . -10.77 2.92 -8.32
N THR A 1 -3.38 18.03 -2.04
CA THR A 1 -4.24 17.61 -3.16
C THR A 1 -3.62 18.15 -4.44
N GLU A 2 -2.55 17.52 -4.91
CA GLU A 2 -1.85 17.91 -6.13
C GLU A 2 -1.14 16.65 -6.64
N PHE A 3 -1.91 15.73 -7.22
CA PHE A 3 -1.40 14.47 -7.76
C PHE A 3 -0.84 14.63 -9.20
N LYS A 4 0.44 14.30 -9.33
CA LYS A 4 1.18 14.34 -10.58
C LYS A 4 1.60 12.91 -10.91
N ALA A 5 1.16 12.45 -12.08
CA ALA A 5 1.43 11.10 -12.59
C ALA A 5 2.95 10.78 -12.62
N GLY A 6 3.28 9.53 -12.31
CA GLY A 6 4.66 9.04 -12.28
C GLY A 6 4.95 8.04 -13.39
N SER A 7 5.76 7.03 -13.07
CA SER A 7 6.17 5.98 -13.99
C SER A 7 6.78 4.81 -13.22
N ALA A 8 6.62 3.59 -13.75
CA ALA A 8 7.14 2.38 -13.12
C ALA A 8 8.64 2.45 -12.72
N LYS A 9 9.50 3.08 -13.55
CA LYS A 9 10.95 3.20 -13.25
C LYS A 9 11.33 4.29 -12.23
N LYS A 10 10.33 4.98 -11.66
CA LYS A 10 10.56 6.03 -10.63
C LYS A 10 9.94 5.60 -9.31
N GLY A 11 8.64 5.30 -9.32
CA GLY A 11 7.96 4.84 -8.11
C GLY A 11 8.59 3.58 -7.51
N ALA A 12 9.25 2.77 -8.35
CA ALA A 12 9.94 1.55 -7.91
C ALA A 12 11.08 1.83 -6.92
N THR A 13 11.96 2.80 -7.19
CA THR A 13 13.05 3.14 -6.26
C THR A 13 12.55 3.35 -4.81
N LEU A 14 11.36 3.95 -4.64
CA LEU A 14 10.74 4.22 -3.34
C LEU A 14 10.35 2.91 -2.65
N PHE A 15 9.21 2.34 -3.05
CA PHE A 15 8.69 1.07 -2.53
C PHE A 15 9.80 0.03 -2.30
N LYS A 16 10.77 -0.03 -3.23
CA LYS A 16 11.88 -1.00 -3.21
C LYS A 16 12.84 -0.85 -2.00
N THR A 17 12.79 0.30 -1.30
CA THR A 17 13.63 0.61 -0.12
C THR A 17 12.82 1.39 0.97
N ARG A 18 11.49 1.15 0.96
CA ARG A 18 10.53 1.78 1.90
C ARG A 18 9.38 0.82 2.28
N CYS A 19 9.09 -0.12 1.39
CA CYS A 19 8.00 -1.09 1.58
C CYS A 19 8.48 -2.53 1.39
N LEU A 20 9.50 -2.74 0.54
CA LEU A 20 10.07 -4.06 0.24
C LEU A 20 10.45 -4.86 1.52
N GLN A 21 11.00 -4.18 2.52
CA GLN A 21 11.41 -4.76 3.81
C GLN A 21 10.44 -5.82 4.38
N CYS A 22 9.12 -5.63 4.20
CA CYS A 22 8.08 -6.53 4.70
C CYS A 22 7.10 -7.05 3.63
N HIS A 23 6.79 -6.23 2.62
CA HIS A 23 5.84 -6.56 1.53
C HIS A 23 6.51 -7.11 0.26
N THR A 24 5.64 -7.36 -0.73
CA THR A 24 6.02 -7.85 -2.06
C THR A 24 5.17 -7.12 -3.14
N VAL A 25 5.84 -6.46 -4.09
CA VAL A 25 5.16 -5.69 -5.18
C VAL A 25 4.64 -6.57 -6.34
N GLU A 26 5.20 -7.77 -6.47
CA GLU A 26 4.86 -8.74 -7.53
C GLU A 26 4.26 -9.99 -6.86
N LYS A 27 3.92 -11.04 -7.63
CA LYS A 27 3.36 -12.25 -7.02
C LYS A 27 4.33 -13.43 -6.86
N GLY A 28 5.65 -13.18 -6.86
CA GLY A 28 6.63 -14.26 -6.72
C GLY A 28 7.15 -14.43 -5.28
N GLY A 29 7.08 -13.36 -4.48
CA GLY A 29 7.54 -13.36 -3.09
C GLY A 29 6.45 -13.81 -2.11
N PRO A 30 6.70 -14.80 -1.27
CA PRO A 30 5.71 -15.25 -0.28
C PRO A 30 5.36 -14.13 0.73
N HIS A 31 4.20 -14.26 1.36
CA HIS A 31 3.75 -13.29 2.35
C HIS A 31 4.80 -13.15 3.47
N LYS A 32 5.56 -12.05 3.48
CA LYS A 32 6.59 -11.80 4.50
C LYS A 32 5.95 -11.16 5.76
N VAL A 33 6.61 -10.16 6.36
CA VAL A 33 6.09 -9.44 7.53
C VAL A 33 4.78 -8.72 7.18
N GLY A 34 4.58 -8.46 5.87
CA GLY A 34 3.38 -7.81 5.33
C GLY A 34 2.75 -8.61 4.17
N PRO A 35 1.44 -8.42 3.92
CA PRO A 35 0.72 -9.14 2.85
C PRO A 35 1.13 -8.73 1.43
N ASN A 36 0.84 -9.59 0.46
CA ASN A 36 1.17 -9.30 -0.95
C ASN A 36 0.23 -8.16 -1.47
N LEU A 37 0.85 -7.05 -1.92
CA LEU A 37 0.15 -5.83 -2.37
C LEU A 37 -0.24 -5.86 -3.89
N HIS A 38 0.32 -6.81 -4.64
CA HIS A 38 0.05 -7.03 -6.08
C HIS A 38 -1.40 -7.49 -6.32
N GLY A 39 -2.27 -6.51 -6.63
CA GLY A 39 -3.69 -6.76 -6.87
C GLY A 39 -4.63 -6.26 -5.76
N ILE A 40 -4.21 -5.27 -4.94
CA ILE A 40 -5.10 -4.76 -3.88
C ILE A 40 -6.20 -3.84 -4.42
N PHE A 41 -5.94 -3.11 -5.52
CA PHE A 41 -6.93 -2.18 -6.11
C PHE A 41 -8.22 -2.91 -6.51
N GLY A 42 -9.31 -2.54 -5.81
CA GLY A 42 -10.64 -3.09 -6.01
C GLY A 42 -11.13 -4.02 -4.87
N ARG A 43 -10.24 -4.35 -3.93
CA ARG A 43 -10.54 -5.24 -2.79
C ARG A 43 -10.63 -4.43 -1.50
N HIS A 44 -11.19 -5.05 -0.47
CA HIS A 44 -11.35 -4.39 0.83
C HIS A 44 -10.13 -4.64 1.71
N SER A 45 -9.90 -3.76 2.71
CA SER A 45 -8.78 -3.92 3.64
C SER A 45 -8.90 -5.24 4.40
N GLY A 46 -7.80 -6.01 4.39
CA GLY A 46 -7.77 -7.31 5.06
C GLY A 46 -8.17 -8.54 4.21
N GLN A 47 -7.84 -8.58 2.89
CA GLN A 47 -8.23 -9.74 2.04
C GLN A 47 -7.06 -10.53 1.35
N ALA A 48 -5.84 -10.50 1.89
CA ALA A 48 -4.69 -11.22 1.28
C ALA A 48 -4.89 -12.75 1.14
N GLU A 49 -4.45 -13.29 0.00
CA GLU A 49 -4.57 -14.73 -0.33
C GLU A 49 -3.65 -15.63 0.56
N GLY A 50 -4.12 -15.86 1.81
CA GLY A 50 -3.41 -16.71 2.80
C GLY A 50 -2.67 -15.95 3.92
N TYR A 51 -3.14 -14.73 4.26
CA TYR A 51 -2.54 -13.91 5.33
C TYR A 51 -3.61 -13.28 6.26
N SER A 52 -3.28 -13.16 7.56
CA SER A 52 -4.17 -12.60 8.59
C SER A 52 -3.88 -11.12 8.94
N TYR A 53 -4.95 -10.38 9.20
CA TYR A 53 -4.97 -8.93 9.55
C TYR A 53 -5.46 -8.69 11.03
N THR A 54 -5.18 -7.50 11.61
CA THR A 54 -5.58 -7.14 13.00
C THR A 54 -7.07 -6.84 13.16
N ASP A 55 -7.51 -6.68 14.41
CA ASP A 55 -8.91 -6.41 14.76
C ASP A 55 -9.42 -5.08 14.13
N ALA A 56 -8.53 -4.10 14.01
CA ALA A 56 -8.84 -2.76 13.48
C ALA A 56 -8.81 -2.67 11.94
N ASN A 57 -7.92 -3.41 11.25
CA ASN A 57 -7.83 -3.36 9.78
C ASN A 57 -9.03 -4.06 9.11
N ILE A 58 -9.50 -5.16 9.70
CA ILE A 58 -10.67 -5.92 9.19
C ILE A 58 -11.94 -5.07 9.31
N LYS A 59 -12.41 -4.77 10.52
CA LYS A 59 -13.52 -3.82 10.78
C LYS A 59 -13.53 -2.60 9.83
N LYS A 60 -12.38 -2.28 9.23
CA LYS A 60 -12.19 -1.11 8.35
C LYS A 60 -12.68 -1.33 6.90
N ASN A 61 -12.49 -2.57 6.38
CA ASN A 61 -12.86 -3.08 5.03
C ASN A 61 -12.89 -1.99 3.93
N VAL A 62 -11.89 -1.11 3.93
CA VAL A 62 -11.81 -0.03 2.94
C VAL A 62 -11.48 -0.60 1.57
N LEU A 63 -12.22 -0.18 0.54
CA LEU A 63 -11.96 -0.66 -0.81
C LEU A 63 -10.82 0.16 -1.43
N TRP A 64 -9.62 -0.43 -1.43
CA TRP A 64 -8.42 0.22 -1.95
C TRP A 64 -8.62 0.71 -3.40
N ASP A 65 -8.61 2.03 -3.55
CA ASP A 65 -8.78 2.76 -4.81
C ASP A 65 -7.58 3.73 -5.01
N GLU A 66 -7.66 4.58 -6.04
CA GLU A 66 -6.61 5.54 -6.39
C GLU A 66 -6.53 6.64 -5.31
N ASN A 67 -7.66 7.31 -5.04
CA ASN A 67 -7.73 8.36 -4.03
C ASN A 67 -7.58 7.78 -2.59
N ASN A 68 -8.31 6.71 -2.25
CA ASN A 68 -8.21 6.06 -0.93
C ASN A 68 -6.78 5.59 -0.54
N MET A 69 -6.00 5.02 -1.46
CA MET A 69 -4.62 4.59 -1.13
C MET A 69 -3.80 5.75 -0.47
N SER A 70 -3.96 6.98 -0.97
CA SER A 70 -3.27 8.17 -0.40
C SER A 70 -3.81 8.54 1.01
N GLU A 71 -5.13 8.39 1.22
CA GLU A 71 -5.77 8.66 2.51
C GLU A 71 -5.08 7.88 3.64
N TYR A 72 -4.82 6.58 3.37
CA TYR A 72 -4.13 5.65 4.29
C TYR A 72 -2.60 5.79 4.26
N LEU A 73 -1.98 6.01 3.08
CA LEU A 73 -0.52 6.16 3.00
C LEU A 73 0.03 7.31 3.86
N THR A 74 -0.66 8.46 3.92
CA THR A 74 -0.20 9.61 4.71
C THR A 74 -0.03 9.27 6.20
N ASN A 75 -0.88 8.41 6.74
CA ASN A 75 -0.80 7.99 8.15
C ASN A 75 -1.65 6.72 8.42
N PRO A 76 -1.05 5.52 8.27
CA PRO A 76 -1.76 4.24 8.51
C PRO A 76 -2.22 4.10 9.97
N LYS A 77 -1.35 4.49 10.90
CA LYS A 77 -1.64 4.43 12.36
C LYS A 77 -2.84 5.31 12.74
N LYS A 78 -3.01 6.45 12.07
CA LYS A 78 -4.15 7.34 12.35
C LYS A 78 -5.46 6.80 11.77
N TYR A 79 -5.42 6.24 10.57
CA TYR A 79 -6.61 5.65 9.92
C TYR A 79 -7.04 4.29 10.54
N ILE A 80 -6.05 3.42 10.78
CA ILE A 80 -6.25 2.10 11.36
C ILE A 80 -5.42 2.02 12.67
N PRO A 81 -5.99 2.55 13.77
CA PRO A 81 -5.33 2.55 15.08
C PRO A 81 -5.22 1.14 15.69
N GLY A 82 -4.03 0.58 15.63
CA GLY A 82 -3.78 -0.78 16.17
C GLY A 82 -3.39 -1.82 15.10
N THR A 83 -2.95 -1.37 13.91
CA THR A 83 -2.55 -2.26 12.79
C THR A 83 -1.07 -2.61 12.79
N LYS A 84 -0.75 -3.79 12.23
CA LYS A 84 0.62 -4.30 12.16
C LYS A 84 1.56 -3.44 11.28
N MET A 85 1.03 -2.52 10.47
CA MET A 85 1.87 -1.67 9.61
C MET A 85 2.39 -0.42 10.37
N ALA A 86 3.52 -0.63 11.06
CA ALA A 86 4.17 0.38 11.90
C ALA A 86 5.20 1.29 11.18
N PHE A 87 5.12 1.27 9.85
CA PHE A 87 5.95 2.01 8.88
C PHE A 87 6.07 3.53 9.13
N GLY A 88 5.00 4.21 9.59
CA GLY A 88 5.07 5.66 9.85
C GLY A 88 4.15 6.52 8.98
N GLY A 89 4.07 6.22 7.67
CA GLY A 89 3.21 6.94 6.73
C GLY A 89 3.97 7.96 5.84
N LEU A 90 3.76 7.86 4.52
CA LEU A 90 4.38 8.74 3.53
C LEU A 90 3.75 10.15 3.56
N LYS A 91 4.40 11.01 4.37
CA LYS A 91 4.03 12.41 4.60
C LYS A 91 4.17 13.33 3.38
N LYS A 92 5.10 13.00 2.47
CA LYS A 92 5.37 13.77 1.24
C LYS A 92 4.42 13.37 0.10
N GLU A 93 3.58 14.31 -0.34
CA GLU A 93 2.61 14.10 -1.43
C GLU A 93 3.25 13.72 -2.78
N LYS A 94 4.20 14.50 -3.27
CA LYS A 94 4.88 14.22 -4.56
C LYS A 94 5.43 12.80 -4.60
N ASP A 95 6.03 12.41 -3.49
CA ASP A 95 6.60 11.09 -3.23
C ASP A 95 5.56 9.95 -3.45
N ARG A 96 4.33 10.09 -2.91
CA ARG A 96 3.26 9.10 -3.15
C ARG A 96 2.73 9.15 -4.59
N ASN A 97 2.65 10.34 -5.18
CA ASN A 97 2.18 10.53 -6.57
C ASN A 97 2.79 9.47 -7.54
N ASP A 98 4.12 9.42 -7.62
CA ASP A 98 4.84 8.43 -8.46
C ASP A 98 4.63 6.98 -7.95
N LEU A 99 4.62 6.76 -6.62
CA LEU A 99 4.40 5.45 -6.00
C LEU A 99 3.08 4.80 -6.44
N ILE A 100 2.01 5.59 -6.59
CA ILE A 100 0.69 5.13 -7.04
C ILE A 100 0.78 4.57 -8.47
N THR A 101 1.38 5.33 -9.40
CA THR A 101 1.57 4.91 -10.80
C THR A 101 2.31 3.56 -10.89
N TYR A 102 3.33 3.34 -10.05
CA TYR A 102 4.07 2.06 -10.03
C TYR A 102 3.15 0.89 -9.65
N LEU A 103 2.50 0.94 -8.48
CA LEU A 103 1.56 -0.10 -8.02
C LEU A 103 0.40 -0.29 -8.99
N LYS A 104 -0.19 0.85 -9.38
CA LYS A 104 -1.27 0.91 -10.35
C LYS A 104 -0.86 0.19 -11.65
N LYS A 105 0.39 0.39 -12.12
CA LYS A 105 0.93 -0.20 -13.38
C LYS A 105 1.13 -1.73 -13.34
N ALA A 106 1.42 -2.22 -12.15
CA ALA A 106 1.63 -3.63 -11.77
C ALA A 106 0.30 -4.40 -11.56
N THR A 107 -0.73 -3.74 -11.01
CA THR A 107 -2.08 -4.29 -10.79
C THR A 107 -2.90 -4.31 -12.11
N GLU A 108 -2.79 -3.24 -12.91
CA GLU A 108 -3.52 -3.15 -14.20
C GLU A 108 -2.56 -2.88 -15.38
FE HEC B . 2.20 -2.01 4.67
CHA HEC B . -0.90 -3.52 5.18
CHB HEC B . 1.01 -0.51 1.77
CHC HEC B . 5.29 -0.51 4.20
CHD HEC B . 3.54 -3.95 7.21
NA HEC B . 0.40 -1.98 3.68
C1A HEC B . -0.78 -2.63 4.07
C2A HEC B . -1.79 -2.41 3.09
C3A HEC B . -1.25 -1.59 2.11
C4A HEC B . 0.11 -1.33 2.48
CMA HEC B . -1.98 -1.10 0.88
CAA HEC B . -3.19 -2.94 3.13
CBA HEC B . -3.29 -4.43 2.73
CGA HEC B . -4.73 -4.94 2.87
O1A HEC B . -5.51 -4.33 3.63
O2A HEC B . -5.06 -5.96 2.24
NB HEC B . 2.98 -0.73 3.28
C1B HEC B . 2.36 -0.23 2.13
C2B HEC B . 3.26 0.60 1.40
C3B HEC B . 4.44 0.66 2.13
C4B HEC B . 4.26 -0.17 3.29
CMB HEC B . 3.02 1.14 0.02
CAB HEC B . 5.68 1.48 1.84
CBB HEC B . 5.41 2.98 1.93
NC HEC B . 4.04 -2.14 5.57
C1C HEC B . 5.19 -1.42 5.27
C2C HEC B . 6.30 -1.88 6.04
C3C HEC B . 5.84 -2.91 6.84
C4C HEC B . 4.43 -3.05 6.57
CMC HEC B . 7.70 -1.36 5.94
CAC HEC B . 6.67 -3.88 7.63
CBC HEC B . 7.14 -3.31 8.96
ND HEC B . 1.44 -3.39 5.98
C1D HEC B . 2.16 -4.12 6.94
C2D HEC B . 1.31 -5.03 7.62
C3D HEC B . 0.03 -4.86 7.11
C4D HEC B . 0.12 -3.87 6.09
CMD HEC B . 1.78 -6.12 8.51
CAD HEC B . -1.23 -5.49 7.67
CBD HEC B . -1.76 -4.72 8.88
CGD HEC B . -2.59 -5.55 9.86
O1D HEC B . -3.16 -6.61 9.50
O2D HEC B . -2.64 -5.15 11.04
HHA HEC B . -1.92 -3.88 5.40
HHB HEC B . 0.66 -0.08 0.82
HHC HEC B . 6.22 0.08 4.14
HHD HEC B . 3.99 -4.65 7.95
HMA1 HEC B . -2.24 -0.06 1.01
HMA2 HEC B . -2.87 -1.69 0.74
HMA3 HEC B . -1.34 -1.20 0.02
HAA1 HEC B . -3.80 -2.37 2.45
HAA2 HEC B . -3.58 -2.82 4.12
HBA1 HEC B . -2.65 -5.01 3.39
HBA2 HEC B . -2.97 -4.54 1.72
HMB1 HEC B . 1.99 0.96 -0.27
HMB2 HEC B . 3.68 0.67 -0.69
HMB3 HEC B . 3.20 2.21 0.02
HAB HEC B . 6.38 1.26 2.62
HBB1 HEC B . 4.57 3.15 2.60
HBB2 HEC B . 5.18 3.38 0.96
HBB3 HEC B . 6.29 3.48 2.33
HMC1 HEC B . 7.74 -0.30 6.19
HMC2 HEC B . 8.07 -1.50 4.93
HMC3 HEC B . 8.35 -1.90 6.61
HAC HEC B . 6.03 -4.72 7.87
HBC1 HEC B . 6.27 -3.20 9.61
HBC2 HEC B . 7.58 -2.34 8.80
HBC3 HEC B . 7.85 -3.97 9.42
HMD1 HEC B . 2.38 -5.69 9.31
HMD2 HEC B . 2.39 -6.82 7.95
HMD3 HEC B . 0.94 -6.65 8.93
HAD1 HEC B . -1.01 -6.51 7.97
HAD2 HEC B . -1.99 -5.51 6.90
HBD1 HEC B . -2.37 -3.91 8.53
HBD2 HEC B . -0.92 -4.31 9.41
C2 4NL C . -7.99 0.60 -10.06
C6 4NL C . -7.90 2.28 -8.34
C3 4NL C . -6.62 0.74 -10.27
C4 4NL C . -5.89 1.65 -9.50
C5 4NL C . -6.53 2.42 -8.55
C1 4NL C . -8.62 1.37 -9.10
N1 4NL C . -10.04 1.21 -8.88
O1 4NL C . -4.51 1.80 -9.73
H2 4NL C . -6.10 0.13 -11.05
H6 4NL C . -10.59 1.99 -8.49
H3 4NL C . -5.94 3.15 -7.94
H5 4NL C . -4.15 2.49 -9.12
H4 4NL C . -8.42 2.90 -7.57
H1 4NL C . -8.57 -0.13 -10.68
H7 4NL C . -10.50 0.32 -9.10
N THR A 1 -4.14 17.40 -2.68
CA THR A 1 -4.88 16.90 -3.85
C THR A 1 -4.26 17.49 -5.09
N GLU A 2 -3.00 17.15 -5.37
CA GLU A 2 -2.27 17.63 -6.54
C GLU A 2 -1.50 16.44 -7.09
N PHE A 3 -2.25 15.45 -7.59
CA PHE A 3 -1.67 14.22 -8.15
C PHE A 3 -1.00 14.46 -9.53
N LYS A 4 0.32 14.23 -9.53
CA LYS A 4 1.17 14.33 -10.70
C LYS A 4 1.63 12.92 -11.06
N ALA A 5 1.27 12.49 -12.27
CA ALA A 5 1.60 11.16 -12.80
C ALA A 5 3.12 10.87 -12.76
N GLY A 6 3.46 9.61 -12.46
CA GLY A 6 4.84 9.13 -12.36
C GLY A 6 5.19 8.13 -13.46
N SER A 7 6.02 7.15 -13.09
CA SER A 7 6.52 6.12 -14.00
C SER A 7 7.02 4.91 -13.20
N ALA A 8 6.78 3.70 -13.73
CA ALA A 8 7.20 2.45 -13.08
C ALA A 8 8.68 2.45 -12.60
N LYS A 9 9.62 3.00 -13.40
CA LYS A 9 11.05 3.04 -13.03
C LYS A 9 11.44 4.13 -12.00
N LYS A 10 10.46 4.89 -11.50
CA LYS A 10 10.69 5.94 -10.49
C LYS A 10 10.10 5.53 -9.15
N GLY A 11 8.80 5.25 -9.11
CA GLY A 11 8.14 4.81 -7.89
C GLY A 11 8.74 3.51 -7.33
N ALA A 12 9.32 2.68 -8.21
CA ALA A 12 9.93 1.42 -7.81
C ALA A 12 11.12 1.62 -6.84
N THR A 13 12.02 2.57 -7.09
CA THR A 13 13.16 2.82 -6.18
C THR A 13 12.72 3.12 -4.73
N LEU A 14 11.62 3.87 -4.56
CA LEU A 14 11.04 4.21 -3.25
C LEU A 14 10.49 2.95 -2.58
N PHE A 15 9.52 2.30 -3.24
CA PHE A 15 8.90 1.05 -2.77
C PHE A 15 9.96 -0.04 -2.44
N LYS A 16 11.04 -0.10 -3.23
CA LYS A 16 12.10 -1.09 -3.08
C LYS A 16 12.88 -1.01 -1.74
N THR A 17 12.86 0.16 -1.08
CA THR A 17 13.55 0.41 0.20
C THR A 17 12.65 1.21 1.20
N ARG A 18 11.34 0.95 1.10
CA ARG A 18 10.29 1.56 1.96
C ARG A 18 9.11 0.59 2.21
N CYS A 19 8.86 -0.29 1.24
CA CYS A 19 7.75 -1.24 1.30
C CYS A 19 8.26 -2.69 1.11
N LEU A 20 9.24 -2.88 0.21
CA LEU A 20 9.83 -4.20 -0.10
C LEU A 20 10.27 -4.98 1.17
N GLN A 21 10.86 -4.28 2.14
CA GLN A 21 11.32 -4.84 3.43
C GLN A 21 10.35 -5.86 4.07
N CYS A 22 9.03 -5.65 3.94
CA CYS A 22 7.99 -6.53 4.50
C CYS A 22 6.98 -7.07 3.47
N HIS A 23 6.64 -6.27 2.45
CA HIS A 23 5.65 -6.61 1.40
C HIS A 23 6.27 -7.22 0.13
N THR A 24 5.38 -7.44 -0.84
CA THR A 24 5.70 -7.99 -2.16
C THR A 24 4.83 -7.29 -3.24
N VAL A 25 5.46 -6.70 -4.25
CA VAL A 25 4.76 -5.95 -5.34
C VAL A 25 4.10 -6.88 -6.40
N GLU A 26 4.63 -8.07 -6.56
CA GLU A 26 4.14 -9.08 -7.51
C GLU A 26 3.55 -10.26 -6.71
N LYS A 27 3.06 -11.33 -7.36
CA LYS A 27 2.50 -12.46 -6.61
C LYS A 27 3.43 -13.70 -6.50
N GLY A 28 4.74 -13.51 -6.55
CA GLY A 28 5.68 -14.65 -6.44
C GLY A 28 6.45 -14.70 -5.12
N GLY A 29 6.51 -13.56 -4.42
CA GLY A 29 7.20 -13.44 -3.12
C GLY A 29 6.33 -13.88 -1.95
N PRO A 30 6.80 -14.78 -1.09
CA PRO A 30 6.03 -15.21 0.08
C PRO A 30 5.71 -14.05 1.03
N HIS A 31 4.56 -14.12 1.70
CA HIS A 31 4.14 -13.09 2.64
C HIS A 31 5.18 -12.94 3.76
N LYS A 32 5.88 -11.80 3.81
CA LYS A 32 6.90 -11.53 4.83
C LYS A 32 6.24 -10.86 6.07
N VAL A 33 6.86 -9.80 6.61
CA VAL A 33 6.32 -9.05 7.75
C VAL A 33 5.00 -8.37 7.36
N GLY A 34 4.79 -8.18 6.04
CA GLY A 34 3.59 -7.57 5.45
C GLY A 34 2.96 -8.46 4.37
N PRO A 35 1.63 -8.34 4.15
CA PRO A 35 0.91 -9.14 3.14
C PRO A 35 1.25 -8.80 1.69
N ASN A 36 0.69 -9.56 0.76
CA ASN A 36 0.93 -9.33 -0.67
C ASN A 36 0.03 -8.15 -1.15
N LEU A 37 0.63 -7.20 -1.89
CA LEU A 37 -0.03 -5.97 -2.39
C LEU A 37 -0.55 -6.11 -3.86
N HIS A 38 -0.07 -7.13 -4.59
CA HIS A 38 -0.44 -7.42 -5.99
C HIS A 38 -1.93 -7.80 -6.13
N GLY A 39 -2.76 -6.82 -6.47
CA GLY A 39 -4.20 -7.01 -6.66
C GLY A 39 -5.09 -6.31 -5.62
N ILE A 40 -4.52 -5.48 -4.73
CA ILE A 40 -5.34 -4.78 -3.72
C ILE A 40 -6.30 -3.77 -4.35
N PHE A 41 -5.89 -3.07 -5.42
CA PHE A 41 -6.73 -2.07 -6.10
C PHE A 41 -8.12 -2.63 -6.49
N GLY A 42 -9.15 -2.07 -5.85
CA GLY A 42 -10.54 -2.44 -6.06
C GLY A 42 -11.09 -3.42 -4.99
N ARG A 43 -10.26 -3.80 -4.02
CA ARG A 43 -10.63 -4.74 -2.93
C ARG A 43 -10.70 -4.00 -1.60
N HIS A 44 -11.21 -4.68 -0.58
CA HIS A 44 -11.37 -4.10 0.75
C HIS A 44 -10.15 -4.42 1.60
N SER A 45 -9.90 -3.61 2.65
CA SER A 45 -8.76 -3.83 3.55
C SER A 45 -8.85 -5.20 4.21
N GLY A 46 -7.72 -5.91 4.23
CA GLY A 46 -7.65 -7.24 4.84
C GLY A 46 -8.02 -8.44 3.93
N GLN A 47 -7.54 -8.49 2.66
CA GLN A 47 -7.88 -9.62 1.76
C GLN A 47 -6.68 -10.42 1.15
N ALA A 48 -5.46 -10.30 1.70
CA ALA A 48 -4.28 -11.05 1.19
C ALA A 48 -4.45 -12.61 1.24
N GLU A 49 -4.16 -13.26 0.11
CA GLU A 49 -4.26 -14.72 -0.05
C GLU A 49 -3.10 -15.50 0.64
N GLY A 50 -3.21 -15.66 1.98
CA GLY A 50 -2.23 -16.41 2.79
C GLY A 50 -1.62 -15.61 3.97
N TYR A 51 -2.25 -14.50 4.38
CA TYR A 51 -1.79 -13.67 5.50
C TYR A 51 -2.95 -13.05 6.32
N SER A 52 -2.81 -13.06 7.65
CA SER A 52 -3.82 -12.51 8.59
C SER A 52 -3.61 -11.02 8.93
N TYR A 53 -4.75 -10.31 9.07
CA TYR A 53 -4.86 -8.87 9.39
C TYR A 53 -5.38 -8.63 10.86
N THR A 54 -5.21 -7.41 11.40
CA THR A 54 -5.66 -7.04 12.79
C THR A 54 -7.17 -6.86 12.91
N ASP A 55 -7.66 -6.92 14.15
CA ASP A 55 -9.09 -6.76 14.48
C ASP A 55 -9.69 -5.47 13.88
N ALA A 56 -8.89 -4.40 13.86
CA ALA A 56 -9.29 -3.07 13.36
C ALA A 56 -9.20 -2.92 11.81
N ASN A 57 -8.20 -3.56 11.16
CA ASN A 57 -8.04 -3.46 9.70
C ASN A 57 -9.19 -4.18 8.94
N ILE A 58 -9.64 -5.33 9.47
CA ILE A 58 -10.75 -6.11 8.88
C ILE A 58 -12.06 -5.33 9.00
N LYS A 59 -12.59 -5.12 10.20
CA LYS A 59 -13.74 -4.22 10.46
C LYS A 59 -13.74 -2.92 9.60
N LYS A 60 -12.56 -2.54 9.09
CA LYS A 60 -12.36 -1.30 8.30
C LYS A 60 -12.78 -1.42 6.82
N ASN A 61 -12.52 -2.60 6.21
CA ASN A 61 -12.80 -2.99 4.79
C ASN A 61 -12.81 -1.82 3.80
N VAL A 62 -11.81 -0.93 3.90
CA VAL A 62 -11.73 0.24 3.01
C VAL A 62 -11.48 -0.18 1.59
N LEU A 63 -12.19 0.42 0.63
CA LEU A 63 -12.03 0.07 -0.77
C LEU A 63 -10.78 0.79 -1.32
N TRP A 64 -9.67 0.06 -1.43
CA TRP A 64 -8.41 0.59 -1.93
C TRP A 64 -8.56 1.13 -3.37
N ASP A 65 -8.54 2.45 -3.47
CA ASP A 65 -8.68 3.23 -4.71
C ASP A 65 -7.40 4.07 -4.94
N GLU A 66 -7.42 4.93 -5.96
CA GLU A 66 -6.29 5.77 -6.34
C GLU A 66 -6.00 6.81 -5.23
N ASN A 67 -7.01 7.59 -4.87
CA ASN A 67 -6.90 8.59 -3.81
C ASN A 67 -6.88 7.93 -2.39
N ASN A 68 -7.79 6.98 -2.11
CA ASN A 68 -7.84 6.26 -0.82
C ASN A 68 -6.49 5.63 -0.39
N MET A 69 -5.73 5.01 -1.29
CA MET A 69 -4.42 4.42 -0.92
C MET A 69 -3.50 5.44 -0.20
N SER A 70 -3.45 6.69 -0.69
CA SER A 70 -2.66 7.77 -0.07
C SER A 70 -3.25 8.22 1.29
N GLU A 71 -4.58 8.28 1.40
CA GLU A 71 -5.28 8.63 2.64
C GLU A 71 -4.69 7.84 3.84
N TYR A 72 -4.56 6.52 3.64
CA TYR A 72 -4.01 5.57 4.62
C TYR A 72 -2.48 5.64 4.73
N LEU A 73 -1.74 5.77 3.63
CA LEU A 73 -0.28 5.85 3.68
C LEU A 73 0.25 7.01 4.57
N THR A 74 -0.41 8.18 4.55
CA THR A 74 0.02 9.33 5.37
C THR A 74 0.10 8.98 6.87
N ASN A 75 -0.87 8.22 7.38
CA ASN A 75 -0.89 7.81 8.80
C ASN A 75 -1.69 6.49 8.99
N PRO A 76 -1.03 5.32 8.88
CA PRO A 76 -1.70 4.02 9.06
C PRO A 76 -2.29 3.83 10.47
N LYS A 77 -1.63 4.41 11.47
CA LYS A 77 -2.06 4.32 12.88
C LYS A 77 -3.34 5.11 13.13
N LYS A 78 -3.52 6.25 12.47
CA LYS A 78 -4.74 7.06 12.63
C LYS A 78 -5.93 6.44 11.89
N TYR A 79 -5.70 5.87 10.70
CA TYR A 79 -6.75 5.25 9.88
C TYR A 79 -7.21 3.87 10.42
N ILE A 80 -6.25 3.07 10.89
CA ILE A 80 -6.49 1.76 11.47
C ILE A 80 -5.81 1.73 12.86
N PRO A 81 -6.59 2.04 13.92
CA PRO A 81 -6.08 2.05 15.31
C PRO A 81 -5.73 0.64 15.81
N GLY A 82 -4.44 0.35 15.84
CA GLY A 82 -3.96 -0.97 16.28
C GLY A 82 -3.32 -1.82 15.17
N THR A 83 -3.20 -1.28 13.94
CA THR A 83 -2.62 -1.98 12.77
C THR A 83 -1.13 -2.27 12.92
N LYS A 84 -0.71 -3.42 12.38
CA LYS A 84 0.69 -3.87 12.42
C LYS A 84 1.64 -3.02 11.57
N MET A 85 1.15 -2.33 10.52
CA MET A 85 2.00 -1.52 9.65
C MET A 85 2.57 -0.28 10.39
N ALA A 86 3.87 -0.37 10.72
CA ALA A 86 4.61 0.67 11.45
C ALA A 86 5.69 1.41 10.63
N PHE A 87 5.53 1.35 9.31
CA PHE A 87 6.37 1.96 8.27
C PHE A 87 6.75 3.45 8.49
N GLY A 88 5.90 4.25 9.17
CA GLY A 88 6.21 5.67 9.39
C GLY A 88 5.23 6.66 8.76
N GLY A 89 4.55 6.24 7.67
CA GLY A 89 3.57 7.08 6.96
C GLY A 89 4.19 8.12 6.01
N LEU A 90 3.88 8.01 4.72
CA LEU A 90 4.38 8.91 3.67
C LEU A 90 3.49 10.16 3.56
N LYS A 91 3.89 11.18 4.32
CA LYS A 91 3.24 12.50 4.42
C LYS A 91 3.41 13.38 3.16
N LYS A 92 4.45 13.14 2.37
CA LYS A 92 4.76 13.89 1.14
C LYS A 92 3.93 13.41 -0.06
N GLU A 93 3.00 14.24 -0.51
CA GLU A 93 2.14 13.95 -1.67
C GLU A 93 2.88 13.69 -3.00
N LYS A 94 3.87 14.52 -3.33
CA LYS A 94 4.64 14.38 -4.59
C LYS A 94 5.30 13.00 -4.68
N ASP A 95 5.81 12.56 -3.54
CA ASP A 95 6.45 11.26 -3.34
C ASP A 95 5.48 10.08 -3.58
N ARG A 96 4.22 10.16 -3.07
CA ARG A 96 3.21 9.10 -3.35
C ARG A 96 2.70 9.14 -4.78
N ASN A 97 2.52 10.34 -5.36
CA ASN A 97 2.04 10.51 -6.75
C ASN A 97 2.72 9.51 -7.71
N ASP A 98 4.07 9.54 -7.78
CA ASP A 98 4.85 8.58 -8.60
C ASP A 98 4.64 7.11 -8.14
N LEU A 99 4.58 6.87 -6.82
CA LEU A 99 4.34 5.53 -6.24
C LEU A 99 3.00 4.91 -6.73
N ILE A 100 1.96 5.74 -6.88
CA ILE A 100 0.64 5.31 -7.39
C ILE A 100 0.78 4.74 -8.81
N THR A 101 1.44 5.48 -9.71
CA THR A 101 1.68 5.02 -11.09
C THR A 101 2.43 3.66 -11.12
N TYR A 102 3.40 3.45 -10.24
CA TYR A 102 4.12 2.17 -10.15
C TYR A 102 3.19 1.01 -9.75
N LEU A 103 2.52 1.12 -8.59
CA LEU A 103 1.57 0.10 -8.11
C LEU A 103 0.42 -0.12 -9.10
N LYS A 104 -0.12 0.98 -9.60
CA LYS A 104 -1.19 1.00 -10.58
C LYS A 104 -0.75 0.24 -11.86
N LYS A 105 0.52 0.37 -12.27
CA LYS A 105 1.09 -0.31 -13.47
C LYS A 105 1.21 -1.85 -13.34
N ALA A 106 1.49 -2.28 -12.13
CA ALA A 106 1.63 -3.66 -11.67
C ALA A 106 0.26 -4.41 -11.59
N THR A 107 -0.81 -3.68 -11.21
CA THR A 107 -2.19 -4.20 -11.16
C THR A 107 -2.92 -3.98 -12.52
N GLU A 108 -2.68 -2.83 -13.16
CA GLU A 108 -3.29 -2.52 -14.45
C GLU A 108 -2.21 -2.22 -15.52
FE HEC B . 2.17 -1.89 4.47
CHA HEC B . -0.95 -3.32 5.10
CHB HEC B . 0.96 -0.45 1.56
CHC HEC B . 5.29 -0.47 3.89
CHD HEC B . 3.55 -3.78 7.05
NA HEC B . 0.36 -1.86 3.53
C1A HEC B . -0.83 -2.47 3.97
C2A HEC B . -1.85 -2.26 3.00
C3A HEC B . -1.32 -1.48 1.98
C4A HEC B . 0.05 -1.23 2.32
CMA HEC B . -2.07 -1.01 0.76
CAA HEC B . -3.27 -2.76 3.09
CBA HEC B . -3.40 -4.25 2.74
CGA HEC B . -4.85 -4.73 2.93
O1A HEC B . -5.60 -4.09 3.68
O2A HEC B . -5.22 -5.77 2.34
NB HEC B . 2.95 -0.67 3.04
C1B HEC B . 2.31 -0.19 1.88
C2B HEC B . 3.22 0.59 1.11
C3B HEC B . 4.42 0.65 1.81
C4B HEC B . 4.24 -0.13 3.00
CMB HEC B . 2.95 1.10 -0.29
CAB HEC B . 5.65 1.43 1.47
CBB HEC B . 5.42 2.95 1.51
NC HEC B . 4.02 -2.04 5.34
C1C HEC B . 5.19 -1.34 4.99
C2C HEC B . 6.31 -1.81 5.75
C3C HEC B . 5.85 -2.81 6.58
C4C HEC B . 4.43 -2.93 6.36
CMC HEC B . 7.72 -1.32 5.60
CAC HEC B . 6.68 -3.77 7.39
CBC HEC B . 7.19 -3.16 8.69
ND HEC B . 1.43 -3.23 5.85
C1D HEC B . 2.15 -3.93 6.81
C2D HEC B . 1.30 -4.81 7.53
C3D HEC B . 0.01 -4.62 7.06
C4D HEC B . 0.09 -3.66 6.00
CMD HEC B . 1.77 -5.88 8.45
CAD HEC B . -1.25 -5.22 7.66
CBD HEC B . -1.73 -4.39 8.85
CGD HEC B . -2.56 -5.18 9.88
O1D HEC B . -3.16 -6.23 9.56
O2D HEC B . -2.58 -4.74 11.05
HHA HEC B . -1.97 -3.65 5.37
HHB HEC B . 0.59 -0.05 0.60
HHC HEC B . 6.23 0.09 3.79
HHD HEC B . 3.99 -4.47 7.79
HMA1 HEC B . -2.32 0.03 0.87
HMA2 HEC B . -2.98 -1.58 0.66
HMA3 HEC B . -1.45 -1.15 -0.12
HAA1 HEC B . -3.87 -2.19 2.40
HAA2 HEC B . -3.63 -2.60 4.09
HBA1 HEC B . -2.76 -4.81 3.40
HBA2 HEC B . -3.11 -4.40 1.72
HMB1 HEC B . 1.91 0.93 -0.54
HMB2 HEC B . 3.59 0.59 -0.99
HMB3 HEC B . 3.15 2.16 -0.32
HAB HEC B . 6.37 1.22 2.24
HBB1 HEC B . 4.61 3.15 2.20
HBB2 HEC B . 5.17 3.33 0.54
HBB3 HEC B . 6.31 3.43 1.88
HMC1 HEC B . 7.79 -0.26 5.82
HMC2 HEC B . 8.06 -1.49 4.59
HMC3 HEC B . 8.37 -1.86 6.28
HAC HEC B . 6.03 -4.58 7.68
HBC1 HEC B . 6.34 -3.02 9.35
HBC2 HEC B . 7.65 -2.21 8.49
HBC3 HEC B . 7.91 -3.83 9.15
HMD1 HEC B . 2.39 -5.44 9.22
HMD2 HEC B . 2.35 -6.60 7.89
HMD3 HEC B . 0.93 -6.38 8.90
HAD1 HEC B . -1.04 -6.22 7.99
HAD2 HEC B . -2.02 -5.25 6.91
HBD1 HEC B . -2.34 -3.58 8.49
HBD2 HEC B . -0.88 -3.99 9.37
C2 4NL C . -7.82 0.57 -9.53
C6 4NL C . -7.79 2.48 -8.06
C3 4NL C . -6.45 0.70 -9.72
C4 4NL C . -5.75 1.72 -9.09
C5 4NL C . -6.43 2.61 -8.26
C1 4NL C . -8.48 1.46 -8.70
N1 4NL C . -9.90 1.31 -8.49
O1 4NL C . -4.37 1.86 -9.30
H2 4NL C . -5.91 -0.01 -10.40
H6 4NL C . -10.28 0.46 -8.04
H3 4NL C . -5.86 3.44 -7.75
H5 4NL C . -4.03 2.63 -8.76
H4 4NL C . -8.34 3.20 -7.40
H1 4NL C . -8.38 -0.24 -10.05
H7 4NL C . -10.55 2.06 -8.78
N THR A 1 -3.32 17.85 -2.16
CA THR A 1 -4.18 17.49 -3.29
C THR A 1 -3.54 18.02 -4.55
N GLU A 2 -2.31 17.59 -4.84
CA GLU A 2 -1.56 18.01 -6.02
C GLU A 2 -0.90 16.75 -6.57
N PHE A 3 -1.73 15.82 -7.06
CA PHE A 3 -1.26 14.55 -7.64
C PHE A 3 -0.62 14.73 -9.03
N LYS A 4 0.69 14.49 -9.05
CA LYS A 4 1.52 14.55 -10.25
C LYS A 4 1.82 13.12 -10.67
N ALA A 5 1.40 12.79 -11.90
CA ALA A 5 1.59 11.47 -12.49
C ALA A 5 3.06 11.02 -12.51
N GLY A 6 3.28 9.72 -12.27
CA GLY A 6 4.62 9.12 -12.23
C GLY A 6 4.86 8.15 -13.39
N SER A 7 5.56 7.07 -13.10
CA SER A 7 5.90 6.02 -14.07
C SER A 7 6.38 4.76 -13.34
N ALA A 8 6.01 3.59 -13.85
CA ALA A 8 6.40 2.31 -13.28
C ALA A 8 7.92 2.20 -12.96
N LYS A 9 8.81 2.63 -13.87
CA LYS A 9 10.27 2.57 -13.64
C LYS A 9 10.83 3.57 -12.60
N LYS A 10 9.96 4.35 -11.95
CA LYS A 10 10.37 5.32 -10.93
C LYS A 10 9.88 4.89 -9.55
N GLY A 11 8.57 4.65 -9.42
CA GLY A 11 8.00 4.19 -8.15
C GLY A 11 8.64 2.89 -7.66
N ALA A 12 9.04 2.01 -8.59
CA ALA A 12 9.68 0.74 -8.27
C ALA A 12 10.97 0.92 -7.42
N THR A 13 11.84 1.88 -7.77
CA THR A 13 13.07 2.11 -6.99
C THR A 13 12.79 2.63 -5.55
N LEU A 14 11.77 3.50 -5.41
CA LEU A 14 11.37 4.07 -4.12
C LEU A 14 10.83 2.99 -3.19
N PHE A 15 9.78 2.28 -3.63
CA PHE A 15 9.16 1.16 -2.90
C PHE A 15 10.19 0.07 -2.51
N LYS A 16 11.18 -0.16 -3.40
CA LYS A 16 12.21 -1.19 -3.21
C LYS A 16 13.13 -0.97 -1.98
N THR A 17 13.03 0.21 -1.34
CA THR A 17 13.82 0.58 -0.14
C THR A 17 12.95 1.38 0.89
N ARG A 18 11.63 1.30 0.69
CA ARG A 18 10.62 1.99 1.52
C ARG A 18 9.48 1.05 1.98
N CYS A 19 9.17 0.05 1.15
CA CYS A 19 8.09 -0.90 1.40
C CYS A 19 8.54 -2.36 1.23
N LEU A 20 9.54 -2.62 0.37
CA LEU A 20 10.08 -3.96 0.13
C LEU A 20 10.42 -4.74 1.43
N GLN A 21 10.97 -4.03 2.43
CA GLN A 21 11.35 -4.60 3.74
C GLN A 21 10.34 -5.62 4.32
N CYS A 22 9.03 -5.41 4.09
CA CYS A 22 7.97 -6.29 4.62
C CYS A 22 6.98 -6.81 3.55
N HIS A 23 6.68 -6.00 2.53
CA HIS A 23 5.70 -6.33 1.46
C HIS A 23 6.34 -6.92 0.19
N THR A 24 5.46 -7.20 -0.78
CA THR A 24 5.80 -7.75 -2.08
C THR A 24 4.87 -7.13 -3.16
N VAL A 25 5.45 -6.50 -4.19
CA VAL A 25 4.69 -5.84 -5.29
C VAL A 25 4.09 -6.82 -6.33
N GLU A 26 4.77 -7.94 -6.53
CA GLU A 26 4.35 -9.00 -7.47
C GLU A 26 3.83 -10.20 -6.65
N LYS A 27 3.44 -11.32 -7.28
CA LYS A 27 2.94 -12.47 -6.51
C LYS A 27 3.94 -13.64 -6.36
N GLY A 28 5.24 -13.40 -6.52
CA GLY A 28 6.24 -14.46 -6.37
C GLY A 28 6.91 -14.47 -4.98
N GLY A 29 6.94 -13.31 -4.31
CA GLY A 29 7.54 -13.16 -2.98
C GLY A 29 6.58 -13.56 -1.85
N PRO A 30 6.97 -14.49 -0.98
CA PRO A 30 6.13 -14.90 0.14
C PRO A 30 5.81 -13.73 1.10
N HIS A 31 4.65 -13.78 1.73
CA HIS A 31 4.23 -12.74 2.67
C HIS A 31 5.25 -12.62 3.81
N LYS A 32 5.92 -11.46 3.91
CA LYS A 32 6.93 -11.20 4.95
C LYS A 32 6.27 -10.57 6.20
N VAL A 33 6.89 -9.53 6.78
CA VAL A 33 6.34 -8.81 7.94
C VAL A 33 4.98 -8.17 7.58
N GLY A 34 4.77 -7.97 6.26
CA GLY A 34 3.54 -7.39 5.70
C GLY A 34 2.93 -8.25 4.58
N PRO A 35 1.64 -8.08 4.27
CA PRO A 35 0.96 -8.86 3.22
C PRO A 35 1.41 -8.54 1.79
N ASN A 36 0.84 -9.23 0.82
CA ASN A 36 1.16 -9.02 -0.59
C ASN A 36 0.33 -7.81 -1.13
N LEU A 37 0.94 -6.98 -2.00
CA LEU A 37 0.34 -5.77 -2.59
C LEU A 37 -0.33 -6.04 -3.97
N HIS A 38 0.16 -7.04 -4.72
CA HIS A 38 -0.33 -7.44 -6.04
C HIS A 38 -1.81 -7.83 -6.03
N GLY A 39 -2.68 -6.86 -6.31
CA GLY A 39 -4.13 -7.06 -6.35
C GLY A 39 -4.93 -6.22 -5.34
N ILE A 40 -4.27 -5.32 -4.57
CA ILE A 40 -5.01 -4.49 -3.60
C ILE A 40 -5.97 -3.50 -4.29
N PHE A 41 -5.56 -2.88 -5.40
CA PHE A 41 -6.40 -1.92 -6.14
C PHE A 41 -7.72 -2.56 -6.60
N GLY A 42 -8.81 -2.09 -5.97
CA GLY A 42 -10.18 -2.56 -6.23
C GLY A 42 -10.72 -3.53 -5.17
N ARG A 43 -9.87 -3.93 -4.20
CA ARG A 43 -10.25 -4.86 -3.12
C ARG A 43 -10.53 -4.09 -1.83
N HIS A 44 -11.02 -4.80 -0.82
CA HIS A 44 -11.30 -4.21 0.49
C HIS A 44 -10.13 -4.46 1.43
N SER A 45 -10.00 -3.63 2.48
CA SER A 45 -8.92 -3.78 3.46
C SER A 45 -8.90 -5.17 4.06
N GLY A 46 -7.74 -5.83 3.97
CA GLY A 46 -7.58 -7.18 4.49
C GLY A 46 -7.88 -8.34 3.51
N GLN A 47 -7.34 -8.33 2.27
CA GLN A 47 -7.60 -9.42 1.30
C GLN A 47 -6.35 -10.21 0.77
N ALA A 48 -5.22 -10.23 1.49
CA ALA A 48 -4.00 -10.97 1.06
C ALA A 48 -4.13 -12.52 1.17
N GLU A 49 -4.02 -13.20 0.02
CA GLU A 49 -4.12 -14.66 -0.08
C GLU A 49 -2.89 -15.40 0.54
N GLY A 50 -2.98 -15.65 1.88
CA GLY A 50 -1.94 -16.37 2.64
C GLY A 50 -1.45 -15.65 3.92
N TYR A 51 -1.89 -14.41 4.14
CA TYR A 51 -1.49 -13.62 5.32
C TYR A 51 -2.70 -12.91 6.00
N SER A 52 -2.73 -12.98 7.35
CA SER A 52 -3.80 -12.37 8.18
C SER A 52 -3.46 -10.94 8.67
N TYR A 53 -4.51 -10.13 8.79
CA TYR A 53 -4.49 -8.70 9.21
C TYR A 53 -4.87 -8.52 10.73
N THR A 54 -5.68 -7.49 11.07
CA THR A 54 -6.10 -7.20 12.48
C THR A 54 -7.61 -6.92 12.60
N ASP A 55 -8.08 -6.85 13.85
CA ASP A 55 -9.48 -6.58 14.18
C ASP A 55 -9.98 -5.24 13.56
N ALA A 56 -9.11 -4.24 13.53
CA ALA A 56 -9.41 -2.90 13.03
C ALA A 56 -9.29 -2.75 11.49
N ASN A 57 -8.36 -3.46 10.83
CA ASN A 57 -8.20 -3.37 9.36
C ASN A 57 -9.33 -4.13 8.62
N ILE A 58 -9.75 -5.27 9.16
CA ILE A 58 -10.84 -6.09 8.59
C ILE A 58 -12.18 -5.34 8.67
N LYS A 59 -12.72 -5.14 9.87
CA LYS A 59 -13.91 -4.28 10.12
C LYS A 59 -13.95 -3.01 9.25
N LYS A 60 -12.79 -2.57 8.73
CA LYS A 60 -12.64 -1.34 7.94
C LYS A 60 -13.06 -1.49 6.46
N ASN A 61 -12.77 -2.67 5.86
CA ASN A 61 -13.09 -3.10 4.46
C ASN A 61 -13.08 -1.96 3.43
N VAL A 62 -12.12 -1.03 3.55
CA VAL A 62 -12.02 0.09 2.62
C VAL A 62 -11.60 -0.40 1.24
N LEU A 63 -12.30 0.03 0.20
CA LEU A 63 -11.97 -0.36 -1.16
C LEU A 63 -10.80 0.49 -1.66
N TRP A 64 -9.60 -0.08 -1.64
CA TRP A 64 -8.38 0.59 -2.07
C TRP A 64 -8.49 1.11 -3.52
N ASP A 65 -8.58 2.43 -3.63
CA ASP A 65 -8.71 3.18 -4.89
C ASP A 65 -7.43 4.04 -5.10
N GLU A 66 -7.44 4.87 -6.15
CA GLU A 66 -6.31 5.73 -6.52
C GLU A 66 -6.03 6.75 -5.40
N ASN A 67 -7.07 7.44 -4.93
CA ASN A 67 -6.96 8.44 -3.87
C ASN A 67 -7.04 7.78 -2.46
N ASN A 68 -8.01 6.90 -2.22
CA ASN A 68 -8.17 6.21 -0.92
C ASN A 68 -6.86 5.61 -0.35
N MET A 69 -6.04 4.93 -1.15
CA MET A 69 -4.76 4.37 -0.67
C MET A 69 -3.88 5.45 0.03
N SER A 70 -3.86 6.68 -0.52
CA SER A 70 -3.12 7.81 0.07
C SER A 70 -3.70 8.26 1.44
N GLU A 71 -5.02 8.24 1.57
CA GLU A 71 -5.73 8.61 2.81
C GLU A 71 -5.14 7.82 4.01
N TYR A 72 -4.83 6.54 3.76
CA TYR A 72 -4.23 5.61 4.73
C TYR A 72 -2.69 5.66 4.74
N LEU A 73 -2.03 5.72 3.58
CA LEU A 73 -0.56 5.76 3.54
C LEU A 73 0.05 6.92 4.36
N THR A 74 -0.58 8.10 4.36
CA THR A 74 -0.05 9.26 5.12
C THR A 74 0.01 8.99 6.63
N ASN A 75 -0.85 8.11 7.14
CA ASN A 75 -0.87 7.74 8.57
C ASN A 75 -1.72 6.47 8.82
N PRO A 76 -1.13 5.27 8.66
CA PRO A 76 -1.84 3.99 8.86
C PRO A 76 -2.36 3.80 10.30
N LYS A 77 -1.54 4.15 11.28
CA LYS A 77 -1.87 4.02 12.72
C LYS A 77 -3.05 4.91 13.12
N LYS A 78 -3.16 6.10 12.53
CA LYS A 78 -4.28 7.00 12.83
C LYS A 78 -5.60 6.52 12.19
N TYR A 79 -5.53 5.98 10.97
CA TYR A 79 -6.71 5.44 10.27
C TYR A 79 -7.21 4.10 10.84
N ILE A 80 -6.29 3.16 11.03
CA ILE A 80 -6.56 1.83 11.58
C ILE A 80 -5.90 1.75 12.98
N PRO A 81 -6.70 1.98 14.04
CA PRO A 81 -6.21 1.94 15.42
C PRO A 81 -5.79 0.53 15.87
N GLY A 82 -4.50 0.33 16.01
CA GLY A 82 -3.96 -0.98 16.43
C GLY A 82 -3.31 -1.79 15.29
N THR A 83 -3.23 -1.21 14.08
CA THR A 83 -2.65 -1.87 12.88
C THR A 83 -1.18 -2.26 13.04
N LYS A 84 -0.80 -3.39 12.44
CA LYS A 84 0.57 -3.91 12.48
C LYS A 84 1.57 -3.06 11.67
N MET A 85 1.12 -2.31 10.65
CA MET A 85 2.01 -1.48 9.84
C MET A 85 2.51 -0.23 10.61
N ALA A 86 3.74 -0.35 11.14
CA ALA A 86 4.39 0.67 11.96
C ALA A 86 5.38 1.59 11.23
N PHE A 87 5.24 1.62 9.91
CA PHE A 87 6.03 2.40 8.93
C PHE A 87 5.96 3.94 9.09
N GLY A 88 5.08 4.47 9.94
CA GLY A 88 5.00 5.93 10.16
C GLY A 88 4.19 6.70 9.11
N GLY A 89 4.27 6.30 7.84
CA GLY A 89 3.54 6.92 6.73
C GLY A 89 4.30 8.06 6.03
N LEU A 90 4.52 7.91 4.72
CA LEU A 90 5.21 8.90 3.90
C LEU A 90 4.35 10.17 3.71
N LYS A 91 4.70 11.18 4.52
CA LYS A 91 4.07 12.51 4.57
C LYS A 91 4.21 13.33 3.27
N LYS A 92 5.26 13.06 2.48
CA LYS A 92 5.55 13.75 1.22
C LYS A 92 4.61 13.32 0.09
N GLU A 93 3.70 14.21 -0.31
CA GLU A 93 2.73 13.97 -1.39
C GLU A 93 3.35 13.61 -2.75
N LYS A 94 4.40 14.31 -3.16
CA LYS A 94 5.07 14.05 -4.47
C LYS A 94 5.58 12.60 -4.56
N ASP A 95 6.12 12.15 -3.43
CA ASP A 95 6.65 10.81 -3.22
C ASP A 95 5.54 9.73 -3.38
N ARG A 96 4.34 9.94 -2.82
CA ARG A 96 3.22 8.99 -3.01
C ARG A 96 2.63 9.06 -4.44
N ASN A 97 2.56 10.26 -5.03
CA ASN A 97 2.03 10.46 -6.38
C ASN A 97 2.59 9.42 -7.38
N ASP A 98 3.94 9.34 -7.49
CA ASP A 98 4.61 8.34 -8.37
C ASP A 98 4.35 6.89 -7.91
N LEU A 99 4.34 6.64 -6.59
CA LEU A 99 4.10 5.31 -6.00
C LEU A 99 2.78 4.67 -6.50
N ILE A 100 1.72 5.47 -6.62
CA ILE A 100 0.40 5.03 -7.11
C ILE A 100 0.51 4.54 -8.56
N THR A 101 1.13 5.36 -9.45
CA THR A 101 1.32 5.00 -10.86
C THR A 101 2.00 3.63 -11.03
N TYR A 102 3.02 3.33 -10.21
CA TYR A 102 3.72 2.04 -10.27
C TYR A 102 2.81 0.87 -9.83
N LEU A 103 2.21 0.96 -8.63
CA LEU A 103 1.30 -0.07 -8.11
C LEU A 103 0.10 -0.29 -9.03
N LYS A 104 -0.50 0.85 -9.43
CA LYS A 104 -1.62 0.89 -10.36
C LYS A 104 -1.27 0.09 -11.64
N LYS A 105 -0.05 0.25 -12.18
CA LYS A 105 0.41 -0.42 -13.43
C LYS A 105 0.63 -1.94 -13.31
N ALA A 106 0.98 -2.35 -12.10
CA ALA A 106 1.23 -3.73 -11.66
C ALA A 106 -0.09 -4.51 -11.33
N THR A 107 -1.10 -3.82 -10.78
CA THR A 107 -2.43 -4.38 -10.46
C THR A 107 -3.29 -4.49 -11.74
N GLU A 108 -3.22 -3.49 -12.63
CA GLU A 108 -4.00 -3.50 -13.89
C GLU A 108 -3.08 -3.33 -15.13
FE HEC B . 2.21 -1.64 4.57
CHA HEC B . -0.92 -3.07 5.12
CHB HEC B . 1.05 -0.17 1.65
CHC HEC B . 5.34 -0.25 4.06
CHD HEC B . 3.52 -3.58 7.14
NA HEC B . 0.42 -1.59 3.59
C1A HEC B . -0.78 -2.20 4.00
C2A HEC B . -1.79 -1.96 3.02
C3A HEC B . -1.24 -1.18 2.02
C4A HEC B . 0.13 -0.94 2.39
CMA HEC B . -1.96 -0.69 0.80
CAA HEC B . -3.21 -2.46 3.08
CBA HEC B . -3.35 -3.94 2.70
CGA HEC B . -4.80 -4.41 2.85
O1A HEC B . -5.57 -3.79 3.60
O2A HEC B . -5.17 -5.44 2.25
NB HEC B . 3.02 -0.41 3.16
C1B HEC B . 2.41 0.08 2.00
C2B HEC B . 3.32 0.88 1.26
C3B HEC B . 4.51 0.92 1.98
C4B HEC B . 4.32 0.12 3.15
CMB HEC B . 3.09 1.42 -0.13
CAB HEC B . 5.76 1.70 1.67
CBB HEC B . 5.54 3.21 1.73
NC HEC B . 4.05 -1.82 5.47
C1C HEC B . 5.22 -1.13 5.15
C2C HEC B . 6.32 -1.61 5.92
C3C HEC B . 5.84 -2.62 6.73
C4C HEC B . 4.43 -2.72 6.48
CMC HEC B . 7.74 -1.12 5.80
CAC HEC B . 6.66 -3.60 7.54
CBC HEC B . 7.14 -3.01 8.85
ND HEC B . 1.43 -2.99 5.91
C1D HEC B . 2.13 -3.72 6.88
C2D HEC B . 1.26 -4.60 7.57
C3D HEC B . -0.03 -4.40 7.07
C4D HEC B . 0.09 -3.43 6.03
CMD HEC B . 1.72 -5.69 8.48
CAD HEC B . -1.28 -5.00 7.65
CBD HEC B . -1.79 -4.18 8.85
CGD HEC B . -2.64 -4.98 9.85
O1D HEC B . -3.24 -6.02 9.50
O2D HEC B . -2.68 -4.56 11.01
HHA HEC B . -1.95 -3.40 5.36
HHB HEC B . 0.70 0.26 0.70
HHC HEC B . 6.29 0.32 3.99
HHD HEC B . 3.95 -4.28 7.87
HMA1 HEC B . -2.20 0.36 0.91
HMA2 HEC B . -2.88 -1.25 0.67
HMA3 HEC B . -1.33 -0.82 -0.07
HAA1 HEC B . -3.80 -1.88 2.39
HAA2 HEC B . -3.60 -2.31 4.07
HBA1 HEC B . -2.72 -4.53 3.36
HBA2 HEC B . -3.03 -4.08 1.69
HMB1 HEC B . 2.06 1.24 -0.41
HMB2 HEC B . 3.74 0.90 -0.83
HMB3 HEC B . 3.29 2.47 -0.15
HAB HEC B . 6.46 1.47 2.45
HBB1 HEC B . 4.71 3.41 2.41
HBB2 HEC B . 5.31 3.60 0.77
HBB3 HEC B . 6.44 3.69 2.12
HMC1 HEC B . 7.80 -0.07 6.03
HMC2 HEC B . 8.09 -1.29 4.79
HMC3 HEC B . 8.38 -1.68 6.48
HAC HEC B . 5.99 -4.41 7.79
HBC1 HEC B . 6.28 -2.88 9.50
HBC2 HEC B . 7.61 -2.06 8.68
HBC3 HEC B . 7.84 -3.69 9.32
HMD1 HEC B . 2.33 -5.26 9.27
HMD2 HEC B . 2.30 -6.42 7.93
HMD3 HEC B . 0.86 -6.18 8.92
HAD1 HEC B . -1.09 -6.01 7.96
HAD2 HEC B . -2.05 -5.01 6.88
HBD1 HEC B . -2.39 -3.36 8.48
HBD2 HEC B . -0.94 -3.79 9.37
C2 4NL C . -8.49 0.31 -9.49
C6 4NL C . -8.10 2.27 -8.17
C3 4NL C . -7.15 0.31 -9.88
C4 4NL C . -6.30 1.30 -9.41
C5 4NL C . -6.78 2.28 -8.55
C1 4NL C . -8.96 1.29 -8.62
N1 4NL C . -10.35 1.27 -8.21
O1 4NL C . -4.96 1.31 -9.83
H2 4NL C . -6.78 -0.47 -10.59
H6 4NL C . -10.80 0.38 -7.96
H3 4NL C . -6.09 3.08 -8.19
H5 4NL C . -4.46 2.00 -9.31
H4 4NL C . -8.49 3.07 -7.47
H1 4NL C . -9.18 -0.48 -9.87
H7 4NL C . -10.88 2.15 -8.15
N THR A 1 -3.65 17.15 -1.31
CA THR A 1 -4.12 16.33 -2.45
C THR A 1 -3.75 17.06 -3.73
N GLU A 2 -2.59 16.72 -4.30
CA GLU A 2 -2.09 17.34 -5.54
C GLU A 2 -1.38 16.23 -6.30
N PHE A 3 -2.16 15.29 -6.84
CA PHE A 3 -1.64 14.15 -7.61
C PHE A 3 -1.15 14.58 -9.01
N LYS A 4 -0.15 13.84 -9.48
CA LYS A 4 0.49 14.03 -10.79
C LYS A 4 1.13 12.69 -11.17
N ALA A 5 0.78 12.21 -12.35
CA ALA A 5 1.27 10.94 -12.88
C ALA A 5 2.81 10.81 -12.81
N GLY A 6 3.27 9.59 -12.51
CA GLY A 6 4.70 9.28 -12.39
C GLY A 6 5.20 8.40 -13.55
N SER A 7 6.07 7.46 -13.21
CA SER A 7 6.67 6.51 -14.15
C SER A 7 7.17 5.26 -13.42
N ALA A 8 6.91 4.09 -13.98
CA ALA A 8 7.36 2.81 -13.41
C ALA A 8 8.86 2.80 -12.98
N LYS A 9 9.75 3.45 -13.74
CA LYS A 9 11.19 3.49 -13.42
C LYS A 9 11.59 4.48 -12.29
N LYS A 10 10.61 5.16 -11.70
CA LYS A 10 10.86 6.12 -10.59
C LYS A 10 10.18 5.64 -9.31
N GLY A 11 8.90 5.28 -9.42
CA GLY A 11 8.17 4.73 -8.26
C GLY A 11 8.82 3.46 -7.70
N ALA A 12 9.50 2.68 -8.57
CA ALA A 12 10.19 1.46 -8.16
C ALA A 12 11.30 1.72 -7.12
N THR A 13 12.18 2.71 -7.34
CA THR A 13 13.23 3.04 -6.35
C THR A 13 12.67 3.29 -4.95
N LEU A 14 11.49 3.91 -4.85
CA LEU A 14 10.81 4.20 -3.58
C LEU A 14 10.39 2.91 -2.89
N PHE A 15 9.28 2.31 -3.33
CA PHE A 15 8.77 1.03 -2.81
C PHE A 15 9.89 0.03 -2.49
N LYS A 16 10.93 -0.02 -3.33
CA LYS A 16 12.06 -0.94 -3.19
C LYS A 16 12.84 -0.82 -1.85
N THR A 17 12.76 0.36 -1.20
CA THR A 17 13.44 0.66 0.08
C THR A 17 12.51 1.47 1.05
N ARG A 18 11.19 1.27 0.86
CA ARG A 18 10.12 1.92 1.66
C ARG A 18 8.96 0.96 1.97
N CYS A 19 8.81 -0.08 1.13
CA CYS A 19 7.73 -1.06 1.27
C CYS A 19 8.28 -2.49 1.12
N LEU A 20 9.17 -2.71 0.16
CA LEU A 20 9.79 -4.03 -0.11
C LEU A 20 10.25 -4.76 1.18
N GLN A 21 10.80 -4.00 2.15
CA GLN A 21 11.27 -4.52 3.44
C GLN A 21 10.33 -5.55 4.10
N CYS A 22 9.01 -5.38 3.97
CA CYS A 22 8.01 -6.28 4.57
C CYS A 22 7.00 -6.88 3.55
N HIS A 23 6.65 -6.13 2.51
CA HIS A 23 5.64 -6.52 1.50
C HIS A 23 6.22 -7.17 0.23
N THR A 24 5.30 -7.52 -0.66
CA THR A 24 5.59 -8.14 -1.96
C THR A 24 4.79 -7.39 -3.07
N VAL A 25 5.51 -6.85 -4.08
CA VAL A 25 4.89 -6.08 -5.20
C VAL A 25 4.19 -6.96 -6.27
N GLU A 26 4.67 -8.18 -6.42
CA GLU A 26 4.16 -9.16 -7.40
C GLU A 26 3.58 -10.36 -6.63
N LYS A 27 3.07 -11.40 -7.32
CA LYS A 27 2.53 -12.57 -6.61
C LYS A 27 3.47 -13.79 -6.53
N GLY A 28 4.78 -13.60 -6.67
CA GLY A 28 5.73 -14.72 -6.59
C GLY A 28 6.44 -14.82 -5.22
N GLY A 29 6.54 -13.69 -4.51
CA GLY A 29 7.19 -13.62 -3.20
C GLY A 29 6.27 -14.05 -2.05
N PRO A 30 6.72 -14.95 -1.18
CA PRO A 30 5.91 -15.39 -0.03
C PRO A 30 5.58 -14.22 0.92
N HIS A 31 4.46 -14.35 1.63
CA HIS A 31 4.03 -13.32 2.58
C HIS A 31 5.11 -13.12 3.66
N LYS A 32 5.60 -11.89 3.82
CA LYS A 32 6.63 -11.57 4.82
C LYS A 32 6.00 -10.81 6.01
N VAL A 33 6.71 -9.82 6.58
CA VAL A 33 6.20 -9.00 7.69
C VAL A 33 4.90 -8.29 7.29
N GLY A 34 4.69 -8.14 5.97
CA GLY A 34 3.50 -7.51 5.38
C GLY A 34 2.84 -8.40 4.31
N PRO A 35 1.52 -8.24 4.09
CA PRO A 35 0.77 -9.04 3.09
C PRO A 35 1.13 -8.70 1.62
N ASN A 36 0.63 -9.51 0.70
CA ASN A 36 0.88 -9.28 -0.73
C ASN A 36 -0.02 -8.10 -1.22
N LEU A 37 0.61 -7.11 -1.88
CA LEU A 37 -0.04 -5.87 -2.37
C LEU A 37 -0.54 -5.99 -3.85
N HIS A 38 -0.05 -7.00 -4.59
CA HIS A 38 -0.41 -7.30 -5.99
C HIS A 38 -1.90 -7.65 -6.12
N GLY A 39 -2.72 -6.63 -6.43
CA GLY A 39 -4.17 -6.78 -6.58
C GLY A 39 -5.01 -5.99 -5.57
N ILE A 40 -4.41 -5.07 -4.81
CA ILE A 40 -5.18 -4.27 -3.84
C ILE A 40 -6.20 -3.35 -4.50
N PHE A 41 -5.84 -2.68 -5.61
CA PHE A 41 -6.74 -1.78 -6.33
C PHE A 41 -8.05 -2.47 -6.74
N GLY A 42 -9.14 -2.08 -6.06
CA GLY A 42 -10.49 -2.59 -6.29
C GLY A 42 -10.97 -3.59 -5.22
N ARG A 43 -10.13 -3.88 -4.22
CA ARG A 43 -10.44 -4.83 -3.13
C ARG A 43 -10.66 -4.06 -1.82
N HIS A 44 -10.95 -4.79 -0.76
CA HIS A 44 -11.20 -4.20 0.56
C HIS A 44 -10.02 -4.46 1.48
N SER A 45 -9.92 -3.68 2.57
CA SER A 45 -8.83 -3.85 3.55
C SER A 45 -8.93 -5.20 4.24
N GLY A 46 -7.79 -5.90 4.34
CA GLY A 46 -7.74 -7.21 4.98
C GLY A 46 -8.05 -8.42 4.08
N GLN A 47 -7.56 -8.47 2.81
CA GLN A 47 -7.83 -9.63 1.92
C GLN A 47 -6.59 -10.40 1.35
N ALA A 48 -5.50 -10.55 2.13
CA ALA A 48 -4.31 -11.29 1.67
C ALA A 48 -4.53 -12.82 1.51
N GLU A 49 -4.02 -13.38 0.40
CA GLU A 49 -4.15 -14.82 0.06
C GLU A 49 -3.21 -15.72 0.92
N GLY A 50 -3.51 -15.77 2.24
CA GLY A 50 -2.74 -16.58 3.22
C GLY A 50 -2.08 -15.79 4.38
N TYR A 51 -2.54 -14.55 4.61
CA TYR A 51 -1.99 -13.67 5.68
C TYR A 51 -3.12 -13.02 6.54
N SER A 52 -2.86 -12.91 7.85
CA SER A 52 -3.83 -12.36 8.83
C SER A 52 -3.64 -10.84 9.09
N TYR A 53 -4.77 -10.17 9.33
CA TYR A 53 -4.89 -8.72 9.60
C TYR A 53 -5.41 -8.42 11.06
N THR A 54 -5.25 -7.18 11.56
CA THR A 54 -5.70 -6.76 12.92
C THR A 54 -7.22 -6.61 13.05
N ASP A 55 -7.72 -6.70 14.28
CA ASP A 55 -9.15 -6.57 14.61
C ASP A 55 -9.78 -5.30 13.97
N ALA A 56 -9.00 -4.22 13.89
CA ALA A 56 -9.43 -2.92 13.36
C ALA A 56 -9.32 -2.81 11.81
N ASN A 57 -8.32 -3.44 11.18
CA ASN A 57 -8.15 -3.37 9.72
C ASN A 57 -9.27 -4.12 8.97
N ILE A 58 -9.73 -5.25 9.53
CA ILE A 58 -10.83 -6.04 8.96
C ILE A 58 -12.15 -5.25 9.01
N LYS A 59 -12.68 -4.98 10.20
CA LYS A 59 -13.84 -4.07 10.40
C LYS A 59 -13.83 -2.82 9.49
N LYS A 60 -12.64 -2.44 8.99
CA LYS A 60 -12.42 -1.23 8.18
C LYS A 60 -12.84 -1.37 6.71
N ASN A 61 -12.62 -2.56 6.11
CA ASN A 61 -12.91 -2.97 4.71
C ASN A 61 -12.93 -1.82 3.70
N VAL A 62 -11.88 -0.98 3.72
CA VAL A 62 -11.79 0.15 2.80
C VAL A 62 -11.58 -0.34 1.38
N LEU A 63 -12.24 0.28 0.41
CA LEU A 63 -12.10 -0.11 -0.99
C LEU A 63 -10.87 0.61 -1.58
N TRP A 64 -9.75 -0.11 -1.65
CA TRP A 64 -8.48 0.43 -2.15
C TRP A 64 -8.62 0.96 -3.58
N ASP A 65 -8.52 2.28 -3.69
CA ASP A 65 -8.63 3.06 -4.94
C ASP A 65 -7.35 3.91 -5.12
N GLU A 66 -7.35 4.77 -6.16
CA GLU A 66 -6.22 5.63 -6.48
C GLU A 66 -5.99 6.65 -5.36
N ASN A 67 -7.03 7.40 -4.98
CA ASN A 67 -6.96 8.39 -3.91
C ASN A 67 -7.01 7.72 -2.51
N ASN A 68 -7.95 6.79 -2.28
CA ASN A 68 -8.10 6.09 -0.98
C ASN A 68 -6.78 5.47 -0.45
N MET A 69 -5.99 4.76 -1.26
CA MET A 69 -4.70 4.20 -0.80
C MET A 69 -3.82 5.27 -0.09
N SER A 70 -3.84 6.51 -0.59
CA SER A 70 -3.07 7.63 0.02
C SER A 70 -3.64 8.05 1.39
N GLU A 71 -4.97 8.05 1.54
CA GLU A 71 -5.65 8.40 2.79
C GLU A 71 -5.06 7.59 3.97
N TYR A 72 -4.73 6.31 3.70
CA TYR A 72 -4.13 5.37 4.65
C TYR A 72 -2.60 5.39 4.62
N LEU A 73 -1.95 5.43 3.44
CA LEU A 73 -0.49 5.48 3.37
C LEU A 73 0.15 6.64 4.15
N THR A 74 -0.47 7.83 4.15
CA THR A 74 0.06 9.01 4.88
C THR A 74 0.19 8.74 6.39
N ASN A 75 -0.64 7.83 6.93
CA ASN A 75 -0.58 7.45 8.34
C ASN A 75 -1.45 6.20 8.64
N PRO A 76 -0.89 4.99 8.48
CA PRO A 76 -1.63 3.73 8.72
C PRO A 76 -2.12 3.58 10.18
N LYS A 77 -1.25 3.91 11.12
CA LYS A 77 -1.55 3.81 12.57
C LYS A 77 -2.65 4.79 13.00
N LYS A 78 -2.69 5.98 12.39
CA LYS A 78 -3.72 6.98 12.72
C LYS A 78 -5.09 6.60 12.13
N TYR A 79 -5.12 6.06 10.91
CA TYR A 79 -6.35 5.61 10.24
C TYR A 79 -6.97 4.35 10.88
N ILE A 80 -6.16 3.30 11.02
CA ILE A 80 -6.55 2.03 11.63
C ILE A 80 -5.93 1.96 13.04
N PRO A 81 -6.70 2.32 14.08
CA PRO A 81 -6.25 2.31 15.47
C PRO A 81 -5.99 0.88 15.98
N GLY A 82 -4.73 0.49 15.98
CA GLY A 82 -4.34 -0.86 16.43
C GLY A 82 -3.55 -1.67 15.38
N THR A 83 -3.48 -1.19 14.14
CA THR A 83 -2.77 -1.85 13.02
C THR A 83 -1.29 -2.09 13.29
N LYS A 84 -0.76 -3.20 12.75
CA LYS A 84 0.63 -3.59 12.93
C LYS A 84 1.57 -3.08 11.81
N MET A 85 1.12 -2.18 10.93
CA MET A 85 1.95 -1.66 9.84
C MET A 85 2.92 -0.56 10.34
N ALA A 86 4.14 -0.98 10.65
CA ALA A 86 5.23 -0.13 11.15
C ALA A 86 6.12 0.51 10.07
N PHE A 87 5.60 1.62 9.50
CA PHE A 87 6.21 2.45 8.46
C PHE A 87 6.12 3.99 8.75
N GLY A 88 5.22 4.44 9.64
CA GLY A 88 5.10 5.88 9.96
C GLY A 88 4.16 6.67 9.03
N GLY A 89 4.23 6.41 7.71
CA GLY A 89 3.37 7.06 6.71
C GLY A 89 4.09 8.16 5.90
N LEU A 90 3.96 8.10 4.57
CA LEU A 90 4.57 9.07 3.64
C LEU A 90 3.70 10.35 3.55
N LYS A 91 4.08 11.32 4.39
CA LYS A 91 3.45 12.65 4.53
C LYS A 91 3.64 13.56 3.30
N LYS A 92 4.51 13.16 2.37
CA LYS A 92 4.81 13.94 1.15
C LYS A 92 4.01 13.45 -0.07
N GLU A 93 3.15 14.30 -0.60
CA GLU A 93 2.31 14.01 -1.78
C GLU A 93 3.10 13.67 -3.06
N LYS A 94 4.16 14.43 -3.36
CA LYS A 94 4.99 14.19 -4.56
C LYS A 94 5.53 12.75 -4.59
N ASP A 95 5.99 12.32 -3.42
CA ASP A 95 6.51 10.99 -3.14
C ASP A 95 5.47 9.89 -3.43
N ARG A 96 4.21 10.06 -2.98
CA ARG A 96 3.12 9.07 -3.29
C ARG A 96 2.69 9.16 -4.76
N ASN A 97 2.66 10.36 -5.36
CA ASN A 97 2.27 10.55 -6.76
C ASN A 97 2.94 9.51 -7.70
N ASP A 98 4.28 9.45 -7.70
CA ASP A 98 5.04 8.48 -8.51
C ASP A 98 4.80 7.01 -8.04
N LEU A 99 4.72 6.79 -6.71
CA LEU A 99 4.45 5.45 -6.13
C LEU A 99 3.13 4.83 -6.63
N ILE A 100 2.07 5.66 -6.78
CA ILE A 100 0.77 5.23 -7.28
C ILE A 100 0.90 4.71 -8.72
N THR A 101 1.48 5.52 -9.62
CA THR A 101 1.69 5.13 -11.03
C THR A 101 2.46 3.81 -11.16
N TYR A 102 3.48 3.59 -10.33
CA TYR A 102 4.24 2.33 -10.33
C TYR A 102 3.35 1.13 -9.97
N LEU A 103 2.70 1.16 -8.79
CA LEU A 103 1.80 0.08 -8.35
C LEU A 103 0.62 -0.11 -9.30
N LYS A 104 0.07 1.02 -9.76
CA LYS A 104 -1.03 1.07 -10.70
C LYS A 104 -0.64 0.34 -12.00
N LYS A 105 0.61 0.50 -12.48
CA LYS A 105 1.13 -0.14 -13.73
C LYS A 105 1.38 -1.67 -13.62
N ALA A 106 1.71 -2.08 -12.42
CA ALA A 106 1.98 -3.46 -11.99
C ALA A 106 0.68 -4.29 -11.76
N THR A 107 -0.37 -3.65 -11.21
CA THR A 107 -1.68 -4.27 -10.95
C THR A 107 -2.56 -4.27 -12.23
N GLU A 108 -2.53 -3.19 -13.00
CA GLU A 108 -3.33 -3.10 -14.25
C GLU A 108 -2.45 -2.73 -15.46
FE HEC B . 2.11 -1.78 4.49
CHA HEC B . -0.97 -3.25 5.17
CHB HEC B . 0.85 -0.43 1.56
CHC HEC B . 5.19 -0.33 3.85
CHD HEC B . 3.53 -3.59 7.10
NA HEC B . 0.29 -1.79 3.56
C1A HEC B . -0.89 -2.42 4.02
C2A HEC B . -1.92 -2.24 3.07
C3A HEC B . -1.41 -1.48 2.03
C4A HEC B . -0.05 -1.21 2.33
CMA HEC B . -2.17 -1.06 0.80
CAA HEC B . -3.32 -2.76 3.17
CBA HEC B . -3.44 -4.26 2.87
CGA HEC B . -4.88 -4.76 3.06
O1A HEC B . -5.63 -4.12 3.82
O2A HEC B . -5.23 -5.82 2.51
NB HEC B . 2.86 -0.58 3.01
C1B HEC B . 2.21 -0.15 1.86
C2B HEC B . 3.08 0.64 1.07
C3B HEC B . 4.29 0.73 1.74
C4B HEC B . 4.14 -0.02 2.96
CMB HEC B . 2.80 1.12 -0.34
CAB HEC B . 5.51 1.52 1.38
CBB HEC B . 5.26 3.03 1.39
NC HEC B . 3.98 -1.87 5.35
C1C HEC B . 5.12 -1.17 4.97
C2C HEC B . 6.26 -1.60 5.73
C3C HEC B . 5.82 -2.59 6.60
C4C HEC B . 4.40 -2.74 6.37
CMC HEC B . 7.66 -1.10 5.56
CAC HEC B . 6.66 -3.52 7.41
CBC HEC B . 7.18 -2.88 8.70
ND HEC B . 1.40 -3.09 5.90
C1D HEC B . 2.14 -3.77 6.88
C2D HEC B . 1.31 -4.63 7.62
C3D HEC B . 0.00 -4.49 7.16
C4D HEC B . 0.07 -3.54 6.08
CMD HEC B . 1.80 -5.68 8.57
CAD HEC B . -1.23 -5.08 7.79
CBD HEC B . -1.73 -4.24 8.97
CGD HEC B . -2.53 -5.02 10.01
O1D HEC B . -3.11 -6.08 9.73
O2D HEC B . -2.54 -4.54 11.17
HHA HEC B . -1.99 -3.59 5.46
HHB HEC B . 0.47 -0.06 0.60
HHC HEC B . 6.13 0.25 3.73
HHD HEC B . 4.00 -4.25 7.85
HMA1 HEC B . -2.44 -0.01 0.88
HMA2 HEC B . -3.08 -1.64 0.71
HMA3 HEC B . -1.57 -1.20 -0.08
HAA1 HEC B . -3.95 -2.22 2.47
HAA2 HEC B . -3.69 -2.59 4.18
HBA1 HEC B . -2.79 -4.81 3.53
HBA2 HEC B . -3.14 -4.44 1.85
HMB1 HEC B . 1.77 0.91 -0.59
HMB2 HEC B . 3.44 0.59 -1.04
HMB3 HEC B . 2.98 2.18 -0.40
HAB HEC B . 6.24 1.34 2.14
HBB1 HEC B . 4.44 3.24 2.08
HBB2 HEC B . 5.00 3.39 0.41
HBB3 HEC B . 6.15 3.54 1.73
HMC1 HEC B . 7.70 -0.03 5.75
HMC2 HEC B . 7.98 -1.28 4.54
HMC3 HEC B . 8.32 -1.60 6.24
HAC HEC B . 6.03 -4.34 7.72
HBC1 HEC B . 6.34 -2.73 9.36
HBC2 HEC B . 7.62 -1.92 8.47
HBC3 HEC B . 7.90 -3.51 9.18
HMD1 HEC B . 2.42 -5.21 9.32
HMD2 HEC B . 2.40 -6.41 8.02
HMD3 HEC B . 0.97 -6.18 9.05
HAD1 HEC B . -1.01 -6.08 8.13
HAD2 HEC B . -2.01 -5.13 7.04
HBD1 HEC B . -2.35 -3.44 8.59
HBD2 HEC B . -0.86 -3.81 9.45
C2 4NL C . -7.67 0.82 -10.16
C6 4NL C . -7.57 2.45 -8.40
C3 4NL C . -6.30 0.92 -10.32
C4 4NL C . -5.56 1.79 -9.52
C5 4NL C . -6.20 2.55 -8.56
C1 4NL C . -8.31 1.60 -9.19
N1 4NL C . -9.74 1.48 -9.01
O1 4NL C . -4.17 1.90 -9.70
H2 4NL C . -5.78 0.32 -11.10
H6 4NL C . -10.28 2.29 -8.67
H3 4NL C . -5.61 3.26 -7.92
H5 4NL C . -3.79 2.47 -8.99
H4 4NL C . -8.10 3.08 -7.62
H1 4NL C . -8.27 0.14 -10.81
H7 4NL C . -10.22 0.59 -9.22
N THR A 1 -4.09 17.26 -2.48
CA THR A 1 -4.87 16.74 -3.61
C THR A 1 -4.27 17.32 -4.89
N GLU A 2 -2.97 17.14 -5.08
CA GLU A 2 -2.25 17.65 -6.26
C GLU A 2 -1.48 16.47 -6.82
N PHE A 3 -2.22 15.44 -7.28
CA PHE A 3 -1.63 14.23 -7.86
C PHE A 3 -1.06 14.49 -9.28
N LYS A 4 0.25 14.27 -9.37
CA LYS A 4 1.03 14.39 -10.60
C LYS A 4 1.51 13.00 -10.98
N ALA A 5 1.11 12.56 -12.17
CA ALA A 5 1.46 11.23 -12.70
C ALA A 5 2.98 10.96 -12.69
N GLY A 6 3.33 9.70 -12.43
CA GLY A 6 4.72 9.25 -12.36
C GLY A 6 5.08 8.30 -13.52
N SER A 7 5.90 7.30 -13.20
CA SER A 7 6.36 6.29 -14.16
C SER A 7 6.85 5.05 -13.41
N ALA A 8 6.56 3.87 -13.96
CA ALA A 8 6.97 2.59 -13.37
C ALA A 8 8.48 2.56 -12.94
N LYS A 9 9.40 3.10 -13.76
CA LYS A 9 10.84 3.12 -13.44
C LYS A 9 11.28 4.19 -12.41
N LYS A 10 10.33 4.96 -11.86
CA LYS A 10 10.63 5.99 -10.85
C LYS A 10 10.03 5.59 -9.50
N GLY A 11 8.72 5.33 -9.47
CA GLY A 11 8.06 4.90 -8.24
C GLY A 11 8.67 3.61 -7.67
N ALA A 12 9.24 2.77 -8.54
CA ALA A 12 9.90 1.52 -8.13
C ALA A 12 11.02 1.74 -7.11
N THR A 13 11.94 2.70 -7.35
CA THR A 13 13.02 2.99 -6.39
C THR A 13 12.50 3.25 -4.96
N LEU A 14 11.33 3.91 -4.84
CA LEU A 14 10.70 4.22 -3.54
C LEU A 14 10.25 2.94 -2.85
N PHE A 15 9.11 2.39 -3.27
CA PHE A 15 8.55 1.13 -2.74
C PHE A 15 9.65 0.08 -2.46
N LYS A 16 10.67 0.01 -3.33
CA LYS A 16 11.76 -0.97 -3.23
C LYS A 16 12.63 -0.83 -1.94
N THR A 17 12.60 0.35 -1.30
CA THR A 17 13.37 0.65 -0.07
C THR A 17 12.48 1.40 0.98
N ARG A 18 11.16 1.26 0.81
CA ARG A 18 10.12 1.88 1.68
C ARG A 18 9.00 0.89 2.04
N CYS A 19 8.80 -0.11 1.19
CA CYS A 19 7.73 -1.10 1.37
C CYS A 19 8.25 -2.54 1.20
N LEU A 20 9.17 -2.74 0.25
CA LEU A 20 9.79 -4.04 -0.03
C LEU A 20 10.25 -4.79 1.24
N GLN A 21 10.79 -4.06 2.21
CA GLN A 21 11.27 -4.59 3.50
C GLN A 21 10.34 -5.65 4.14
N CYS A 22 9.02 -5.47 4.04
CA CYS A 22 8.02 -6.39 4.61
C CYS A 22 7.02 -6.99 3.58
N HIS A 23 6.65 -6.21 2.55
CA HIS A 23 5.66 -6.60 1.53
C HIS A 23 6.27 -7.21 0.25
N THR A 24 5.37 -7.55 -0.67
CA THR A 24 5.69 -8.12 -1.97
C THR A 24 4.85 -7.41 -3.07
N VAL A 25 5.52 -6.84 -4.08
CA VAL A 25 4.86 -6.07 -5.18
C VAL A 25 4.19 -6.95 -6.25
N GLU A 26 4.70 -8.16 -6.42
CA GLU A 26 4.22 -9.14 -7.40
C GLU A 26 3.73 -10.40 -6.64
N LYS A 27 3.29 -11.46 -7.33
CA LYS A 27 2.82 -12.66 -6.63
C LYS A 27 3.82 -13.83 -6.56
N GLY A 28 5.13 -13.56 -6.71
CA GLY A 28 6.14 -14.63 -6.64
C GLY A 28 6.77 -14.78 -5.24
N GLY A 29 6.75 -13.69 -4.45
CA GLY A 29 7.31 -13.67 -3.10
C GLY A 29 6.29 -14.06 -2.04
N PRO A 30 6.58 -15.04 -1.18
CA PRO A 30 5.65 -15.44 -0.11
C PRO A 30 5.38 -14.29 0.87
N HIS A 31 4.25 -14.38 1.57
CA HIS A 31 3.87 -13.37 2.55
C HIS A 31 4.95 -13.24 3.63
N LYS A 32 5.60 -12.08 3.71
CA LYS A 32 6.67 -11.82 4.69
C LYS A 32 6.10 -11.09 5.93
N VAL A 33 6.78 -10.05 6.42
CA VAL A 33 6.34 -9.25 7.58
C VAL A 33 4.98 -8.58 7.27
N GLY A 34 4.70 -8.41 5.96
CA GLY A 34 3.45 -7.81 5.46
C GLY A 34 2.80 -8.66 4.36
N PRO A 35 1.50 -8.46 4.11
CA PRO A 35 0.75 -9.21 3.08
C PRO A 35 1.15 -8.86 1.64
N ASN A 36 0.73 -9.67 0.69
CA ASN A 36 1.03 -9.45 -0.73
C ASN A 36 0.09 -8.33 -1.28
N LEU A 37 0.69 -7.25 -1.82
CA LEU A 37 0.00 -6.04 -2.32
C LEU A 37 -0.45 -6.17 -3.81
N HIS A 38 0.00 -7.23 -4.50
CA HIS A 38 -0.31 -7.53 -5.91
C HIS A 38 -1.82 -7.79 -6.11
N GLY A 39 -2.56 -6.73 -6.47
CA GLY A 39 -4.00 -6.79 -6.70
C GLY A 39 -4.86 -6.09 -5.64
N ILE A 40 -4.30 -5.13 -4.88
CA ILE A 40 -5.10 -4.42 -3.87
C ILE A 40 -6.13 -3.47 -4.49
N PHE A 41 -5.79 -2.78 -5.60
CA PHE A 41 -6.70 -1.82 -6.24
C PHE A 41 -8.00 -2.48 -6.74
N GLY A 42 -9.10 -2.13 -6.07
CA GLY A 42 -10.44 -2.64 -6.35
C GLY A 42 -11.00 -3.58 -5.26
N ARG A 43 -10.18 -3.90 -4.25
CA ARG A 43 -10.56 -4.79 -3.13
C ARG A 43 -10.65 -3.98 -1.82
N HIS A 44 -11.07 -4.64 -0.77
CA HIS A 44 -11.22 -4.00 0.55
C HIS A 44 -10.03 -4.34 1.43
N SER A 45 -9.92 -3.69 2.60
CA SER A 45 -8.82 -3.94 3.54
C SER A 45 -8.96 -5.32 4.17
N GLY A 46 -7.81 -5.98 4.37
CA GLY A 46 -7.77 -7.32 4.97
C GLY A 46 -8.14 -8.51 4.06
N GLN A 47 -7.65 -8.55 2.79
CA GLN A 47 -7.99 -9.68 1.87
C GLN A 47 -6.79 -10.46 1.26
N ALA A 48 -5.64 -10.55 1.93
CA ALA A 48 -4.47 -11.29 1.42
C ALA A 48 -4.70 -12.83 1.28
N GLU A 49 -4.19 -13.41 0.18
CA GLU A 49 -4.33 -14.85 -0.14
C GLU A 49 -3.36 -15.74 0.71
N GLY A 50 -3.66 -15.85 2.02
CA GLY A 50 -2.88 -16.68 2.97
C GLY A 50 -2.22 -15.90 4.12
N TYR A 51 -2.74 -14.72 4.48
CA TYR A 51 -2.20 -13.88 5.56
C TYR A 51 -3.31 -13.25 6.44
N SER A 52 -3.04 -13.17 7.76
CA SER A 52 -3.98 -12.62 8.76
C SER A 52 -3.75 -11.13 9.08
N TYR A 53 -4.88 -10.41 9.26
CA TYR A 53 -4.98 -8.98 9.59
C TYR A 53 -5.51 -8.73 11.05
N THR A 54 -5.31 -7.50 11.60
CA THR A 54 -5.77 -7.13 12.97
C THR A 54 -7.28 -6.91 13.08
N ASP A 55 -7.77 -6.83 14.32
CA ASP A 55 -9.19 -6.62 14.63
C ASP A 55 -9.75 -5.34 13.97
N ALA A 56 -8.90 -4.30 13.89
CA ALA A 56 -9.27 -2.99 13.34
C ALA A 56 -9.16 -2.89 11.80
N ASN A 57 -8.18 -3.57 11.17
CA ASN A 57 -7.98 -3.50 9.71
C ASN A 57 -9.11 -4.24 8.95
N ILE A 58 -9.57 -5.36 9.50
CA ILE A 58 -10.66 -6.17 8.89
C ILE A 58 -11.99 -5.41 8.96
N LYS A 59 -12.57 -5.22 10.16
CA LYS A 59 -13.75 -4.36 10.39
C LYS A 59 -13.77 -3.07 9.52
N LYS A 60 -12.60 -2.64 9.04
CA LYS A 60 -12.41 -1.39 8.27
C LYS A 60 -12.76 -1.51 6.78
N ASN A 61 -12.48 -2.69 6.17
CA ASN A 61 -12.70 -3.08 4.75
C ASN A 61 -12.75 -1.89 3.77
N VAL A 62 -11.72 -1.04 3.80
CA VAL A 62 -11.68 0.13 2.92
C VAL A 62 -11.44 -0.29 1.48
N LEU A 63 -12.14 0.34 0.54
CA LEU A 63 -11.98 0.00 -0.87
C LEU A 63 -10.75 0.75 -1.43
N TRP A 64 -9.64 0.03 -1.54
CA TRP A 64 -8.38 0.58 -2.04
C TRP A 64 -8.53 1.12 -3.47
N ASP A 65 -8.46 2.44 -3.58
CA ASP A 65 -8.60 3.21 -4.82
C ASP A 65 -7.31 4.04 -5.05
N GLU A 66 -7.31 4.88 -6.08
CA GLU A 66 -6.16 5.71 -6.46
C GLU A 66 -5.82 6.71 -5.34
N ASN A 67 -6.82 7.47 -4.88
CA ASN A 67 -6.65 8.43 -3.80
C ASN A 67 -6.64 7.74 -2.40
N ASN A 68 -7.58 6.83 -2.14
CA ASN A 68 -7.66 6.10 -0.85
C ASN A 68 -6.30 5.51 -0.37
N MET A 69 -5.52 4.86 -1.24
CA MET A 69 -4.20 4.34 -0.84
C MET A 69 -3.34 5.41 -0.10
N SER A 70 -3.40 6.67 -0.55
CA SER A 70 -2.68 7.79 0.10
C SER A 70 -3.24 8.11 1.50
N GLU A 71 -4.56 8.02 1.68
CA GLU A 71 -5.23 8.23 2.97
C GLU A 71 -4.57 7.35 4.07
N TYR A 72 -4.25 6.10 3.69
CA TYR A 72 -3.61 5.10 4.56
C TYR A 72 -2.09 5.29 4.67
N LEU A 73 -1.38 5.56 3.57
CA LEU A 73 0.07 5.76 3.62
C LEU A 73 0.51 6.99 4.45
N THR A 74 -0.22 8.11 4.37
CA THR A 74 0.12 9.32 5.13
C THR A 74 0.15 9.07 6.65
N ASN A 75 -0.75 8.21 7.15
CA ASN A 75 -0.79 7.86 8.59
C ASN A 75 -1.64 6.58 8.83
N PRO A 76 -1.01 5.39 8.77
CA PRO A 76 -1.70 4.11 8.98
C PRO A 76 -2.35 3.98 10.38
N LYS A 77 -1.63 4.45 11.40
CA LYS A 77 -2.10 4.43 12.80
C LYS A 77 -3.38 5.26 12.98
N LYS A 78 -3.50 6.38 12.26
CA LYS A 78 -4.69 7.23 12.36
C LYS A 78 -5.87 6.66 11.55
N TYR A 79 -5.60 6.11 10.37
CA TYR A 79 -6.63 5.49 9.51
C TYR A 79 -7.16 4.14 10.05
N ILE A 80 -6.24 3.32 10.59
CA ILE A 80 -6.55 2.02 11.16
C ILE A 80 -5.85 1.93 12.54
N PRO A 81 -6.58 2.30 13.61
CA PRO A 81 -6.05 2.27 14.98
C PRO A 81 -5.79 0.85 15.51
N GLY A 82 -4.51 0.50 15.63
CA GLY A 82 -4.13 -0.84 16.11
C GLY A 82 -3.48 -1.74 15.05
N THR A 83 -3.28 -1.22 13.82
CA THR A 83 -2.69 -1.97 12.69
C THR A 83 -1.19 -2.22 12.83
N LYS A 84 -0.73 -3.36 12.33
CA LYS A 84 0.68 -3.76 12.37
C LYS A 84 1.60 -2.88 11.49
N MET A 85 1.06 -2.21 10.46
CA MET A 85 1.88 -1.37 9.58
C MET A 85 2.41 -0.10 10.30
N ALA A 86 3.70 -0.15 10.64
CA ALA A 86 4.41 0.92 11.36
C ALA A 86 5.70 1.43 10.68
N PHE A 87 5.54 1.78 9.39
CA PHE A 87 6.56 2.33 8.48
C PHE A 87 6.72 3.88 8.53
N GLY A 88 6.26 4.54 9.61
CA GLY A 88 6.39 6.00 9.72
C GLY A 88 5.28 6.81 9.05
N GLY A 89 4.87 6.41 7.82
CA GLY A 89 3.82 7.10 7.06
C GLY A 89 4.35 8.17 6.08
N LEU A 90 4.27 7.87 4.77
CA LEU A 90 4.73 8.77 3.70
C LEU A 90 3.76 9.95 3.52
N LYS A 91 3.90 10.92 4.43
CA LYS A 91 3.11 12.16 4.52
C LYS A 91 3.30 13.11 3.32
N LYS A 92 4.40 12.95 2.58
CA LYS A 92 4.73 13.78 1.40
C LYS A 92 3.96 13.34 0.14
N GLU A 93 3.00 14.16 -0.28
CA GLU A 93 2.19 13.91 -1.49
C GLU A 93 3.01 13.72 -2.78
N LYS A 94 3.96 14.62 -3.07
CA LYS A 94 4.77 14.55 -4.30
C LYS A 94 5.46 13.19 -4.44
N ASP A 95 5.93 12.70 -3.31
CA ASP A 95 6.58 11.41 -3.13
C ASP A 95 5.63 10.23 -3.46
N ARG A 96 4.35 10.30 -3.04
CA ARG A 96 3.35 9.25 -3.37
C ARG A 96 2.89 9.35 -4.83
N ASN A 97 2.74 10.56 -5.37
CA ASN A 97 2.31 10.80 -6.76
C ASN A 97 2.94 9.76 -7.72
N ASP A 98 4.28 9.63 -7.72
CA ASP A 98 5.00 8.65 -8.55
C ASP A 98 4.76 7.20 -8.07
N LEU A 99 4.68 6.96 -6.75
CA LEU A 99 4.42 5.63 -6.15
C LEU A 99 3.08 5.04 -6.63
N ILE A 100 2.04 5.87 -6.78
CA ILE A 100 0.71 5.44 -7.24
C ILE A 100 0.80 4.85 -8.66
N THR A 101 1.42 5.58 -9.60
CA THR A 101 1.62 5.12 -10.98
C THR A 101 2.37 3.78 -11.02
N TYR A 102 3.39 3.60 -10.19
CA TYR A 102 4.14 2.33 -10.12
C TYR A 102 3.26 1.16 -9.66
N LEU A 103 2.61 1.27 -8.50
CA LEU A 103 1.71 0.23 -7.98
C LEU A 103 0.53 -0.04 -8.91
N LYS A 104 -0.06 1.08 -9.38
CA LYS A 104 -1.17 1.06 -10.33
C LYS A 104 -0.78 0.25 -11.58
N LYS A 105 0.46 0.40 -12.09
CA LYS A 105 0.97 -0.31 -13.30
C LYS A 105 1.21 -1.83 -13.12
N ALA A 106 1.54 -2.18 -11.89
CA ALA A 106 1.80 -3.54 -11.38
C ALA A 106 0.48 -4.32 -11.06
N THR A 107 -0.55 -3.63 -10.56
CA THR A 107 -1.88 -4.19 -10.27
C THR A 107 -2.71 -4.34 -11.56
N GLU A 108 -2.64 -3.35 -12.46
CA GLU A 108 -3.40 -3.40 -13.74
C GLU A 108 -2.47 -3.21 -14.95
FE HEC B . 2.05 -1.95 4.58
CHA HEC B . -1.02 -3.47 5.22
CHB HEC B . 0.79 -0.59 1.65
CHC HEC B . 5.12 -0.46 3.96
CHD HEC B . 3.50 -3.78 7.17
NA HEC B . 0.25 -1.98 3.64
C1A HEC B . -0.93 -2.63 4.08
C2A HEC B . -1.96 -2.46 3.12
C3A HEC B . -1.46 -1.67 2.09
C4A HEC B . -0.10 -1.38 2.41
CMA HEC B . -2.22 -1.25 0.87
CAA HEC B . -3.36 -3.00 3.21
CBA HEC B . -3.45 -4.50 2.89
CGA HEC B . -4.88 -5.01 3.08
O1A HEC B . -5.65 -4.38 3.83
O2A HEC B . -5.22 -6.08 2.51
NB HEC B . 2.80 -0.73 3.12
C1B HEC B . 2.14 -0.29 1.96
C2B HEC B . 3.01 0.52 1.18
C3B HEC B . 4.22 0.62 1.87
C4B HEC B . 4.07 -0.15 3.07
CMB HEC B . 2.73 1.00 -0.22
CAB HEC B . 5.43 1.44 1.52
CBB HEC B . 5.16 2.93 1.55
NC HEC B . 3.92 -2.03 5.44
C1C HEC B . 5.07 -1.31 5.08
C2C HEC B . 6.19 -1.74 5.84
C3C HEC B . 5.76 -2.74 6.68
C4C HEC B . 4.35 -2.90 6.46
CMC HEC B . 7.59 -1.20 5.67
CAC HEC B . 6.63 -3.67 7.50
CBC HEC B . 7.12 -3.02 8.79
ND HEC B . 1.35 -3.29 5.97
C1D HEC B . 2.10 -3.97 6.94
C2D HEC B . 1.27 -4.86 7.66
C3D HEC B . -0.02 -4.72 7.19
C4D HEC B . 0.03 -3.76 6.13
CMD HEC B . 1.78 -5.91 8.60
CAD HEC B . -1.26 -5.35 7.81
CBD HEC B . -1.76 -4.52 9.00
CGD HEC B . -2.56 -5.32 10.03
O1D HEC B . -3.13 -6.38 9.73
O2D HEC B . -2.59 -4.87 11.19
HHA HEC B . -2.02 -3.83 5.50
HHB HEC B . 0.41 -0.21 0.69
HHC HEC B . 6.05 0.14 3.86
HHD HEC B . 3.96 -4.44 7.91
HMA1 HEC B . -2.49 -0.20 0.97
HMA2 HEC B . -3.11 -1.85 0.77
HMA3 HEC B . -1.60 -1.38 -0.01
HAA1 HEC B . -3.98 -2.46 2.52
HAA2 HEC B . -3.72 -2.84 4.21
HBA1 HEC B . -2.79 -5.04 3.54
HBA2 HEC B . -3.15 -4.66 1.87
HMB1 HEC B . 1.71 0.79 -0.48
HMB2 HEC B . 3.38 0.50 -0.93
HMB3 HEC B . 2.90 2.07 -0.27
HAB HEC B . 6.15 1.25 2.28
HBB1 HEC B . 4.34 3.13 2.23
HBB2 HEC B . 4.89 3.30 0.57
HBB3 HEC B . 6.04 3.45 1.90
HMC1 HEC B . 7.62 -0.14 5.88
HMC2 HEC B . 7.93 -1.38 4.66
HMC3 HEC B . 8.25 -1.72 6.37
HAC HEC B . 6.00 -4.49 7.79
HBC1 HEC B . 6.28 -2.90 9.45
HBC2 HEC B . 7.55 -2.06 8.58
HBC3 HEC B . 7.85 -3.67 9.26
HMD1 HEC B . 2.40 -5.44 9.36
HMD2 HEC B . 2.39 -6.62 8.05
HMD3 HEC B . 0.97 -6.42 9.07
HAD1 HEC B . -1.02 -6.34 8.15
HAD2 HEC B . -2.03 -5.40 7.06
HBD1 HEC B . -2.39 -3.73 8.63
HBD2 HEC B . -0.91 -4.08 9.50
C2 4NL C . -7.89 0.94 -10.04
C6 4NL C . -7.75 2.54 -8.27
C3 4NL C . -6.52 0.97 -10.20
C4 4NL C . -5.75 1.79 -9.38
C5 4NL C . -6.37 2.57 -8.41
C1 4NL C . -8.51 1.72 -9.08
N1 4NL C . -9.94 1.68 -8.93
O1 4NL C . -4.35 1.83 -9.53
H2 4NL C . -6.02 0.34 -10.98
H6 4NL C . -10.46 2.52 -8.66
H3 4NL C . -5.75 3.24 -7.76
H5 4NL C . -3.96 2.46 -8.87
H4 4NL C . -8.24 3.18 -7.49
H1 4NL C . -8.51 0.28 -10.71
H7 4NL C . -10.45 0.79 -9.07
N THR A 1 -2.34 17.62 -1.09
CA THR A 1 -3.22 17.32 -2.24
C THR A 1 -2.67 18.03 -3.45
N GLU A 2 -1.85 17.35 -4.24
CA GLU A 2 -1.26 17.92 -5.45
C GLU A 2 -0.67 16.74 -6.22
N PHE A 3 -1.55 15.86 -6.72
CA PHE A 3 -1.15 14.66 -7.46
C PHE A 3 -0.81 14.98 -8.94
N LYS A 4 0.01 14.09 -9.50
CA LYS A 4 0.47 14.14 -10.88
C LYS A 4 1.03 12.77 -11.23
N ALA A 5 0.58 12.22 -12.35
CA ALA A 5 1.00 10.90 -12.84
C ALA A 5 2.53 10.73 -12.87
N GLY A 6 2.99 9.52 -12.54
CA GLY A 6 4.42 9.17 -12.51
C GLY A 6 4.79 8.17 -13.61
N SER A 7 5.70 7.26 -13.26
CA SER A 7 6.19 6.21 -14.16
C SER A 7 6.72 5.03 -13.34
N ALA A 8 6.43 3.81 -13.80
CA ALA A 8 6.86 2.58 -13.12
C ALA A 8 8.37 2.57 -12.73
N LYS A 9 9.27 3.06 -13.61
CA LYS A 9 10.73 3.08 -13.32
C LYS A 9 11.18 4.17 -12.32
N LYS A 10 10.24 4.95 -11.78
CA LYS A 10 10.55 6.00 -10.78
C LYS A 10 9.95 5.63 -9.42
N GLY A 11 8.66 5.28 -9.40
CA GLY A 11 8.00 4.86 -8.17
C GLY A 11 8.63 3.58 -7.59
N ALA A 12 9.26 2.77 -8.44
CA ALA A 12 9.95 1.54 -8.02
C ALA A 12 11.09 1.82 -7.01
N THR A 13 11.97 2.80 -7.28
CA THR A 13 13.04 3.14 -6.33
C THR A 13 12.53 3.40 -4.90
N LEU A 14 11.33 4.00 -4.78
CA LEU A 14 10.69 4.30 -3.49
C LEU A 14 10.29 3.00 -2.79
N PHE A 15 9.15 2.42 -3.21
CA PHE A 15 8.64 1.14 -2.69
C PHE A 15 9.77 0.13 -2.40
N LYS A 16 10.76 0.06 -3.30
CA LYS A 16 11.90 -0.86 -3.18
C LYS A 16 12.67 -0.78 -1.83
N THR A 17 12.72 0.42 -1.23
CA THR A 17 13.41 0.68 0.06
C THR A 17 12.50 1.48 1.04
N ARG A 18 11.19 1.26 0.91
CA ARG A 18 10.13 1.91 1.74
C ARG A 18 8.99 0.93 2.09
N CYS A 19 8.72 -0.02 1.19
CA CYS A 19 7.64 -0.98 1.36
C CYS A 19 8.15 -2.42 1.18
N LEU A 20 9.09 -2.63 0.25
CA LEU A 20 9.67 -3.96 -0.04
C LEU A 20 10.14 -4.72 1.22
N GLN A 21 10.73 -3.99 2.18
CA GLN A 21 11.21 -4.54 3.46
C GLN A 21 10.27 -5.58 4.11
N CYS A 22 8.95 -5.40 4.00
CA CYS A 22 7.94 -6.32 4.56
C CYS A 22 6.93 -6.87 3.52
N HIS A 23 6.56 -6.07 2.51
CA HIS A 23 5.57 -6.43 1.48
C HIS A 23 6.20 -7.02 0.19
N THR A 24 5.30 -7.42 -0.70
CA THR A 24 5.63 -7.96 -2.02
C THR A 24 4.76 -7.24 -3.11
N VAL A 25 5.43 -6.69 -4.14
CA VAL A 25 4.74 -5.94 -5.24
C VAL A 25 4.10 -6.86 -6.31
N GLU A 26 4.61 -8.06 -6.44
CA GLU A 26 4.15 -9.08 -7.41
C GLU A 26 3.65 -10.31 -6.64
N LYS A 27 3.25 -11.39 -7.31
CA LYS A 27 2.75 -12.58 -6.59
C LYS A 27 3.74 -13.75 -6.50
N GLY A 28 5.05 -13.50 -6.63
CA GLY A 28 6.05 -14.58 -6.55
C GLY A 28 6.73 -14.68 -5.17
N GLY A 29 6.76 -13.56 -4.42
CA GLY A 29 7.37 -13.50 -3.09
C GLY A 29 6.39 -13.87 -1.98
N PRO A 30 6.76 -14.79 -1.08
CA PRO A 30 5.89 -15.18 0.03
C PRO A 30 5.59 -13.99 0.97
N HIS A 31 4.51 -14.11 1.73
CA HIS A 31 4.11 -13.06 2.67
C HIS A 31 5.18 -12.91 3.77
N LYS A 32 5.88 -11.77 3.79
CA LYS A 32 6.93 -11.50 4.78
C LYS A 32 6.32 -10.85 6.05
N VAL A 33 6.90 -9.76 6.54
CA VAL A 33 6.38 -9.03 7.71
C VAL A 33 5.02 -8.37 7.37
N GLY A 34 4.79 -8.17 6.06
CA GLY A 34 3.54 -7.59 5.52
C GLY A 34 2.91 -8.46 4.42
N PRO A 35 1.60 -8.34 4.19
CA PRO A 35 0.88 -9.13 3.18
C PRO A 35 1.22 -8.78 1.72
N ASN A 36 0.66 -9.52 0.78
CA ASN A 36 0.91 -9.28 -0.65
C ASN A 36 -0.01 -8.11 -1.13
N LEU A 37 0.59 -7.12 -1.81
CA LEU A 37 -0.08 -5.90 -2.32
C LEU A 37 -0.54 -6.04 -3.81
N HIS A 38 -0.06 -7.08 -4.50
CA HIS A 38 -0.38 -7.38 -5.91
C HIS A 38 -1.87 -7.72 -6.11
N GLY A 39 -2.67 -6.69 -6.44
CA GLY A 39 -4.11 -6.84 -6.64
C GLY A 39 -4.98 -6.04 -5.66
N ILE A 40 -4.39 -5.16 -4.83
CA ILE A 40 -5.20 -4.38 -3.87
C ILE A 40 -6.29 -3.55 -4.55
N PHE A 41 -5.96 -2.79 -5.61
CA PHE A 41 -6.93 -1.94 -6.31
C PHE A 41 -8.18 -2.72 -6.75
N GLY A 42 -9.31 -2.35 -6.14
CA GLY A 42 -10.62 -2.95 -6.40
C GLY A 42 -11.10 -3.91 -5.28
N ARG A 43 -10.20 -4.26 -4.34
CA ARG A 43 -10.51 -5.16 -3.21
C ARG A 43 -10.61 -4.36 -1.91
N HIS A 44 -11.08 -5.01 -0.86
CA HIS A 44 -11.27 -4.37 0.44
C HIS A 44 -10.07 -4.65 1.34
N SER A 45 -9.91 -3.86 2.42
CA SER A 45 -8.81 -4.04 3.36
C SER A 45 -8.94 -5.35 4.12
N GLY A 46 -7.85 -6.10 4.20
CA GLY A 46 -7.84 -7.39 4.88
C GLY A 46 -8.15 -8.65 4.03
N GLN A 47 -7.61 -8.76 2.80
CA GLN A 47 -7.90 -9.94 1.93
C GLN A 47 -6.65 -10.76 1.42
N ALA A 48 -5.46 -10.56 1.98
CA ALA A 48 -4.24 -11.30 1.53
C ALA A 48 -4.43 -12.84 1.48
N GLU A 49 -4.01 -13.44 0.35
CA GLU A 49 -4.12 -14.89 0.10
C GLU A 49 -3.05 -15.72 0.89
N GLY A 50 -3.28 -15.84 2.22
CA GLY A 50 -2.41 -16.62 3.12
C GLY A 50 -1.82 -15.83 4.32
N TYR A 51 -2.36 -14.62 4.59
CA TYR A 51 -1.87 -13.75 5.68
C TYR A 51 -3.04 -13.11 6.49
N SER A 52 -2.90 -13.12 7.82
CA SER A 52 -3.91 -12.57 8.76
C SER A 52 -3.69 -11.06 9.08
N TYR A 53 -4.83 -10.36 9.21
CA TYR A 53 -4.93 -8.91 9.51
C TYR A 53 -5.45 -8.65 10.97
N THR A 54 -5.30 -7.42 11.50
CA THR A 54 -5.77 -7.04 12.87
C THR A 54 -7.29 -6.83 12.96
N ASP A 55 -7.79 -6.73 14.19
CA ASP A 55 -9.22 -6.53 14.48
C ASP A 55 -9.79 -5.27 13.79
N ALA A 56 -8.96 -4.23 13.68
CA ALA A 56 -9.35 -2.92 13.12
C ALA A 56 -9.26 -2.85 11.57
N ASN A 57 -8.29 -3.53 10.94
CA ASN A 57 -8.13 -3.49 9.46
C ASN A 57 -9.30 -4.24 8.76
N ILE A 58 -9.77 -5.34 9.34
CA ILE A 58 -10.89 -6.12 8.81
C ILE A 58 -12.20 -5.32 8.89
N LYS A 59 -12.71 -5.05 10.10
CA LYS A 59 -13.85 -4.14 10.33
C LYS A 59 -13.86 -2.88 9.40
N LYS A 60 -12.70 -2.53 8.84
CA LYS A 60 -12.51 -1.33 7.99
C LYS A 60 -12.88 -1.56 6.52
N ASN A 61 -12.59 -2.76 5.99
CA ASN A 61 -12.84 -3.25 4.60
C ASN A 61 -12.90 -2.13 3.53
N VAL A 62 -11.95 -1.20 3.57
CA VAL A 62 -11.91 -0.09 2.62
C VAL A 62 -11.56 -0.60 1.23
N LEU A 63 -12.30 -0.14 0.21
CA LEU A 63 -12.03 -0.55 -1.16
C LEU A 63 -10.86 0.29 -1.71
N TRP A 64 -9.67 -0.30 -1.72
CA TRP A 64 -8.46 0.36 -2.19
C TRP A 64 -8.61 0.88 -3.63
N ASP A 65 -8.53 2.21 -3.75
CA ASP A 65 -8.66 2.96 -4.99
C ASP A 65 -7.42 3.87 -5.18
N GLU A 66 -7.43 4.73 -6.20
CA GLU A 66 -6.33 5.64 -6.53
C GLU A 66 -6.14 6.66 -5.39
N ASN A 67 -7.18 7.44 -5.10
CA ASN A 67 -7.14 8.43 -4.02
C ASN A 67 -7.18 7.74 -2.62
N ASN A 68 -8.09 6.78 -2.40
CA ASN A 68 -8.21 6.07 -1.11
C ASN A 68 -6.88 5.46 -0.59
N MET A 69 -6.07 4.80 -1.42
CA MET A 69 -4.77 4.26 -0.97
C MET A 69 -3.89 5.35 -0.28
N SER A 70 -3.91 6.58 -0.79
CA SER A 70 -3.16 7.71 -0.20
C SER A 70 -3.72 8.14 1.18
N GLU A 71 -5.04 8.09 1.35
CA GLU A 71 -5.71 8.46 2.60
C GLU A 71 -5.12 7.65 3.79
N TYR A 72 -4.80 6.38 3.52
CA TYR A 72 -4.20 5.44 4.48
C TYR A 72 -2.66 5.49 4.49
N LEU A 73 -2.00 5.56 3.34
CA LEU A 73 -0.52 5.59 3.30
C LEU A 73 0.10 6.76 4.09
N THR A 74 -0.50 7.95 4.05
CA THR A 74 0.03 9.12 4.78
C THR A 74 0.12 8.85 6.30
N ASN A 75 -0.74 8.00 6.84
CA ASN A 75 -0.71 7.63 8.27
C ASN A 75 -1.57 6.37 8.54
N PRO A 76 -1.00 5.17 8.37
CA PRO A 76 -1.72 3.89 8.59
C PRO A 76 -2.23 3.71 10.03
N LYS A 77 -1.37 3.98 11.00
CA LYS A 77 -1.69 3.84 12.43
C LYS A 77 -2.84 4.77 12.85
N LYS A 78 -2.93 5.96 12.25
CA LYS A 78 -4.02 6.90 12.57
C LYS A 78 -5.36 6.46 11.96
N TYR A 79 -5.33 5.90 10.75
CA TYR A 79 -6.54 5.40 10.07
C TYR A 79 -7.09 4.09 10.68
N ILE A 80 -6.20 3.11 10.86
CA ILE A 80 -6.51 1.82 11.45
C ILE A 80 -5.79 1.73 12.82
N PRO A 81 -6.55 1.99 13.91
CA PRO A 81 -6.00 1.96 15.28
C PRO A 81 -5.58 0.56 15.73
N GLY A 82 -4.29 0.38 15.96
CA GLY A 82 -3.75 -0.92 16.40
C GLY A 82 -3.12 -1.77 15.27
N THR A 83 -3.12 -1.25 14.03
CA THR A 83 -2.58 -1.96 12.84
C THR A 83 -1.09 -2.28 12.94
N LYS A 84 -0.71 -3.43 12.40
CA LYS A 84 0.68 -3.91 12.40
C LYS A 84 1.63 -3.03 11.56
N MET A 85 1.13 -2.31 10.54
CA MET A 85 1.98 -1.47 9.68
C MET A 85 2.48 -0.20 10.42
N ALA A 86 3.71 -0.32 10.94
CA ALA A 86 4.37 0.73 11.73
C ALA A 86 5.45 1.55 10.99
N PHE A 87 5.21 1.72 9.69
CA PHE A 87 6.03 2.45 8.71
C PHE A 87 6.04 4.00 8.87
N GLY A 88 5.13 4.58 9.67
CA GLY A 88 5.11 6.03 9.88
C GLY A 88 4.31 6.84 8.85
N GLY A 89 4.39 6.46 7.57
CA GLY A 89 3.66 7.12 6.47
C GLY A 89 4.42 8.29 5.82
N LEU A 90 4.67 8.19 4.52
CA LEU A 90 5.37 9.22 3.73
C LEU A 90 4.48 10.45 3.52
N LYS A 91 4.78 11.48 4.33
CA LYS A 91 4.10 12.80 4.34
C LYS A 91 4.35 13.66 3.09
N LYS A 92 5.34 13.28 2.27
CA LYS A 92 5.71 13.98 1.04
C LYS A 92 4.77 13.65 -0.14
N GLU A 93 4.02 14.64 -0.60
CA GLU A 93 3.07 14.50 -1.72
C GLU A 93 3.70 14.01 -3.04
N LYS A 94 4.79 14.65 -3.49
CA LYS A 94 5.46 14.28 -4.76
C LYS A 94 5.87 12.81 -4.76
N ASP A 95 6.39 12.39 -3.61
CA ASP A 95 6.84 11.03 -3.32
C ASP A 95 5.70 9.99 -3.51
N ARG A 96 4.48 10.26 -3.04
CA ARG A 96 3.33 9.35 -3.26
C ARG A 96 2.84 9.39 -4.71
N ASN A 97 2.88 10.56 -5.37
CA ASN A 97 2.45 10.71 -6.77
C ASN A 97 2.99 9.58 -7.67
N ASP A 98 4.31 9.39 -7.70
CA ASP A 98 4.95 8.30 -8.48
C ASP A 98 4.63 6.90 -7.92
N LEU A 99 4.57 6.75 -6.59
CA LEU A 99 4.25 5.48 -5.91
C LEU A 99 2.90 4.89 -6.37
N ILE A 100 1.88 5.75 -6.55
CA ILE A 100 0.54 5.35 -7.02
C ILE A 100 0.63 4.76 -8.44
N THR A 101 1.26 5.49 -9.37
CA THR A 101 1.44 5.04 -10.76
C THR A 101 2.20 3.71 -10.85
N TYR A 102 3.23 3.52 -10.01
CA TYR A 102 3.99 2.26 -9.97
C TYR A 102 3.09 1.07 -9.55
N LEU A 103 2.44 1.14 -8.39
CA LEU A 103 1.51 0.11 -7.91
C LEU A 103 0.35 -0.10 -8.89
N LYS A 104 -0.21 1.02 -9.33
CA LYS A 104 -1.28 1.05 -10.33
C LYS A 104 -0.86 0.25 -11.58
N LYS A 105 0.39 0.41 -12.05
CA LYS A 105 0.93 -0.29 -13.26
C LYS A 105 1.14 -1.81 -13.10
N ALA A 106 1.41 -2.20 -11.86
CA ALA A 106 1.61 -3.58 -11.38
C ALA A 106 0.28 -4.34 -11.15
N THR A 107 -0.77 -3.63 -10.67
CA THR A 107 -2.12 -4.18 -10.45
C THR A 107 -2.91 -4.28 -11.77
N GLU A 108 -2.80 -3.25 -12.63
CA GLU A 108 -3.51 -3.24 -13.93
C GLU A 108 -2.55 -3.01 -15.10
FE HEC B . 2.00 -1.82 4.61
CHA HEC B . -1.06 -3.33 5.26
CHB HEC B . 0.73 -0.39 1.72
CHC HEC B . 5.08 -0.33 4.01
CHD HEC B . 3.46 -3.71 7.15
NA HEC B . 0.20 -1.82 3.69
C1A HEC B . -0.98 -2.47 4.13
C2A HEC B . -2.02 -2.27 3.17
C3A HEC B . -1.53 -1.47 2.16
C4A HEC B . -0.15 -1.19 2.48
CMA HEC B . -2.29 -1.01 0.95
CAA HEC B . -3.42 -2.80 3.28
CBA HEC B . -3.52 -4.30 2.92
CGA HEC B . -4.96 -4.80 3.11
O1A HEC B . -5.72 -4.19 3.88
O2A HEC B . -5.31 -5.85 2.52
NB HEC B . 2.75 -0.57 3.17
C1B HEC B . 2.09 -0.10 2.03
C2B HEC B . 2.96 0.71 1.26
C3B HEC B . 4.16 0.79 1.94
C4B HEC B . 4.03 0.00 3.13
CMB HEC B . 2.67 1.24 -0.12
CAB HEC B . 5.38 1.61 1.60
CBB HEC B . 5.12 3.12 1.67
NC HEC B . 3.88 -1.94 5.46
C1C HEC B . 5.02 -1.21 5.11
C2C HEC B . 6.16 -1.65 5.85
C3C HEC B . 5.73 -2.67 6.68
C4C HEC B . 4.32 -2.82 6.45
CMC HEC B . 7.56 -1.13 5.69
CAC HEC B . 6.59 -3.62 7.47
CBC HEC B . 7.10 -3.02 8.76
ND HEC B . 1.31 -3.19 5.98
C1D HEC B . 2.06 -3.89 6.93
C2D HEC B . 1.24 -4.78 7.65
C3D HEC B . -0.07 -4.63 7.19
C4D HEC B . -0.01 -3.66 6.14
CMD HEC B . 1.75 -5.86 8.56
CAD HEC B . -1.30 -5.26 7.81
CBD HEC B . -1.79 -4.45 9.02
CGD HEC B . -2.58 -5.27 10.04
O1D HEC B . -3.16 -6.32 9.71
O2D HEC B . -2.60 -4.84 11.21
HHA HEC B . -2.08 -3.69 5.53
HHB HEC B . 0.34 0.02 0.77
HHC HEC B . 6.01 0.26 3.91
HHD HEC B . 3.93 -4.39 7.89
HMA1 HEC B . -2.55 0.03 1.07
HMA2 HEC B . -3.19 -1.60 0.85
HMA3 HEC B . -1.69 -1.13 0.07
HAA1 HEC B . -4.05 -2.24 2.60
HAA2 HEC B . -3.77 -2.66 4.28
HBA1 HEC B . -2.87 -4.85 3.56
HBA2 HEC B . -3.23 -4.43 1.89
HMB1 HEC B . 1.63 1.03 -0.37
HMB2 HEC B . 3.31 0.74 -0.84
HMB3 HEC B . 2.84 2.30 -0.15
HAB HEC B . 6.11 1.41 2.36
HBB1 HEC B . 4.30 3.30 2.36
HBB2 HEC B . 4.85 3.50 0.69
HBB3 HEC B . 6.01 3.62 2.02
HMC1 HEC B . 7.59 -0.08 5.92
HMC2 HEC B . 7.88 -1.29 4.67
HMC3 HEC B . 8.22 -1.66 6.36
HAC HEC B . 5.96 -4.45 7.75
HBC1 HEC B . 6.25 -2.90 9.44
HBC2 HEC B . 7.53 -2.05 8.57
HBC3 HEC B . 7.83 -3.67 9.22
HMD1 HEC B . 2.37 -5.41 9.32
HMD2 HEC B . 2.34 -6.56 7.99
HMD3 HEC B . 0.92 -6.38 9.02
HAD1 HEC B . -1.06 -6.26 8.12
HAD2 HEC B . -2.08 -5.29 7.06
HBD1 HEC B . -2.42 -3.65 8.67
HBD2 HEC B . -0.93 -4.03 9.51
C2 4NL C . -8.19 1.15 -10.56
C6 4NL C . -7.91 2.58 -8.66
C3 4NL C . -6.81 1.10 -10.72
C4 4NL C . -5.98 1.78 -9.85
C5 4NL C . -6.54 2.53 -8.82
C1 4NL C . -8.74 1.89 -9.53
N1 4NL C . -10.18 1.93 -9.36
O1 4NL C . -4.59 1.74 -10.02
H2 4NL C . -6.37 0.50 -11.56
H6 4NL C . -10.61 2.74 -8.89
H3 4NL C . -5.87 3.10 -8.12
H5 4NL C . -4.15 2.24 -9.29
H4 4NL C . -8.36 3.20 -7.83
H1 4NL C . -8.86 0.60 -11.27
H7 4NL C . -10.76 1.15 -9.68
N THR A 1 -3.81 17.68 -2.63
CA THR A 1 -4.57 17.15 -3.77
C THR A 1 -3.97 17.72 -5.04
N GLU A 2 -2.70 17.43 -5.29
CA GLU A 2 -1.98 17.91 -6.47
C GLU A 2 -1.26 16.70 -7.05
N PHE A 3 -2.05 15.71 -7.51
CA PHE A 3 -1.53 14.45 -8.06
C PHE A 3 -0.88 14.66 -9.46
N LYS A 4 0.41 14.35 -9.50
CA LYS A 4 1.24 14.42 -10.70
C LYS A 4 1.65 13.00 -11.05
N ALA A 5 1.28 12.57 -12.26
CA ALA A 5 1.57 11.23 -12.78
C ALA A 5 3.07 10.88 -12.72
N GLY A 6 3.36 9.61 -12.41
CA GLY A 6 4.72 9.10 -12.30
C GLY A 6 5.06 8.10 -13.40
N SER A 7 5.85 7.08 -13.03
CA SER A 7 6.30 6.03 -13.95
C SER A 7 6.74 4.79 -13.15
N ALA A 8 6.48 3.60 -13.70
CA ALA A 8 6.85 2.34 -13.05
C ALA A 8 8.33 2.27 -12.60
N LYS A 9 9.29 2.76 -13.41
CA LYS A 9 10.72 2.70 -13.06
C LYS A 9 11.19 3.73 -12.01
N LYS A 10 10.26 4.50 -11.42
CA LYS A 10 10.59 5.49 -10.37
C LYS A 10 9.97 5.05 -9.04
N GLY A 11 8.68 4.74 -9.04
CA GLY A 11 8.00 4.27 -7.83
C GLY A 11 8.66 3.01 -7.26
N ALA A 12 9.15 2.12 -8.13
CA ALA A 12 9.81 0.88 -7.72
C ALA A 12 11.07 1.14 -6.86
N THR A 13 11.94 2.09 -7.25
CA THR A 13 13.16 2.37 -6.46
C THR A 13 12.86 2.85 -5.03
N LEU A 14 11.81 3.67 -4.86
CA LEU A 14 11.38 4.20 -3.55
C LEU A 14 10.86 3.06 -2.68
N PHE A 15 9.86 2.31 -3.18
CA PHE A 15 9.27 1.15 -2.51
C PHE A 15 10.32 0.09 -2.13
N LYS A 16 11.33 -0.09 -2.99
CA LYS A 16 12.39 -1.09 -2.81
C LYS A 16 13.22 -0.94 -1.51
N THR A 17 13.14 0.24 -0.86
CA THR A 17 13.86 0.56 0.39
C THR A 17 12.95 1.34 1.39
N ARG A 18 11.64 1.08 1.28
CA ARG A 18 10.59 1.69 2.13
C ARG A 18 9.45 0.70 2.43
N CYS A 19 9.12 -0.14 1.46
CA CYS A 19 8.03 -1.12 1.57
C CYS A 19 8.53 -2.55 1.39
N LEU A 20 9.50 -2.76 0.49
CA LEU A 20 10.10 -4.09 0.22
C LEU A 20 10.49 -4.85 1.51
N GLN A 21 11.06 -4.14 2.50
CA GLN A 21 11.47 -4.69 3.80
C GLN A 21 10.46 -5.67 4.43
N CYS A 22 9.15 -5.45 4.24
CA CYS A 22 8.08 -6.30 4.79
C CYS A 22 7.11 -6.87 3.74
N HIS A 23 6.88 -6.15 2.64
CA HIS A 23 5.89 -6.52 1.59
C HIS A 23 6.52 -7.10 0.32
N THR A 24 5.64 -7.36 -0.65
CA THR A 24 5.96 -7.89 -1.97
C THR A 24 5.05 -7.22 -3.04
N VAL A 25 5.66 -6.56 -4.03
CA VAL A 25 4.91 -5.82 -5.09
C VAL A 25 4.28 -6.72 -6.18
N GLU A 26 4.89 -7.87 -6.42
CA GLU A 26 4.45 -8.87 -7.41
C GLU A 26 3.95 -10.13 -6.67
N LYS A 27 3.44 -11.14 -7.37
CA LYS A 27 2.96 -12.35 -6.68
C LYS A 27 3.96 -13.52 -6.59
N GLY A 28 5.26 -13.25 -6.76
CA GLY A 28 6.28 -14.32 -6.65
C GLY A 28 6.85 -14.49 -5.23
N GLY A 29 6.85 -13.40 -4.45
CA GLY A 29 7.34 -13.40 -3.07
C GLY A 29 6.28 -13.80 -2.06
N PRO A 30 6.51 -14.82 -1.23
CA PRO A 30 5.55 -15.23 -0.21
C PRO A 30 5.29 -14.12 0.81
N HIS A 31 4.14 -14.20 1.49
CA HIS A 31 3.77 -13.21 2.49
C HIS A 31 4.85 -13.12 3.59
N LYS A 32 5.46 -11.94 3.75
CA LYS A 32 6.53 -11.72 4.74
C LYS A 32 5.96 -11.03 5.99
N VAL A 33 6.56 -9.91 6.43
CA VAL A 33 6.09 -9.14 7.59
C VAL A 33 4.73 -8.49 7.28
N GLY A 34 4.44 -8.31 5.98
CA GLY A 34 3.19 -7.72 5.48
C GLY A 34 2.57 -8.54 4.34
N PRO A 35 1.30 -8.26 3.99
CA PRO A 35 0.59 -8.99 2.91
C PRO A 35 1.10 -8.66 1.51
N ASN A 36 0.59 -9.38 0.51
CA ASN A 36 1.00 -9.16 -0.89
C ASN A 36 0.19 -7.97 -1.49
N LEU A 37 0.89 -7.01 -2.09
CA LEU A 37 0.32 -5.78 -2.68
C LEU A 37 -0.28 -5.99 -4.11
N HIS A 38 0.28 -6.93 -4.88
CA HIS A 38 -0.14 -7.28 -6.24
C HIS A 38 -1.62 -7.72 -6.30
N GLY A 39 -2.49 -6.76 -6.61
CA GLY A 39 -3.93 -7.00 -6.73
C GLY A 39 -4.80 -6.31 -5.66
N ILE A 40 -4.22 -5.43 -4.82
CA ILE A 40 -5.02 -4.75 -3.79
C ILE A 40 -6.03 -3.76 -4.38
N PHE A 41 -5.69 -3.10 -5.50
CA PHE A 41 -6.58 -2.12 -6.15
C PHE A 41 -7.94 -2.74 -6.54
N GLY A 42 -8.99 -2.23 -5.88
CA GLY A 42 -10.37 -2.66 -6.09
C GLY A 42 -10.93 -3.57 -4.96
N ARG A 43 -10.06 -4.11 -4.12
CA ARG A 43 -10.43 -4.99 -2.99
C ARG A 43 -10.53 -4.19 -1.69
N HIS A 44 -11.05 -4.82 -0.66
CA HIS A 44 -11.22 -4.18 0.65
C HIS A 44 -10.05 -4.52 1.56
N SER A 45 -9.81 -3.69 2.59
CA SER A 45 -8.72 -3.92 3.55
C SER A 45 -8.87 -5.28 4.21
N GLY A 46 -7.76 -6.02 4.28
CA GLY A 46 -7.75 -7.35 4.89
C GLY A 46 -8.07 -8.55 3.97
N GLN A 47 -7.67 -8.52 2.68
CA GLN A 47 -7.98 -9.65 1.74
C GLN A 47 -6.75 -10.46 1.18
N ALA A 48 -5.62 -10.49 1.88
CA ALA A 48 -4.42 -11.25 1.41
C ALA A 48 -4.66 -12.78 1.27
N GLU A 49 -4.12 -13.36 0.18
CA GLU A 49 -4.26 -14.79 -0.14
C GLU A 49 -3.35 -15.70 0.74
N GLY A 50 -3.68 -15.76 2.06
CA GLY A 50 -2.96 -16.59 3.04
C GLY A 50 -2.33 -15.81 4.22
N TYR A 51 -2.74 -14.55 4.44
CA TYR A 51 -2.21 -13.69 5.52
C TYR A 51 -3.34 -13.13 6.44
N SER A 52 -2.98 -12.92 7.72
CA SER A 52 -3.91 -12.39 8.75
C SER A 52 -3.66 -10.90 9.09
N TYR A 53 -4.77 -10.18 9.29
CA TYR A 53 -4.83 -8.73 9.63
C TYR A 53 -5.32 -8.49 11.10
N THR A 54 -5.08 -7.30 11.67
CA THR A 54 -5.51 -6.93 13.05
C THR A 54 -7.03 -6.79 13.19
N ASP A 55 -7.52 -6.82 14.44
CA ASP A 55 -8.94 -6.71 14.77
C ASP A 55 -9.61 -5.47 14.12
N ALA A 56 -8.85 -4.37 14.02
CA ALA A 56 -9.32 -3.09 13.47
C ALA A 56 -9.20 -2.99 11.92
N ASN A 57 -8.18 -3.60 11.31
CA ASN A 57 -7.97 -3.51 9.85
C ASN A 57 -9.05 -4.32 9.08
N ILE A 58 -9.45 -5.47 9.62
CA ILE A 58 -10.51 -6.31 9.04
C ILE A 58 -11.87 -5.59 9.11
N LYS A 59 -12.42 -5.39 10.30
CA LYS A 59 -13.63 -4.57 10.53
C LYS A 59 -13.70 -3.30 9.65
N LYS A 60 -12.55 -2.84 9.13
CA LYS A 60 -12.43 -1.61 8.34
C LYS A 60 -12.78 -1.79 6.84
N ASN A 61 -12.40 -2.95 6.26
CA ASN A 61 -12.59 -3.39 4.84
C ASN A 61 -12.73 -2.23 3.84
N VAL A 62 -11.80 -1.27 3.87
CA VAL A 62 -11.84 -0.12 2.97
C VAL A 62 -11.50 -0.56 1.55
N LEU A 63 -12.25 -0.09 0.56
CA LEU A 63 -12.00 -0.45 -0.82
C LEU A 63 -10.82 0.39 -1.35
N TRP A 64 -9.64 -0.23 -1.41
CA TRP A 64 -8.42 0.41 -1.89
C TRP A 64 -8.60 0.95 -3.33
N ASP A 65 -8.59 2.27 -3.44
CA ASP A 65 -8.74 3.05 -4.66
C ASP A 65 -7.49 3.93 -4.89
N GLU A 66 -7.52 4.78 -5.92
CA GLU A 66 -6.41 5.67 -6.28
C GLU A 66 -6.19 6.73 -5.19
N ASN A 67 -7.22 7.51 -4.89
CA ASN A 67 -7.17 8.55 -3.87
C ASN A 67 -7.06 7.93 -2.44
N ASN A 68 -7.92 6.97 -2.09
CA ASN A 68 -7.90 6.31 -0.77
C ASN A 68 -6.51 5.78 -0.33
N MET A 69 -5.77 5.09 -1.21
CA MET A 69 -4.42 4.58 -0.85
C MET A 69 -3.51 5.70 -0.28
N SER A 70 -3.57 6.92 -0.86
CA SER A 70 -2.80 8.07 -0.38
C SER A 70 -3.27 8.56 1.01
N GLU A 71 -4.58 8.55 1.26
CA GLU A 71 -5.17 8.94 2.55
C GLU A 71 -4.61 8.04 3.68
N TYR A 72 -4.52 6.73 3.39
CA TYR A 72 -4.00 5.69 4.30
C TYR A 72 -2.47 5.70 4.41
N LEU A 73 -1.73 5.88 3.30
CA LEU A 73 -0.26 5.90 3.35
C LEU A 73 0.31 7.00 4.26
N THR A 74 -0.29 8.20 4.28
CA THR A 74 0.19 9.31 5.14
C THR A 74 0.21 8.92 6.63
N ASN A 75 -0.72 8.05 7.06
CA ASN A 75 -0.78 7.60 8.46
C ASN A 75 -1.69 6.34 8.60
N PRO A 76 -1.12 5.13 8.42
CA PRO A 76 -1.89 3.87 8.54
C PRO A 76 -2.48 3.65 9.94
N LYS A 77 -1.68 3.94 10.97
CA LYS A 77 -2.09 3.79 12.39
C LYS A 77 -3.30 4.67 12.72
N LYS A 78 -3.40 5.85 12.10
CA LYS A 78 -4.54 6.76 12.34
C LYS A 78 -5.83 6.26 11.66
N TYR A 79 -5.71 5.68 10.47
CA TYR A 79 -6.85 5.11 9.73
C TYR A 79 -7.39 3.79 10.34
N ILE A 80 -6.47 2.93 10.78
CA ILE A 80 -6.77 1.66 11.43
C ILE A 80 -6.09 1.67 12.83
N PRO A 81 -6.88 1.95 13.89
CA PRO A 81 -6.37 2.00 15.26
C PRO A 81 -5.90 0.63 15.78
N GLY A 82 -4.60 0.40 15.68
CA GLY A 82 -4.02 -0.88 16.13
C GLY A 82 -3.24 -1.64 15.03
N THR A 83 -3.22 -1.12 13.81
CA THR A 83 -2.55 -1.74 12.64
C THR A 83 -1.10 -2.14 12.91
N LYS A 84 -0.66 -3.22 12.26
CA LYS A 84 0.70 -3.75 12.40
C LYS A 84 1.75 -2.96 11.58
N MET A 85 1.34 -2.13 10.62
CA MET A 85 2.28 -1.36 9.79
C MET A 85 2.83 -0.12 10.54
N ALA A 86 4.09 -0.28 11.01
CA ALA A 86 4.81 0.74 11.77
C ALA A 86 5.80 1.60 10.95
N PHE A 87 5.59 1.58 9.63
CA PHE A 87 6.35 2.29 8.57
C PHE A 87 6.51 3.81 8.79
N GLY A 88 5.64 4.46 9.58
CA GLY A 88 5.76 5.91 9.81
C GLY A 88 4.78 6.79 9.01
N GLY A 89 4.45 6.39 7.78
CA GLY A 89 3.49 7.11 6.92
C GLY A 89 4.15 8.19 6.04
N LEU A 90 4.02 8.04 4.71
CA LEU A 90 4.57 8.98 3.73
C LEU A 90 3.72 10.26 3.66
N LYS A 91 4.26 11.30 4.30
CA LYS A 91 3.68 12.65 4.42
C LYS A 91 3.81 13.51 3.14
N LYS A 92 4.84 13.25 2.34
CA LYS A 92 5.12 14.00 1.10
C LYS A 92 4.26 13.52 -0.08
N GLU A 93 3.34 14.38 -0.52
CA GLU A 93 2.43 14.11 -1.64
C GLU A 93 3.14 13.80 -2.99
N LYS A 94 4.12 14.62 -3.37
CA LYS A 94 4.85 14.44 -4.65
C LYS A 94 5.46 13.03 -4.74
N ASP A 95 5.98 12.58 -3.62
CA ASP A 95 6.57 11.27 -3.41
C ASP A 95 5.55 10.13 -3.62
N ARG A 96 4.32 10.25 -3.09
CA ARG A 96 3.25 9.23 -3.31
C ARG A 96 2.69 9.28 -4.74
N ASN A 97 2.56 10.47 -5.31
CA ASN A 97 2.05 10.66 -6.68
C ASN A 97 2.67 9.64 -7.67
N ASP A 98 4.00 9.57 -7.74
CA ASP A 98 4.72 8.59 -8.57
C ASP A 98 4.50 7.12 -8.10
N LEU A 99 4.49 6.89 -6.78
CA LEU A 99 4.25 5.56 -6.19
C LEU A 99 2.91 4.94 -6.64
N ILE A 100 1.85 5.76 -6.77
CA ILE A 100 0.53 5.34 -7.22
C ILE A 100 0.61 4.81 -8.66
N THR A 101 1.27 5.56 -9.56
CA THR A 101 1.46 5.15 -10.96
C THR A 101 2.13 3.77 -11.07
N TYR A 102 3.12 3.48 -10.22
CA TYR A 102 3.80 2.18 -10.22
C TYR A 102 2.84 1.04 -9.82
N LEU A 103 2.15 1.15 -8.68
CA LEU A 103 1.17 0.15 -8.22
C LEU A 103 0.00 0.02 -9.20
N LYS A 104 -0.47 1.18 -9.67
CA LYS A 104 -1.54 1.29 -10.66
C LYS A 104 -1.14 0.54 -11.95
N LYS A 105 0.13 0.62 -12.38
CA LYS A 105 0.64 -0.06 -13.61
C LYS A 105 0.74 -1.60 -13.51
N ALA A 106 1.02 -2.06 -12.30
CA ALA A 106 1.14 -3.46 -11.88
C ALA A 106 -0.24 -4.17 -11.75
N THR A 107 -1.27 -3.44 -11.29
CA THR A 107 -2.65 -3.92 -11.17
C THR A 107 -3.42 -3.75 -12.51
N GLU A 108 -3.19 -2.64 -13.21
CA GLU A 108 -3.84 -2.38 -14.51
C GLU A 108 -2.85 -1.81 -15.55
FE HEC B . 2.30 -1.83 4.65
CHA HEC B . -0.80 -3.31 5.20
CHB HEC B . 1.15 -0.46 1.67
CHC HEC B . 5.41 -0.37 4.12
CHD HEC B . 3.63 -3.67 7.27
NA HEC B . 0.51 -1.84 3.65
C1A HEC B . -0.67 -2.47 4.05
C2A HEC B . -1.67 -2.29 3.06
C3A HEC B . -1.12 -1.52 2.05
C4A HEC B . 0.22 -1.24 2.42
CMA HEC B . -1.85 -1.08 0.80
CAA HEC B . -3.08 -2.81 3.11
CBA HEC B . -3.18 -4.31 2.79
CGA HEC B . -4.62 -4.81 2.94
O1A HEC B . -5.41 -4.17 3.67
O2A HEC B . -4.96 -5.87 2.35
NB HEC B . 3.10 -0.62 3.20
C1B HEC B . 2.48 -0.17 2.03
C2B HEC B . 3.39 0.63 1.27
C3B HEC B . 4.57 0.71 2.00
C4B HEC B . 4.38 -0.06 3.19
CMB HEC B . 3.16 1.11 -0.14
CAB HEC B . 5.81 1.51 1.68
CBB HEC B . 5.55 3.02 1.70
NC HEC B . 4.14 -1.94 5.56
C1C HEC B . 5.30 -1.22 5.24
C2C HEC B . 6.40 -1.66 6.02
C3C HEC B . 5.93 -2.66 6.86
C4C HEC B . 4.52 -2.80 6.60
CMC HEC B . 7.81 -1.15 5.91
CAC HEC B . 6.76 -3.60 7.70
CBC HEC B . 7.22 -2.96 9.01
ND HEC B . 1.53 -3.16 6.01
C1D HEC B . 2.25 -3.84 7.00
C2D HEC B . 1.40 -4.72 7.71
C3D HEC B . 0.11 -4.57 7.20
C4D HEC B . 0.21 -3.62 6.13
CMD HEC B . 1.86 -5.77 8.66
CAD HEC B . -1.15 -5.18 7.78
CBD HEC B . -1.68 -4.34 8.95
CGD HEC B . -2.53 -5.13 9.96
O1D HEC B . -3.10 -6.20 9.63
O2D HEC B . -2.58 -4.67 11.12
HHA HEC B . -1.83 -3.66 5.44
HHB HEC B . 0.80 -0.07 0.70
HHC HEC B . 6.33 0.21 4.05
HHD HEC B . 4.08 -4.33 8.04
HMA1 HEC B . -2.11 -0.04 0.88
HMA2 HEC B . -2.75 -1.67 0.67
HMA3 HEC B . -1.21 -1.22 -0.06
HAA1 HEC B . -3.68 -2.26 2.41
HAA2 HEC B . -3.48 -2.65 4.10
HBA1 HEC B . -2.55 -4.87 3.46
HBA2 HEC B . -2.86 -4.47 1.77
HMB1 HEC B . 2.14 0.91 -0.42
HMB2 HEC B . 3.82 0.60 -0.82
HMB3 HEC B . 3.34 2.17 -0.19
HAB HEC B . 6.51 1.33 2.47
HBB1 HEC B . 4.71 3.22 2.36
HBB2 HEC B . 5.32 3.38 0.72
HBB3 HEC B . 6.42 3.53 2.09
HMC1 HEC B . 7.85 -0.08 6.11
HMC2 HEC B . 8.17 -1.33 4.91
HMC3 HEC B . 8.45 -1.67 6.62
HAC HEC B . 6.11 -4.40 7.98
HBC1 HEC B . 6.35 -2.82 9.64
HBC2 HEC B . 7.67 -2.00 8.81
HBC3 HEC B . 7.93 -3.61 9.51
HMD1 HEC B . 2.46 -5.31 9.44
HMD2 HEC B . 2.47 -6.50 8.13
HMD3 HEC B . 1.02 -6.28 9.10
HAD1 HEC B . -0.94 -6.17 8.12
HAD2 HEC B . -1.91 -5.22 7.01
HBD1 HEC B . -2.29 -3.54 8.56
HBD2 HEC B . -0.84 -3.92 9.48
C2 4NL C . -8.16 0.33 -9.21
C6 4NL C . -7.87 2.43 -8.08
C3 4NL C . -6.91 0.48 -9.79
C4 4NL C . -6.14 1.60 -9.52
C5 4NL C . -6.63 2.57 -8.66
C1 4NL C . -8.64 1.31 -8.35
N1 4NL C . -9.94 1.14 -7.74
O1 4NL C . -4.88 1.75 -10.12
H2 4NL C . -6.52 -0.31 -10.50
H6 4NL C . -10.79 1.36 -8.27
H3 4NL C . -6.01 3.49 -8.44
H5 4NL C . -4.73 1.01 -10.76
H4 4NL C . -8.27 3.22 -7.39
H1 4NL C . -8.78 -0.58 -9.43
H7 4NL C . -10.01 0.84 -6.76
N THR A 1 -4.25 15.85 -3.47
CA THR A 1 -4.84 17.18 -3.71
C THR A 1 -4.15 17.81 -4.90
N GLU A 2 -2.82 17.75 -4.93
CA GLU A 2 -2.01 18.31 -6.02
C GLU A 2 -1.29 17.14 -6.67
N PHE A 3 -2.09 16.15 -7.11
CA PHE A 3 -1.56 14.94 -7.77
C PHE A 3 -0.92 15.25 -9.14
N LYS A 4 0.05 14.42 -9.50
CA LYS A 4 0.81 14.49 -10.73
C LYS A 4 1.29 13.07 -11.06
N ALA A 5 1.03 12.64 -12.29
CA ALA A 5 1.39 11.31 -12.77
C ALA A 5 2.91 11.07 -12.75
N GLY A 6 3.31 9.83 -12.41
CA GLY A 6 4.71 9.43 -12.32
C GLY A 6 5.09 8.40 -13.40
N SER A 7 5.93 7.45 -13.01
CA SER A 7 6.41 6.38 -13.90
C SER A 7 6.87 5.18 -13.06
N ALA A 8 6.50 3.98 -13.47
CA ALA A 8 6.86 2.74 -12.76
C ALA A 8 8.37 2.65 -12.39
N LYS A 9 9.29 3.03 -13.30
CA LYS A 9 10.74 2.95 -13.04
C LYS A 9 11.28 3.93 -11.97
N LYS A 10 10.38 4.70 -11.33
CA LYS A 10 10.77 5.65 -10.25
C LYS A 10 10.16 5.19 -8.92
N GLY A 11 8.88 4.83 -8.93
CA GLY A 11 8.21 4.33 -7.73
C GLY A 11 8.82 3.02 -7.23
N ALA A 12 9.25 2.15 -8.16
CA ALA A 12 9.88 0.86 -7.81
C ALA A 12 11.17 1.04 -7.00
N THR A 13 12.01 2.05 -7.31
CA THR A 13 13.26 2.28 -6.53
C THR A 13 12.96 2.71 -5.08
N LEU A 14 11.92 3.53 -4.86
CA LEU A 14 11.51 4.03 -3.53
C LEU A 14 10.92 2.89 -2.72
N PHE A 15 9.94 2.18 -3.28
CA PHE A 15 9.29 1.02 -2.65
C PHE A 15 10.31 -0.07 -2.25
N LYS A 16 11.36 -0.24 -3.07
CA LYS A 16 12.40 -1.26 -2.85
C LYS A 16 13.15 -1.14 -1.50
N THR A 17 13.04 0.02 -0.83
CA THR A 17 13.68 0.29 0.48
C THR A 17 12.71 1.04 1.46
N ARG A 18 11.40 0.94 1.12
CA ARG A 18 10.30 1.56 1.90
C ARG A 18 9.15 0.56 2.17
N CYS A 19 8.94 -0.35 1.22
CA CYS A 19 7.87 -1.35 1.30
C CYS A 19 8.42 -2.78 1.16
N LEU A 20 9.43 -2.98 0.30
CA LEU A 20 10.07 -4.29 0.06
C LEU A 20 10.47 -5.02 1.36
N GLN A 21 10.99 -4.27 2.35
CA GLN A 21 11.39 -4.78 3.68
C GLN A 21 10.39 -5.78 4.31
N CYS A 22 9.09 -5.58 4.11
CA CYS A 22 8.04 -6.44 4.67
C CYS A 22 7.07 -7.07 3.64
N HIS A 23 6.78 -6.34 2.55
CA HIS A 23 5.82 -6.75 1.51
C HIS A 23 6.45 -7.39 0.26
N THR A 24 5.57 -7.72 -0.67
CA THR A 24 5.91 -8.30 -1.99
C THR A 24 5.02 -7.65 -3.09
N VAL A 25 5.65 -7.00 -4.07
CA VAL A 25 4.93 -6.30 -5.17
C VAL A 25 4.34 -7.23 -6.25
N GLU A 26 4.96 -8.37 -6.44
CA GLU A 26 4.57 -9.39 -7.43
C GLU A 26 4.06 -10.64 -6.70
N LYS A 27 3.66 -11.71 -7.40
CA LYS A 27 3.18 -12.92 -6.71
C LYS A 27 4.20 -14.06 -6.57
N GLY A 28 5.50 -13.78 -6.66
CA GLY A 28 6.53 -14.82 -6.52
C GLY A 28 7.05 -14.97 -5.09
N GLY A 29 7.00 -13.89 -4.30
CA GLY A 29 7.47 -13.88 -2.91
C GLY A 29 6.35 -14.21 -1.92
N PRO A 30 6.55 -15.18 -1.02
CA PRO A 30 5.54 -15.51 -0.02
C PRO A 30 5.27 -14.34 0.94
N HIS A 31 4.13 -14.36 1.60
CA HIS A 31 3.75 -13.31 2.54
C HIS A 31 4.80 -13.20 3.65
N LYS A 32 5.48 -12.06 3.74
CA LYS A 32 6.53 -11.83 4.76
C LYS A 32 5.94 -11.11 5.99
N VAL A 33 6.55 -10.00 6.43
CA VAL A 33 6.08 -9.20 7.57
C VAL A 33 4.73 -8.54 7.23
N GLY A 34 4.47 -8.37 5.91
CA GLY A 34 3.24 -7.79 5.38
C GLY A 34 2.62 -8.64 4.24
N PRO A 35 1.35 -8.40 3.89
CA PRO A 35 0.66 -9.15 2.82
C PRO A 35 1.19 -8.85 1.41
N ASN A 36 0.67 -9.57 0.41
CA ASN A 36 1.10 -9.38 -0.97
C ASN A 36 0.33 -8.17 -1.59
N LEU A 37 1.06 -7.32 -2.33
CA LEU A 37 0.55 -6.08 -2.95
C LEU A 37 -0.03 -6.31 -4.39
N HIS A 38 0.45 -7.34 -5.09
CA HIS A 38 0.04 -7.73 -6.45
C HIS A 38 -1.47 -8.00 -6.55
N GLY A 39 -2.22 -6.95 -6.95
CA GLY A 39 -3.68 -7.03 -7.13
C GLY A 39 -4.49 -6.48 -5.96
N ILE A 40 -3.98 -5.50 -5.20
CA ILE A 40 -4.75 -4.94 -4.08
C ILE A 40 -5.84 -3.96 -4.55
N PHE A 41 -5.57 -3.13 -5.57
CA PHE A 41 -6.54 -2.16 -6.10
C PHE A 41 -7.83 -2.85 -6.60
N GLY A 42 -8.92 -2.57 -5.87
CA GLY A 42 -10.25 -3.14 -6.15
C GLY A 42 -10.78 -4.03 -5.00
N ARG A 43 -9.93 -4.37 -4.03
CA ARG A 43 -10.30 -5.21 -2.86
C ARG A 43 -10.40 -4.33 -1.61
N HIS A 44 -11.06 -4.86 -0.59
CA HIS A 44 -11.24 -4.17 0.68
C HIS A 44 -10.08 -4.48 1.62
N SER A 45 -9.87 -3.64 2.65
CA SER A 45 -8.79 -3.85 3.63
C SER A 45 -8.91 -5.23 4.26
N GLY A 46 -7.80 -5.96 4.26
CA GLY A 46 -7.76 -7.32 4.83
C GLY A 46 -8.13 -8.47 3.87
N GLN A 47 -7.64 -8.49 2.61
CA GLN A 47 -8.00 -9.58 1.66
C GLN A 47 -6.81 -10.40 1.06
N ALA A 48 -5.67 -10.53 1.75
CA ALA A 48 -4.51 -11.30 1.25
C ALA A 48 -4.79 -12.83 1.08
N GLU A 49 -4.03 -13.46 0.17
CA GLU A 49 -4.15 -14.90 -0.15
C GLU A 49 -3.62 -15.82 1.00
N GLY A 50 -4.39 -15.87 2.10
CA GLY A 50 -4.07 -16.70 3.29
C GLY A 50 -3.50 -15.93 4.50
N TYR A 51 -3.09 -14.67 4.30
CA TYR A 51 -2.51 -13.83 5.37
C TYR A 51 -3.57 -13.18 6.29
N SER A 52 -3.23 -13.05 7.58
CA SER A 52 -4.11 -12.48 8.62
C SER A 52 -3.81 -10.99 8.93
N TYR A 53 -4.90 -10.25 9.18
CA TYR A 53 -4.93 -8.80 9.50
C TYR A 53 -5.43 -8.53 10.98
N THR A 54 -5.15 -7.34 11.54
CA THR A 54 -5.56 -6.94 12.92
C THR A 54 -7.07 -6.71 13.06
N ASP A 55 -7.54 -6.65 14.31
CA ASP A 55 -8.94 -6.42 14.65
C ASP A 55 -9.50 -5.13 14.01
N ALA A 56 -8.65 -4.11 13.88
CA ALA A 56 -9.00 -2.80 13.33
C ALA A 56 -8.94 -2.72 11.78
N ASN A 57 -8.02 -3.45 11.12
CA ASN A 57 -7.89 -3.41 9.65
C ASN A 57 -9.07 -4.15 8.97
N ILE A 58 -9.52 -5.26 9.55
CA ILE A 58 -10.66 -6.05 9.03
C ILE A 58 -11.96 -5.23 9.16
N LYS A 59 -12.43 -4.95 10.38
CA LYS A 59 -13.55 -4.02 10.65
C LYS A 59 -13.57 -2.77 9.73
N LYS A 60 -12.41 -2.42 9.16
CA LYS A 60 -12.23 -1.21 8.32
C LYS A 60 -12.70 -1.39 6.86
N ASN A 61 -12.47 -2.59 6.29
CA ASN A 61 -12.82 -3.04 4.91
C ASN A 61 -12.87 -1.91 3.86
N VAL A 62 -11.83 -1.06 3.84
CA VAL A 62 -11.75 0.04 2.87
C VAL A 62 -11.38 -0.49 1.51
N LEU A 63 -12.17 -0.16 0.48
CA LEU A 63 -11.89 -0.61 -0.87
C LEU A 63 -10.67 0.16 -1.42
N TRP A 64 -9.51 -0.49 -1.40
CA TRP A 64 -8.26 0.10 -1.86
C TRP A 64 -8.37 0.61 -3.31
N ASP A 65 -8.54 1.93 -3.43
CA ASP A 65 -8.68 2.68 -4.68
C ASP A 65 -7.60 3.78 -4.75
N GLU A 66 -7.75 4.71 -5.68
CA GLU A 66 -6.82 5.84 -5.87
C GLU A 66 -6.83 6.74 -4.62
N ASN A 67 -8.03 7.05 -4.11
CA ASN A 67 -8.19 7.90 -2.93
C ASN A 67 -7.93 7.11 -1.62
N ASN A 68 -8.60 5.97 -1.40
CA ASN A 68 -8.44 5.14 -0.19
C ASN A 68 -6.98 4.69 0.09
N MET A 69 -6.21 4.26 -0.93
CA MET A 69 -4.80 3.88 -0.71
C MET A 69 -3.94 5.09 -0.23
N SER A 70 -4.19 6.29 -0.78
CA SER A 70 -3.46 7.52 -0.38
C SER A 70 -3.74 7.91 1.08
N GLU A 71 -4.98 7.76 1.55
CA GLU A 71 -5.38 8.06 2.93
C GLU A 71 -4.52 7.26 3.92
N TYR A 72 -4.36 5.95 3.65
CA TYR A 72 -3.56 5.00 4.44
C TYR A 72 -2.06 5.23 4.34
N LEU A 73 -1.51 5.50 3.15
CA LEU A 73 -0.07 5.77 3.01
C LEU A 73 0.41 7.01 3.79
N THR A 74 -0.38 8.10 3.82
CA THR A 74 -0.01 9.32 4.56
C THR A 74 0.13 9.07 6.07
N ASN A 75 -0.79 8.28 6.65
CA ASN A 75 -0.75 7.96 8.09
C ASN A 75 -1.54 6.66 8.39
N PRO A 76 -0.88 5.49 8.33
CA PRO A 76 -1.52 4.19 8.59
C PRO A 76 -2.10 4.09 10.03
N LYS A 77 -1.36 4.61 11.00
CA LYS A 77 -1.77 4.60 12.42
C LYS A 77 -3.05 5.40 12.65
N LYS A 78 -3.22 6.52 11.93
CA LYS A 78 -4.42 7.35 12.07
C LYS A 78 -5.63 6.76 11.33
N TYR A 79 -5.41 6.19 10.15
CA TYR A 79 -6.48 5.56 9.35
C TYR A 79 -6.98 4.21 9.93
N ILE A 80 -6.04 3.39 10.40
CA ILE A 80 -6.31 2.10 11.02
C ILE A 80 -5.60 2.07 12.39
N PRO A 81 -6.30 2.53 13.46
CA PRO A 81 -5.77 2.56 14.82
C PRO A 81 -5.53 1.16 15.41
N GLY A 82 -4.28 0.73 15.42
CA GLY A 82 -3.92 -0.60 15.94
C GLY A 82 -3.34 -1.56 14.88
N THR A 83 -3.09 -1.06 13.65
CA THR A 83 -2.56 -1.86 12.52
C THR A 83 -1.06 -2.18 12.66
N LYS A 84 -0.67 -3.34 12.13
CA LYS A 84 0.72 -3.82 12.18
C LYS A 84 1.69 -2.99 11.30
N MET A 85 1.18 -2.20 10.34
CA MET A 85 2.04 -1.41 9.45
C MET A 85 2.58 -0.14 10.16
N ALA A 86 3.71 -0.32 10.85
CA ALA A 86 4.39 0.73 11.63
C ALA A 86 5.35 1.64 10.83
N PHE A 87 5.14 1.64 9.51
CA PHE A 87 5.88 2.39 8.47
C PHE A 87 5.96 3.91 8.68
N GLY A 88 5.14 4.50 9.57
CA GLY A 88 5.19 5.95 9.81
C GLY A 88 4.27 6.79 8.91
N GLY A 89 4.32 6.56 7.59
CA GLY A 89 3.48 7.27 6.61
C GLY A 89 4.22 8.40 5.86
N LEU A 90 4.30 8.28 4.53
CA LEU A 90 4.97 9.25 3.66
C LEU A 90 4.10 10.51 3.47
N LYS A 91 4.32 11.45 4.40
CA LYS A 91 3.63 12.76 4.49
C LYS A 91 3.77 13.63 3.23
N LYS A 92 4.88 13.49 2.49
CA LYS A 92 5.15 14.23 1.26
C LYS A 92 4.30 13.75 0.06
N GLU A 93 3.28 14.52 -0.29
CA GLU A 93 2.40 14.23 -1.43
C GLU A 93 3.12 14.04 -2.78
N LYS A 94 4.08 14.90 -3.09
CA LYS A 94 4.85 14.81 -4.37
C LYS A 94 5.50 13.44 -4.53
N ASP A 95 6.02 12.94 -3.43
CA ASP A 95 6.67 11.64 -3.28
C ASP A 95 5.68 10.47 -3.54
N ARG A 96 4.44 10.54 -3.01
CA ARG A 96 3.41 9.50 -3.29
C ARG A 96 2.88 9.61 -4.73
N ASN A 97 2.72 10.82 -5.26
CA ASN A 97 2.22 11.05 -6.63
C ASN A 97 2.84 10.05 -7.64
N ASP A 98 4.17 9.92 -7.64
CA ASP A 98 4.89 8.97 -8.53
C ASP A 98 4.73 7.51 -8.05
N LEU A 99 4.78 7.25 -6.73
CA LEU A 99 4.61 5.92 -6.13
C LEU A 99 3.23 5.29 -6.49
N ILE A 100 2.17 6.09 -6.52
CA ILE A 100 0.81 5.65 -6.88
C ILE A 100 0.80 5.13 -8.33
N THR A 101 1.33 5.91 -9.28
CA THR A 101 1.41 5.51 -10.70
C THR A 101 2.11 4.15 -10.87
N TYR A 102 3.17 3.89 -10.09
CA TYR A 102 3.88 2.60 -10.16
C TYR A 102 3.00 1.41 -9.76
N LEU A 103 2.43 1.42 -8.55
CA LEU A 103 1.55 0.35 -8.07
C LEU A 103 0.28 0.23 -8.93
N LYS A 104 -0.33 1.39 -9.19
CA LYS A 104 -1.50 1.50 -10.05
C LYS A 104 -1.24 0.83 -11.40
N LYS A 105 -0.05 1.04 -12.00
CA LYS A 105 0.33 0.48 -13.34
C LYS A 105 0.59 -1.04 -13.36
N ALA A 106 1.02 -1.54 -12.22
CA ALA A 106 1.35 -2.94 -11.92
C ALA A 106 0.08 -3.80 -11.61
N THR A 107 -0.92 -3.21 -10.96
CA THR A 107 -2.21 -3.84 -10.64
C THR A 107 -3.14 -3.88 -11.88
N GLU A 108 -3.12 -2.81 -12.69
CA GLU A 108 -3.95 -2.75 -13.92
C GLU A 108 -3.09 -2.48 -15.17
FE HEC B . 2.19 -1.98 4.36
CHA HEC B . -0.92 -3.44 4.97
CHB HEC B . 1.03 -0.70 1.36
CHC HEC B . 5.30 -0.53 3.79
CHD HEC B . 3.53 -3.73 7.06
NA HEC B . 0.41 -2.03 3.37
C1A HEC B . -0.78 -2.64 3.81
C2A HEC B . -1.79 -2.49 2.81
C3A HEC B . -1.25 -1.75 1.77
C4A HEC B . 0.11 -1.47 2.12
CMA HEC B . -1.97 -1.35 0.51
CAA HEC B . -3.19 -3.01 2.88
CBA HEC B . -3.29 -4.52 2.60
CGA HEC B . -4.74 -5.01 2.77
O1A HEC B . -5.52 -4.36 3.47
O2A HEC B . -5.07 -6.09 2.22
NB HEC B . 2.98 -0.81 2.89
C1B HEC B . 2.36 -0.41 1.70
C2B HEC B . 3.28 0.37 0.92
C3B HEC B . 4.46 0.48 1.63
C4B HEC B . 4.27 -0.25 2.86
CMB HEC B . 3.04 0.81 -0.51
CAB HEC B . 5.69 1.27 1.29
CBB HEC B . 5.43 2.79 1.26
NC HEC B . 4.03 -2.05 5.28
C1C HEC B . 5.19 -1.36 4.93
C2C HEC B . 6.29 -1.76 5.74
C3C HEC B . 5.83 -2.73 6.60
C4C HEC B . 4.42 -2.88 6.34
CMC HEC B . 7.70 -1.25 5.60
CAC HEC B . 6.65 -3.65 7.47
CBC HEC B . 7.12 -2.97 8.75
ND HEC B . 1.43 -3.26 5.77
C1D HEC B . 2.14 -3.92 6.80
C2D HEC B . 1.29 -4.77 7.52
C3D HEC B . 0.01 -4.65 7.01
C4D HEC B . 0.11 -3.72 5.91
CMD HEC B . 1.76 -5.79 8.51
CAD HEC B . -1.25 -5.23 7.61
CBD HEC B . -1.79 -4.36 8.76
CGD HEC B . -2.62 -5.11 9.80
O1D HEC B . -3.19 -6.19 9.50
O2D HEC B . -2.67 -4.62 10.93
HHA HEC B . -1.93 -3.78 5.23
HHB HEC B . 0.68 -0.35 0.37
HHC HEC B . 6.22 0.05 3.69
HHD HEC B . 3.97 -4.37 7.83
HMA1 HEC B . -2.23 -0.31 0.56
HMA2 HEC B . -2.87 -1.95 0.41
HMA3 HEC B . -1.33 -1.52 -0.34
HAA1 HEC B . -3.79 -2.49 2.16
HAA2 HEC B . -3.59 -2.82 3.86
HBA1 HEC B . -2.66 -5.05 3.29
HBA2 HEC B . -2.97 -4.71 1.60
HMB1 HEC B . 2.01 0.60 -0.79
HMB2 HEC B . 3.70 0.28 -1.18
HMB3 HEC B . 3.22 1.87 -0.58
HAB HEC B . 6.39 1.10 2.09
HBB1 HEC B . 4.59 3.00 1.92
HBB2 HEC B . 5.20 3.10 0.27
HBB3 HEC B . 6.31 3.30 1.63
HMC1 HEC B . 7.73 -0.18 5.77
HMC2 HEC B . 8.06 -1.46 4.60
HMC3 HEC B . 8.33 -1.75 6.32
HAC HEC B . 6.01 -4.46 7.78
HBC1 HEC B . 6.25 -2.82 9.38
HBC2 HEC B . 7.57 -2.02 8.53
HBC3 HEC B . 7.83 -3.60 9.27
HMD1 HEC B . 2.35 -5.31 9.27
HMD2 HEC B . 2.37 -6.54 8.00
HMD3 HEC B . 0.91 -6.29 8.96
HAD1 HEC B . -1.03 -6.22 7.99
HAD2 HEC B . -2.00 -5.30 6.84
HBD1 HEC B . -2.39 -3.58 8.33
HBD2 HEC B . -0.95 -3.92 9.27
C2 4NL C . -8.01 0.83 -9.75
C6 4NL C . -8.04 2.47 -8.01
C3 4NL C . -6.64 0.94 -9.84
C4 4NL C . -5.96 1.83 -9.02
C5 4NL C . -6.67 2.60 -8.10
C1 4NL C . -8.72 1.59 -8.84
N1 4NL C . -10.16 1.46 -8.73
O1 4NL C . -4.56 1.96 -9.11
H2 4NL C . -6.07 0.33 -10.59
H6 4NL C . -10.72 1.30 -9.59
H3 4NL C . -6.12 3.32 -7.44
H5 4NL C . -4.25 2.66 -8.49
H4 4NL C . -8.62 3.11 -7.29
H1 4NL C . -8.56 0.11 -10.43
H7 4NL C . -10.61 1.53 -7.82
N THR A 1 -3.56 16.23 -0.97
CA THR A 1 -4.11 15.70 -2.22
C THR A 1 -3.64 16.58 -3.36
N GLU A 2 -2.54 16.20 -4.01
CA GLU A 2 -1.96 16.94 -5.13
C GLU A 2 -1.26 15.90 -6.01
N PHE A 3 -2.03 14.89 -6.42
CA PHE A 3 -1.53 13.79 -7.26
C PHE A 3 -1.08 14.28 -8.66
N LYS A 4 0.06 13.74 -9.09
CA LYS A 4 0.69 14.00 -10.37
C LYS A 4 1.24 12.68 -10.89
N ALA A 5 0.89 12.37 -12.14
CA ALA A 5 1.30 11.14 -12.82
C ALA A 5 2.83 10.90 -12.73
N GLY A 6 3.21 9.63 -12.56
CA GLY A 6 4.61 9.22 -12.44
C GLY A 6 5.04 8.27 -13.57
N SER A 7 5.87 7.31 -13.22
CA SER A 7 6.40 6.30 -14.15
C SER A 7 6.87 5.06 -13.38
N ALA A 8 6.60 3.88 -13.92
CA ALA A 8 6.99 2.61 -13.30
C ALA A 8 8.47 2.56 -12.84
N LYS A 9 9.43 3.01 -13.68
CA LYS A 9 10.86 3.01 -13.32
C LYS A 9 11.28 4.10 -12.30
N LYS A 10 10.33 4.87 -11.79
CA LYS A 10 10.60 5.92 -10.77
C LYS A 10 10.00 5.52 -9.42
N GLY A 11 8.70 5.24 -9.40
CA GLY A 11 8.04 4.79 -8.17
C GLY A 11 8.68 3.53 -7.59
N ALA A 12 9.26 2.68 -8.45
CA ALA A 12 9.94 1.46 -8.03
C ALA A 12 11.07 1.73 -7.01
N THR A 13 12.02 2.63 -7.32
CA THR A 13 13.11 2.96 -6.37
C THR A 13 12.60 3.22 -4.94
N LEU A 14 11.42 3.85 -4.81
CA LEU A 14 10.79 4.15 -3.52
C LEU A 14 10.36 2.86 -2.82
N PHE A 15 9.22 2.30 -3.24
CA PHE A 15 8.68 1.04 -2.72
C PHE A 15 9.77 -0.03 -2.51
N LYS A 16 10.72 -0.13 -3.46
CA LYS A 16 11.80 -1.12 -3.44
C LYS A 16 12.79 -0.96 -2.25
N THR A 17 12.80 0.22 -1.60
CA THR A 17 13.68 0.53 -0.45
C THR A 17 12.91 1.33 0.66
N ARG A 18 11.59 1.16 0.66
CA ARG A 18 10.66 1.79 1.62
C ARG A 18 9.51 0.85 2.04
N CYS A 19 9.16 -0.08 1.15
CA CYS A 19 8.05 -1.01 1.36
C CYS A 19 8.48 -2.47 1.17
N LEU A 20 9.50 -2.69 0.32
CA LEU A 20 10.03 -4.04 0.03
C LEU A 20 10.41 -4.83 1.30
N GLN A 21 10.97 -4.14 2.30
CA GLN A 21 11.39 -4.72 3.60
C GLN A 21 10.38 -5.73 4.20
N CYS A 22 9.08 -5.50 4.00
CA CYS A 22 8.02 -6.37 4.54
C CYS A 22 7.01 -6.88 3.48
N HIS A 23 6.72 -6.08 2.45
CA HIS A 23 5.75 -6.40 1.39
C HIS A 23 6.39 -6.95 0.10
N THR A 24 5.50 -7.32 -0.82
CA THR A 24 5.85 -7.84 -2.15
C THR A 24 4.93 -7.18 -3.21
N VAL A 25 5.52 -6.55 -4.25
CA VAL A 25 4.78 -5.84 -5.32
C VAL A 25 4.13 -6.77 -6.38
N GLU A 26 4.67 -7.96 -6.51
CA GLU A 26 4.22 -8.99 -7.46
C GLU A 26 3.67 -10.19 -6.67
N LYS A 27 3.23 -11.27 -7.33
CA LYS A 27 2.70 -12.43 -6.58
C LYS A 27 3.66 -13.64 -6.47
N GLY A 28 4.97 -13.41 -6.55
CA GLY A 28 5.95 -14.51 -6.45
C GLY A 28 6.62 -14.60 -5.06
N GLY A 29 6.63 -13.49 -4.32
CA GLY A 29 7.23 -13.41 -2.98
C GLY A 29 6.26 -13.78 -1.88
N PRO A 30 6.61 -14.70 -0.98
CA PRO A 30 5.73 -15.08 0.13
C PRO A 30 5.45 -13.90 1.07
N HIS A 31 4.30 -13.93 1.73
CA HIS A 31 3.92 -12.88 2.66
C HIS A 31 4.96 -12.75 3.79
N LYS A 32 5.71 -11.64 3.82
CA LYS A 32 6.74 -11.40 4.84
C LYS A 32 6.12 -10.71 6.08
N VAL A 33 6.77 -9.68 6.61
CA VAL A 33 6.27 -8.90 7.76
C VAL A 33 4.94 -8.20 7.37
N GLY A 34 4.73 -8.02 6.05
CA GLY A 34 3.53 -7.40 5.48
C GLY A 34 2.89 -8.27 4.39
N PRO A 35 1.57 -8.13 4.16
CA PRO A 35 0.84 -8.93 3.15
C PRO A 35 1.19 -8.58 1.70
N ASN A 36 0.74 -9.42 0.77
CA ASN A 36 0.98 -9.19 -0.65
C ASN A 36 0.02 -8.07 -1.15
N LEU A 37 0.59 -7.05 -1.83
CA LEU A 37 -0.12 -5.86 -2.33
C LEU A 37 -0.59 -6.00 -3.81
N HIS A 38 -0.13 -7.05 -4.50
CA HIS A 38 -0.47 -7.36 -5.91
C HIS A 38 -1.95 -7.78 -6.06
N GLY A 39 -2.79 -6.79 -6.43
CA GLY A 39 -4.22 -7.00 -6.64
C GLY A 39 -5.12 -6.34 -5.59
N ILE A 40 -4.63 -5.33 -4.84
CA ILE A 40 -5.47 -4.65 -3.85
C ILE A 40 -6.46 -3.66 -4.49
N PHE A 41 -6.08 -3.01 -5.60
CA PHE A 41 -6.94 -2.03 -6.30
C PHE A 41 -8.25 -2.67 -6.78
N GLY A 42 -9.34 -2.31 -6.10
CA GLY A 42 -10.70 -2.80 -6.37
C GLY A 42 -11.24 -3.74 -5.29
N ARG A 43 -10.43 -4.09 -4.28
CA ARG A 43 -10.82 -4.98 -3.17
C ARG A 43 -10.88 -4.18 -1.86
N HIS A 44 -11.31 -4.84 -0.80
CA HIS A 44 -11.43 -4.21 0.51
C HIS A 44 -10.19 -4.49 1.35
N SER A 45 -10.03 -3.78 2.48
CA SER A 45 -8.87 -3.95 3.35
C SER A 45 -8.91 -5.30 4.05
N GLY A 46 -7.73 -5.90 4.24
CA GLY A 46 -7.62 -7.20 4.90
C GLY A 46 -8.00 -8.44 4.07
N GLN A 47 -7.64 -8.51 2.76
CA GLN A 47 -8.00 -9.69 1.92
C GLN A 47 -6.80 -10.48 1.29
N ALA A 48 -5.58 -10.38 1.81
CA ALA A 48 -4.41 -11.12 1.26
C ALA A 48 -4.60 -12.66 1.22
N GLU A 49 -4.23 -13.27 0.09
CA GLU A 49 -4.34 -14.72 -0.14
C GLU A 49 -3.19 -15.53 0.57
N GLY A 50 -3.31 -15.65 1.91
CA GLY A 50 -2.35 -16.40 2.75
C GLY A 50 -1.76 -15.59 3.94
N TYR A 51 -2.40 -14.49 4.33
CA TYR A 51 -1.93 -13.64 5.45
C TYR A 51 -3.11 -13.04 6.27
N SER A 52 -2.91 -12.94 7.59
CA SER A 52 -3.92 -12.40 8.54
C SER A 52 -3.67 -10.92 8.93
N TYR A 53 -4.79 -10.18 9.04
CA TYR A 53 -4.85 -8.74 9.39
C TYR A 53 -5.39 -8.51 10.85
N THR A 54 -5.17 -7.31 11.43
CA THR A 54 -5.61 -6.96 12.81
C THR A 54 -7.13 -6.84 12.95
N ASP A 55 -7.62 -6.91 14.20
CA ASP A 55 -9.04 -6.81 14.52
C ASP A 55 -9.70 -5.55 13.90
N ALA A 56 -8.94 -4.46 13.83
CA ALA A 56 -9.41 -3.16 13.31
C ALA A 56 -9.31 -3.02 11.78
N ASN A 57 -8.29 -3.62 11.13
CA ASN A 57 -8.10 -3.51 9.67
C ASN A 57 -9.20 -4.29 8.90
N ILE A 58 -9.57 -5.46 9.42
CA ILE A 58 -10.63 -6.30 8.83
C ILE A 58 -11.99 -5.60 8.91
N LYS A 59 -12.55 -5.43 10.11
CA LYS A 59 -13.77 -4.62 10.35
C LYS A 59 -13.84 -3.33 9.50
N LYS A 60 -12.70 -2.85 9.00
CA LYS A 60 -12.57 -1.60 8.24
C LYS A 60 -12.95 -1.73 6.76
N ASN A 61 -12.61 -2.88 6.13
CA ASN A 61 -12.84 -3.27 4.71
C ASN A 61 -12.93 -2.09 3.72
N VAL A 62 -11.95 -1.19 3.77
CA VAL A 62 -11.93 -0.02 2.90
C VAL A 62 -11.66 -0.44 1.46
N LEU A 63 -12.41 0.14 0.51
CA LEU A 63 -12.24 -0.21 -0.89
C LEU A 63 -11.04 0.57 -1.47
N TRP A 64 -9.90 -0.11 -1.57
CA TRP A 64 -8.66 0.48 -2.07
C TRP A 64 -8.84 1.02 -3.50
N ASP A 65 -8.75 2.35 -3.61
CA ASP A 65 -8.89 3.13 -4.84
C ASP A 65 -7.61 3.97 -5.08
N GLU A 66 -7.62 4.82 -6.10
CA GLU A 66 -6.48 5.68 -6.47
C GLU A 66 -6.19 6.67 -5.34
N ASN A 67 -7.19 7.47 -4.95
CA ASN A 67 -7.05 8.44 -3.87
C ASN A 67 -7.03 7.76 -2.48
N ASN A 68 -7.94 6.80 -2.22
CA ASN A 68 -7.98 6.06 -0.94
C ASN A 68 -6.60 5.53 -0.46
N MET A 69 -5.78 4.93 -1.33
CA MET A 69 -4.43 4.47 -0.92
C MET A 69 -3.59 5.62 -0.29
N SER A 70 -3.68 6.84 -0.84
CA SER A 70 -2.99 8.03 -0.30
C SER A 70 -3.48 8.38 1.13
N GLU A 71 -4.77 8.22 1.39
CA GLU A 71 -5.37 8.48 2.71
C GLU A 71 -4.63 7.68 3.80
N TYR A 72 -4.41 6.39 3.53
CA TYR A 72 -3.70 5.44 4.41
C TYR A 72 -2.18 5.66 4.42
N LEU A 73 -1.55 5.90 3.26
CA LEU A 73 -0.09 6.11 3.22
C LEU A 73 0.40 7.29 4.08
N THR A 74 -0.33 8.41 4.12
CA THR A 74 0.06 9.59 4.92
C THR A 74 0.10 9.26 6.42
N ASN A 75 -0.82 8.41 6.92
CA ASN A 75 -0.85 8.00 8.33
C ASN A 75 -1.62 6.66 8.51
N PRO A 76 -0.93 5.53 8.42
CA PRO A 76 -1.56 4.20 8.58
C PRO A 76 -2.18 3.99 9.97
N LYS A 77 -1.49 4.49 11.00
CA LYS A 77 -1.94 4.40 12.41
C LYS A 77 -3.22 5.21 12.66
N LYS A 78 -3.37 6.35 11.99
CA LYS A 78 -4.56 7.19 12.16
C LYS A 78 -5.76 6.63 11.37
N TYR A 79 -5.54 6.17 10.14
CA TYR A 79 -6.59 5.57 9.29
C TYR A 79 -7.10 4.20 9.80
N ILE A 80 -6.16 3.37 10.26
CA ILE A 80 -6.44 2.05 10.81
C ILE A 80 -5.75 1.94 12.20
N PRO A 81 -6.48 2.24 13.27
CA PRO A 81 -5.96 2.20 14.64
C PRO A 81 -5.60 0.79 15.12
N GLY A 82 -4.39 0.63 15.63
CA GLY A 82 -3.92 -0.67 16.14
C GLY A 82 -3.24 -1.57 15.08
N THR A 83 -3.29 -1.16 13.80
CA THR A 83 -2.68 -1.91 12.68
C THR A 83 -1.19 -2.19 12.85
N LYS A 84 -0.76 -3.36 12.36
CA LYS A 84 0.64 -3.81 12.45
C LYS A 84 1.62 -2.97 11.61
N MET A 85 1.13 -2.20 10.62
CA MET A 85 2.01 -1.40 9.76
C MET A 85 2.59 -0.17 10.51
N ALA A 86 3.80 -0.37 11.04
CA ALA A 86 4.52 0.62 11.86
C ALA A 86 5.53 1.51 11.10
N PHE A 87 5.32 1.59 9.78
CA PHE A 87 6.08 2.36 8.79
C PHE A 87 6.08 3.90 9.00
N GLY A 88 5.20 4.44 9.84
CA GLY A 88 5.16 5.90 10.08
C GLY A 88 4.29 6.71 9.10
N GLY A 89 4.37 6.38 7.80
CA GLY A 89 3.57 7.05 6.75
C GLY A 89 4.33 8.17 6.01
N LEU A 90 4.44 8.04 4.69
CA LEU A 90 5.11 9.02 3.82
C LEU A 90 4.26 10.30 3.66
N LYS A 91 4.60 11.29 4.49
CA LYS A 91 3.96 12.62 4.58
C LYS A 91 4.13 13.48 3.31
N LYS A 92 5.11 13.15 2.47
CA LYS A 92 5.41 13.88 1.23
C LYS A 92 4.49 13.47 0.07
N GLU A 93 3.64 14.39 -0.37
CA GLU A 93 2.70 14.19 -1.48
C GLU A 93 3.37 13.79 -2.82
N LYS A 94 4.39 14.53 -3.26
CA LYS A 94 5.08 14.26 -4.54
C LYS A 94 5.65 12.84 -4.57
N ASP A 95 6.20 12.45 -3.43
CA ASP A 95 6.77 11.14 -3.17
C ASP A 95 5.73 10.00 -3.40
N ARG A 96 4.49 10.15 -2.90
CA ARG A 96 3.43 9.15 -3.16
C ARG A 96 2.92 9.19 -4.61
N ASN A 97 2.86 10.38 -5.22
CA ASN A 97 2.41 10.55 -6.61
C ASN A 97 3.00 9.47 -7.55
N ASP A 98 4.34 9.39 -7.63
CA ASP A 98 5.05 8.37 -8.43
C ASP A 98 4.79 6.94 -7.90
N LEU A 99 4.73 6.76 -6.57
CA LEU A 99 4.45 5.46 -5.92
C LEU A 99 3.11 4.84 -6.40
N ILE A 100 2.07 5.66 -6.57
CA ILE A 100 0.75 5.23 -7.05
C ILE A 100 0.86 4.66 -8.47
N THR A 101 1.49 5.41 -9.39
CA THR A 101 1.71 4.97 -10.77
C THR A 101 2.40 3.60 -10.84
N TYR A 102 3.44 3.38 -10.02
CA TYR A 102 4.14 2.08 -9.98
C TYR A 102 3.20 0.93 -9.56
N LEU A 103 2.53 1.05 -8.41
CA LEU A 103 1.59 0.03 -7.91
C LEU A 103 0.41 -0.15 -8.87
N LYS A 104 -0.14 0.97 -9.33
CA LYS A 104 -1.23 1.02 -10.30
C LYS A 104 -0.82 0.25 -11.57
N LYS A 105 0.43 0.38 -12.04
CA LYS A 105 0.95 -0.29 -13.27
C LYS A 105 1.14 -1.81 -13.15
N ALA A 106 1.43 -2.23 -11.93
CA ALA A 106 1.64 -3.62 -11.49
C ALA A 106 0.32 -4.41 -11.26
N THR A 107 -0.73 -3.71 -10.77
CA THR A 107 -2.06 -4.28 -10.52
C THR A 107 -2.91 -4.30 -11.82
N GLU A 108 -2.80 -3.24 -12.64
CA GLU A 108 -3.55 -3.16 -13.91
C GLU A 108 -2.61 -2.88 -15.11
FE HEC B . 2.26 -1.73 4.55
CHA HEC B . -0.86 -3.16 5.11
CHB HEC B . 1.09 -0.26 1.64
CHC HEC B . 5.39 -0.31 4.02
CHD HEC B . 3.60 -3.66 7.12
NA HEC B . 0.47 -1.69 3.59
C1A HEC B . -0.73 -2.30 3.99
C2A HEC B . -1.74 -2.07 3.03
C3A HEC B . -1.19 -1.28 2.03
C4A HEC B . 0.17 -1.03 2.37
CMA HEC B . -1.92 -0.79 0.80
CAA HEC B . -3.15 -2.57 3.08
CBA HEC B . -3.29 -4.05 2.71
CGA HEC B . -4.74 -4.53 2.87
O1A HEC B . -5.50 -3.90 3.63
O2A HEC B . -5.10 -5.55 2.27
NB HEC B . 3.07 -0.49 3.14
C1B HEC B . 2.44 0.00 1.99
C2B HEC B . 3.36 0.80 1.23
C3B HEC B . 4.55 0.84 1.95
C4B HEC B . 4.36 0.04 3.12
CMB HEC B . 3.11 1.33 -0.15
CAB HEC B . 5.79 1.62 1.63
CBB HEC B . 5.56 3.14 1.70
NC HEC B . 4.12 -1.89 5.44
C1C HEC B . 5.28 -1.20 5.12
C2C HEC B . 6.39 -1.68 5.87
C3C HEC B . 5.92 -2.69 6.70
C4C HEC B . 4.50 -2.80 6.44
CMC HEC B . 7.80 -1.19 5.75
CAC HEC B . 6.73 -3.66 7.49
CBC HEC B . 7.23 -3.08 8.81
ND HEC B . 1.50 -3.08 5.90
C1D HEC B . 2.21 -3.81 6.86
C2D HEC B . 1.35 -4.70 7.55
C3D HEC B . 0.07 -4.50 7.07
C4D HEC B . 0.16 -3.52 6.03
CMD HEC B . 1.82 -5.78 8.46
CAD HEC B . -1.19 -5.10 7.65
CBD HEC B . -1.70 -4.28 8.85
CGD HEC B . -2.54 -5.08 9.86
O1D HEC B . -3.14 -6.13 9.51
O2D HEC B . -2.56 -4.66 11.02
HHA HEC B . -1.88 -3.50 5.36
HHB HEC B . 0.74 0.17 0.69
HHC HEC B . 6.33 0.25 3.95
HHD HEC B . 4.04 -4.37 7.85
HMA1 HEC B . -2.16 0.25 0.92
HMA2 HEC B . -2.84 -1.36 0.68
HMA3 HEC B . -1.29 -0.92 -0.07
HAA1 HEC B . -3.76 -1.99 2.40
HAA2 HEC B . -3.53 -2.41 4.08
HBA1 HEC B . -2.65 -4.63 3.36
HBA2 HEC B . -2.98 -4.19 1.70
HMB1 HEC B . 2.08 1.16 -0.43
HMB2 HEC B . 3.75 0.82 -0.86
HMB3 HEC B . 3.31 2.39 -0.18
HAB HEC B . 6.50 1.40 2.41
HBB1 HEC B . 4.74 3.34 2.38
HBB2 HEC B . 5.33 3.53 0.73
HBB3 HEC B . 6.46 3.62 2.09
HMC1 HEC B . 7.86 -0.13 5.99
HMC2 HEC B . 8.15 -1.35 4.74
HMC3 HEC B . 8.44 -1.73 6.43
HAC HEC B . 6.08 -4.48 7.76
HBC1 HEC B . 6.38 -2.94 9.46
HBC2 HEC B . 7.70 -2.12 8.64
HBC3 HEC B . 7.94 -3.75 9.28
HMD1 HEC B . 2.43 -5.35 9.25
HMD2 HEC B . 2.40 -6.50 7.91
HMD3 HEC B . 0.96 -6.28 8.91
HAD1 HEC B . -0.99 -6.11 7.96
HAD2 HEC B . -1.97 -5.11 6.89
HBD1 HEC B . -2.30 -3.47 8.49
HBD2 HEC B . -0.85 -3.89 9.37
C2 4NL C . -7.89 0.87 -10.09
C6 4NL C . -7.81 2.29 -8.16
C3 4NL C . -6.51 0.99 -10.23
C4 4NL C . -5.78 1.76 -9.35
C5 4NL C . -6.43 2.41 -8.31
C1 4NL C . -8.54 1.52 -9.05
N1 4NL C . -9.97 1.38 -8.90
O1 4NL C . -4.39 1.88 -9.50
H2 4NL C . -6.00 0.46 -11.09
H6 4NL C . -10.60 2.04 -9.38
H3 4NL C . -5.85 3.04 -7.58
H5 4NL C . -4.04 2.54 -8.83
H4 4NL C . -8.33 2.84 -7.33
H1 4NL C . -8.48 0.25 -10.82
H7 4NL C . -10.36 0.65 -8.30
N THR A 1 -3.67 16.89 -2.23
CA THR A 1 -4.08 16.13 -3.42
C THR A 1 -3.54 16.84 -4.64
N GLU A 2 -2.21 17.05 -4.70
CA GLU A 2 -1.55 17.71 -5.81
C GLU A 2 -0.92 16.59 -6.65
N PHE A 3 -1.72 15.57 -6.97
CA PHE A 3 -1.27 14.41 -7.75
C PHE A 3 -0.69 14.83 -9.12
N LYS A 4 0.27 14.03 -9.58
CA LYS A 4 0.98 14.20 -10.84
C LYS A 4 1.57 12.84 -11.22
N ALA A 5 1.17 12.37 -12.40
CA ALA A 5 1.58 11.07 -12.94
C ALA A 5 3.10 10.82 -12.79
N GLY A 6 3.46 9.57 -12.49
CA GLY A 6 4.85 9.15 -12.30
C GLY A 6 5.38 8.32 -13.48
N SER A 7 6.16 7.30 -13.15
CA SER A 7 6.77 6.39 -14.13
C SER A 7 7.13 5.06 -13.47
N ALA A 8 6.72 3.95 -14.09
CA ALA A 8 6.98 2.60 -13.57
C ALA A 8 8.42 2.39 -13.03
N LYS A 9 9.45 2.88 -13.74
CA LYS A 9 10.86 2.72 -13.31
C LYS A 9 11.34 3.72 -12.23
N LYS A 10 10.44 4.59 -11.73
CA LYS A 10 10.77 5.57 -10.69
C LYS A 10 10.13 5.17 -9.36
N GLY A 11 8.80 5.06 -9.34
CA GLY A 11 8.09 4.63 -8.14
C GLY A 11 8.61 3.29 -7.61
N ALA A 12 9.07 2.41 -8.51
CA ALA A 12 9.62 1.10 -8.14
C ALA A 12 10.83 1.21 -7.18
N THR A 13 11.83 2.06 -7.49
CA THR A 13 13.00 2.22 -6.60
C THR A 13 12.62 2.65 -5.18
N LEU A 14 11.62 3.54 -5.05
CA LEU A 14 11.12 4.04 -3.76
C LEU A 14 10.51 2.91 -2.95
N PHE A 15 9.49 2.25 -3.52
CA PHE A 15 8.80 1.11 -2.90
C PHE A 15 9.78 -0.04 -2.56
N LYS A 16 10.77 -0.27 -3.43
CA LYS A 16 11.75 -1.35 -3.28
C LYS A 16 12.85 -1.08 -2.21
N THR A 17 12.78 0.08 -1.53
CA THR A 17 13.73 0.47 -0.46
C THR A 17 12.99 1.16 0.74
N ARG A 18 11.65 1.18 0.64
CA ARG A 18 10.75 1.79 1.64
C ARG A 18 9.65 0.82 2.10
N CYS A 19 9.15 0.00 1.18
CA CYS A 19 8.07 -0.94 1.45
C CYS A 19 8.56 -2.40 1.31
N LEU A 20 9.53 -2.64 0.42
CA LEU A 20 10.11 -3.99 0.18
C LEU A 20 10.48 -4.74 1.49
N GLN A 21 11.03 -4.01 2.46
CA GLN A 21 11.45 -4.55 3.78
C GLN A 21 10.47 -5.57 4.41
N CYS A 22 9.15 -5.37 4.23
CA CYS A 22 8.11 -6.24 4.79
C CYS A 22 7.12 -6.82 3.76
N HIS A 23 6.77 -6.04 2.71
CA HIS A 23 5.79 -6.40 1.69
C HIS A 23 6.40 -7.04 0.42
N THR A 24 5.50 -7.33 -0.52
CA THR A 24 5.81 -7.91 -1.82
C THR A 24 4.98 -7.20 -2.93
N VAL A 25 5.65 -6.58 -3.91
CA VAL A 25 4.99 -5.82 -5.01
C VAL A 25 4.35 -6.70 -6.09
N GLU A 26 4.91 -7.89 -6.30
CA GLU A 26 4.44 -8.88 -7.28
C GLU A 26 3.90 -10.11 -6.54
N LYS A 27 3.45 -11.16 -7.23
CA LYS A 27 2.93 -12.35 -6.53
C LYS A 27 3.90 -13.55 -6.47
N GLY A 28 5.21 -13.33 -6.57
CA GLY A 28 6.18 -14.43 -6.49
C GLY A 28 6.84 -14.57 -5.12
N GLY A 29 6.89 -13.48 -4.35
CA GLY A 29 7.49 -13.46 -3.01
C GLY A 29 6.51 -13.89 -1.91
N PRO A 30 6.88 -14.86 -1.06
CA PRO A 30 6.01 -15.30 0.03
C PRO A 30 5.73 -14.16 1.02
N HIS A 31 4.58 -14.22 1.68
CA HIS A 31 4.18 -13.21 2.65
C HIS A 31 5.27 -13.08 3.73
N LYS A 32 5.72 -11.84 4.01
CA LYS A 32 6.77 -11.59 5.00
C LYS A 32 6.20 -10.80 6.20
N VAL A 33 6.90 -9.77 6.69
CA VAL A 33 6.46 -8.93 7.81
C VAL A 33 5.13 -8.21 7.45
N GLY A 34 4.89 -8.09 6.12
CA GLY A 34 3.68 -7.47 5.58
C GLY A 34 3.02 -8.33 4.49
N PRO A 35 1.69 -8.20 4.30
CA PRO A 35 0.95 -8.99 3.30
C PRO A 35 1.27 -8.61 1.84
N ASN A 36 0.85 -9.45 0.91
CA ASN A 36 1.09 -9.21 -0.52
C ASN A 36 0.11 -8.10 -1.02
N LEU A 37 0.66 -7.07 -1.68
CA LEU A 37 -0.08 -5.88 -2.17
C LEU A 37 -0.52 -6.00 -3.66
N HIS A 38 0.07 -6.95 -4.40
CA HIS A 38 -0.20 -7.23 -5.83
C HIS A 38 -1.66 -7.67 -6.07
N GLY A 39 -2.51 -6.69 -6.42
CA GLY A 39 -3.93 -6.94 -6.71
C GLY A 39 -4.90 -6.37 -5.66
N ILE A 40 -4.46 -5.46 -4.79
CA ILE A 40 -5.38 -4.88 -3.79
C ILE A 40 -6.31 -3.82 -4.39
N PHE A 41 -5.90 -3.16 -5.49
CA PHE A 41 -6.73 -2.11 -6.13
C PHE A 41 -8.10 -2.64 -6.58
N GLY A 42 -9.14 -2.16 -5.86
CA GLY A 42 -10.53 -2.52 -6.10
C GLY A 42 -11.10 -3.53 -5.09
N ARG A 43 -10.32 -3.89 -4.05
CA ARG A 43 -10.72 -4.86 -3.01
C ARG A 43 -10.76 -4.15 -1.65
N HIS A 44 -11.39 -4.80 -0.68
CA HIS A 44 -11.52 -4.26 0.67
C HIS A 44 -10.28 -4.56 1.49
N SER A 45 -10.05 -3.80 2.58
CA SER A 45 -8.88 -4.01 3.45
C SER A 45 -8.91 -5.40 4.07
N GLY A 46 -7.74 -6.04 4.13
CA GLY A 46 -7.61 -7.38 4.70
C GLY A 46 -7.90 -8.56 3.75
N GLN A 47 -7.48 -8.52 2.47
CA GLN A 47 -7.75 -9.63 1.51
C GLN A 47 -6.50 -10.44 1.01
N ALA A 48 -5.35 -10.38 1.68
CA ALA A 48 -4.13 -11.12 1.26
C ALA A 48 -4.32 -12.65 1.15
N GLU A 49 -4.05 -13.20 -0.03
CA GLU A 49 -4.18 -14.65 -0.33
C GLU A 49 -3.15 -15.51 0.45
N GLY A 50 -3.50 -15.84 1.72
CA GLY A 50 -2.66 -16.68 2.60
C GLY A 50 -1.98 -15.93 3.77
N TYR A 51 -2.55 -14.79 4.20
CA TYR A 51 -2.00 -13.98 5.31
C TYR A 51 -3.11 -13.31 6.16
N SER A 52 -2.86 -13.20 7.47
CA SER A 52 -3.81 -12.60 8.45
C SER A 52 -3.61 -11.08 8.64
N TYR A 53 -4.69 -10.44 9.13
CA TYR A 53 -4.78 -8.99 9.42
C TYR A 53 -5.28 -8.72 10.90
N THR A 54 -5.27 -7.45 11.35
CA THR A 54 -5.72 -7.05 12.72
C THR A 54 -7.24 -6.95 12.85
N ASP A 55 -7.73 -6.97 14.10
CA ASP A 55 -9.15 -6.85 14.43
C ASP A 55 -9.79 -5.58 13.81
N ALA A 56 -9.02 -4.48 13.77
CA ALA A 56 -9.47 -3.19 13.25
C ALA A 56 -9.37 -3.06 11.70
N ASN A 57 -8.37 -3.67 11.06
CA ASN A 57 -8.20 -3.58 9.59
C ASN A 57 -9.30 -4.36 8.85
N ILE A 58 -9.68 -5.52 9.38
CA ILE A 58 -10.75 -6.36 8.80
C ILE A 58 -12.11 -5.66 8.93
N LYS A 59 -12.64 -5.51 10.15
CA LYS A 59 -13.85 -4.69 10.43
C LYS A 59 -13.95 -3.39 9.60
N LYS A 60 -12.81 -2.91 9.08
CA LYS A 60 -12.70 -1.64 8.34
C LYS A 60 -13.15 -1.76 6.86
N ASN A 61 -12.86 -2.91 6.21
CA ASN A 61 -13.17 -3.29 4.80
C ASN A 61 -13.17 -2.11 3.82
N VAL A 62 -12.16 -1.25 3.89
CA VAL A 62 -12.07 -0.07 3.02
C VAL A 62 -11.75 -0.50 1.59
N LEU A 63 -12.42 0.10 0.61
CA LEU A 63 -12.18 -0.24 -0.78
C LEU A 63 -10.97 0.56 -1.29
N TRP A 64 -9.82 -0.10 -1.35
CA TRP A 64 -8.57 0.51 -1.81
C TRP A 64 -8.71 1.10 -3.23
N ASP A 65 -8.74 2.42 -3.28
CA ASP A 65 -8.86 3.24 -4.49
C ASP A 65 -7.58 4.08 -4.69
N GLU A 66 -7.59 4.97 -5.70
CA GLU A 66 -6.45 5.82 -6.03
C GLU A 66 -6.15 6.80 -4.88
N ASN A 67 -7.17 7.58 -4.47
CA ASN A 67 -7.04 8.53 -3.39
C ASN A 67 -7.01 7.82 -1.99
N ASN A 68 -7.91 6.87 -1.75
CA ASN A 68 -7.98 6.12 -0.47
C ASN A 68 -6.62 5.54 0.01
N MET A 69 -5.80 4.96 -0.88
CA MET A 69 -4.48 4.44 -0.48
C MET A 69 -3.55 5.57 0.07
N SER A 70 -3.57 6.76 -0.54
CA SER A 70 -2.75 7.90 -0.10
C SER A 70 -3.20 8.47 1.26
N GLU A 71 -4.51 8.61 1.46
CA GLU A 71 -5.10 9.12 2.72
C GLU A 71 -4.68 8.24 3.91
N TYR A 72 -4.63 6.92 3.65
CA TYR A 72 -4.23 5.88 4.63
C TYR A 72 -2.71 5.81 4.82
N LEU A 73 -1.92 5.75 3.75
CA LEU A 73 -0.44 5.69 3.87
C LEU A 73 0.16 6.84 4.71
N THR A 74 -0.38 8.06 4.61
CA THR A 74 0.12 9.21 5.38
C THR A 74 -0.01 9.00 6.89
N ASN A 75 -0.95 8.16 7.33
CA ASN A 75 -1.15 7.86 8.76
C ASN A 75 -1.98 6.57 8.96
N PRO A 76 -1.36 5.39 8.87
CA PRO A 76 -2.06 4.10 9.05
C PRO A 76 -2.66 3.93 10.46
N LYS A 77 -1.97 4.48 11.46
CA LYS A 77 -2.41 4.41 12.87
C LYS A 77 -3.72 5.17 13.11
N LYS A 78 -3.92 6.30 12.44
CA LYS A 78 -5.15 7.08 12.59
C LYS A 78 -6.33 6.46 11.82
N TYR A 79 -6.07 5.92 10.62
CA TYR A 79 -7.10 5.27 9.79
C TYR A 79 -7.57 3.90 10.34
N ILE A 80 -6.61 3.12 10.85
CA ILE A 80 -6.84 1.80 11.44
C ILE A 80 -6.15 1.77 12.83
N PRO A 81 -6.92 2.06 13.90
CA PRO A 81 -6.41 2.08 15.27
C PRO A 81 -6.01 0.68 15.77
N GLY A 82 -4.72 0.42 15.82
CA GLY A 82 -4.21 -0.89 16.26
C GLY A 82 -3.39 -1.65 15.19
N THR A 83 -3.34 -1.12 13.96
CA THR A 83 -2.61 -1.73 12.82
C THR A 83 -1.13 -2.00 13.11
N LYS A 84 -0.63 -3.11 12.58
CA LYS A 84 0.76 -3.55 12.77
C LYS A 84 1.77 -2.71 11.94
N MET A 85 1.35 -2.08 10.83
CA MET A 85 2.26 -1.29 9.99
C MET A 85 2.78 -0.03 10.73
N ALA A 86 4.05 -0.12 11.13
CA ALA A 86 4.76 0.92 11.89
C ALA A 86 5.77 1.76 11.08
N PHE A 87 5.63 1.70 9.76
CA PHE A 87 6.42 2.38 8.72
C PHE A 87 6.56 3.91 8.88
N GLY A 88 5.63 4.58 9.59
CA GLY A 88 5.73 6.04 9.78
C GLY A 88 4.79 6.88 8.91
N GLY A 89 4.58 6.47 7.65
CA GLY A 89 3.71 7.16 6.70
C GLY A 89 4.40 8.29 5.90
N LEU A 90 4.51 8.10 4.59
CA LEU A 90 5.14 9.06 3.66
C LEU A 90 4.24 10.30 3.49
N LYS A 91 4.58 11.33 4.28
CA LYS A 91 3.90 12.64 4.35
C LYS A 91 4.02 13.49 3.07
N LYS A 92 5.03 13.21 2.25
CA LYS A 92 5.31 13.94 1.00
C LYS A 92 4.44 13.43 -0.17
N GLU A 93 3.55 14.30 -0.66
CA GLU A 93 2.66 14.00 -1.80
C GLU A 93 3.39 13.69 -3.12
N LYS A 94 4.43 14.45 -3.46
CA LYS A 94 5.20 14.23 -4.71
C LYS A 94 5.69 12.78 -4.81
N ASP A 95 6.21 12.30 -3.69
CA ASP A 95 6.71 10.95 -3.49
C ASP A 95 5.59 9.88 -3.70
N ARG A 96 4.39 10.10 -3.13
CA ARG A 96 3.25 9.16 -3.35
C ARG A 96 2.75 9.21 -4.80
N ASN A 97 2.74 10.38 -5.43
CA ASN A 97 2.28 10.56 -6.82
C ASN A 97 2.85 9.45 -7.75
N ASP A 98 4.18 9.36 -7.86
CA ASP A 98 4.86 8.32 -8.66
C ASP A 98 4.58 6.88 -8.13
N LEU A 99 4.53 6.72 -6.79
CA LEU A 99 4.25 5.43 -6.14
C LEU A 99 2.91 4.80 -6.61
N ILE A 100 1.88 5.62 -6.82
CA ILE A 100 0.56 5.18 -7.30
C ILE A 100 0.67 4.70 -8.76
N THR A 101 1.34 5.47 -9.62
CA THR A 101 1.55 5.12 -11.03
C THR A 101 2.23 3.73 -11.17
N TYR A 102 3.24 3.44 -10.36
CA TYR A 102 3.92 2.13 -10.39
C TYR A 102 2.97 0.98 -10.00
N LEU A 103 2.32 1.08 -8.84
CA LEU A 103 1.35 0.06 -8.36
C LEU A 103 0.17 -0.08 -9.34
N LYS A 104 -0.33 1.07 -9.78
CA LYS A 104 -1.41 1.17 -10.75
C LYS A 104 -1.03 0.43 -12.05
N LYS A 105 0.24 0.55 -12.49
CA LYS A 105 0.76 -0.12 -13.73
C LYS A 105 0.83 -1.67 -13.64
N ALA A 106 1.10 -2.14 -12.44
CA ALA A 106 1.20 -3.55 -12.02
C ALA A 106 -0.20 -4.23 -11.92
N THR A 107 -1.23 -3.47 -11.50
CA THR A 107 -2.63 -3.92 -11.40
C THR A 107 -3.37 -3.73 -12.75
N GLU A 108 -3.11 -2.61 -13.43
CA GLU A 108 -3.74 -2.31 -14.74
C GLU A 108 -2.70 -1.79 -15.77
FE HEC B . 2.27 -1.65 4.68
CHA HEC B . -0.85 -3.09 5.31
CHB HEC B . 1.07 -0.28 1.74
CHC HEC B . 5.38 -0.24 4.09
CHD HEC B . 3.64 -3.50 7.29
NA HEC B . 0.47 -1.65 3.73
C1A HEC B . -0.72 -2.27 4.16
C2A HEC B . -1.74 -2.07 3.19
C3A HEC B . -1.22 -1.30 2.16
C4A HEC B . 0.16 -1.04 2.50
CMA HEC B . -1.96 -0.86 0.94
CAA HEC B . -3.16 -2.57 3.28
CBA HEC B . -3.29 -4.07 2.95
CGA HEC B . -4.73 -4.55 3.14
O1A HEC B . -5.49 -3.90 3.88
O2A HEC B . -5.09 -5.60 2.56
NB HEC B . 3.05 -0.46 3.23
C1B HEC B . 2.42 0.00 2.07
C2B HEC B . 3.32 0.78 1.28
C3B HEC B . 4.51 0.85 1.99
C4B HEC B . 4.35 0.09 3.18
CMB HEC B . 3.06 1.27 -0.12
CAB HEC B . 5.75 1.64 1.64
CBB HEC B . 5.51 3.15 1.66
NC HEC B . 4.13 -1.79 5.56
C1C HEC B . 5.28 -1.09 5.21
C2C HEC B . 6.39 -1.54 5.97
C3C HEC B . 5.94 -2.52 6.83
C4C HEC B . 4.52 -2.65 6.60
CMC HEC B . 7.80 -1.04 5.83
CAC HEC B . 6.77 -3.47 7.65
CBC HEC B . 7.27 -2.84 8.94
ND HEC B . 1.52 -2.97 6.07
C1D HEC B . 2.24 -3.67 7.05
C2D HEC B . 1.39 -4.53 7.77
C3D HEC B . 0.10 -4.36 7.30
C4D HEC B . 0.19 -3.42 6.22
CMD HEC B . 1.86 -5.59 8.72
CAD HEC B . -1.15 -4.95 7.90
CBD HEC B . -1.65 -4.10 9.08
CGD HEC B . -2.48 -4.88 10.11
O1D HEC B . -3.07 -5.94 9.81
O2D HEC B . -2.50 -4.42 11.27
HHA HEC B . -1.86 -3.43 5.58
HHB HEC B . 0.70 0.12 0.77
HHC HEC B . 6.32 0.33 3.99
HHD HEC B . 4.08 -4.17 8.04
HMA1 HEC B . -2.20 0.19 1.02
HMA2 HEC B . -2.86 -1.43 0.83
HMA3 HEC B . -1.34 -1.01 0.07
HAA1 HEC B . -3.76 -2.02 2.58
HAA2 HEC B . -3.52 -2.39 4.28
HBA1 HEC B . -2.65 -4.63 3.62
HBA2 HEC B . -2.98 -4.24 1.93
HMB1 HEC B . 2.03 1.08 -0.39
HMB2 HEC B . 3.71 0.74 -0.82
HMB3 HEC B . 3.26 2.33 -0.17
HAB HEC B . 6.47 1.44 2.41
HBB1 HEC B . 4.70 3.36 2.34
HBB2 HEC B . 5.27 3.51 0.68
HBB3 HEC B . 6.41 3.65 2.03
HMC1 HEC B . 7.86 0.02 6.03
HMC2 HEC B . 8.15 -1.23 4.82
HMC3 HEC B . 8.45 -1.56 6.52
HAC HEC B . 6.12 -4.28 7.94
HBC1 HEC B . 6.42 -2.69 9.60
HBC2 HEC B . 7.73 -1.89 8.73
HBC3 HEC B . 7.98 -3.49 9.43
HMD1 HEC B . 2.48 -5.13 9.49
HMD2 HEC B . 2.46 -6.32 8.18
HMD3 HEC B . 1.02 -6.07 9.17
HAD1 HEC B . -0.95 -5.95 8.24
HAD2 HEC B . -1.92 -4.99 7.14
HBD1 HEC B . -2.25 -3.30 8.70
HBD2 HEC B . -0.80 -3.69 9.58
C2 4NL C . -8.56 0.49 -9.13
C6 4NL C . -7.78 2.33 -7.80
C3 4NL C . -7.31 0.39 -9.72
C4 4NL C . -6.29 1.26 -9.35
C5 4NL C . -6.53 2.23 -8.40
C1 4NL C . -8.80 1.46 -8.17
N1 4NL C . -10.09 1.55 -7.54
O1 4NL C . -5.03 1.17 -9.97
H2 4NL C . -7.12 -0.39 -10.51
H6 4NL C . -10.84 2.07 -8.00
H3 4NL C . -5.71 2.94 -8.11
H5 4NL C . -5.10 0.63 -10.80
H4 4NL C . -7.97 3.12 -7.03
H1 4NL C . -9.38 -0.21 -9.43
H7 4NL C . -10.25 1.10 -6.62
N THR A 1 -3.36 18.13 -2.08
CA THR A 1 -4.05 17.56 -3.25
C THR A 1 -3.46 18.18 -4.50
N GLU A 2 -2.38 17.59 -5.01
CA GLU A 2 -1.70 18.06 -6.23
C GLU A 2 -0.96 16.85 -6.80
N PHE A 3 -1.72 15.97 -7.45
CA PHE A 3 -1.17 14.75 -8.06
C PHE A 3 -0.52 15.05 -9.45
N LYS A 4 0.64 14.43 -9.63
CA LYS A 4 1.45 14.53 -10.84
C LYS A 4 1.89 13.12 -11.20
N ALA A 5 1.67 12.75 -12.47
CA ALA A 5 2.02 11.43 -13.01
C ALA A 5 3.54 11.12 -12.88
N GLY A 6 3.84 9.85 -12.60
CA GLY A 6 5.21 9.37 -12.44
C GLY A 6 5.64 8.42 -13.57
N SER A 7 6.41 7.40 -13.20
CA SER A 7 6.91 6.38 -14.12
C SER A 7 7.32 5.13 -13.35
N ALA A 8 7.09 3.95 -13.95
CA ALA A 8 7.43 2.67 -13.33
C ALA A 8 8.89 2.59 -12.78
N LYS A 9 9.88 3.17 -13.49
CA LYS A 9 11.28 3.17 -13.03
C LYS A 9 11.63 4.24 -11.97
N LYS A 10 10.64 5.01 -11.50
CA LYS A 10 10.84 6.04 -10.47
C LYS A 10 10.10 5.66 -9.19
N GLY A 11 8.81 5.36 -9.31
CA GLY A 11 8.01 4.93 -8.16
C GLY A 11 8.55 3.63 -7.53
N ALA A 12 9.22 2.79 -8.33
CA ALA A 12 9.82 1.55 -7.85
C ALA A 12 10.91 1.80 -6.78
N THR A 13 11.91 2.64 -7.05
CA THR A 13 12.95 2.95 -6.04
C THR A 13 12.36 3.19 -4.62
N LEU A 14 11.17 3.82 -4.55
CA LEU A 14 10.48 4.12 -3.30
C LEU A 14 9.98 2.83 -2.65
N PHE A 15 8.84 2.32 -3.11
CA PHE A 15 8.23 1.07 -2.64
C PHE A 15 9.27 -0.06 -2.46
N LYS A 16 10.16 -0.21 -3.43
CA LYS A 16 11.20 -1.26 -3.45
C LYS A 16 12.31 -1.10 -2.37
N THR A 17 12.19 -0.07 -1.51
CA THR A 17 13.13 0.20 -0.40
C THR A 17 12.37 0.66 0.89
N ARG A 18 11.24 1.35 0.69
CA ARG A 18 10.39 1.90 1.77
C ARG A 18 9.22 0.97 2.14
N CYS A 19 8.98 -0.04 1.30
CA CYS A 19 7.89 -1.00 1.50
C CYS A 19 8.37 -2.46 1.30
N LEU A 20 9.41 -2.67 0.47
CA LEU A 20 9.96 -4.00 0.17
C LEU A 20 10.36 -4.80 1.44
N GLN A 21 10.95 -4.11 2.43
CA GLN A 21 11.37 -4.69 3.72
C GLN A 21 10.38 -5.71 4.32
N CYS A 22 9.07 -5.51 4.13
CA CYS A 22 8.01 -6.40 4.66
C CYS A 22 7.03 -6.93 3.59
N HIS A 23 6.75 -6.13 2.54
CA HIS A 23 5.78 -6.47 1.48
C HIS A 23 6.44 -7.00 0.18
N THR A 24 5.57 -7.25 -0.79
CA THR A 24 5.93 -7.73 -2.13
C THR A 24 4.90 -7.20 -3.16
N VAL A 25 5.37 -6.47 -4.19
CA VAL A 25 4.51 -5.88 -5.25
C VAL A 25 3.98 -6.91 -6.28
N GLU A 26 4.74 -7.99 -6.46
CA GLU A 26 4.40 -9.08 -7.39
C GLU A 26 3.79 -10.25 -6.59
N LYS A 27 3.03 -11.15 -7.22
CA LYS A 27 2.42 -12.27 -6.49
C LYS A 27 3.33 -13.49 -6.27
N GLY A 28 4.59 -13.45 -6.74
CA GLY A 28 5.50 -14.58 -6.57
C GLY A 28 6.34 -14.52 -5.29
N GLY A 29 6.23 -13.40 -4.55
CA GLY A 29 6.96 -13.18 -3.30
C GLY A 29 6.24 -13.74 -2.09
N PRO A 30 6.88 -14.59 -1.27
CA PRO A 30 6.26 -15.14 -0.07
C PRO A 30 5.89 -14.02 0.93
N HIS A 31 4.73 -14.17 1.56
CA HIS A 31 4.25 -13.21 2.55
C HIS A 31 5.29 -13.03 3.67
N LYS A 32 5.94 -11.86 3.74
CA LYS A 32 6.97 -11.57 4.75
C LYS A 32 6.31 -10.93 5.99
N VAL A 33 6.90 -9.86 6.53
CA VAL A 33 6.36 -9.14 7.69
C VAL A 33 5.02 -8.47 7.32
N GLY A 34 4.82 -8.23 6.01
CA GLY A 34 3.60 -7.64 5.45
C GLY A 34 2.99 -8.50 4.33
N PRO A 35 1.67 -8.43 4.13
CA PRO A 35 0.97 -9.23 3.11
C PRO A 35 1.25 -8.80 1.66
N ASN A 36 0.87 -9.64 0.71
CA ASN A 36 1.06 -9.34 -0.71
C ASN A 36 0.09 -8.20 -1.14
N LEU A 37 0.61 -7.20 -1.87
CA LEU A 37 -0.12 -6.00 -2.32
C LEU A 37 -0.53 -6.06 -3.83
N HIS A 38 -0.16 -7.15 -4.52
CA HIS A 38 -0.47 -7.41 -5.94
C HIS A 38 -1.96 -7.72 -6.16
N GLY A 39 -2.73 -6.68 -6.48
CA GLY A 39 -4.18 -6.80 -6.71
C GLY A 39 -5.05 -6.08 -5.66
N ILE A 40 -4.48 -5.20 -4.83
CA ILE A 40 -5.29 -4.49 -3.82
C ILE A 40 -6.36 -3.60 -4.45
N PHE A 41 -6.05 -2.87 -5.54
CA PHE A 41 -7.01 -2.00 -6.23
C PHE A 41 -8.25 -2.80 -6.69
N GLY A 42 -9.39 -2.47 -6.07
CA GLY A 42 -10.69 -3.09 -6.32
C GLY A 42 -11.13 -4.10 -5.23
N ARG A 43 -10.29 -4.31 -4.21
CA ARG A 43 -10.57 -5.22 -3.08
C ARG A 43 -10.71 -4.42 -1.78
N HIS A 44 -11.16 -5.08 -0.73
CA HIS A 44 -11.37 -4.44 0.57
C HIS A 44 -10.14 -4.65 1.45
N SER A 45 -10.04 -3.89 2.55
CA SER A 45 -8.92 -4.01 3.49
C SER A 45 -8.94 -5.35 4.20
N GLY A 46 -7.78 -6.01 4.27
CA GLY A 46 -7.66 -7.31 4.92
C GLY A 46 -7.98 -8.54 4.06
N GLN A 47 -7.51 -8.63 2.80
CA GLN A 47 -7.80 -9.79 1.92
C GLN A 47 -6.57 -10.55 1.31
N ALA A 48 -5.45 -10.69 2.03
CA ALA A 48 -4.27 -11.41 1.52
C ALA A 48 -4.46 -12.95 1.42
N GLU A 49 -4.03 -13.53 0.30
CA GLU A 49 -4.13 -14.97 0.00
C GLU A 49 -3.10 -15.82 0.82
N GLY A 50 -3.38 -15.97 2.13
CA GLY A 50 -2.53 -16.75 3.06
C GLY A 50 -1.91 -15.94 4.23
N TYR A 51 -2.51 -14.78 4.57
CA TYR A 51 -2.01 -13.90 5.64
C TYR A 51 -3.17 -13.25 6.46
N SER A 52 -2.98 -13.20 7.79
CA SER A 52 -3.97 -12.63 8.74
C SER A 52 -3.73 -11.13 9.05
N TYR A 53 -4.85 -10.42 9.25
CA TYR A 53 -4.94 -8.97 9.55
C TYR A 53 -5.48 -8.70 11.00
N THR A 54 -5.30 -7.46 11.51
CA THR A 54 -5.76 -7.06 12.88
C THR A 54 -7.27 -6.79 12.96
N ASP A 55 -7.78 -6.66 14.20
CA ASP A 55 -9.18 -6.37 14.49
C ASP A 55 -9.66 -5.05 13.82
N ALA A 56 -8.75 -4.08 13.71
CA ALA A 56 -9.03 -2.74 13.17
C ALA A 56 -8.97 -2.65 11.62
N ASN A 57 -8.07 -3.40 10.96
CA ASN A 57 -7.93 -3.35 9.49
C ASN A 57 -9.08 -4.10 8.79
N ILE A 58 -9.49 -5.24 9.36
CA ILE A 58 -10.60 -6.06 8.80
C ILE A 58 -11.94 -5.32 8.94
N LYS A 59 -12.45 -5.13 10.15
CA LYS A 59 -13.64 -4.29 10.43
C LYS A 59 -13.76 -3.04 9.52
N LYS A 60 -12.62 -2.58 8.97
CA LYS A 60 -12.53 -1.36 8.14
C LYS A 60 -12.98 -1.54 6.68
N ASN A 61 -12.68 -2.74 6.10
CA ASN A 61 -12.99 -3.20 4.71
C ASN A 61 -12.99 -2.06 3.66
N VAL A 62 -12.01 -1.16 3.73
CA VAL A 62 -11.93 -0.03 2.80
C VAL A 62 -11.63 -0.53 1.39
N LEU A 63 -12.43 -0.11 0.42
CA LEU A 63 -12.24 -0.54 -0.97
C LEU A 63 -11.01 0.18 -1.55
N TRP A 64 -9.88 -0.51 -1.57
CA TRP A 64 -8.62 0.03 -2.06
C TRP A 64 -8.73 0.53 -3.51
N ASP A 65 -8.73 1.86 -3.65
CA ASP A 65 -8.81 2.60 -4.90
C ASP A 65 -7.71 3.68 -4.94
N GLU A 66 -7.82 4.62 -5.89
CA GLU A 66 -6.86 5.72 -6.05
C GLU A 66 -6.89 6.62 -4.80
N ASN A 67 -8.08 6.98 -4.33
CA ASN A 67 -8.25 7.83 -3.15
C ASN A 67 -7.98 7.03 -1.83
N ASN A 68 -8.63 5.88 -1.65
CA ASN A 68 -8.46 5.05 -0.43
C ASN A 68 -6.98 4.64 -0.15
N MET A 69 -6.21 4.20 -1.14
CA MET A 69 -4.78 3.85 -0.92
C MET A 69 -3.95 5.08 -0.45
N SER A 70 -4.18 6.25 -1.06
CA SER A 70 -3.49 7.50 -0.69
C SER A 70 -3.78 7.92 0.78
N GLU A 71 -5.02 7.76 1.23
CA GLU A 71 -5.43 8.08 2.61
C GLU A 71 -4.50 7.38 3.62
N TYR A 72 -4.52 6.04 3.60
CA TYR A 72 -3.73 5.16 4.46
C TYR A 72 -2.22 5.45 4.43
N LEU A 73 -1.63 5.67 3.26
CA LEU A 73 -0.19 5.97 3.17
C LEU A 73 0.24 7.20 4.00
N THR A 74 -0.57 8.27 4.04
CA THR A 74 -0.23 9.48 4.80
C THR A 74 -0.05 9.20 6.30
N ASN A 75 -0.90 8.34 6.89
CA ASN A 75 -0.81 7.98 8.31
C ASN A 75 -1.54 6.65 8.60
N PRO A 76 -0.84 5.51 8.52
CA PRO A 76 -1.43 4.18 8.79
C PRO A 76 -1.96 4.04 10.22
N LYS A 77 -1.20 4.56 11.18
CA LYS A 77 -1.56 4.52 12.62
C LYS A 77 -2.85 5.29 12.91
N LYS A 78 -3.08 6.41 12.20
CA LYS A 78 -4.30 7.21 12.39
C LYS A 78 -5.50 6.61 11.62
N TYR A 79 -5.27 6.09 10.42
CA TYR A 79 -6.32 5.46 9.60
C TYR A 79 -6.78 4.08 10.13
N ILE A 80 -5.82 3.27 10.59
CA ILE A 80 -6.06 1.96 11.17
C ILE A 80 -5.41 1.93 12.57
N PRO A 81 -6.16 2.39 13.60
CA PRO A 81 -5.68 2.42 14.99
C PRO A 81 -5.47 1.03 15.58
N GLY A 82 -4.22 0.61 15.62
CA GLY A 82 -3.87 -0.72 16.15
C GLY A 82 -3.36 -1.72 15.10
N THR A 83 -3.03 -1.24 13.89
CA THR A 83 -2.54 -2.08 12.77
C THR A 83 -1.06 -2.44 12.87
N LYS A 84 -0.71 -3.59 12.28
CA LYS A 84 0.66 -4.11 12.31
C LYS A 84 1.65 -3.33 11.42
N MET A 85 1.18 -2.36 10.62
CA MET A 85 2.06 -1.59 9.73
C MET A 85 2.70 -0.38 10.47
N ALA A 86 3.82 -0.67 11.14
CA ALA A 86 4.58 0.32 11.94
C ALA A 86 5.59 1.17 11.14
N PHE A 87 5.15 1.58 9.94
CA PHE A 87 5.87 2.41 8.95
C PHE A 87 5.75 3.94 9.17
N GLY A 88 4.82 4.41 10.01
CA GLY A 88 4.69 5.87 10.27
C GLY A 88 3.90 6.64 9.21
N GLY A 89 4.14 6.35 7.92
CA GLY A 89 3.44 7.00 6.79
C GLY A 89 4.26 8.11 6.11
N LEU A 90 4.34 8.07 4.78
CA LEU A 90 5.07 9.05 3.96
C LEU A 90 4.27 10.35 3.83
N LYS A 91 4.72 11.34 4.60
CA LYS A 91 4.15 12.70 4.70
C LYS A 91 4.49 13.61 3.48
N LYS A 92 5.04 13.02 2.42
CA LYS A 92 5.43 13.74 1.20
C LYS A 92 4.51 13.39 0.00
N GLU A 93 3.60 14.30 -0.33
CA GLU A 93 2.64 14.14 -1.44
C GLU A 93 3.30 13.89 -2.82
N LYS A 94 4.27 14.71 -3.22
CA LYS A 94 4.96 14.57 -4.53
C LYS A 94 5.53 13.16 -4.70
N ASP A 95 6.09 12.65 -3.61
CA ASP A 95 6.67 11.32 -3.48
C ASP A 95 5.62 10.21 -3.72
N ARG A 96 4.42 10.31 -3.11
CA ARG A 96 3.33 9.31 -3.35
C ARG A 96 2.83 9.35 -4.80
N ASN A 97 2.78 10.53 -5.42
CA ASN A 97 2.34 10.70 -6.82
C ASN A 97 2.99 9.65 -7.75
N ASP A 98 4.32 9.60 -7.82
CA ASP A 98 5.06 8.60 -8.61
C ASP A 98 4.80 7.15 -8.10
N LEU A 99 4.70 6.95 -6.78
CA LEU A 99 4.41 5.64 -6.17
C LEU A 99 3.10 5.02 -6.71
N ILE A 100 2.05 5.84 -6.89
CA ILE A 100 0.75 5.40 -7.41
C ILE A 100 0.92 4.87 -8.85
N THR A 101 1.62 5.63 -9.71
CA THR A 101 1.89 5.21 -11.10
C THR A 101 2.49 3.79 -11.16
N TYR A 102 3.46 3.48 -10.29
CA TYR A 102 4.08 2.14 -10.26
C TYR A 102 3.11 1.07 -9.74
N LEU A 103 2.49 1.30 -8.58
CA LEU A 103 1.51 0.36 -7.99
C LEU A 103 0.34 0.09 -8.92
N LYS A 104 -0.24 1.19 -9.44
CA LYS A 104 -1.34 1.16 -10.38
C LYS A 104 -0.95 0.35 -11.63
N LYS A 105 0.30 0.47 -12.10
CA LYS A 105 0.82 -0.24 -13.32
C LYS A 105 0.98 -1.77 -13.16
N ALA A 106 1.25 -2.16 -11.93
CA ALA A 106 1.43 -3.54 -11.46
C ALA A 106 0.08 -4.29 -11.23
N THR A 107 -0.95 -3.56 -10.77
CA THR A 107 -2.32 -4.09 -10.53
C THR A 107 -3.16 -4.07 -11.82
N GLU A 108 -3.04 -3.01 -12.64
CA GLU A 108 -3.79 -2.89 -13.90
C GLU A 108 -2.85 -2.62 -15.09
FE HEC B . 2.14 -1.93 4.67
CHA HEC B . -0.93 -3.48 5.22
CHB HEC B . 0.93 -0.48 1.77
CHC HEC B . 5.23 -0.41 4.15
CHD HEC B . 3.55 -3.84 7.22
NA HEC B . 0.35 -1.95 3.71
C1A HEC B . -0.83 -2.61 4.11
C2A HEC B . -1.84 -2.40 3.14
C3A HEC B . -1.33 -1.58 2.15
C4A HEC B . 0.03 -1.30 2.50
CMA HEC B . -2.07 -1.12 0.93
CAA HEC B . -3.24 -2.94 3.19
CBA HEC B . -3.32 -4.44 2.81
CGA HEC B . -4.76 -4.96 2.97
O1A HEC B . -5.54 -4.36 3.73
O2A HEC B . -5.08 -6.00 2.35
NB HEC B . 2.90 -0.66 3.26
C1B HEC B . 2.27 -0.19 2.12
C2B HEC B . 3.15 0.65 1.37
C3B HEC B . 4.34 0.73 2.08
C4B HEC B . 4.19 -0.09 3.25
CMB HEC B . 2.89 1.18 -0.01
CAB HEC B . 5.56 1.56 1.78
CBB HEC B . 5.29 3.06 1.85
NC HEC B . 4.00 -2.05 5.56
C1C HEC B . 5.15 -1.31 5.24
C2C HEC B . 6.27 -1.75 6.00
C3C HEC B . 5.83 -2.78 6.80
C4C HEC B . 4.41 -2.95 6.56
CMC HEC B . 7.67 -1.22 5.89
CAC HEC B . 6.68 -3.74 7.60
CBC HEC B . 7.15 -3.14 8.92
ND HEC B . 1.43 -3.32 6.01
C1D HEC B . 2.16 -4.03 6.96
C2D HEC B . 1.33 -4.95 7.65
C3D HEC B . 0.04 -4.80 7.17
C4D HEC B . 0.11 -3.81 6.14
CMD HEC B . 1.83 -6.02 8.55
CAD HEC B . -1.20 -5.44 7.74
CBD HEC B . -1.73 -4.65 8.95
CGD HEC B . -2.54 -5.49 9.95
O1D HEC B . -3.11 -6.55 9.59
O2D HEC B . -2.59 -5.08 11.12
HHA HEC B . -1.94 -3.85 5.47
HHB HEC B . 0.56 -0.07 0.81
HHC HEC B . 6.15 0.19 4.09
HHD HEC B . 4.01 -4.53 7.96
HMA1 HEC B . -2.34 -0.08 1.04
HMA2 HEC B . -2.97 -1.71 0.79
HMA3 HEC B . -1.44 -1.22 0.04
HAA1 HEC B . -3.86 -2.39 2.51
HAA2 HEC B . -3.62 -2.83 4.20
HBA1 HEC B . -2.68 -4.99 3.46
HBA2 HEC B . -3.01 -4.56 1.79
HMB1 HEC B . 1.86 0.97 -0.29
HMB2 HEC B . 3.55 0.70 -0.72
HMB3 HEC B . 3.06 2.24 -0.03
HAB HEC B . 6.28 1.36 2.55
HBB1 HEC B . 4.46 3.22 2.53
HBB2 HEC B . 5.04 3.45 0.89
HBB3 HEC B . 6.15 3.56 2.24
HMC1 HEC B . 7.68 -0.16 6.12
HMC2 HEC B . 8.02 -1.36 4.87
HMC3 HEC B . 8.32 -1.75 6.56
HAC HEC B . 6.05 -4.57 7.87
HBC1 HEC B . 6.29 -3.04 9.58
HBC2 HEC B . 7.58 -2.17 8.75
HBC3 HEC B . 7.87 -3.79 9.38
HMD1 HEC B . 2.43 -5.59 9.35
HMD2 HEC B . 2.44 -6.72 7.99
HMD3 HEC B . 0.99 -6.55 9.00
HAD1 HEC B . -0.97 -6.45 8.05
HAD2 HEC B . -1.97 -5.48 6.98
HBD1 HEC B . -2.35 -3.85 8.60
HBD2 HEC B . -0.89 -4.23 9.47
C2 4NL C . -7.94 0.82 -10.13
C6 4NL C . -7.95 2.26 -8.21
C3 4NL C . -6.56 0.98 -10.24
C4 4NL C . -5.89 1.78 -9.34
C5 4NL C . -6.57 2.42 -8.32
C1 4NL C . -8.62 1.46 -9.11
N1 4NL C . -10.06 1.29 -8.99
O1 4NL C . -4.49 1.95 -9.46
H2 4NL C . -6.01 0.46 -11.06
H6 4NL C . -10.70 2.00 -9.36
H3 4NL C . -6.02 3.08 -7.60
H5 4NL C . -4.17 2.55 -8.74
H4 4NL C . -8.51 2.79 -7.39
H1 4NL C . -8.49 0.18 -10.86
H7 4NL C . -10.44 0.45 -8.51
N THR A 1 -4.35 16.61 -2.24
CA THR A 1 -5.13 16.20 -3.42
C THR A 1 -4.56 16.91 -4.63
N GLU A 2 -3.23 16.94 -4.74
CA GLU A 2 -2.54 17.56 -5.88
C GLU A 2 -1.80 16.43 -6.60
N PHE A 3 -2.56 15.41 -6.99
CA PHE A 3 -2.01 14.23 -7.69
C PHE A 3 -1.41 14.59 -9.06
N LYS A 4 -0.47 13.75 -9.49
CA LYS A 4 0.26 13.87 -10.74
C LYS A 4 0.82 12.49 -11.07
N ALA A 5 0.57 12.04 -12.29
CA ALA A 5 0.99 10.74 -12.79
C ALA A 5 2.54 10.57 -12.78
N GLY A 6 2.98 9.34 -12.46
CA GLY A 6 4.40 8.99 -12.42
C GLY A 6 4.80 8.02 -13.53
N SER A 7 5.67 7.08 -13.19
CA SER A 7 6.18 6.06 -14.11
C SER A 7 6.69 4.84 -13.33
N ALA A 8 6.48 3.65 -13.88
CA ALA A 8 6.92 2.40 -13.26
C ALA A 8 8.42 2.40 -12.83
N LYS A 9 9.34 2.93 -13.66
CA LYS A 9 10.78 2.97 -13.32
C LYS A 9 11.17 4.02 -12.25
N LYS A 10 10.18 4.71 -11.65
CA LYS A 10 10.44 5.71 -10.60
C LYS A 10 9.83 5.24 -9.27
N GLY A 11 8.58 4.79 -9.30
CA GLY A 11 7.91 4.29 -8.10
C GLY A 11 8.65 3.10 -7.48
N ALA A 12 9.25 2.25 -8.32
CA ALA A 12 10.01 1.08 -7.87
C ALA A 12 11.19 1.47 -6.96
N THR A 13 11.98 2.49 -7.31
CA THR A 13 13.10 2.94 -6.45
C THR A 13 12.65 3.29 -5.02
N LEU A 14 11.45 3.86 -4.86
CA LEU A 14 10.87 4.22 -3.56
C LEU A 14 10.59 2.97 -2.74
N PHE A 15 9.47 2.29 -3.02
CA PHE A 15 9.05 1.05 -2.36
C PHE A 15 10.23 0.11 -2.07
N LYS A 16 11.20 0.05 -3.01
CA LYS A 16 12.38 -0.82 -2.91
C LYS A 16 13.12 -0.77 -1.55
N THR A 17 13.08 0.39 -0.87
CA THR A 17 13.72 0.61 0.45
C THR A 17 12.77 1.37 1.43
N ARG A 18 11.45 1.13 1.25
CA ARG A 18 10.37 1.74 2.04
C ARG A 18 9.23 0.75 2.33
N CYS A 19 9.01 -0.20 1.41
CA CYS A 19 7.93 -1.18 1.52
C CYS A 19 8.45 -2.63 1.35
N LEU A 20 9.52 -2.80 0.57
CA LEU A 20 10.14 -4.13 0.30
C LEU A 20 10.50 -4.90 1.60
N GLN A 21 10.98 -4.18 2.62
CA GLN A 21 11.37 -4.74 3.92
C GLN A 21 10.36 -5.76 4.52
N CYS A 22 9.06 -5.56 4.30
CA CYS A 22 8.00 -6.41 4.83
C CYS A 22 7.02 -6.99 3.77
N HIS A 23 6.75 -6.23 2.70
CA HIS A 23 5.80 -6.60 1.64
C HIS A 23 6.46 -7.22 0.38
N THR A 24 5.60 -7.46 -0.60
CA THR A 24 5.97 -7.99 -1.91
C THR A 24 5.09 -7.31 -3.01
N VAL A 25 5.73 -6.65 -3.98
CA VAL A 25 5.02 -5.90 -5.06
C VAL A 25 4.32 -6.79 -6.11
N GLU A 26 4.94 -7.90 -6.45
CA GLU A 26 4.47 -8.86 -7.45
C GLU A 26 3.91 -10.10 -6.73
N LYS A 27 3.51 -11.16 -7.45
CA LYS A 27 2.99 -12.36 -6.77
C LYS A 27 3.97 -13.56 -6.70
N GLY A 28 5.27 -13.33 -6.89
CA GLY A 28 6.25 -14.42 -6.84
C GLY A 28 6.87 -14.61 -5.44
N GLY A 29 6.88 -13.54 -4.63
CA GLY A 29 7.42 -13.57 -3.27
C GLY A 29 6.36 -13.92 -2.23
N PRO A 30 6.60 -14.93 -1.38
CA PRO A 30 5.64 -15.30 -0.34
C PRO A 30 5.39 -14.15 0.65
N HIS A 31 4.26 -14.20 1.34
CA HIS A 31 3.90 -13.18 2.32
C HIS A 31 5.00 -13.07 3.40
N LYS A 32 5.58 -11.87 3.56
CA LYS A 32 6.64 -11.64 4.54
C LYS A 32 6.04 -11.00 5.82
N VAL A 33 6.68 -9.95 6.37
CA VAL A 33 6.19 -9.24 7.56
C VAL A 33 4.82 -8.60 7.28
N GLY A 34 4.56 -8.31 5.98
CA GLY A 34 3.31 -7.73 5.50
C GLY A 34 2.68 -8.54 4.35
N PRO A 35 1.41 -8.29 4.01
CA PRO A 35 0.71 -9.02 2.94
C PRO A 35 1.21 -8.68 1.53
N ASN A 36 0.68 -9.39 0.53
CA ASN A 36 1.07 -9.17 -0.86
C ASN A 36 0.27 -7.95 -1.42
N LEU A 37 0.97 -7.05 -2.14
CA LEU A 37 0.43 -5.80 -2.72
C LEU A 37 -0.21 -5.99 -4.13
N HIS A 38 0.20 -7.04 -4.85
CA HIS A 38 -0.28 -7.40 -6.19
C HIS A 38 -1.77 -7.82 -6.17
N GLY A 39 -2.65 -6.84 -6.39
CA GLY A 39 -4.10 -7.05 -6.41
C GLY A 39 -4.89 -6.25 -5.36
N ILE A 40 -4.23 -5.37 -4.59
CA ILE A 40 -4.95 -4.57 -3.58
C ILE A 40 -5.93 -3.57 -4.19
N PHE A 41 -5.54 -2.88 -5.28
CA PHE A 41 -6.41 -1.89 -5.95
C PHE A 41 -7.76 -2.51 -6.39
N GLY A 42 -8.82 -2.03 -5.74
CA GLY A 42 -10.20 -2.47 -5.97
C GLY A 42 -10.74 -3.44 -4.91
N ARG A 43 -9.88 -3.91 -3.99
CA ARG A 43 -10.25 -4.83 -2.89
C ARG A 43 -10.51 -4.03 -1.61
N HIS A 44 -10.98 -4.73 -0.59
CA HIS A 44 -11.24 -4.12 0.71
C HIS A 44 -10.09 -4.43 1.67
N SER A 45 -9.94 -3.62 2.74
CA SER A 45 -8.88 -3.83 3.73
C SER A 45 -8.93 -5.26 4.28
N GLY A 46 -7.83 -5.99 4.10
CA GLY A 46 -7.73 -7.37 4.56
C GLY A 46 -8.07 -8.47 3.52
N GLN A 47 -7.51 -8.42 2.29
CA GLN A 47 -7.82 -9.45 1.26
C GLN A 47 -6.59 -10.26 0.68
N ALA A 48 -5.53 -10.48 1.46
CA ALA A 48 -4.35 -11.24 0.98
C ALA A 48 -4.57 -12.78 0.94
N GLU A 49 -4.19 -13.40 -0.19
CA GLU A 49 -4.33 -14.85 -0.43
C GLU A 49 -3.30 -15.69 0.39
N GLY A 50 -3.55 -15.79 1.71
CA GLY A 50 -2.71 -16.57 2.65
C GLY A 50 -2.07 -15.76 3.80
N TYR A 51 -2.67 -14.61 4.17
CA TYR A 51 -2.16 -13.75 5.26
C TYR A 51 -3.31 -13.17 6.12
N SER A 52 -3.05 -13.04 7.44
CA SER A 52 -4.02 -12.51 8.43
C SER A 52 -3.79 -11.03 8.78
N TYR A 53 -4.92 -10.32 8.96
CA TYR A 53 -5.01 -8.88 9.30
C TYR A 53 -5.55 -8.66 10.76
N THR A 54 -5.36 -7.44 11.33
CA THR A 54 -5.82 -7.09 12.70
C THR A 54 -7.33 -6.88 12.82
N ASP A 55 -7.83 -6.86 14.06
CA ASP A 55 -9.26 -6.66 14.37
C ASP A 55 -9.80 -5.36 13.73
N ALA A 56 -8.96 -4.32 13.65
CA ALA A 56 -9.33 -3.00 13.14
C ALA A 56 -9.24 -2.87 11.60
N ASN A 57 -8.30 -3.55 10.94
CA ASN A 57 -8.15 -3.46 9.46
C ASN A 57 -9.30 -4.18 8.73
N ILE A 58 -9.74 -5.33 9.25
CA ILE A 58 -10.87 -6.09 8.69
C ILE A 58 -12.19 -5.30 8.85
N LYS A 59 -12.67 -5.12 10.07
CA LYS A 59 -13.82 -4.24 10.39
C LYS A 59 -13.86 -2.94 9.54
N LYS A 60 -12.72 -2.53 8.99
CA LYS A 60 -12.56 -1.28 8.23
C LYS A 60 -13.10 -1.34 6.79
N ASN A 61 -12.95 -2.52 6.13
CA ASN A 61 -13.39 -2.87 4.75
C ASN A 61 -13.23 -1.74 3.72
N VAL A 62 -12.17 -0.94 3.87
CA VAL A 62 -11.92 0.18 2.95
C VAL A 62 -11.54 -0.33 1.57
N LEU A 63 -12.09 0.27 0.52
CA LEU A 63 -11.79 -0.15 -0.83
C LEU A 63 -10.57 0.63 -1.35
N TRP A 64 -9.40 0.00 -1.31
CA TRP A 64 -8.14 0.59 -1.76
C TRP A 64 -8.26 1.10 -3.21
N ASP A 65 -8.30 2.42 -3.33
CA ASP A 65 -8.42 3.17 -4.58
C ASP A 65 -7.15 4.04 -4.79
N GLU A 66 -7.16 4.88 -5.84
CA GLU A 66 -6.03 5.74 -6.19
C GLU A 66 -5.73 6.73 -5.05
N ASN A 67 -6.74 7.49 -4.63
CA ASN A 67 -6.61 8.49 -3.57
C ASN A 67 -6.62 7.80 -2.16
N ASN A 68 -7.56 6.89 -1.90
CA ASN A 68 -7.67 6.18 -0.61
C ASN A 68 -6.34 5.59 -0.09
N MET A 69 -5.53 4.94 -0.94
CA MET A 69 -4.22 4.42 -0.49
C MET A 69 -3.28 5.54 0.04
N SER A 70 -3.31 6.72 -0.60
CA SER A 70 -2.47 7.87 -0.19
C SER A 70 -2.91 8.47 1.16
N GLU A 71 -4.21 8.63 1.38
CA GLU A 71 -4.78 9.19 2.61
C GLU A 71 -4.38 8.32 3.83
N TYR A 72 -4.37 7.00 3.61
CA TYR A 72 -3.99 5.98 4.60
C TYR A 72 -2.47 5.83 4.76
N LEU A 73 -1.69 5.79 3.68
CA LEU A 73 -0.22 5.66 3.78
C LEU A 73 0.44 6.76 4.65
N THR A 74 -0.02 8.01 4.56
CA THR A 74 0.57 9.11 5.36
C THR A 74 0.51 8.84 6.86
N ASN A 75 -0.47 8.04 7.31
CA ASN A 75 -0.61 7.69 8.74
C ASN A 75 -1.50 6.44 8.93
N PRO A 76 -0.93 5.23 8.82
CA PRO A 76 -1.69 3.98 9.00
C PRO A 76 -2.32 3.82 10.40
N LYS A 77 -1.65 4.39 11.41
CA LYS A 77 -2.12 4.33 12.81
C LYS A 77 -3.37 5.16 13.04
N LYS A 78 -3.50 6.32 12.37
CA LYS A 78 -4.67 7.17 12.51
C LYS A 78 -5.89 6.62 11.74
N TYR A 79 -5.67 6.08 10.54
CA TYR A 79 -6.74 5.48 9.71
C TYR A 79 -7.27 4.13 10.26
N ILE A 80 -6.35 3.29 10.73
CA ILE A 80 -6.65 1.98 11.29
C ILE A 80 -5.97 1.89 12.68
N PRO A 81 -6.71 2.22 13.74
CA PRO A 81 -6.20 2.17 15.12
C PRO A 81 -5.92 0.74 15.60
N GLY A 82 -4.65 0.36 15.57
CA GLY A 82 -4.24 -1.00 15.99
C GLY A 82 -3.55 -1.82 14.88
N THR A 83 -3.34 -1.22 13.69
CA THR A 83 -2.70 -1.89 12.54
C THR A 83 -1.21 -2.20 12.76
N LYS A 84 -0.77 -3.34 12.21
CA LYS A 84 0.62 -3.80 12.35
C LYS A 84 1.63 -2.94 11.57
N MET A 85 1.21 -2.21 10.52
CA MET A 85 2.12 -1.40 9.71
C MET A 85 2.60 -0.13 10.47
N ALA A 86 3.87 -0.19 10.92
CA ALA A 86 4.52 0.88 11.68
C ALA A 86 5.55 1.71 10.89
N PHE A 87 5.36 1.74 9.57
CA PHE A 87 6.18 2.42 8.55
C PHE A 87 6.34 3.95 8.75
N GLY A 88 5.46 4.62 9.50
CA GLY A 88 5.58 6.07 9.73
C GLY A 88 4.74 6.95 8.80
N GLY A 89 4.68 6.61 7.50
CA GLY A 89 3.88 7.33 6.50
C GLY A 89 4.64 8.47 5.79
N LEU A 90 4.75 8.37 4.45
CA LEU A 90 5.42 9.36 3.60
C LEU A 90 4.56 10.64 3.48
N LYS A 91 4.92 11.62 4.32
CA LYS A 91 4.28 12.94 4.45
C LYS A 91 4.29 13.78 3.16
N LYS A 92 5.20 13.47 2.23
CA LYS A 92 5.35 14.19 0.95
C LYS A 92 4.43 13.63 -0.14
N GLU A 93 3.39 14.39 -0.50
CA GLU A 93 2.43 14.01 -1.55
C GLU A 93 3.06 13.74 -2.94
N LYS A 94 3.93 14.62 -3.42
CA LYS A 94 4.59 14.46 -4.74
C LYS A 94 5.26 13.08 -4.86
N ASP A 95 5.94 12.71 -3.79
CA ASP A 95 6.65 11.45 -3.62
C ASP A 95 5.69 10.23 -3.70
N ARG A 96 4.49 10.30 -3.09
CA ARG A 96 3.49 9.20 -3.21
C ARG A 96 2.82 9.19 -4.59
N ASN A 97 2.58 10.35 -5.20
CA ASN A 97 1.98 10.47 -6.54
C ASN A 97 2.60 9.46 -7.54
N ASP A 98 3.93 9.37 -7.59
CA ASP A 98 4.65 8.40 -8.44
C ASP A 98 4.48 6.94 -7.95
N LEU A 99 4.47 6.72 -6.63
CA LEU A 99 4.30 5.40 -6.00
C LEU A 99 2.98 4.71 -6.44
N ILE A 100 1.89 5.48 -6.54
CA ILE A 100 0.58 4.97 -6.98
C ILE A 100 0.65 4.46 -8.42
N THR A 101 1.18 5.30 -9.34
CA THR A 101 1.34 4.92 -10.76
C THR A 101 2.08 3.58 -10.92
N TYR A 102 3.15 3.35 -10.15
CA TYR A 102 3.89 2.08 -10.20
C TYR A 102 3.02 0.88 -9.81
N LEU A 103 2.41 0.91 -8.61
CA LEU A 103 1.52 -0.17 -8.13
C LEU A 103 0.32 -0.35 -9.07
N LYS A 104 -0.31 0.78 -9.39
CA LYS A 104 -1.43 0.84 -10.32
C LYS A 104 -1.07 0.13 -11.64
N LYS A 105 0.15 0.34 -12.16
CA LYS A 105 0.64 -0.28 -13.44
C LYS A 105 0.85 -1.82 -13.38
N ALA A 106 1.21 -2.28 -12.19
CA ALA A 106 1.45 -3.67 -11.81
C ALA A 106 0.13 -4.46 -11.54
N THR A 107 -0.88 -3.80 -10.96
CA THR A 107 -2.21 -4.36 -10.69
C THR A 107 -3.08 -4.38 -11.96
N GLU A 108 -3.01 -3.31 -12.77
CA GLU A 108 -3.79 -3.23 -14.03
C GLU A 108 -2.90 -2.91 -15.24
FE HEC B . 2.17 -1.86 4.54
CHA HEC B . -0.95 -3.33 5.06
CHB HEC B . 1.05 -0.50 1.54
CHC HEC B . 5.28 -0.43 4.03
CHD HEC B . 3.47 -3.69 7.18
NA HEC B . 0.39 -1.88 3.52
C1A HEC B . -0.80 -2.50 3.92
C2A HEC B . -1.79 -2.31 2.92
C3A HEC B . -1.24 -1.55 1.91
C4A HEC B . 0.11 -1.28 2.28
CMA HEC B . -1.94 -1.11 0.65
CAA HEC B . -3.21 -2.83 2.96
CBA HEC B . -3.32 -4.33 2.65
CGA HEC B . -4.76 -4.82 2.78
O1A HEC B . -5.55 -4.18 3.50
O2A HEC B . -5.09 -5.87 2.21
NB HEC B . 2.98 -0.66 3.09
C1B HEC B . 2.38 -0.23 1.92
C2B HEC B . 3.29 0.56 1.16
C3B HEC B . 4.48 0.65 1.89
C4B HEC B . 4.27 -0.11 3.09
CMB HEC B . 3.08 1.05 -0.25
CAB HEC B . 5.72 1.45 1.58
CBB HEC B . 5.47 2.95 1.59
NC HEC B . 3.99 -1.97 5.47
C1C HEC B . 5.16 -1.27 5.14
C2C HEC B . 6.25 -1.70 5.95
C3C HEC B . 5.78 -2.69 6.79
C4C HEC B . 4.38 -2.84 6.51
CMC HEC B . 7.67 -1.20 5.84
CAC HEC B . 6.59 -3.64 7.64
CBC HEC B . 7.05 -3.00 8.95
ND HEC B . 1.39 -3.18 5.91
C1D HEC B . 2.08 -3.87 6.90
C2D HEC B . 1.23 -4.74 7.60
C3D HEC B . -0.05 -4.58 7.09
C4D HEC B . 0.05 -3.63 6.02
CMD HEC B . 1.68 -5.79 8.56
CAD HEC B . -1.32 -5.18 7.66
CBD HEC B . -1.86 -4.33 8.82
CGD HEC B . -2.71 -5.11 9.84
O1D HEC B . -3.29 -6.17 9.51
O2D HEC B . -2.78 -4.65 10.99
HHA HEC B . -1.97 -3.66 5.31
HHB HEC B . 0.70 -0.12 0.57
HHC HEC B . 6.23 0.15 3.96
HHD HEC B . 3.90 -4.35 7.96
HMA1 HEC B . -2.20 -0.07 0.73
HMA2 HEC B . -2.85 -1.70 0.53
HMA3 HEC B . -1.30 -1.26 -0.19
HAA1 HEC B . -3.79 -2.29 2.25
HAA2 HEC B . -3.60 -2.66 3.96
HBA1 HEC B . -2.69 -4.88 3.33
HBA2 HEC B . -2.98 -4.50 1.64
HMB1 HEC B . 2.06 0.85 -0.54
HMB2 HEC B . 3.75 0.53 -0.93
HMB3 HEC B . 3.27 2.10 -0.31
HAB HEC B . 6.41 1.26 2.38
HBB1 HEC B . 4.62 3.16 2.24
HBB2 HEC B . 5.24 3.30 0.60
HBB3 HEC B . 6.34 3.45 1.98
HMC1 HEC B . 7.71 -0.14 6.04
HMC2 HEC B . 8.04 -1.39 4.84
HMC3 HEC B . 8.30 -1.72 6.55
HAC HEC B . 5.94 -4.45 7.92
HBC1 HEC B . 6.18 -2.85 9.57
HBC2 HEC B . 7.50 -2.04 8.75
HBC3 HEC B . 7.75 -3.64 9.45
HMD1 HEC B . 2.26 -5.33 9.35
HMD2 HEC B . 2.28 -6.52 8.05
HMD3 HEC B . 0.83 -6.28 9.01
HAD1 HEC B . -1.11 -6.17 8.01
HAD2 HEC B . -2.07 -5.22 6.88
HBD1 HEC B . -2.46 -3.54 8.42
HBD2 HEC B . -1.02 -3.90 9.34
C2 4NL C . -8.45 0.96 -9.85
C6 4NL C . -7.92 2.45 -8.06
C3 4NL C . -7.11 0.83 -10.16
C4 4NL C . -6.17 1.53 -9.41
C5 4NL C . -6.58 2.34 -8.37
C1 4NL C . -8.86 1.76 -8.81
N1 4NL C . -10.27 1.87 -8.47
O1 4NL C . -4.80 1.42 -9.74
H2 4NL C . -6.78 0.19 -11.02
H6 4NL C . -10.63 2.74 -8.05
H3 4NL C . -5.81 2.90 -7.76
H5 4NL C . -4.26 1.87 -9.03
H4 4NL C . -8.25 3.11 -7.21
H1 4NL C . -9.22 0.40 -10.46
H7 4NL C . -10.90 1.08 -8.66
N THR A 1 -4.46 16.45 -2.04
CA THR A 1 -5.23 15.90 -3.16
C THR A 1 -4.75 16.57 -4.43
N GLU A 2 -3.47 16.41 -4.74
CA GLU A 2 -2.86 16.99 -5.95
C GLU A 2 -1.99 15.87 -6.56
N PHE A 3 -2.68 14.81 -7.03
CA PHE A 3 -2.02 13.66 -7.65
C PHE A 3 -1.50 13.98 -9.07
N LYS A 4 -0.18 13.87 -9.20
CA LYS A 4 0.56 14.08 -10.44
C LYS A 4 1.12 12.72 -10.86
N ALA A 5 0.81 12.32 -12.09
CA ALA A 5 1.22 11.04 -12.66
C ALA A 5 2.76 10.87 -12.66
N GLY A 6 3.20 9.63 -12.40
CA GLY A 6 4.61 9.27 -12.37
C GLY A 6 4.99 8.29 -13.49
N SER A 7 5.90 7.37 -13.17
CA SER A 7 6.40 6.35 -14.11
C SER A 7 6.96 5.16 -13.33
N ALA A 8 6.73 3.95 -13.86
CA ALA A 8 7.21 2.72 -13.23
C ALA A 8 8.72 2.73 -12.86
N LYS A 9 9.59 3.34 -13.67
CA LYS A 9 11.04 3.38 -13.39
C LYS A 9 11.47 4.34 -12.26
N LYS A 10 10.51 5.01 -11.60
CA LYS A 10 10.80 5.94 -10.49
C LYS A 10 10.18 5.43 -9.19
N GLY A 11 8.88 5.11 -9.22
CA GLY A 11 8.21 4.56 -8.06
C GLY A 11 8.84 3.26 -7.56
N ALA A 12 9.40 2.46 -8.48
CA ALA A 12 10.07 1.20 -8.14
C ALA A 12 11.26 1.41 -7.19
N THR A 13 12.18 2.34 -7.49
CA THR A 13 13.33 2.60 -6.60
C THR A 13 12.92 2.93 -5.16
N LEU A 14 11.83 3.71 -4.99
CA LEU A 14 11.31 4.11 -3.68
C LEU A 14 10.75 2.91 -2.94
N PHE A 15 9.74 2.25 -3.52
CA PHE A 15 9.11 1.04 -2.97
C PHE A 15 10.14 -0.05 -2.61
N LYS A 16 11.20 -0.17 -3.41
CA LYS A 16 12.26 -1.18 -3.24
C LYS A 16 13.00 -1.11 -1.88
N THR A 17 13.04 0.08 -1.25
CA THR A 17 13.70 0.32 0.06
C THR A 17 12.79 1.16 1.00
N ARG A 18 11.47 1.02 0.80
CA ARG A 18 10.42 1.71 1.58
C ARG A 18 9.25 0.78 1.95
N CYS A 19 8.98 -0.20 1.07
CA CYS A 19 7.88 -1.14 1.25
C CYS A 19 8.36 -2.59 1.08
N LEU A 20 9.32 -2.82 0.17
CA LEU A 20 9.88 -4.16 -0.11
C LEU A 20 10.31 -4.92 1.18
N GLN A 21 10.91 -4.20 2.13
CA GLN A 21 11.38 -4.75 3.43
C GLN A 21 10.41 -5.77 4.07
N CYS A 22 9.09 -5.57 3.95
CA CYS A 22 8.08 -6.47 4.52
C CYS A 22 7.05 -7.01 3.50
N HIS A 23 6.68 -6.21 2.50
CA HIS A 23 5.67 -6.56 1.48
C HIS A 23 6.26 -7.19 0.20
N THR A 24 5.35 -7.51 -0.71
CA THR A 24 5.64 -8.10 -2.01
C THR A 24 4.87 -7.34 -3.12
N VAL A 25 5.59 -6.83 -4.13
CA VAL A 25 4.99 -6.03 -5.25
C VAL A 25 4.27 -6.87 -6.31
N GLU A 26 4.78 -8.06 -6.58
CA GLU A 26 4.25 -9.01 -7.58
C GLU A 26 3.61 -10.19 -6.85
N LYS A 27 3.16 -11.25 -7.56
CA LYS A 27 2.56 -12.40 -6.87
C LYS A 27 3.45 -13.65 -6.76
N GLY A 28 4.76 -13.51 -6.96
CA GLY A 28 5.67 -14.66 -6.87
C GLY A 28 6.34 -14.82 -5.50
N GLY A 29 6.44 -13.72 -4.74
CA GLY A 29 7.04 -13.69 -3.41
C GLY A 29 6.08 -14.12 -2.31
N PRO A 30 6.45 -15.08 -1.45
CA PRO A 30 5.59 -15.51 -0.35
C PRO A 30 5.30 -14.37 0.62
N HIS A 31 4.20 -14.50 1.36
CA HIS A 31 3.80 -13.49 2.34
C HIS A 31 4.92 -13.30 3.40
N LYS A 32 5.50 -12.10 3.46
CA LYS A 32 6.58 -11.81 4.41
C LYS A 32 6.01 -11.10 5.67
N VAL A 33 6.71 -10.10 6.21
CA VAL A 33 6.26 -9.33 7.38
C VAL A 33 4.94 -8.60 7.08
N GLY A 34 4.72 -8.32 5.77
CA GLY A 34 3.51 -7.66 5.26
C GLY A 34 2.81 -8.48 4.16
N PRO A 35 1.50 -8.26 3.96
CA PRO A 35 0.72 -9.00 2.94
C PRO A 35 1.08 -8.65 1.48
N ASN A 36 0.57 -9.44 0.55
CA ASN A 36 0.84 -9.22 -0.88
C ASN A 36 0.01 -8.00 -1.38
N LEU A 37 0.69 -7.00 -1.97
CA LEU A 37 0.11 -5.74 -2.45
C LEU A 37 -0.39 -5.81 -3.93
N HIS A 38 0.03 -6.85 -4.66
CA HIS A 38 -0.33 -7.10 -6.07
C HIS A 38 -1.83 -7.39 -6.25
N GLY A 39 -2.60 -6.33 -6.49
CA GLY A 39 -4.05 -6.41 -6.68
C GLY A 39 -4.87 -5.64 -5.64
N ILE A 40 -4.26 -4.74 -4.85
CA ILE A 40 -5.02 -3.98 -3.84
C ILE A 40 -6.08 -3.07 -4.47
N PHE A 41 -5.81 -2.47 -5.63
CA PHE A 41 -6.76 -1.56 -6.31
C PHE A 41 -8.07 -2.28 -6.67
N GLY A 42 -9.10 -2.00 -5.86
CA GLY A 42 -10.44 -2.58 -5.99
C GLY A 42 -10.78 -3.58 -4.87
N ARG A 43 -9.83 -3.88 -3.97
CA ARG A 43 -10.01 -4.82 -2.86
C ARG A 43 -10.37 -4.07 -1.57
N HIS A 44 -10.70 -4.82 -0.53
CA HIS A 44 -11.04 -4.24 0.76
C HIS A 44 -9.93 -4.50 1.77
N SER A 45 -9.83 -3.64 2.81
CA SER A 45 -8.80 -3.80 3.85
C SER A 45 -8.87 -5.18 4.46
N GLY A 46 -7.77 -5.93 4.33
CA GLY A 46 -7.69 -7.30 4.85
C GLY A 46 -7.99 -8.44 3.83
N GLN A 47 -7.51 -8.35 2.57
CA GLN A 47 -7.79 -9.42 1.57
C GLN A 47 -6.57 -10.29 1.11
N ALA A 48 -5.53 -10.44 1.94
CA ALA A 48 -4.35 -11.28 1.58
C ALA A 48 -4.65 -12.81 1.57
N GLU A 49 -4.26 -13.47 0.46
CA GLU A 49 -4.47 -14.91 0.24
C GLU A 49 -3.58 -15.80 1.17
N GLY A 50 -3.99 -15.89 2.46
CA GLY A 50 -3.29 -16.69 3.48
C GLY A 50 -2.75 -15.90 4.69
N TYR A 51 -2.56 -14.59 4.54
CA TYR A 51 -2.03 -13.71 5.61
C TYR A 51 -3.15 -13.06 6.47
N SER A 52 -2.88 -12.95 7.79
CA SER A 52 -3.84 -12.38 8.77
C SER A 52 -3.61 -10.88 9.05
N TYR A 53 -4.74 -10.18 9.27
CA TYR A 53 -4.84 -8.73 9.57
C TYR A 53 -5.34 -8.46 11.04
N THR A 54 -5.14 -7.23 11.57
CA THR A 54 -5.55 -6.85 12.95
C THR A 54 -7.06 -6.68 13.12
N ASP A 55 -7.52 -6.69 14.37
CA ASP A 55 -8.94 -6.53 14.73
C ASP A 55 -9.56 -5.26 14.11
N ALA A 56 -8.75 -4.20 13.98
CA ALA A 56 -9.17 -2.90 13.45
C ALA A 56 -9.12 -2.81 11.90
N ASN A 57 -8.17 -3.47 11.23
CA ASN A 57 -8.03 -3.40 9.76
C ASN A 57 -9.16 -4.18 9.04
N ILE A 58 -9.53 -5.34 9.60
CA ILE A 58 -10.61 -6.18 9.04
C ILE A 58 -11.97 -5.44 9.12
N LYS A 59 -12.48 -5.18 10.34
CA LYS A 59 -13.66 -4.31 10.56
C LYS A 59 -13.70 -3.06 9.65
N LYS A 60 -12.55 -2.65 9.11
CA LYS A 60 -12.39 -1.43 8.30
C LYS A 60 -12.80 -1.59 6.83
N ASN A 61 -12.52 -2.77 6.24
CA ASN A 61 -12.82 -3.21 4.85
C ASN A 61 -12.90 -2.06 3.82
N VAL A 62 -11.94 -1.13 3.86
CA VAL A 62 -11.93 0.00 2.94
C VAL A 62 -11.55 -0.47 1.55
N LEU A 63 -12.17 0.11 0.51
CA LEU A 63 -11.88 -0.29 -0.86
C LEU A 63 -10.69 0.53 -1.37
N TRP A 64 -9.51 -0.08 -1.35
CA TRP A 64 -8.27 0.55 -1.80
C TRP A 64 -8.38 1.00 -3.28
N ASP A 65 -8.33 2.31 -3.45
CA ASP A 65 -8.43 3.02 -4.74
C ASP A 65 -7.16 3.89 -4.95
N GLU A 66 -7.14 4.68 -6.03
CA GLU A 66 -6.00 5.53 -6.40
C GLU A 66 -5.80 6.63 -5.34
N ASN A 67 -6.89 7.34 -4.98
CA ASN A 67 -6.86 8.38 -3.96
C ASN A 67 -6.87 7.77 -2.53
N ASN A 68 -7.76 6.81 -2.24
CA ASN A 68 -7.86 6.16 -0.91
C ASN A 68 -6.50 5.64 -0.36
N MET A 69 -5.69 4.93 -1.15
CA MET A 69 -4.38 4.45 -0.66
C MET A 69 -3.47 5.61 -0.17
N SER A 70 -3.52 6.77 -0.84
CA SER A 70 -2.72 7.94 -0.46
C SER A 70 -3.19 8.59 0.87
N GLU A 71 -4.51 8.70 1.06
CA GLU A 71 -5.10 9.29 2.27
C GLU A 71 -4.69 8.49 3.52
N TYR A 72 -4.63 7.16 3.37
CA TYR A 72 -4.24 6.19 4.41
C TYR A 72 -2.73 6.18 4.68
N LEU A 73 -1.88 6.28 3.66
CA LEU A 73 -0.42 6.27 3.86
C LEU A 73 0.08 7.40 4.79
N THR A 74 -0.52 8.60 4.71
CA THR A 74 -0.09 9.73 5.56
C THR A 74 -0.06 9.37 7.05
N ASN A 75 -0.97 8.50 7.50
CA ASN A 75 -1.02 8.07 8.91
C ASN A 75 -1.91 6.81 9.07
N PRO A 76 -1.32 5.61 8.93
CA PRO A 76 -2.06 4.34 9.08
C PRO A 76 -2.65 4.15 10.48
N LYS A 77 -2.05 4.82 11.46
CA LYS A 77 -2.49 4.78 12.87
C LYS A 77 -3.83 5.47 13.08
N LYS A 78 -4.10 6.54 12.32
CA LYS A 78 -5.37 7.26 12.42
C LYS A 78 -6.49 6.56 11.63
N TYR A 79 -6.18 6.04 10.45
CA TYR A 79 -7.15 5.30 9.60
C TYR A 79 -7.50 3.90 10.14
N ILE A 80 -6.49 3.19 10.64
CA ILE A 80 -6.63 1.86 11.24
C ILE A 80 -5.96 1.89 12.63
N PRO A 81 -6.73 2.30 13.66
CA PRO A 81 -6.24 2.39 15.05
C PRO A 81 -5.93 1.01 15.65
N GLY A 82 -4.66 0.66 15.67
CA GLY A 82 -4.23 -0.64 16.22
C GLY A 82 -3.55 -1.56 15.17
N THR A 83 -3.25 -1.04 13.98
CA THR A 83 -2.59 -1.80 12.88
C THR A 83 -1.10 -2.04 13.12
N LYS A 84 -0.63 -3.19 12.65
CA LYS A 84 0.78 -3.61 12.81
C LYS A 84 1.69 -3.16 11.66
N MET A 85 1.30 -2.14 10.87
CA MET A 85 2.12 -1.65 9.77
C MET A 85 3.17 -0.60 10.24
N ALA A 86 4.33 -1.13 10.65
CA ALA A 86 5.47 -0.34 11.15
C ALA A 86 6.33 0.35 10.08
N PHE A 87 5.77 1.46 9.57
CA PHE A 87 6.34 2.35 8.54
C PHE A 87 6.15 3.87 8.85
N GLY A 88 5.36 4.24 9.86
CA GLY A 88 5.18 5.67 10.22
C GLY A 88 4.18 6.43 9.33
N GLY A 89 4.29 6.28 8.00
CA GLY A 89 3.41 6.94 7.02
C GLY A 89 4.09 8.07 6.23
N LEU A 90 4.03 7.98 4.90
CA LEU A 90 4.60 8.98 3.98
C LEU A 90 3.71 10.24 3.93
N LYS A 91 4.26 11.32 4.49
CA LYS A 91 3.64 12.66 4.60
C LYS A 91 3.81 13.53 3.33
N LYS A 92 4.72 13.13 2.43
CA LYS A 92 5.00 13.86 1.18
C LYS A 92 4.18 13.34 0.00
N GLU A 93 3.09 14.03 -0.32
CA GLU A 93 2.19 13.70 -1.45
C GLU A 93 2.90 13.56 -2.80
N LYS A 94 3.74 14.52 -3.18
CA LYS A 94 4.45 14.50 -4.48
C LYS A 94 5.26 13.21 -4.66
N ASP A 95 5.85 12.78 -3.56
CA ASP A 95 6.64 11.57 -3.42
C ASP A 95 5.78 10.29 -3.63
N ARG A 96 4.53 10.26 -3.12
CA ARG A 96 3.63 9.09 -3.33
C ARG A 96 3.02 9.10 -4.74
N ASN A 97 2.70 10.28 -5.28
CA ASN A 97 2.12 10.41 -6.63
C ASN A 97 2.80 9.46 -7.65
N ASP A 98 4.15 9.49 -7.73
CA ASP A 98 4.93 8.59 -8.59
C ASP A 98 4.85 7.11 -8.11
N LEU A 99 4.89 6.88 -6.78
CA LEU A 99 4.76 5.54 -6.17
C LEU A 99 3.44 4.83 -6.58
N ILE A 100 2.33 5.59 -6.67
CA ILE A 100 1.02 5.08 -7.07
C ILE A 100 1.08 4.55 -8.52
N THR A 101 1.68 5.34 -9.44
CA THR A 101 1.83 4.95 -10.84
C THR A 101 2.58 3.61 -10.99
N TYR A 102 3.62 3.37 -10.19
CA TYR A 102 4.35 2.10 -10.21
C TYR A 102 3.45 0.90 -9.83
N LEU A 103 2.80 0.96 -8.67
CA LEU A 103 1.87 -0.10 -8.21
C LEU A 103 0.68 -0.26 -9.16
N LYS A 104 0.14 0.89 -9.57
CA LYS A 104 -0.95 0.97 -10.54
C LYS A 104 -0.55 0.23 -11.84
N LYS A 105 0.70 0.40 -12.31
CA LYS A 105 1.22 -0.23 -13.56
C LYS A 105 1.39 -1.77 -13.49
N ALA A 106 1.69 -2.23 -12.28
CA ALA A 106 1.88 -3.63 -11.88
C ALA A 106 0.54 -4.39 -11.65
N THR A 107 -0.48 -3.68 -11.12
CA THR A 107 -1.84 -4.21 -10.89
C THR A 107 -2.66 -4.24 -12.21
N GLU A 108 -2.54 -3.18 -13.02
CA GLU A 108 -3.26 -3.09 -14.31
C GLU A 108 -2.29 -2.85 -15.49
FE HEC B . 2.23 -1.80 4.54
CHA HEC B . -0.88 -3.22 5.21
CHB HEC B . 0.98 -0.37 1.64
CHC HEC B . 5.34 -0.40 3.91
CHD HEC B . 3.64 -3.69 7.10
NA HEC B . 0.42 -1.76 3.63
C1A HEC B . -0.77 -2.38 4.07
C2A HEC B . -1.81 -2.16 3.13
C3A HEC B . -1.29 -1.39 2.10
C4A HEC B . 0.08 -1.14 2.41
CMA HEC B . -2.05 -0.92 0.88
CAA HEC B . -3.22 -2.66 3.23
CBA HEC B . -3.37 -4.14 2.89
CGA HEC B . -4.82 -4.61 3.10
O1A HEC B . -5.56 -3.97 3.86
O2A HEC B . -5.20 -5.66 2.51
NB HEC B . 3.00 -0.59 3.09
C1B HEC B . 2.34 -0.12 1.94
C2B HEC B . 3.23 0.67 1.15
C3B HEC B . 4.46 0.73 1.84
C4B HEC B . 4.30 -0.06 3.03
CMB HEC B . 2.96 1.18 -0.24
CAB HEC B . 5.69 1.50 1.48
CBB HEC B . 5.46 3.01 1.52
NC HEC B . 4.11 -1.95 5.38
C1C HEC B . 5.26 -1.27 5.02
C2C HEC B . 6.39 -1.73 5.76
C3C HEC B . 5.94 -2.72 6.61
C4C HEC B . 4.52 -2.84 6.39
CMC HEC B . 7.80 -1.25 5.59
CAC HEC B . 6.78 -3.69 7.40
CBC HEC B . 7.30 -3.08 8.69
ND HEC B . 1.50 -3.12 5.93
C1D HEC B . 2.24 -3.84 6.89
C2D HEC B . 1.39 -4.70 7.62
C3D HEC B . 0.10 -4.52 7.16
C4D HEC B . 0.17 -3.56 6.10
CMD HEC B . 1.88 -5.78 8.54
CAD HEC B . -1.15 -5.11 7.79
CBD HEC B . -1.62 -4.28 8.99
CGD HEC B . -2.44 -5.06 10.02
O1D HEC B . -3.04 -6.10 9.72
O2D HEC B . -2.43 -4.61 11.18
HHA HEC B . -1.90 -3.54 5.49
HHB HEC B . 0.61 0.03 0.68
HHC HEC B . 6.29 0.16 3.80
HHD HEC B . 4.09 -4.38 7.84
HMA1 HEC B . -2.29 0.13 1.00
HMA2 HEC B . -2.97 -1.49 0.80
HMA3 HEC B . -1.45 -1.06 0.00
HAA1 HEC B . -3.84 -2.09 2.55
HAA2 HEC B . -3.58 -2.49 4.24
HBA1 HEC B . -2.73 -4.72 3.54
HBA2 HEC B . -3.08 -4.30 1.87
HMB1 HEC B . 1.92 1.00 -0.48
HMB2 HEC B . 3.58 0.65 -0.96
HMB3 HEC B . 3.16 2.24 -0.28
HAB HEC B . 6.42 1.29 2.23
HBB1 HEC B . 4.65 3.22 2.22
HBB2 HEC B . 5.20 3.39 0.55
HBB3 HEC B . 6.37 3.50 1.87
HMC1 HEC B . 7.87 -0.19 5.79
HMC2 HEC B . 8.12 -1.42 4.57
HMC3 HEC B . 8.45 -1.79 6.26
HAC HEC B . 6.12 -4.50 7.70
HBC1 HEC B . 6.46 -2.93 9.36
HBC2 HEC B . 7.77 -2.13 8.48
HBC3 HEC B . 8.02 -3.75 9.15
HMD1 HEC B . 2.52 -5.34 9.29
HMD2 HEC B . 2.46 -6.51 7.97
HMD3 HEC B . 1.04 -6.26 9.00
HAD1 HEC B . -0.95 -6.11 8.11
HAD2 HEC B . -1.94 -5.13 7.04
HBD1 HEC B . -2.23 -3.46 8.63
HBD2 HEC B . -0.75 -3.87 9.48
C2 4NL C . -7.92 1.22 -10.47
C6 4NL C . -7.49 2.60 -8.55
C3 4NL C . -6.55 1.11 -10.69
C4 4NL C . -5.66 1.74 -9.84
C5 4NL C . -6.13 2.49 -8.77
C1 4NL C . -8.39 1.98 -9.40
N1 4NL C . -9.81 2.08 -9.17
O1 4NL C . -4.27 1.63 -10.06
H2 4NL C . -6.17 0.51 -11.56
H6 4NL C . -10.44 1.34 -9.50
H3 4NL C . -5.40 3.01 -8.09
H5 4NL C . -3.79 2.24 -9.45
H4 4NL C . -7.87 3.22 -7.70
H1 4NL C . -8.64 0.72 -11.16
H7 4NL C . -10.18 2.91 -8.68
N THR A 1 -3.62 17.87 -2.21
CA THR A 1 -4.41 17.55 -3.41
C THR A 1 -3.69 18.14 -4.61
N GLU A 2 -2.52 17.60 -4.94
CA GLU A 2 -1.70 18.07 -6.07
C GLU A 2 -1.00 16.83 -6.61
N PHE A 3 -1.77 15.96 -7.29
CA PHE A 3 -1.25 14.72 -7.87
C PHE A 3 -0.55 14.98 -9.24
N LYS A 4 0.74 14.63 -9.26
CA LYS A 4 1.61 14.72 -10.42
C LYS A 4 1.99 13.31 -10.83
N ALA A 5 1.64 12.95 -12.06
CA ALA A 5 1.91 11.63 -12.64
C ALA A 5 3.40 11.24 -12.54
N GLY A 6 3.66 9.95 -12.28
CA GLY A 6 5.01 9.40 -12.14
C GLY A 6 5.38 8.47 -13.30
N SER A 7 6.13 7.42 -12.97
CA SER A 7 6.59 6.41 -13.93
C SER A 7 7.00 5.13 -13.19
N ALA A 8 6.76 3.98 -13.82
CA ALA A 8 7.10 2.67 -13.25
C ALA A 8 8.58 2.57 -12.76
N LYS A 9 9.55 3.14 -13.51
CA LYS A 9 10.97 3.09 -13.11
C LYS A 9 11.40 4.12 -12.03
N LYS A 10 10.44 4.89 -11.50
CA LYS A 10 10.71 5.88 -10.43
C LYS A 10 10.03 5.47 -9.13
N GLY A 11 8.71 5.26 -9.19
CA GLY A 11 7.96 4.83 -8.01
C GLY A 11 8.48 3.49 -7.44
N ALA A 12 9.02 2.64 -8.30
CA ALA A 12 9.61 1.35 -7.89
C ALA A 12 10.75 1.53 -6.87
N THR A 13 11.77 2.36 -7.17
CA THR A 13 12.88 2.57 -6.21
C THR A 13 12.40 2.89 -4.78
N LEU A 14 11.30 3.66 -4.66
CA LEU A 14 10.72 4.03 -3.36
C LEU A 14 10.08 2.82 -2.68
N PHE A 15 9.07 2.24 -3.32
CA PHE A 15 8.34 1.05 -2.82
C PHE A 15 9.30 -0.14 -2.58
N LYS A 16 10.30 -0.31 -3.46
CA LYS A 16 11.27 -1.43 -3.39
C LYS A 16 12.43 -1.20 -2.39
N THR A 17 12.38 -0.10 -1.63
CA THR A 17 13.40 0.26 -0.61
C THR A 17 12.74 0.68 0.74
N ARG A 18 11.49 1.17 0.66
CA ARG A 18 10.69 1.64 1.81
C ARG A 18 9.57 0.66 2.19
N CYS A 19 9.09 -0.10 1.20
CA CYS A 19 7.99 -1.04 1.39
C CYS A 19 8.46 -2.50 1.23
N LEU A 20 9.48 -2.73 0.39
CA LEU A 20 10.03 -4.07 0.14
C LEU A 20 10.44 -4.83 1.42
N GLN A 21 11.02 -4.10 2.39
CA GLN A 21 11.46 -4.64 3.68
C GLN A 21 10.49 -5.66 4.33
N CYS A 22 9.18 -5.47 4.15
CA CYS A 22 8.13 -6.36 4.69
C CYS A 22 7.15 -6.92 3.64
N HIS A 23 6.81 -6.12 2.62
CA HIS A 23 5.84 -6.49 1.56
C HIS A 23 6.50 -7.11 0.31
N THR A 24 5.66 -7.24 -0.72
CA THR A 24 6.03 -7.78 -2.03
C THR A 24 5.02 -7.26 -3.10
N VAL A 25 5.53 -6.56 -4.13
CA VAL A 25 4.68 -5.99 -5.22
C VAL A 25 4.17 -7.03 -6.23
N GLU A 26 4.93 -8.10 -6.42
CA GLU A 26 4.61 -9.21 -7.32
C GLU A 26 3.95 -10.35 -6.52
N LYS A 27 3.20 -11.26 -7.15
CA LYS A 27 2.57 -12.35 -6.40
C LYS A 27 3.47 -13.57 -6.13
N GLY A 28 4.74 -13.55 -6.55
CA GLY A 28 5.65 -14.67 -6.32
C GLY A 28 6.49 -14.53 -5.04
N GLY A 29 6.35 -13.39 -4.35
CA GLY A 29 7.06 -13.11 -3.11
C GLY A 29 6.34 -13.64 -1.87
N PRO A 30 6.99 -14.43 -1.02
CA PRO A 30 6.36 -14.94 0.20
C PRO A 30 5.94 -13.81 1.15
N HIS A 31 4.82 -14.01 1.85
CA HIS A 31 4.31 -13.03 2.79
C HIS A 31 5.31 -12.84 3.94
N LYS A 32 6.01 -11.69 3.96
CA LYS A 32 6.99 -11.38 5.02
C LYS A 32 6.29 -10.70 6.21
N VAL A 33 6.86 -9.60 6.73
CA VAL A 33 6.26 -8.83 7.83
C VAL A 33 4.94 -8.17 7.38
N GLY A 34 4.80 -8.02 6.04
CA GLY A 34 3.60 -7.45 5.40
C GLY A 34 3.04 -8.37 4.29
N PRO A 35 1.71 -8.39 4.11
CA PRO A 35 1.05 -9.24 3.11
C PRO A 35 1.29 -8.80 1.65
N ASN A 36 0.99 -9.68 0.71
CA ASN A 36 1.17 -9.39 -0.72
C ASN A 36 0.16 -8.28 -1.14
N LEU A 37 0.64 -7.27 -1.88
CA LEU A 37 -0.13 -6.10 -2.34
C LEU A 37 -0.58 -6.19 -3.83
N HIS A 38 -0.13 -7.25 -4.53
CA HIS A 38 -0.45 -7.52 -5.94
C HIS A 38 -1.93 -7.89 -6.14
N GLY A 39 -2.74 -6.87 -6.46
CA GLY A 39 -4.18 -7.03 -6.69
C GLY A 39 -5.09 -6.36 -5.65
N ILE A 40 -4.56 -5.45 -4.82
CA ILE A 40 -5.39 -4.78 -3.81
C ILE A 40 -6.42 -3.83 -4.44
N PHE A 41 -6.06 -3.11 -5.51
CA PHE A 41 -6.96 -2.16 -6.19
C PHE A 41 -8.26 -2.84 -6.65
N GLY A 42 -9.37 -2.42 -6.02
CA GLY A 42 -10.72 -2.93 -6.28
C GLY A 42 -11.27 -3.83 -5.16
N ARG A 43 -10.45 -4.13 -4.14
CA ARG A 43 -10.84 -4.99 -3.00
C ARG A 43 -10.81 -4.18 -1.70
N HIS A 44 -11.47 -4.70 -0.67
CA HIS A 44 -11.52 -4.05 0.63
C HIS A 44 -10.26 -4.37 1.43
N SER A 45 -9.99 -3.59 2.49
CA SER A 45 -8.80 -3.81 3.34
C SER A 45 -8.83 -5.21 3.94
N GLY A 46 -7.64 -5.81 4.06
CA GLY A 46 -7.50 -7.15 4.63
C GLY A 46 -7.86 -8.34 3.72
N GLN A 47 -7.46 -8.35 2.44
CA GLN A 47 -7.79 -9.48 1.52
C GLN A 47 -6.58 -10.32 0.98
N ALA A 48 -5.41 -10.31 1.64
CA ALA A 48 -4.23 -11.08 1.18
C ALA A 48 -4.44 -12.63 1.20
N GLU A 49 -4.23 -13.27 0.04
CA GLU A 49 -4.39 -14.73 -0.13
C GLU A 49 -3.27 -15.54 0.58
N GLY A 50 -3.49 -15.82 1.88
CA GLY A 50 -2.56 -16.64 2.70
C GLY A 50 -1.93 -15.89 3.90
N TYR A 51 -2.49 -14.74 4.29
CA TYR A 51 -1.98 -13.93 5.42
C TYR A 51 -3.12 -13.25 6.23
N SER A 52 -2.90 -13.10 7.55
CA SER A 52 -3.88 -12.51 8.49
C SER A 52 -3.63 -10.99 8.74
N TYR A 53 -4.73 -10.31 9.09
CA TYR A 53 -4.81 -8.86 9.39
C TYR A 53 -5.31 -8.59 10.87
N THR A 54 -5.22 -7.34 11.36
CA THR A 54 -5.66 -6.95 12.73
C THR A 54 -7.17 -6.76 12.85
N ASP A 55 -7.66 -6.73 14.10
CA ASP A 55 -9.08 -6.53 14.42
C ASP A 55 -9.64 -5.22 13.80
N ALA A 56 -8.80 -4.19 13.73
CA ALA A 56 -9.16 -2.86 13.22
C ALA A 56 -9.09 -2.73 11.68
N ASN A 57 -8.13 -3.39 11.01
CA ASN A 57 -7.98 -3.30 9.55
C ASN A 57 -9.13 -4.03 8.82
N ILE A 58 -9.58 -5.17 9.36
CA ILE A 58 -10.69 -5.96 8.81
C ILE A 58 -12.02 -5.18 8.95
N LYS A 59 -12.52 -5.00 10.17
CA LYS A 59 -13.68 -4.13 10.46
C LYS A 59 -13.74 -2.84 9.61
N LYS A 60 -12.59 -2.41 9.07
CA LYS A 60 -12.45 -1.17 8.29
C LYS A 60 -12.88 -1.29 6.82
N ASN A 61 -12.61 -2.46 6.19
CA ASN A 61 -12.93 -2.87 4.80
C ASN A 61 -12.91 -1.71 3.78
N VAL A 62 -11.86 -0.88 3.83
CA VAL A 62 -11.73 0.25 2.90
C VAL A 62 -11.49 -0.26 1.49
N LEU A 63 -12.29 0.21 0.53
CA LEU A 63 -12.14 -0.22 -0.85
C LEU A 63 -10.88 0.44 -1.45
N TRP A 64 -9.80 -0.33 -1.54
CA TRP A 64 -8.53 0.13 -2.06
C TRP A 64 -8.65 0.58 -3.53
N ASP A 65 -8.77 1.90 -3.70
CA ASP A 65 -8.88 2.60 -4.98
C ASP A 65 -7.72 3.62 -5.12
N GLU A 66 -7.81 4.52 -6.09
CA GLU A 66 -6.80 5.54 -6.36
C GLU A 66 -6.65 6.48 -5.14
N ASN A 67 -7.78 6.96 -4.60
CA ASN A 67 -7.79 7.84 -3.44
C ASN A 67 -7.61 7.05 -2.11
N ASN A 68 -8.38 5.99 -1.89
CA ASN A 68 -8.29 5.17 -0.66
C ASN A 68 -6.86 4.67 -0.33
N MET A 69 -6.06 4.25 -1.32
CA MET A 69 -4.66 3.83 -1.06
C MET A 69 -3.79 5.01 -0.54
N SER A 70 -3.93 6.20 -1.14
CA SER A 70 -3.17 7.39 -0.73
C SER A 70 -3.52 7.86 0.71
N GLU A 71 -4.80 7.78 1.08
CA GLU A 71 -5.28 8.17 2.42
C GLU A 71 -4.48 7.42 3.51
N TYR A 72 -4.49 6.08 3.44
CA TYR A 72 -3.81 5.18 4.38
C TYR A 72 -2.28 5.35 4.37
N LEU A 73 -1.65 5.52 3.21
CA LEU A 73 -0.17 5.69 3.15
C LEU A 73 0.34 6.91 3.95
N THR A 74 -0.38 8.04 3.95
CA THR A 74 0.05 9.24 4.69
C THR A 74 0.04 9.01 6.21
N ASN A 75 -0.83 8.11 6.70
CA ASN A 75 -0.93 7.80 8.14
C ASN A 75 -1.64 6.45 8.38
N PRO A 76 -0.90 5.32 8.34
CA PRO A 76 -1.49 3.98 8.57
C PRO A 76 -2.10 3.82 9.97
N LYS A 77 -1.32 4.16 10.99
CA LYS A 77 -1.76 4.08 12.40
C LYS A 77 -2.93 5.03 12.70
N LYS A 78 -2.95 6.19 12.07
CA LYS A 78 -4.04 7.16 12.26
C LYS A 78 -5.33 6.73 11.55
N TYR A 79 -5.22 6.14 10.36
CA TYR A 79 -6.37 5.66 9.58
C TYR A 79 -6.97 4.34 10.12
N ILE A 80 -6.11 3.43 10.56
CA ILE A 80 -6.48 2.15 11.14
C ILE A 80 -5.76 2.01 12.51
N PRO A 81 -6.44 2.40 13.60
CA PRO A 81 -5.88 2.34 14.96
C PRO A 81 -5.58 0.92 15.45
N GLY A 82 -4.31 0.60 15.60
CA GLY A 82 -3.90 -0.73 16.06
C GLY A 82 -3.28 -1.62 14.96
N THR A 83 -3.11 -1.08 13.74
CA THR A 83 -2.54 -1.80 12.58
C THR A 83 -1.08 -2.20 12.75
N LYS A 84 -0.73 -3.38 12.24
CA LYS A 84 0.63 -3.93 12.32
C LYS A 84 1.67 -3.10 11.53
N MET A 85 1.26 -2.33 10.52
CA MET A 85 2.21 -1.54 9.71
C MET A 85 2.78 -0.34 10.52
N ALA A 86 4.04 -0.50 10.93
CA ALA A 86 4.78 0.47 11.75
C ALA A 86 5.75 1.38 10.97
N PHE A 87 5.54 1.44 9.65
CA PHE A 87 6.28 2.21 8.65
C PHE A 87 6.28 3.76 8.86
N GLY A 88 5.41 4.29 9.72
CA GLY A 88 5.38 5.74 9.96
C GLY A 88 4.44 6.55 9.04
N GLY A 89 4.38 6.18 7.75
CA GLY A 89 3.51 6.84 6.76
C GLY A 89 4.18 8.02 6.03
N LEU A 90 4.33 7.88 4.71
CA LEU A 90 4.96 8.90 3.84
C LEU A 90 3.98 10.06 3.58
N LYS A 91 4.02 11.02 4.52
CA LYS A 91 3.20 12.25 4.55
C LYS A 91 3.48 13.21 3.37
N LYS A 92 4.57 12.99 2.64
CA LYS A 92 4.96 13.81 1.48
C LYS A 92 4.19 13.43 0.21
N GLU A 93 3.22 14.24 -0.17
CA GLU A 93 2.37 14.03 -1.35
C GLU A 93 3.14 13.73 -2.66
N LYS A 94 4.15 14.53 -2.98
CA LYS A 94 4.95 14.36 -4.22
C LYS A 94 5.48 12.92 -4.34
N ASP A 95 6.02 12.44 -3.23
CA ASP A 95 6.57 11.11 -3.04
C ASP A 95 5.52 10.00 -3.36
N ARG A 96 4.28 10.13 -2.83
CA ARG A 96 3.20 9.15 -3.14
C ARG A 96 2.74 9.27 -4.60
N ASN A 97 2.71 10.48 -5.16
CA ASN A 97 2.30 10.72 -6.56
C ASN A 97 2.91 9.66 -7.52
N ASP A 98 4.25 9.59 -7.59
CA ASP A 98 4.96 8.58 -8.41
C ASP A 98 4.65 7.13 -7.94
N LEU A 99 4.53 6.91 -6.63
CA LEU A 99 4.20 5.59 -6.04
C LEU A 99 2.86 5.02 -6.58
N ILE A 100 1.85 5.88 -6.76
CA ILE A 100 0.54 5.50 -7.31
C ILE A 100 0.71 4.94 -8.73
N THR A 101 1.40 5.69 -9.61
CA THR A 101 1.67 5.25 -10.99
C THR A 101 2.32 3.85 -11.05
N TYR A 102 3.30 3.59 -10.17
CA TYR A 102 3.97 2.28 -10.13
C TYR A 102 3.03 1.16 -9.63
N LEU A 103 2.39 1.35 -8.48
CA LEU A 103 1.46 0.36 -7.90
C LEU A 103 0.27 0.09 -8.83
N LYS A 104 -0.33 1.18 -9.31
CA LYS A 104 -1.45 1.15 -10.23
C LYS A 104 -1.08 0.35 -11.50
N LYS A 105 0.16 0.50 -12.01
CA LYS A 105 0.64 -0.16 -13.26
C LYS A 105 0.90 -1.69 -13.13
N ALA A 106 1.25 -2.08 -11.91
CA ALA A 106 1.53 -3.45 -11.46
C ALA A 106 0.25 -4.27 -11.17
N THR A 107 -0.80 -3.61 -10.64
CA THR A 107 -2.11 -4.21 -10.36
C THR A 107 -2.95 -4.33 -11.65
N GLU A 108 -2.90 -3.32 -12.53
CA GLU A 108 -3.65 -3.34 -13.81
C GLU A 108 -2.72 -3.13 -15.02
FE HEC B . 2.23 -1.79 4.51
CHA HEC B . -0.87 -3.26 5.08
CHB HEC B . 1.05 -0.38 1.56
CHC HEC B . 5.34 -0.34 3.98
CHD HEC B . 3.58 -3.66 7.11
NA HEC B . 0.45 -1.79 3.53
C1A HEC B . -0.74 -2.42 3.94
C2A HEC B . -1.76 -2.21 2.96
C3A HEC B . -1.22 -1.43 1.95
C4A HEC B . 0.14 -1.16 2.31
CMA HEC B . -1.94 -0.98 0.72
CAA HEC B . -3.16 -2.72 3.02
CBA HEC B . -3.28 -4.22 2.69
CGA HEC B . -4.72 -4.72 2.83
O1A HEC B . -5.50 -4.08 3.58
O2A HEC B . -5.06 -5.76 2.24
NB HEC B . 3.03 -0.57 3.07
C1B HEC B . 2.40 -0.11 1.92
C2B HEC B . 3.31 0.70 1.15
C3B HEC B . 4.50 0.77 1.88
C4B HEC B . 4.32 -0.02 3.06
CMB HEC B . 3.06 1.20 -0.24
CAB HEC B . 5.73 1.56 1.56
CBB HEC B . 5.49 3.07 1.59
NC HEC B . 4.08 -1.92 5.41
C1C HEC B . 5.24 -1.21 5.08
C2C HEC B . 6.35 -1.66 5.85
C3C HEC B . 5.89 -2.66 6.68
C4C HEC B . 4.47 -2.80 6.43
CMC HEC B . 7.76 -1.15 5.74
CAC HEC B . 6.71 -3.61 7.51
CBC HEC B . 7.19 -2.99 8.82
ND HEC B . 1.48 -3.13 5.87
C1D HEC B . 2.20 -3.83 6.85
C2D HEC B . 1.34 -4.71 7.56
C3D HEC B . 0.06 -4.55 7.06
C4D HEC B . 0.15 -3.58 6.00
CMD HEC B . 1.81 -5.78 8.49
CAD HEC B . -1.20 -5.15 7.64
CBD HEC B . -1.72 -4.33 8.83
CGD HEC B . -2.56 -5.13 9.84
O1D HEC B . -3.14 -6.17 9.50
O2D HEC B . -2.60 -4.68 11.00
HHA HEC B . -1.90 -3.61 5.33
HHB HEC B . 0.70 0.02 0.61
HHC HEC B . 6.28 0.24 3.90
HHD HEC B . 4.03 -4.35 7.86
HMA1 HEC B . -2.20 0.07 0.81
HMA2 HEC B . -2.85 -1.56 0.60
HMA3 HEC B . -1.31 -1.11 -0.14
HAA1 HEC B . -3.77 -2.17 2.33
HAA2 HEC B . -3.55 -2.57 4.02
HBA1 HEC B . -2.64 -4.79 3.35
HBA2 HEC B . -2.96 -4.38 1.66
HMB1 HEC B . 2.04 1.01 -0.52
HMB2 HEC B . 3.73 0.69 -0.94
HMB3 HEC B . 3.26 2.26 -0.28
HAB HEC B . 6.44 1.36 2.34
HBB1 HEC B . 4.65 3.27 2.26
HBB2 HEC B . 5.25 3.44 0.62
HBB3 HEC B . 6.37 3.58 1.97
HMC1 HEC B . 7.80 -0.09 5.95
HMC2 HEC B . 8.11 -1.33 4.73
HMC3 HEC B . 8.40 -1.68 6.43
HAC HEC B . 6.06 -4.43 7.78
HBC1 HEC B . 6.33 -2.86 9.46
HBC2 HEC B . 7.64 -2.04 8.62
HBC3 HEC B . 7.90 -3.64 9.30
HMD1 HEC B . 2.42 -5.33 9.27
HMD2 HEC B . 2.41 -6.50 7.94
HMD3 HEC B . 0.97 -6.28 8.93
HAD1 HEC B . -0.98 -6.15 7.97
HAD2 HEC B . -1.97 -5.18 6.87
HBD1 HEC B . -2.32 -3.52 8.44
HBD2 HEC B . -0.88 -3.91 9.34
C2 4NL C . -8.04 0.52 -10.09
C6 4NL C . -8.05 2.08 -8.27
C3 4NL C . -6.68 0.71 -10.23
C4 4NL C . -5.99 1.58 -9.40
C5 4NL C . -6.69 2.26 -8.41
C1 4NL C . -8.73 1.21 -9.10
N1 4NL C . -10.15 1.00 -8.93
O1 4NL C . -4.61 1.77 -9.56
H2 4NL C . -6.12 0.16 -11.04
H6 4NL C . -10.80 1.30 -9.67
H3 4NL C . -6.14 2.98 -7.74
H5 4NL C . -4.28 2.42 -8.88
H4 4NL C . -8.61 2.64 -7.46
H1 4NL C . -8.59 -0.18 -10.77
H7 4NL C . -10.51 0.57 -8.08
N THR A 1 -3.69 18.33 -2.95
CA THR A 1 -4.40 17.81 -4.12
C THR A 1 -3.73 18.34 -5.36
N GLU A 2 -2.54 17.84 -5.67
CA GLU A 2 -1.76 18.25 -6.84
C GLU A 2 -1.02 16.99 -7.32
N PHE A 3 -1.80 16.04 -7.88
CA PHE A 3 -1.25 14.77 -8.39
C PHE A 3 -0.53 14.95 -9.75
N LYS A 4 0.78 14.69 -9.70
CA LYS A 4 1.68 14.75 -10.84
C LYS A 4 2.06 13.33 -11.21
N ALA A 5 1.76 12.97 -12.46
CA ALA A 5 2.03 11.63 -13.00
C ALA A 5 3.51 11.23 -12.87
N GLY A 6 3.75 9.95 -12.60
CA GLY A 6 5.09 9.38 -12.43
C GLY A 6 5.46 8.39 -13.55
N SER A 7 6.19 7.35 -13.16
CA SER A 7 6.66 6.30 -14.08
C SER A 7 7.05 5.06 -13.29
N ALA A 8 6.74 3.88 -13.84
CA ALA A 8 7.05 2.60 -13.20
C ALA A 8 8.50 2.49 -12.65
N LYS A 9 9.51 2.94 -13.41
CA LYS A 9 10.92 2.87 -12.97
C LYS A 9 11.36 3.95 -11.96
N LYS A 10 10.43 4.81 -11.53
CA LYS A 10 10.71 5.88 -10.54
C LYS A 10 10.08 5.52 -9.19
N GLY A 11 8.76 5.31 -9.19
CA GLY A 11 8.05 4.93 -7.96
C GLY A 11 8.61 3.64 -7.33
N ALA A 12 9.05 2.69 -8.18
CA ALA A 12 9.62 1.43 -7.72
C ALA A 12 10.83 1.63 -6.79
N THR A 13 11.83 2.44 -7.18
CA THR A 13 13.01 2.67 -6.32
C THR A 13 12.64 3.05 -4.87
N LEU A 14 11.58 3.86 -4.69
CA LEU A 14 11.10 4.31 -3.38
C LEU A 14 10.47 3.14 -2.62
N PHE A 15 9.44 2.52 -3.22
CA PHE A 15 8.75 1.35 -2.65
C PHE A 15 9.69 0.16 -2.39
N LYS A 16 10.64 -0.07 -3.32
CA LYS A 16 11.59 -1.20 -3.25
C LYS A 16 12.65 -1.08 -2.14
N THR A 17 12.65 0.05 -1.39
CA THR A 17 13.61 0.32 -0.29
C THR A 17 12.89 0.96 0.95
N ARG A 18 11.54 0.93 0.89
CA ARG A 18 10.65 1.48 1.94
C ARG A 18 9.55 0.48 2.33
N CYS A 19 8.96 -0.19 1.33
CA CYS A 19 7.86 -1.13 1.53
C CYS A 19 8.32 -2.58 1.32
N LEU A 20 9.35 -2.77 0.47
CA LEU A 20 9.91 -4.09 0.17
C LEU A 20 10.31 -4.89 1.44
N GLN A 21 10.87 -4.20 2.43
CA GLN A 21 11.31 -4.79 3.71
C GLN A 21 10.31 -5.78 4.35
N CYS A 22 8.99 -5.54 4.19
CA CYS A 22 7.93 -6.39 4.73
C CYS A 22 6.93 -6.93 3.67
N HIS A 23 6.68 -6.17 2.60
CA HIS A 23 5.70 -6.52 1.55
C HIS A 23 6.32 -7.07 0.25
N THR A 24 5.44 -7.25 -0.72
CA THR A 24 5.78 -7.71 -2.08
C THR A 24 4.69 -7.23 -3.08
N VAL A 25 5.10 -6.48 -4.11
CA VAL A 25 4.18 -5.93 -5.15
C VAL A 25 3.73 -6.97 -6.20
N GLU A 26 4.55 -7.99 -6.41
CA GLU A 26 4.29 -9.09 -7.36
C GLU A 26 3.82 -10.33 -6.56
N LYS A 27 3.13 -11.28 -7.18
CA LYS A 27 2.67 -12.48 -6.45
C LYS A 27 3.72 -13.58 -6.24
N GLY A 28 4.94 -13.41 -6.76
CA GLY A 28 6.00 -14.41 -6.59
C GLY A 28 6.68 -14.34 -5.21
N GLY A 29 6.48 -13.23 -4.49
CA GLY A 29 7.05 -13.02 -3.15
C GLY A 29 6.11 -13.48 -2.04
N PRO A 30 6.53 -14.43 -1.20
CA PRO A 30 5.69 -14.89 -0.09
C PRO A 30 5.37 -13.78 0.92
N HIS A 31 4.29 -13.96 1.68
CA HIS A 31 3.87 -12.99 2.67
C HIS A 31 4.93 -12.88 3.79
N LYS A 32 5.66 -11.77 3.85
CA LYS A 32 6.69 -11.54 4.87
C LYS A 32 6.06 -10.88 6.12
N VAL A 33 6.64 -9.80 6.64
CA VAL A 33 6.11 -9.05 7.78
C VAL A 33 4.76 -8.40 7.41
N GLY A 34 4.56 -8.18 6.09
CA GLY A 34 3.33 -7.60 5.52
C GLY A 34 2.73 -8.48 4.41
N PRO A 35 1.42 -8.34 4.14
CA PRO A 35 0.73 -9.13 3.10
C PRO A 35 1.11 -8.78 1.66
N ASN A 36 0.68 -9.60 0.72
CA ASN A 36 0.97 -9.37 -0.70
C ASN A 36 0.04 -8.22 -1.23
N LEU A 37 0.64 -7.23 -1.92
CA LEU A 37 -0.03 -6.02 -2.43
C LEU A 37 -0.59 -6.20 -3.88
N HIS A 38 -0.11 -7.22 -4.59
CA HIS A 38 -0.51 -7.55 -5.98
C HIS A 38 -2.01 -7.89 -6.09
N GLY A 39 -2.81 -6.88 -6.44
CA GLY A 39 -4.25 -7.01 -6.60
C GLY A 39 -5.10 -6.28 -5.54
N ILE A 40 -4.49 -5.42 -4.70
CA ILE A 40 -5.27 -4.70 -3.69
C ILE A 40 -6.28 -3.73 -4.29
N PHE A 41 -5.90 -2.96 -5.33
CA PHE A 41 -6.79 -1.97 -5.98
C PHE A 41 -8.09 -2.62 -6.47
N GLY A 42 -9.20 -2.21 -5.84
CA GLY A 42 -10.55 -2.70 -6.13
C GLY A 42 -11.11 -3.67 -5.08
N ARG A 43 -10.27 -4.06 -4.09
CA ARG A 43 -10.67 -4.97 -3.00
C ARG A 43 -10.68 -4.21 -1.66
N HIS A 44 -11.28 -4.82 -0.66
CA HIS A 44 -11.38 -4.21 0.67
C HIS A 44 -10.15 -4.56 1.50
N SER A 45 -9.93 -3.84 2.62
CA SER A 45 -8.80 -4.10 3.50
C SER A 45 -8.88 -5.48 4.12
N GLY A 46 -7.73 -6.14 4.25
CA GLY A 46 -7.65 -7.47 4.84
C GLY A 46 -8.00 -8.66 3.92
N GLN A 47 -7.56 -8.67 2.64
CA GLN A 47 -7.88 -9.81 1.72
C GLN A 47 -6.67 -10.60 1.13
N ALA A 48 -5.52 -10.65 1.83
CA ALA A 48 -4.33 -11.40 1.33
C ALA A 48 -4.54 -12.94 1.24
N GLU A 49 -4.09 -13.53 0.12
CA GLU A 49 -4.22 -14.97 -0.15
C GLU A 49 -3.20 -15.84 0.66
N GLY A 50 -3.46 -15.96 1.98
CA GLY A 50 -2.63 -16.77 2.90
C GLY A 50 -2.03 -16.00 4.09
N TYR A 51 -2.52 -14.78 4.36
CA TYR A 51 -2.02 -13.94 5.47
C TYR A 51 -3.18 -13.36 6.34
N SER A 52 -2.93 -13.24 7.66
CA SER A 52 -3.90 -12.72 8.63
C SER A 52 -3.69 -11.22 8.97
N TYR A 53 -4.82 -10.52 9.15
CA TYR A 53 -4.94 -9.08 9.48
C TYR A 53 -5.46 -8.86 10.95
N THR A 54 -5.28 -7.64 11.51
CA THR A 54 -5.73 -7.29 12.90
C THR A 54 -7.24 -7.10 13.03
N ASP A 55 -7.72 -7.08 14.29
CA ASP A 55 -9.12 -6.88 14.62
C ASP A 55 -9.71 -5.58 14.00
N ALA A 56 -8.85 -4.54 13.90
CA ALA A 56 -9.23 -3.23 13.38
C ALA A 56 -9.16 -3.10 11.83
N ASN A 57 -8.19 -3.76 11.17
CA ASN A 57 -8.05 -3.68 9.71
C ASN A 57 -9.20 -4.43 9.00
N ILE A 58 -9.65 -5.56 9.56
CA ILE A 58 -10.76 -6.36 9.02
C ILE A 58 -12.09 -5.56 9.12
N LYS A 59 -12.59 -5.34 10.34
CA LYS A 59 -13.74 -4.43 10.59
C LYS A 59 -13.76 -3.15 9.70
N LYS A 60 -12.59 -2.77 9.16
CA LYS A 60 -12.40 -1.55 8.36
C LYS A 60 -12.85 -1.67 6.90
N ASN A 61 -12.62 -2.86 6.29
CA ASN A 61 -12.94 -3.27 4.89
C ASN A 61 -12.90 -2.11 3.87
N VAL A 62 -11.89 -1.24 3.97
CA VAL A 62 -11.76 -0.09 3.06
C VAL A 62 -11.42 -0.55 1.67
N LEU A 63 -12.20 -0.13 0.67
CA LEU A 63 -11.95 -0.52 -0.70
C LEU A 63 -10.81 0.33 -1.28
N TRP A 64 -9.62 -0.26 -1.35
CA TRP A 64 -8.42 0.40 -1.84
C TRP A 64 -8.60 0.87 -3.30
N ASP A 65 -8.54 2.19 -3.48
CA ASP A 65 -8.67 2.89 -4.76
C ASP A 65 -7.47 3.85 -4.94
N GLU A 66 -7.52 4.69 -5.98
CA GLU A 66 -6.46 5.65 -6.30
C GLU A 66 -6.28 6.67 -5.15
N ASN A 67 -7.36 7.36 -4.78
CA ASN A 67 -7.35 8.33 -3.69
C ASN A 67 -7.20 7.64 -2.32
N ASN A 68 -7.98 6.59 -2.04
CA ASN A 68 -7.93 5.84 -0.76
C ASN A 68 -6.51 5.31 -0.40
N MET A 69 -5.77 4.71 -1.35
CA MET A 69 -4.40 4.25 -1.06
C MET A 69 -3.50 5.38 -0.50
N SER A 70 -3.68 6.62 -1.00
CA SER A 70 -2.93 7.79 -0.49
C SER A 70 -3.30 8.15 0.97
N GLU A 71 -4.58 8.03 1.32
CA GLU A 71 -5.07 8.31 2.68
C GLU A 71 -4.24 7.54 3.73
N TYR A 72 -4.15 6.21 3.53
CA TYR A 72 -3.41 5.28 4.40
C TYR A 72 -1.90 5.54 4.41
N LEU A 73 -1.27 5.85 3.27
CA LEU A 73 0.17 6.15 3.24
C LEU A 73 0.59 7.29 4.19
N THR A 74 -0.22 8.35 4.33
CA THR A 74 0.11 9.48 5.21
C THR A 74 0.19 9.06 6.69
N ASN A 75 -0.69 8.17 7.13
CA ASN A 75 -0.69 7.67 8.52
C ASN A 75 -1.52 6.37 8.65
N PRO A 76 -0.87 5.19 8.51
CA PRO A 76 -1.56 3.89 8.63
C PRO A 76 -2.19 3.65 10.02
N LYS A 77 -1.45 3.99 11.06
CA LYS A 77 -1.89 3.85 12.46
C LYS A 77 -3.11 4.71 12.77
N LYS A 78 -3.20 5.90 12.18
CA LYS A 78 -4.35 6.80 12.38
C LYS A 78 -5.59 6.30 11.61
N TYR A 79 -5.40 5.77 10.41
CA TYR A 79 -6.50 5.23 9.57
C TYR A 79 -7.09 3.91 10.11
N ILE A 80 -6.20 3.04 10.61
CA ILE A 80 -6.57 1.75 11.19
C ILE A 80 -5.91 1.68 12.61
N PRO A 81 -6.68 2.01 13.65
CA PRO A 81 -6.20 2.00 15.04
C PRO A 81 -5.84 0.60 15.56
N GLY A 82 -4.56 0.31 15.63
CA GLY A 82 -4.08 -1.00 16.11
C GLY A 82 -3.41 -1.87 15.02
N THR A 83 -3.20 -1.32 13.82
CA THR A 83 -2.59 -2.03 12.67
C THR A 83 -1.09 -2.29 12.85
N LYS A 84 -0.65 -3.48 12.40
CA LYS A 84 0.75 -3.91 12.50
C LYS A 84 1.71 -3.04 11.67
N MET A 85 1.24 -2.35 10.61
CA MET A 85 2.11 -1.53 9.76
C MET A 85 2.60 -0.25 10.48
N ALA A 86 3.87 -0.32 10.90
CA ALA A 86 4.54 0.74 11.67
C ALA A 86 5.62 1.54 10.90
N PHE A 87 5.50 1.51 9.57
CA PHE A 87 6.34 2.17 8.56
C PHE A 87 6.58 3.68 8.76
N GLY A 88 5.68 4.40 9.46
CA GLY A 88 5.88 5.84 9.69
C GLY A 88 4.87 6.75 8.96
N GLY A 89 4.62 6.49 7.67
CA GLY A 89 3.68 7.26 6.85
C GLY A 89 4.34 8.35 5.98
N LEU A 90 4.32 8.15 4.66
CA LEU A 90 4.89 9.09 3.67
C LEU A 90 3.90 10.26 3.40
N LYS A 91 3.99 11.25 4.28
CA LYS A 91 3.19 12.49 4.27
C LYS A 91 3.56 13.47 3.16
N LYS A 92 4.31 13.00 2.16
CA LYS A 92 4.77 13.82 1.02
C LYS A 92 3.98 13.52 -0.27
N GLU A 93 3.06 14.41 -0.62
CA GLU A 93 2.21 14.29 -1.83
C GLU A 93 2.98 14.06 -3.14
N LYS A 94 3.96 14.92 -3.45
CA LYS A 94 4.76 14.80 -4.68
C LYS A 94 5.37 13.40 -4.82
N ASP A 95 5.88 12.92 -3.70
CA ASP A 95 6.47 11.60 -3.53
C ASP A 95 5.43 10.47 -3.78
N ARG A 96 4.23 10.54 -3.16
CA ARG A 96 3.18 9.53 -3.38
C ARG A 96 2.68 9.53 -4.84
N ASN A 97 2.60 10.70 -5.48
CA ASN A 97 2.15 10.83 -6.87
C ASN A 97 2.82 9.77 -7.79
N ASP A 98 4.16 9.72 -7.80
CA ASP A 98 4.93 8.72 -8.58
C ASP A 98 4.70 7.27 -8.05
N LEU A 99 4.62 7.09 -6.72
CA LEU A 99 4.38 5.78 -6.07
C LEU A 99 3.06 5.13 -6.56
N ILE A 100 2.00 5.93 -6.73
CA ILE A 100 0.69 5.46 -7.24
C ILE A 100 0.85 4.90 -8.65
N THR A 101 1.54 5.64 -9.55
CA THR A 101 1.80 5.20 -10.93
C THR A 101 2.42 3.78 -10.96
N TYR A 102 3.40 3.51 -10.08
CA TYR A 102 4.03 2.18 -10.02
C TYR A 102 3.06 1.09 -9.53
N LEU A 103 2.42 1.30 -8.38
CA LEU A 103 1.46 0.33 -7.80
C LEU A 103 0.28 0.08 -8.74
N LYS A 104 -0.26 1.19 -9.25
CA LYS A 104 -1.36 1.18 -10.20
C LYS A 104 -0.98 0.37 -11.45
N LYS A 105 0.28 0.48 -11.93
CA LYS A 105 0.78 -0.22 -13.16
C LYS A 105 0.95 -1.75 -13.02
N ALA A 106 1.24 -2.15 -11.78
CA ALA A 106 1.45 -3.53 -11.33
C ALA A 106 0.11 -4.29 -11.07
N THR A 107 -0.91 -3.58 -10.55
CA THR A 107 -2.26 -4.11 -10.27
C THR A 107 -3.09 -4.20 -11.58
N GLU A 108 -2.97 -3.21 -12.46
CA GLU A 108 -3.70 -3.18 -13.74
C GLU A 108 -2.75 -2.98 -14.94
FE HEC B . 2.13 -1.90 4.72
CHA HEC B . -0.96 -3.40 5.28
CHB HEC B . 0.93 -0.47 1.80
CHC HEC B . 5.23 -0.43 4.20
CHD HEC B . 3.50 -3.79 7.30
NA HEC B . 0.34 -1.90 3.76
C1A HEC B . -0.85 -2.54 4.16
C2A HEC B . -1.86 -2.34 3.18
C3A HEC B . -1.33 -1.54 2.18
C4A HEC B . 0.02 -1.27 2.53
CMA HEC B . -2.07 -1.08 0.96
CAA HEC B . -3.27 -2.86 3.24
CBA HEC B . -3.37 -4.35 2.88
CGA HEC B . -4.81 -4.86 3.04
O1A HEC B . -5.58 -4.24 3.80
O2A HEC B . -5.15 -5.91 2.44
NB HEC B . 2.91 -0.66 3.29
C1B HEC B . 2.28 -0.19 2.14
C2B HEC B . 3.17 0.62 1.39
C3B HEC B . 4.36 0.70 2.11
C4B HEC B . 4.19 -0.09 3.29
CMB HEC B . 2.93 1.14 0.00
CAB HEC B . 5.59 1.51 1.80
CBB HEC B . 5.34 3.01 1.85
NC HEC B . 3.98 -2.03 5.61
C1C HEC B . 5.13 -1.31 5.29
C2C HEC B . 6.25 -1.75 6.05
C3C HEC B . 5.79 -2.78 6.88
C4C HEC B . 4.38 -2.92 6.63
CMC HEC B . 7.66 -1.24 5.94
CAC HEC B . 6.63 -3.73 7.68
CBC HEC B . 7.11 -3.12 9.00
ND HEC B . 1.40 -3.26 6.07
C1D HEC B . 2.12 -3.97 7.05
C2D HEC B . 1.27 -4.87 7.74
C3D HEC B . -0.02 -4.70 7.25
C4D HEC B . 0.06 -3.73 6.20
CMD HEC B . 1.75 -5.94 8.66
CAD HEC B . -1.27 -5.33 7.83
CBD HEC B . -1.79 -4.52 9.02
CGD HEC B . -2.61 -5.33 10.03
O1D HEC B . -3.19 -6.38 9.69
O2D HEC B . -2.66 -4.90 11.20
HHA HEC B . -1.98 -3.75 5.54
HHB HEC B . 0.57 -0.06 0.84
HHC HEC B . 6.16 0.15 4.12
HHD HEC B . 3.95 -4.47 8.04
HMA1 HEC B . -2.34 -0.03 1.07
HMA2 HEC B . -2.97 -1.66 0.84
HMA3 HEC B . -1.44 -1.20 0.08
HAA1 HEC B . -3.87 -2.30 2.56
HAA2 HEC B . -3.65 -2.72 4.24
HBA1 HEC B . -2.73 -4.92 3.54
HBA2 HEC B . -3.05 -4.49 1.86
HMB1 HEC B . 1.90 0.95 -0.28
HMB2 HEC B . 3.58 0.65 -0.70
HMB3 HEC B . 3.11 2.21 -0.03
HAB HEC B . 6.31 1.31 2.57
HBB1 HEC B . 4.51 3.19 2.53
HBB2 HEC B . 5.09 3.40 0.87
HBB3 HEC B . 6.22 3.52 2.23
HMC1 HEC B . 7.69 -0.18 6.16
HMC2 HEC B . 8.01 -1.39 4.92
HMC3 HEC B . 8.29 -1.77 6.62
HAC HEC B . 5.99 -4.55 7.95
HBC1 HEC B . 6.24 -3.00 9.65
HBC2 HEC B . 7.56 -2.16 8.82
HBC3 HEC B . 7.83 -3.77 9.47
HMD1 HEC B . 2.36 -5.50 9.44
HMD2 HEC B . 2.36 -6.64 8.10
HMD3 HEC B . 0.91 -6.45 9.10
HAD1 HEC B . -1.04 -6.33 8.15
HAD2 HEC B . -2.04 -5.35 7.06
HBD1 HEC B . -2.40 -3.71 8.66
HBD2 HEC B . -0.95 -4.10 9.55
C2 4NL C . -8.13 0.54 -9.88
C6 4NL C . -7.88 2.19 -8.15
C3 4NL C . -6.77 0.66 -10.18
C4 4NL C . -5.97 1.53 -9.46
C5 4NL C . -6.53 2.30 -8.44
C1 4NL C . -8.67 1.30 -8.86
N1 4NL C . -10.08 1.19 -8.54
O1 4NL C . -4.61 1.65 -9.77
H2 4NL C . -6.33 0.04 -11.01
H6 4NL C . -10.66 2.03 -8.44
H3 4NL C . -5.88 3.02 -7.87
H5 4NL C . -4.18 2.28 -9.13
H4 4NL C . -8.32 2.81 -7.33
H1 4NL C . -8.77 -0.16 -10.47
H7 4NL C . -10.49 0.25 -8.42
N THR A 1 -3.54 17.46 -1.63
CA THR A 1 -4.22 16.96 -2.84
C THR A 1 -3.65 17.68 -4.04
N GLU A 2 -2.64 17.09 -4.68
CA GLU A 2 -1.98 17.66 -5.85
C GLU A 2 -1.24 16.51 -6.53
N PHE A 3 -1.99 15.69 -7.27
CA PHE A 3 -1.43 14.52 -7.97
C PHE A 3 -0.84 14.91 -9.36
N LYS A 4 0.18 14.17 -9.74
CA LYS A 4 0.90 14.32 -11.00
C LYS A 4 1.45 12.94 -11.38
N ALA A 5 1.22 12.56 -12.64
CA ALA A 5 1.65 11.28 -13.19
C ALA A 5 3.18 11.07 -13.05
N GLY A 6 3.56 9.81 -12.78
CA GLY A 6 4.96 9.41 -12.62
C GLY A 6 5.45 8.52 -13.77
N SER A 7 6.27 7.54 -13.42
CA SER A 7 6.84 6.57 -14.37
C SER A 7 7.21 5.27 -13.64
N ALA A 8 6.87 4.13 -14.24
CA ALA A 8 7.17 2.81 -13.66
C ALA A 8 8.64 2.67 -13.16
N LYS A 9 9.64 3.18 -13.91
CA LYS A 9 11.05 3.08 -13.51
C LYS A 9 11.51 4.09 -12.44
N LYS A 10 10.60 4.92 -11.92
CA LYS A 10 10.91 5.91 -10.87
C LYS A 10 10.27 5.47 -9.54
N GLY A 11 8.98 5.16 -9.56
CA GLY A 11 8.30 4.68 -8.36
C GLY A 11 8.96 3.43 -7.76
N ALA A 12 9.61 2.62 -8.60
CA ALA A 12 10.32 1.42 -8.17
C ALA A 12 11.42 1.72 -7.14
N THR A 13 12.34 2.67 -7.42
CA THR A 13 13.38 3.04 -6.44
C THR A 13 12.81 3.37 -5.04
N LEU A 14 11.61 3.98 -4.99
CA LEU A 14 10.93 4.34 -3.74
C LEU A 14 10.53 3.08 -2.97
N PHE A 15 9.43 2.46 -3.37
CA PHE A 15 8.92 1.21 -2.77
C PHE A 15 10.04 0.22 -2.42
N LYS A 16 11.05 0.12 -3.30
CA LYS A 16 12.19 -0.81 -3.14
C LYS A 16 12.91 -0.72 -1.78
N THR A 17 12.90 0.47 -1.15
CA THR A 17 13.53 0.72 0.17
C THR A 17 12.57 1.54 1.11
N ARG A 18 11.27 1.38 0.86
CA ARG A 18 10.18 2.05 1.62
C ARG A 18 9.06 1.07 1.99
N CYS A 19 8.82 0.07 1.14
CA CYS A 19 7.76 -0.92 1.34
C CYS A 19 8.26 -2.35 1.16
N LEU A 20 9.24 -2.53 0.27
CA LEU A 20 9.84 -3.85 -0.03
C LEU A 20 10.26 -4.63 1.24
N GLN A 21 10.80 -3.92 2.24
CA GLN A 21 11.25 -4.51 3.52
C GLN A 21 10.30 -5.57 4.12
N CYS A 22 8.98 -5.40 3.96
CA CYS A 22 7.97 -6.32 4.50
C CYS A 22 6.98 -6.89 3.45
N HIS A 23 6.61 -6.09 2.44
CA HIS A 23 5.64 -6.45 1.40
C HIS A 23 6.27 -7.03 0.12
N THR A 24 5.37 -7.39 -0.80
CA THR A 24 5.71 -7.94 -2.12
C THR A 24 4.82 -7.26 -3.20
N VAL A 25 5.45 -6.64 -4.21
CA VAL A 25 4.74 -5.92 -5.31
C VAL A 25 4.07 -6.85 -6.35
N GLU A 26 4.66 -8.03 -6.54
CA GLU A 26 4.20 -9.04 -7.52
C GLU A 26 3.73 -10.28 -6.75
N LYS A 27 3.27 -11.34 -7.41
CA LYS A 27 2.83 -12.55 -6.70
C LYS A 27 3.86 -13.70 -6.62
N GLY A 28 5.15 -13.41 -6.83
CA GLY A 28 6.19 -14.44 -6.75
C GLY A 28 6.82 -14.60 -5.36
N GLY A 29 6.81 -13.51 -4.57
CA GLY A 29 7.36 -13.51 -3.21
C GLY A 29 6.34 -13.92 -2.16
N PRO A 30 6.64 -14.91 -1.32
CA PRO A 30 5.72 -15.33 -0.26
C PRO A 30 5.45 -14.20 0.75
N HIS A 31 4.37 -14.31 1.50
CA HIS A 31 4.01 -13.32 2.50
C HIS A 31 5.14 -13.17 3.53
N LYS A 32 5.59 -11.93 3.77
CA LYS A 32 6.68 -11.65 4.72
C LYS A 32 6.13 -10.90 5.95
N VAL A 33 6.82 -9.85 6.42
CA VAL A 33 6.39 -9.04 7.57
C VAL A 33 5.03 -8.38 7.27
N GLY A 34 4.70 -8.26 5.97
CA GLY A 34 3.44 -7.69 5.48
C GLY A 34 2.81 -8.55 4.36
N PRO A 35 1.51 -8.37 4.08
CA PRO A 35 0.80 -9.13 3.04
C PRO A 35 1.22 -8.77 1.60
N ASN A 36 0.69 -9.50 0.63
CA ASN A 36 1.01 -9.26 -0.78
C ASN A 36 0.10 -8.12 -1.33
N LEU A 37 0.72 -7.15 -2.03
CA LEU A 37 0.05 -5.96 -2.60
C LEU A 37 -0.57 -6.21 -4.01
N HIS A 38 0.01 -7.13 -4.78
CA HIS A 38 -0.41 -7.51 -6.13
C HIS A 38 -1.89 -7.94 -6.18
N GLY A 39 -2.76 -6.98 -6.50
CA GLY A 39 -4.20 -7.21 -6.61
C GLY A 39 -5.05 -6.49 -5.56
N ILE A 40 -4.48 -5.60 -4.73
CA ILE A 40 -5.26 -4.90 -3.72
C ILE A 40 -6.26 -3.90 -4.32
N PHE A 41 -5.90 -3.21 -5.41
CA PHE A 41 -6.78 -2.21 -6.05
C PHE A 41 -8.10 -2.84 -6.53
N GLY A 42 -9.18 -2.45 -5.85
CA GLY A 42 -10.54 -2.92 -6.11
C GLY A 42 -11.09 -3.87 -5.03
N ARG A 43 -10.27 -4.21 -4.02
CA ARG A 43 -10.65 -5.10 -2.92
C ARG A 43 -10.77 -4.31 -1.61
N HIS A 44 -11.29 -4.95 -0.58
CA HIS A 44 -11.48 -4.33 0.73
C HIS A 44 -10.26 -4.59 1.61
N SER A 45 -10.08 -3.78 2.67
CA SER A 45 -8.95 -3.94 3.60
C SER A 45 -9.01 -5.31 4.28
N GLY A 46 -7.84 -5.95 4.40
CA GLY A 46 -7.73 -7.26 5.02
C GLY A 46 -8.14 -8.48 4.16
N GLN A 47 -7.72 -8.57 2.88
CA GLN A 47 -8.11 -9.70 2.02
C GLN A 47 -6.94 -10.51 1.33
N ALA A 48 -5.73 -10.50 1.88
CA ALA A 48 -4.59 -11.24 1.30
C ALA A 48 -4.82 -12.78 1.20
N GLU A 49 -4.24 -13.40 0.16
CA GLU A 49 -4.37 -14.84 -0.11
C GLU A 49 -3.62 -15.73 0.94
N GLY A 50 -4.30 -15.99 2.07
CA GLY A 50 -3.77 -16.85 3.16
C GLY A 50 -2.96 -16.10 4.25
N TYR A 51 -3.25 -14.81 4.48
CA TYR A 51 -2.55 -13.98 5.49
C TYR A 51 -3.54 -13.28 6.47
N SER A 52 -3.17 -13.26 7.75
CA SER A 52 -3.96 -12.65 8.84
C SER A 52 -3.77 -11.12 8.97
N TYR A 53 -4.84 -10.45 9.41
CA TYR A 53 -4.95 -8.99 9.64
C TYR A 53 -5.42 -8.66 11.11
N THR A 54 -5.29 -7.38 11.54
CA THR A 54 -5.70 -6.92 12.90
C THR A 54 -7.21 -6.74 13.05
N ASP A 55 -7.67 -6.66 14.31
CA ASP A 55 -9.08 -6.48 14.65
C ASP A 55 -9.70 -5.21 14.00
N ALA A 56 -8.89 -4.15 13.91
CA ALA A 56 -9.30 -2.85 13.36
C ALA A 56 -9.21 -2.76 11.82
N ASN A 57 -8.25 -3.43 11.17
CA ASN A 57 -8.11 -3.39 9.71
C ASN A 57 -9.25 -4.18 9.01
N ILE A 58 -9.64 -5.32 9.58
CA ILE A 58 -10.72 -6.16 9.05
C ILE A 58 -12.07 -5.44 9.16
N LYS A 59 -12.59 -5.22 10.36
CA LYS A 59 -13.79 -4.38 10.62
C LYS A 59 -13.89 -3.13 9.73
N LYS A 60 -12.76 -2.68 9.16
CA LYS A 60 -12.66 -1.47 8.33
C LYS A 60 -13.08 -1.67 6.86
N ASN A 61 -12.72 -2.84 6.28
CA ASN A 61 -12.99 -3.31 4.89
C ASN A 61 -13.06 -2.17 3.85
N VAL A 62 -12.12 -1.23 3.91
CA VAL A 62 -12.11 -0.10 2.98
C VAL A 62 -11.79 -0.57 1.58
N LEU A 63 -12.48 -0.02 0.57
CA LEU A 63 -12.24 -0.41 -0.81
C LEU A 63 -11.03 0.37 -1.35
N TRP A 64 -9.88 -0.29 -1.37
CA TRP A 64 -8.63 0.30 -1.83
C TRP A 64 -8.75 0.85 -3.26
N ASP A 65 -8.65 2.17 -3.36
CA ASP A 65 -8.75 2.95 -4.60
C ASP A 65 -7.48 3.82 -4.76
N GLU A 66 -7.46 4.67 -5.80
CA GLU A 66 -6.32 5.53 -6.12
C GLU A 66 -6.13 6.61 -5.04
N ASN A 67 -7.19 7.37 -4.76
CA ASN A 67 -7.19 8.42 -3.75
C ASN A 67 -7.13 7.82 -2.31
N ASN A 68 -7.97 6.82 -2.00
CA ASN A 68 -8.00 6.17 -0.68
C ASN A 68 -6.62 5.61 -0.21
N MET A 69 -5.86 4.94 -1.07
CA MET A 69 -4.52 4.42 -0.68
C MET A 69 -3.65 5.53 -0.03
N SER A 70 -3.66 6.75 -0.58
CA SER A 70 -2.91 7.90 -0.03
C SER A 70 -3.46 8.35 1.35
N GLU A 71 -4.78 8.33 1.52
CA GLU A 71 -5.45 8.72 2.77
C GLU A 71 -4.89 7.87 3.94
N TYR A 72 -4.69 6.57 3.68
CA TYR A 72 -4.12 5.59 4.62
C TYR A 72 -2.59 5.62 4.68
N LEU A 73 -1.89 5.78 3.56
CA LEU A 73 -0.42 5.83 3.57
C LEU A 73 0.16 6.97 4.43
N THR A 74 -0.44 8.17 4.41
CA THR A 74 0.06 9.32 5.20
C THR A 74 0.13 9.00 6.70
N ASN A 75 -0.77 8.14 7.20
CA ASN A 75 -0.78 7.75 8.62
C ASN A 75 -1.66 6.50 8.85
N PRO A 76 -1.10 5.29 8.71
CA PRO A 76 -1.85 4.03 8.93
C PRO A 76 -2.37 3.88 10.37
N LYS A 77 -1.58 4.35 11.34
CA LYS A 77 -1.93 4.28 12.77
C LYS A 77 -3.16 5.12 13.11
N LYS A 78 -3.34 6.26 12.43
CA LYS A 78 -4.51 7.13 12.67
C LYS A 78 -5.78 6.57 12.01
N TYR A 79 -5.66 6.01 10.80
CA TYR A 79 -6.79 5.43 10.06
C TYR A 79 -7.25 4.07 10.60
N ILE A 80 -6.28 3.22 10.95
CA ILE A 80 -6.52 1.89 11.51
C ILE A 80 -5.67 1.76 12.79
N PRO A 81 -6.26 2.15 13.94
CA PRO A 81 -5.58 2.09 15.25
C PRO A 81 -5.29 0.65 15.71
N GLY A 82 -4.02 0.33 15.87
CA GLY A 82 -3.61 -1.01 16.32
C GLY A 82 -3.06 -1.92 15.20
N THR A 83 -3.06 -1.43 13.95
CA THR A 83 -2.58 -2.19 12.77
C THR A 83 -1.09 -2.50 12.80
N LYS A 84 -0.72 -3.63 12.19
CA LYS A 84 0.67 -4.10 12.14
C LYS A 84 1.58 -3.24 11.24
N MET A 85 1.02 -2.34 10.41
CA MET A 85 1.82 -1.49 9.53
C MET A 85 2.36 -0.23 10.27
N ALA A 86 3.54 -0.41 10.88
CA ALA A 86 4.22 0.62 11.67
C ALA A 86 5.24 1.48 10.90
N PHE A 87 5.13 1.43 9.57
CA PHE A 87 5.96 2.10 8.55
C PHE A 87 6.20 3.62 8.78
N GLY A 88 5.28 4.34 9.44
CA GLY A 88 5.47 5.78 9.68
C GLY A 88 4.43 6.70 9.03
N GLY A 89 4.23 6.54 7.69
CA GLY A 89 3.26 7.35 6.93
C GLY A 89 3.92 8.28 5.90
N LEU A 90 3.55 8.13 4.62
CA LEU A 90 4.07 8.93 3.50
C LEU A 90 3.44 10.34 3.50
N LYS A 91 4.12 11.23 4.23
CA LYS A 91 3.76 12.65 4.42
C LYS A 91 3.96 13.52 3.16
N LYS A 92 4.94 13.17 2.31
CA LYS A 92 5.27 13.90 1.07
C LYS A 92 4.37 13.48 -0.10
N GLU A 93 3.46 14.36 -0.49
CA GLU A 93 2.52 14.13 -1.61
C GLU A 93 3.19 13.89 -2.98
N LYS A 94 4.24 14.64 -3.31
CA LYS A 94 4.95 14.50 -4.59
C LYS A 94 5.54 13.09 -4.74
N ASP A 95 6.08 12.61 -3.64
CA ASP A 95 6.65 11.27 -3.47
C ASP A 95 5.59 10.15 -3.73
N ARG A 96 4.37 10.29 -3.18
CA ARG A 96 3.28 9.31 -3.46
C ARG A 96 2.83 9.37 -4.93
N ASN A 97 2.79 10.56 -5.53
CA ASN A 97 2.39 10.74 -6.94
C ASN A 97 3.04 9.67 -7.86
N ASP A 98 4.39 9.63 -7.91
CA ASP A 98 5.13 8.63 -8.69
C ASP A 98 4.90 7.18 -8.19
N LEU A 99 4.83 6.98 -6.86
CA LEU A 99 4.60 5.66 -6.23
C LEU A 99 3.28 5.01 -6.72
N ILE A 100 2.22 5.81 -6.91
CA ILE A 100 0.92 5.33 -7.39
C ILE A 100 1.07 4.74 -8.80
N THR A 101 1.66 5.50 -9.73
CA THR A 101 1.92 5.04 -11.10
C THR A 101 2.65 3.68 -11.13
N TYR A 102 3.63 3.48 -10.24
CA TYR A 102 4.36 2.21 -10.16
C TYR A 102 3.45 1.05 -9.69
N LEU A 103 2.80 1.20 -8.54
CA LEU A 103 1.89 0.17 -7.98
C LEU A 103 0.71 -0.11 -8.92
N LYS A 104 0.12 0.99 -9.41
CA LYS A 104 -0.99 0.95 -10.36
C LYS A 104 -0.59 0.18 -11.62
N LYS A 105 0.66 0.34 -12.10
CA LYS A 105 1.19 -0.34 -13.32
C LYS A 105 1.39 -1.87 -13.17
N ALA A 106 1.73 -2.26 -11.95
CA ALA A 106 1.97 -3.63 -11.48
C ALA A 106 0.65 -4.42 -11.19
N THR A 107 -0.37 -3.72 -10.65
CA THR A 107 -1.70 -4.29 -10.35
C THR A 107 -2.58 -4.37 -11.63
N GLU A 108 -2.48 -3.35 -12.50
CA GLU A 108 -3.24 -3.32 -13.76
C GLU A 108 -2.34 -2.97 -14.97
FE HEC B . 2.00 -1.89 4.53
CHA HEC B . -1.07 -3.42 5.11
CHB HEC B . 0.76 -0.44 1.63
CHC HEC B . 5.08 -0.38 3.98
CHD HEC B . 3.42 -3.79 7.07
NA HEC B . 0.19 -1.89 3.58
C1A HEC B . -0.98 -2.55 4.00
C2A HEC B . -2.00 -2.35 3.03
C3A HEC B . -1.49 -1.54 2.02
C4A HEC B . -0.14 -1.26 2.37
CMA HEC B . -2.24 -1.07 0.82
CAA HEC B . -3.40 -2.89 3.10
CBA HEC B . -3.49 -4.38 2.73
CGA HEC B . -4.93 -4.90 2.90
O1A HEC B . -5.70 -4.29 3.66
O2A HEC B . -5.26 -5.94 2.29
NB HEC B . 2.75 -0.63 3.11
C1B HEC B . 2.10 -0.15 1.97
C2B HEC B . 2.98 0.68 1.21
C3B HEC B . 4.18 0.77 1.91
C4B HEC B . 4.03 -0.04 3.08
CMB HEC B . 2.71 1.20 -0.17
CAB HEC B . 5.40 1.59 1.60
CBB HEC B . 5.12 3.09 1.66
NC HEC B . 3.86 -2.00 5.41
C1C HEC B . 5.00 -1.27 5.07
C2C HEC B . 6.13 -1.71 5.82
C3C HEC B . 5.69 -2.74 6.63
C4C HEC B . 4.28 -2.90 6.39
CMC HEC B . 7.53 -1.18 5.69
CAC HEC B . 6.55 -3.69 7.43
CBC HEC B . 7.03 -3.09 8.74
ND HEC B . 1.29 -3.27 5.88
C1D HEC B . 2.03 -3.98 6.83
C2D HEC B . 1.20 -4.88 7.53
C3D HEC B . -0.09 -4.73 7.05
C4D HEC B . -0.03 -3.75 6.01
CMD HEC B . 1.70 -5.97 8.43
CAD HEC B . -1.34 -5.38 7.63
CBD HEC B . -1.85 -4.58 8.85
CGD HEC B . -2.65 -5.42 9.85
O1D HEC B . -3.22 -6.47 9.51
O2D HEC B . -2.69 -5.00 11.02
HHA HEC B . -2.09 -3.79 5.37
HHB HEC B . 0.38 -0.03 0.68
HHC HEC B . 6.00 0.22 3.91
HHD HEC B . 3.89 -4.47 7.81
HMA1 HEC B . -2.52 -0.03 0.94
HMA2 HEC B . -3.14 -1.66 0.69
HMA3 HEC B . -1.63 -1.17 -0.07
HAA1 HEC B . -4.03 -2.33 2.43
HAA2 HEC B . -3.77 -2.76 4.10
HBA1 HEC B . -2.84 -4.94 3.37
HBA2 HEC B . -3.19 -4.50 1.71
HMB1 HEC B . 1.69 1.00 -0.44
HMB2 HEC B . 3.37 0.73 -0.89
HMB3 HEC B . 2.88 2.27 -0.19
HAB HEC B . 6.12 1.38 2.36
HBB1 HEC B . 4.30 3.25 2.36
HBB2 HEC B . 4.87 3.47 0.70
HBB3 HEC B . 6.01 3.59 2.05
HMC1 HEC B . 7.56 -0.13 5.92
HMC2 HEC B . 7.87 -1.33 4.67
HMC3 HEC B . 8.19 -1.71 6.36
HAC HEC B . 5.92 -4.53 7.69
HBC1 HEC B . 6.18 -3.00 9.40
HBC2 HEC B . 7.47 -2.13 8.56
HBC3 HEC B . 7.77 -3.75 9.19
HMD1 HEC B . 2.31 -5.52 9.21
HMD2 HEC B . 2.31 -6.66 7.87
HMD3 HEC B . 0.88 -6.50 8.87
HAD1 HEC B . -1.10 -6.38 7.95
HAD2 HEC B . -2.11 -5.40 6.89
HBD1 HEC B . -2.47 -3.79 8.49
HBD2 HEC B . -1.00 -4.16 9.36
C2 4NL C . -8.07 0.57 -9.63
C6 4NL C . -7.50 2.30 -8.07
C3 4NL C . -6.73 0.50 -10.03
C4 4NL C . -5.79 1.33 -9.45
C5 4NL C . -6.17 2.24 -8.46
C1 4NL C . -8.44 1.47 -8.65
N1 4NL C . -9.82 1.54 -8.22
O1 4NL C . -4.44 1.27 -9.87
H2 4NL C . -6.43 -0.22 -10.83
H6 4NL C . -10.38 2.38 -8.42
H3 4NL C . -5.41 2.92 -8.01
H5 4NL C . -4.35 0.55 -10.54
H4 4NL C . -7.80 3.04 -7.29
H1 4NL C . -8.83 -0.10 -10.11
H7 4NL C . -10.24 0.75 -7.72
N THR A 1 -3.00 17.64 -0.75
CA THR A 1 -3.90 17.28 -1.86
C THR A 1 -3.39 17.97 -3.11
N GLU A 2 -2.55 17.30 -3.88
CA GLU A 2 -1.96 17.84 -5.11
C GLU A 2 -1.27 16.66 -5.79
N PHE A 3 -2.05 15.86 -6.53
CA PHE A 3 -1.54 14.69 -7.24
C PHE A 3 -0.93 15.07 -8.62
N LYS A 4 0.18 14.41 -8.93
CA LYS A 4 0.94 14.57 -10.17
C LYS A 4 1.39 13.19 -10.60
N ALA A 5 1.10 12.85 -11.86
CA ALA A 5 1.43 11.56 -12.46
C ALA A 5 2.94 11.26 -12.41
N GLY A 6 3.26 9.98 -12.20
CA GLY A 6 4.64 9.50 -12.13
C GLY A 6 4.99 8.56 -13.29
N SER A 7 5.78 7.54 -12.99
CA SER A 7 6.24 6.53 -13.97
C SER A 7 6.77 5.30 -13.23
N ALA A 8 6.57 4.12 -13.83
CA ALA A 8 7.04 2.85 -13.26
C ALA A 8 8.54 2.87 -12.80
N LYS A 9 9.43 3.55 -13.55
CA LYS A 9 10.86 3.61 -13.20
C LYS A 9 11.23 4.63 -12.10
N LYS A 10 10.23 5.33 -11.52
CA LYS A 10 10.45 6.30 -10.43
C LYS A 10 9.80 5.80 -9.14
N GLY A 11 8.50 5.53 -9.19
CA GLY A 11 7.79 4.99 -8.03
C GLY A 11 8.44 3.70 -7.49
N ALA A 12 9.11 2.95 -8.37
CA ALA A 12 9.80 1.70 -7.98
C ALA A 12 10.92 1.95 -6.96
N THR A 13 11.82 2.93 -7.19
CA THR A 13 12.90 3.22 -6.22
C THR A 13 12.37 3.42 -4.78
N LEU A 14 11.18 4.01 -4.63
CA LEU A 14 10.55 4.27 -3.33
C LEU A 14 10.17 2.95 -2.66
N PHE A 15 9.04 2.36 -3.08
CA PHE A 15 8.54 1.07 -2.57
C PHE A 15 9.66 0.05 -2.36
N LYS A 16 10.63 0.01 -3.29
CA LYS A 16 11.75 -0.94 -3.26
C LYS A 16 12.70 -0.81 -2.05
N THR A 17 12.67 0.37 -1.38
CA THR A 17 13.50 0.67 -0.19
C THR A 17 12.69 1.40 0.91
N ARG A 18 11.36 1.14 0.90
CA ARG A 18 10.38 1.73 1.85
C ARG A 18 9.26 0.74 2.20
N CYS A 19 8.93 -0.15 1.26
CA CYS A 19 7.85 -1.12 1.43
C CYS A 19 8.34 -2.57 1.27
N LEU A 20 9.35 -2.78 0.42
CA LEU A 20 9.94 -4.10 0.16
C LEU A 20 10.33 -4.87 1.45
N GLN A 21 10.87 -4.15 2.44
CA GLN A 21 11.27 -4.69 3.75
C GLN A 21 10.28 -5.72 4.36
N CYS A 22 8.97 -5.53 4.12
CA CYS A 22 7.91 -6.42 4.65
C CYS A 22 6.96 -6.99 3.57
N HIS A 23 6.67 -6.21 2.52
CA HIS A 23 5.72 -6.59 1.44
C HIS A 23 6.41 -7.15 0.19
N THR A 24 5.56 -7.44 -0.80
CA THR A 24 5.95 -7.96 -2.11
C THR A 24 5.06 -7.33 -3.21
N VAL A 25 5.68 -6.68 -4.21
CA VAL A 25 4.96 -6.00 -5.32
C VAL A 25 4.47 -6.96 -6.44
N GLU A 26 5.09 -8.12 -6.51
CA GLU A 26 4.77 -9.17 -7.50
C GLU A 26 4.22 -10.40 -6.75
N LYS A 27 3.92 -11.51 -7.43
CA LYS A 27 3.38 -12.69 -6.74
C LYS A 27 4.39 -13.84 -6.50
N GLY A 28 5.70 -13.56 -6.54
CA GLY A 28 6.71 -14.60 -6.31
C GLY A 28 7.24 -14.62 -4.87
N GLY A 29 7.16 -13.48 -4.17
CA GLY A 29 7.61 -13.36 -2.79
C GLY A 29 6.55 -13.77 -1.78
N PRO A 30 6.82 -14.76 -0.92
CA PRO A 30 5.86 -15.19 0.10
C PRO A 30 5.52 -14.06 1.09
N HIS A 31 4.37 -14.19 1.75
CA HIS A 31 3.93 -13.19 2.71
C HIS A 31 4.97 -13.07 3.85
N LYS A 32 5.73 -11.96 3.85
CA LYS A 32 6.76 -11.71 4.88
C LYS A 32 6.12 -11.02 6.10
N VAL A 33 6.68 -9.90 6.57
CA VAL A 33 6.15 -9.13 7.70
C VAL A 33 4.81 -8.46 7.29
N GLY A 34 4.62 -8.30 5.97
CA GLY A 34 3.40 -7.72 5.38
C GLY A 34 2.82 -8.60 4.26
N PRO A 35 1.50 -8.49 4.01
CA PRO A 35 0.81 -9.29 2.97
C PRO A 35 1.20 -8.92 1.53
N ASN A 36 0.86 -9.79 0.59
CA ASN A 36 1.15 -9.54 -0.83
C ASN A 36 0.20 -8.42 -1.37
N LEU A 37 0.79 -7.34 -1.91
CA LEU A 37 0.08 -6.16 -2.42
C LEU A 37 -0.30 -6.26 -3.94
N HIS A 38 0.25 -7.26 -4.63
CA HIS A 38 0.01 -7.56 -6.05
C HIS A 38 -1.48 -7.89 -6.33
N GLY A 39 -2.27 -6.84 -6.61
CA GLY A 39 -3.70 -6.97 -6.89
C GLY A 39 -4.62 -6.45 -5.77
N ILE A 40 -4.29 -5.31 -5.13
CA ILE A 40 -5.16 -4.79 -4.07
C ILE A 40 -6.28 -3.88 -4.61
N PHE A 41 -6.04 -3.18 -5.74
CA PHE A 41 -7.03 -2.27 -6.34
C PHE A 41 -8.34 -3.00 -6.69
N GLY A 42 -9.40 -2.62 -5.96
CA GLY A 42 -10.75 -3.19 -6.11
C GLY A 42 -11.18 -4.10 -4.93
N ARG A 43 -10.24 -4.43 -4.03
CA ARG A 43 -10.49 -5.30 -2.86
C ARG A 43 -10.63 -4.44 -1.59
N HIS A 44 -11.13 -5.05 -0.53
CA HIS A 44 -11.33 -4.36 0.74
C HIS A 44 -10.14 -4.63 1.67
N SER A 45 -9.99 -3.79 2.70
CA SER A 45 -8.89 -3.95 3.67
C SER A 45 -8.99 -5.27 4.40
N GLY A 46 -7.87 -6.01 4.44
CA GLY A 46 -7.81 -7.29 5.12
C GLY A 46 -8.21 -8.53 4.29
N GLN A 47 -7.85 -8.63 3.00
CA GLN A 47 -8.22 -9.81 2.17
C GLN A 47 -7.05 -10.61 1.51
N ALA A 48 -5.84 -10.59 2.08
CA ALA A 48 -4.68 -11.32 1.51
C ALA A 48 -4.88 -12.87 1.44
N GLU A 49 -4.48 -13.46 0.31
CA GLU A 49 -4.59 -14.91 0.05
C GLU A 49 -3.63 -15.76 0.93
N GLY A 50 -4.06 -16.02 2.19
CA GLY A 50 -3.30 -16.84 3.16
C GLY A 50 -2.63 -16.05 4.30
N TYR A 51 -3.03 -14.78 4.51
CA TYR A 51 -2.46 -13.92 5.57
C TYR A 51 -3.55 -13.21 6.41
N SER A 52 -3.34 -13.18 7.73
CA SER A 52 -4.27 -12.54 8.70
C SER A 52 -3.99 -11.05 8.95
N TYR A 53 -5.07 -10.31 9.24
CA TYR A 53 -5.10 -8.85 9.51
C TYR A 53 -5.62 -8.54 10.98
N THR A 54 -5.41 -7.31 11.48
CA THR A 54 -5.81 -6.90 12.86
C THR A 54 -7.31 -6.62 13.00
N ASP A 55 -7.78 -6.55 14.26
CA ASP A 55 -9.19 -6.30 14.60
C ASP A 55 -9.71 -4.98 13.97
N ALA A 56 -8.83 -3.98 13.86
CA ALA A 56 -9.16 -2.65 13.34
C ALA A 56 -9.10 -2.53 11.80
N ASN A 57 -8.20 -3.25 11.13
CA ASN A 57 -8.07 -3.18 9.66
C ASN A 57 -9.22 -3.96 8.95
N ILE A 58 -9.61 -5.10 9.51
CA ILE A 58 -10.70 -5.94 8.97
C ILE A 58 -12.04 -5.21 9.08
N LYS A 59 -12.55 -4.99 10.30
CA LYS A 59 -13.75 -4.14 10.56
C LYS A 59 -13.87 -2.92 9.62
N LYS A 60 -12.75 -2.47 9.05
CA LYS A 60 -12.66 -1.28 8.19
C LYS A 60 -13.09 -1.51 6.73
N ASN A 61 -12.69 -2.68 6.16
CA ASN A 61 -12.95 -3.17 4.78
C ASN A 61 -12.95 -2.07 3.70
N VAL A 62 -12.02 -1.12 3.80
CA VAL A 62 -11.94 -0.03 2.82
C VAL A 62 -11.58 -0.56 1.45
N LEU A 63 -12.32 -0.14 0.42
CA LEU A 63 -12.06 -0.60 -0.93
C LEU A 63 -10.89 0.21 -1.52
N TRP A 64 -9.70 -0.41 -1.54
CA TRP A 64 -8.49 0.21 -2.06
C TRP A 64 -8.68 0.68 -3.51
N ASP A 65 -8.73 2.00 -3.66
CA ASP A 65 -8.93 2.72 -4.93
C ASP A 65 -7.67 3.58 -5.25
N GLU A 66 -7.73 4.38 -6.30
CA GLU A 66 -6.63 5.24 -6.74
C GLU A 66 -6.33 6.30 -5.67
N ASN A 67 -7.34 7.11 -5.32
CA ASN A 67 -7.19 8.14 -4.30
C ASN A 67 -7.11 7.53 -2.87
N ASN A 68 -7.98 6.58 -2.53
CA ASN A 68 -7.99 5.91 -1.21
C ASN A 68 -6.60 5.37 -0.76
N MET A 69 -5.82 4.73 -1.64
CA MET A 69 -4.49 4.22 -1.27
C MET A 69 -3.59 5.34 -0.65
N SER A 70 -3.56 6.52 -1.27
CA SER A 70 -2.82 7.68 -0.75
C SER A 70 -3.32 8.14 0.64
N GLU A 71 -4.64 8.11 0.84
CA GLU A 71 -5.27 8.49 2.12
C GLU A 71 -4.62 7.71 3.29
N TYR A 72 -4.46 6.40 3.11
CA TYR A 72 -3.84 5.47 4.07
C TYR A 72 -2.30 5.55 4.09
N LEU A 73 -1.64 5.65 2.92
CA LEU A 73 -0.17 5.72 2.88
C LEU A 73 0.42 6.93 3.64
N THR A 74 -0.22 8.10 3.56
CA THR A 74 0.27 9.30 4.27
C THR A 74 0.41 9.07 5.78
N ASN A 75 -0.43 8.21 6.37
CA ASN A 75 -0.36 7.89 7.80
C ASN A 75 -1.17 6.61 8.14
N PRO A 76 -0.57 5.43 8.03
CA PRO A 76 -1.26 4.15 8.34
C PRO A 76 -1.68 4.05 9.81
N LYS A 77 -0.82 4.50 10.72
CA LYS A 77 -1.08 4.49 12.17
C LYS A 77 -2.30 5.33 12.55
N LYS A 78 -2.51 6.45 11.84
CA LYS A 78 -3.66 7.32 12.12
C LYS A 78 -4.94 6.81 11.44
N TYR A 79 -4.84 6.27 10.23
CA TYR A 79 -5.98 5.72 9.48
C TYR A 79 -6.57 4.44 10.11
N ILE A 80 -5.70 3.55 10.58
CA ILE A 80 -6.04 2.30 11.24
C ILE A 80 -5.25 2.21 12.57
N PRO A 81 -5.82 2.78 13.65
CA PRO A 81 -5.18 2.77 14.98
C PRO A 81 -5.11 1.35 15.57
N GLY A 82 -3.92 0.78 15.58
CA GLY A 82 -3.72 -0.58 16.11
C GLY A 82 -3.28 -1.61 15.04
N THR A 83 -3.12 -1.18 13.78
CA THR A 83 -2.72 -2.05 12.65
C THR A 83 -1.25 -2.45 12.68
N LYS A 84 -0.96 -3.64 12.15
CA LYS A 84 0.40 -4.19 12.10
C LYS A 84 1.36 -3.37 11.20
N MET A 85 0.84 -2.47 10.34
CA MET A 85 1.69 -1.65 9.46
C MET A 85 2.22 -0.39 10.19
N ALA A 86 3.29 -0.60 10.97
CA ALA A 86 3.92 0.42 11.80
C ALA A 86 4.96 1.32 11.10
N PHE A 87 4.90 1.31 9.77
CA PHE A 87 5.73 2.05 8.81
C PHE A 87 5.82 3.58 9.05
N GLY A 88 4.79 4.21 9.63
CA GLY A 88 4.84 5.67 9.90
C GLY A 88 4.06 6.54 8.91
N GLY A 89 4.20 6.27 7.60
CA GLY A 89 3.51 7.01 6.54
C GLY A 89 4.40 8.03 5.80
N LEU A 90 4.37 7.99 4.46
CA LEU A 90 5.14 8.90 3.60
C LEU A 90 4.43 10.26 3.47
N LYS A 91 4.77 11.14 4.42
CA LYS A 91 4.25 12.51 4.57
C LYS A 91 4.38 13.38 3.30
N LYS A 92 5.40 13.11 2.47
CA LYS A 92 5.67 13.84 1.23
C LYS A 92 4.66 13.46 0.11
N GLU A 93 3.75 14.36 -0.19
CA GLU A 93 2.72 14.17 -1.22
C GLU A 93 3.26 13.74 -2.60
N LYS A 94 4.24 14.46 -3.15
CA LYS A 94 4.83 14.14 -4.46
C LYS A 94 5.34 12.70 -4.52
N ASP A 95 6.01 12.31 -3.44
CA ASP A 95 6.57 10.99 -3.20
C ASP A 95 5.50 9.87 -3.35
N ARG A 96 4.29 10.04 -2.76
CA ARG A 96 3.19 9.05 -2.94
C ARG A 96 2.58 9.15 -4.34
N ASN A 97 2.48 10.34 -4.93
CA ASN A 97 1.94 10.55 -6.28
C ASN A 97 2.56 9.56 -7.30
N ASP A 98 3.89 9.51 -7.39
CA ASP A 98 4.61 8.57 -8.28
C ASP A 98 4.34 7.09 -7.89
N LEU A 99 4.27 6.79 -6.59
CA LEU A 99 3.97 5.43 -6.07
C LEU A 99 2.64 4.87 -6.64
N ILE A 100 1.62 5.72 -6.80
CA ILE A 100 0.32 5.34 -7.37
C ILE A 100 0.50 4.82 -8.80
N THR A 101 1.12 5.62 -9.68
CA THR A 101 1.40 5.22 -11.07
C THR A 101 2.14 3.87 -11.14
N TYR A 102 3.15 3.67 -10.28
CA TYR A 102 3.90 2.40 -10.26
C TYR A 102 3.02 1.21 -9.82
N LEU A 103 2.37 1.31 -8.65
CA LEU A 103 1.50 0.25 -8.12
C LEU A 103 0.33 -0.04 -9.07
N LYS A 104 -0.28 1.04 -9.55
CA LYS A 104 -1.38 0.99 -10.52
C LYS A 104 -0.94 0.20 -11.75
N LYS A 105 0.29 0.40 -12.25
CA LYS A 105 0.83 -0.28 -13.47
C LYS A 105 1.13 -1.80 -13.28
N ALA A 106 1.43 -2.15 -12.05
CA ALA A 106 1.73 -3.50 -11.55
C ALA A 106 0.45 -4.34 -11.25
N THR A 107 -0.62 -3.67 -10.79
CA THR A 107 -1.93 -4.29 -10.51
C THR A 107 -2.76 -4.46 -11.81
N GLU A 108 -2.72 -3.46 -12.70
CA GLU A 108 -3.45 -3.50 -13.98
C GLU A 108 -2.51 -3.27 -15.18
FE HEC B . 2.04 -1.97 4.44
CHA HEC B . -1.06 -3.48 4.96
CHB HEC B . 0.89 -0.57 1.48
CHC HEC B . 5.14 -0.47 3.96
CHD HEC B . 3.37 -3.83 7.06
NA HEC B . 0.26 -1.98 3.44
C1A HEC B . -0.93 -2.62 3.83
C2A HEC B . -1.92 -2.43 2.84
C3A HEC B . -1.38 -1.64 1.84
C4A HEC B . -0.02 -1.36 2.21
CMA HEC B . -2.09 -1.20 0.59
CAA HEC B . -3.33 -2.97 2.88
CBA HEC B . -3.41 -4.46 2.52
CGA HEC B . -4.85 -4.98 2.66
O1A HEC B . -5.64 -4.36 3.40
O2A HEC B . -5.17 -6.03 2.06
NB HEC B . 2.84 -0.73 3.02
C1B HEC B . 2.23 -0.27 1.85
C2B HEC B . 3.13 0.54 1.10
C3B HEC B . 4.31 0.62 1.85
C4B HEC B . 4.11 -0.16 3.03
CMB HEC B . 2.91 1.04 -0.29
CAB HEC B . 5.54 1.45 1.55
CBB HEC B . 5.27 2.95 1.58
NC HEC B . 3.87 -2.07 5.38
C1C HEC B . 5.03 -1.35 5.06
C2C HEC B . 6.13 -1.77 5.85
C3C HEC B . 5.67 -2.79 6.68
C4C HEC B . 4.26 -2.95 6.40
CMC HEC B . 7.53 -1.25 5.76
CAC HEC B . 6.50 -3.73 7.50
CBC HEC B . 6.94 -3.11 8.82
ND HEC B . 1.29 -3.31 5.79
C1D HEC B . 2.00 -4.01 6.78
C2D HEC B . 1.13 -4.90 7.47
C3D HEC B . -0.14 -4.76 6.96
C4D HEC B . -0.05 -3.79 5.90
CMD HEC B . 1.61 -5.97 8.41
CAD HEC B . -1.40 -5.37 7.52
CBD HEC B . -1.95 -4.56 8.70
CGD HEC B . -2.79 -5.37 9.69
O1D HEC B . -3.34 -6.43 9.35
O2D HEC B . -2.86 -4.92 10.86
HHA HEC B . -2.08 -3.83 5.20
HHB HEC B . 0.54 -0.17 0.52
HHC HEC B . 6.07 0.11 3.90
HHD HEC B . 3.81 -4.50 7.82
HMA1 HEC B . -2.37 -0.15 0.68
HMA2 HEC B . -2.99 -1.79 0.46
HMA3 HEC B . -1.45 -1.32 -0.27
HAA1 HEC B . -3.93 -2.42 2.17
HAA2 HEC B . -3.72 -2.82 3.86
HBA1 HEC B . -2.78 -5.02 3.20
HBA2 HEC B . -3.08 -4.61 1.52
HMB1 HEC B . 1.88 0.84 -0.58
HMB2 HEC B . 3.57 0.54 -0.98
HMB3 HEC B . 3.08 2.10 -0.33
HAB HEC B . 6.24 1.25 2.34
HBB1 HEC B . 4.43 3.13 2.24
HBB2 HEC B . 5.05 3.31 0.60
HBB3 HEC B . 6.14 3.45 1.98
HMC1 HEC B . 7.56 -0.19 5.97
HMC2 HEC B . 7.91 -1.42 4.75
HMC3 HEC B . 8.17 -1.78 6.46
HAC HEC B . 5.85 -4.56 7.77
HBC1 HEC B . 6.07 -2.99 9.46
HBC2 HEC B . 7.38 -2.15 8.65
HBC3 HEC B . 7.65 -3.76 9.32
HMD1 HEC B . 2.20 -5.51 9.20
HMD2 HEC B . 2.22 -6.67 7.87
HMD3 HEC B . 0.77 -6.48 8.84
HAD1 HEC B . -1.18 -6.38 7.86
HAD2 HEC B . -2.15 -5.42 6.75
HBD1 HEC B . -2.56 -3.76 8.31
HBD2 HEC B . -1.12 -4.13 9.23
C2 4NL C . -8.24 0.48 -10.32
C6 4NL C . -7.98 1.98 -8.47
C3 4NL C . -6.89 0.59 -10.60
C4 4NL C . -6.08 1.39 -9.82
C5 4NL C . -6.62 2.09 -8.75
C1 4NL C . -8.79 1.18 -9.26
N1 4NL C . -10.20 1.05 -8.95
O1 4NL C . -4.71 1.51 -10.12
H2 4NL C . -6.45 0.03 -11.47
H6 4NL C . -10.90 1.47 -9.58
H3 4NL C . -5.97 2.76 -8.12
H5 4NL C . -4.30 2.18 -9.51
H4 4NL C . -8.42 2.55 -7.61
H1 4NL C . -8.90 -0.17 -10.96
H7 4NL C . -10.49 0.55 -8.10
N THR A 1 -4.60 16.32 -2.01
CA THR A 1 -5.34 15.85 -3.19
C THR A 1 -4.79 16.56 -4.41
N GLU A 2 -3.46 16.56 -4.57
CA GLU A 2 -2.80 17.20 -5.70
C GLU A 2 -2.03 16.08 -6.42
N PHE A 3 -2.78 15.05 -6.85
CA PHE A 3 -2.21 13.89 -7.55
C PHE A 3 -1.64 14.28 -8.94
N LYS A 4 -0.73 13.44 -9.41
CA LYS A 4 -0.04 13.58 -10.68
C LYS A 4 0.60 12.23 -11.00
N ALA A 5 0.30 11.72 -12.20
CA ALA A 5 0.80 10.43 -12.67
C ALA A 5 2.35 10.34 -12.66
N GLY A 6 2.86 9.15 -12.33
CA GLY A 6 4.29 8.88 -12.29
C GLY A 6 4.74 7.95 -13.42
N SER A 7 5.67 7.07 -13.10
CA SER A 7 6.24 6.09 -14.05
C SER A 7 6.82 4.89 -13.29
N ALA A 8 6.63 3.70 -13.84
CA ALA A 8 7.13 2.46 -13.22
C ALA A 8 8.62 2.53 -12.78
N LYS A 9 9.49 3.20 -13.54
CA LYS A 9 10.93 3.32 -13.19
C LYS A 9 11.26 4.40 -12.13
N LYS A 10 10.24 5.07 -11.57
CA LYS A 10 10.43 6.09 -10.54
C LYS A 10 9.78 5.63 -9.23
N GLY A 11 8.50 5.28 -9.27
CA GLY A 11 7.81 4.77 -8.08
C GLY A 11 8.47 3.51 -7.52
N ALA A 12 9.11 2.71 -8.39
CA ALA A 12 9.82 1.50 -7.99
C ALA A 12 10.97 1.78 -7.00
N THR A 13 11.85 2.74 -7.28
CA THR A 13 12.96 3.08 -6.36
C THR A 13 12.48 3.33 -4.92
N LEU A 14 11.29 3.93 -4.76
CA LEU A 14 10.69 4.22 -3.45
C LEU A 14 10.32 2.93 -2.73
N PHE A 15 9.18 2.34 -3.08
CA PHE A 15 8.69 1.08 -2.51
C PHE A 15 9.80 0.04 -2.32
N LYS A 16 10.72 -0.05 -3.29
CA LYS A 16 11.81 -1.04 -3.30
C LYS A 16 12.80 -0.92 -2.12
N THR A 17 12.77 0.22 -1.40
CA THR A 17 13.64 0.50 -0.23
C THR A 17 12.88 1.31 0.87
N ARG A 18 11.54 1.25 0.79
CA ARG A 18 10.61 1.93 1.72
C ARG A 18 9.43 1.03 2.12
N CYS A 19 9.23 -0.05 1.38
CA CYS A 19 8.13 -0.99 1.61
C CYS A 19 8.59 -2.45 1.41
N LEU A 20 9.56 -2.67 0.51
CA LEU A 20 10.12 -4.00 0.22
C LEU A 20 10.50 -4.79 1.50
N GLN A 21 11.05 -4.09 2.51
CA GLN A 21 11.47 -4.67 3.80
C GLN A 21 10.50 -5.73 4.37
N CYS A 22 9.18 -5.54 4.21
CA CYS A 22 8.16 -6.46 4.70
C CYS A 22 7.18 -6.99 3.62
N HIS A 23 6.84 -6.16 2.63
CA HIS A 23 5.85 -6.48 1.57
C HIS A 23 6.47 -7.06 0.29
N THR A 24 5.56 -7.42 -0.62
CA THR A 24 5.87 -8.01 -1.92
C THR A 24 5.04 -7.29 -3.03
N VAL A 25 5.72 -6.75 -4.05
CA VAL A 25 5.05 -5.98 -5.14
C VAL A 25 4.37 -6.85 -6.21
N GLU A 26 4.85 -8.07 -6.37
CA GLU A 26 4.35 -9.05 -7.35
C GLU A 26 3.72 -10.23 -6.58
N LYS A 27 3.17 -11.25 -7.27
CA LYS A 27 2.57 -12.39 -6.54
C LYS A 27 3.48 -13.63 -6.41
N GLY A 28 4.80 -13.48 -6.54
CA GLY A 28 5.72 -14.63 -6.42
C GLY A 28 6.39 -14.71 -5.03
N GLY A 29 6.48 -13.58 -4.33
CA GLY A 29 7.08 -13.51 -3.00
C GLY A 29 6.12 -13.92 -1.89
N PRO A 30 6.53 -14.79 -0.96
CA PRO A 30 5.66 -15.20 0.14
C PRO A 30 5.27 -14.01 1.05
N HIS A 31 4.18 -14.16 1.78
CA HIS A 31 3.71 -13.12 2.68
C HIS A 31 4.64 -13.03 3.92
N LYS A 32 5.64 -12.15 3.86
CA LYS A 32 6.60 -11.95 4.96
C LYS A 32 5.96 -11.08 6.06
N VAL A 33 6.73 -10.16 6.66
CA VAL A 33 6.24 -9.25 7.71
C VAL A 33 5.01 -8.47 7.23
N GLY A 34 4.95 -8.24 5.91
CA GLY A 34 3.84 -7.53 5.25
C GLY A 34 3.16 -8.38 4.16
N PRO A 35 1.83 -8.29 4.02
CA PRO A 35 1.06 -9.07 3.03
C PRO A 35 1.31 -8.64 1.57
N ASN A 36 1.04 -9.53 0.64
CA ASN A 36 1.21 -9.24 -0.79
C ASN A 36 0.21 -8.12 -1.21
N LEU A 37 0.74 -7.04 -1.81
CA LEU A 37 -0.03 -5.85 -2.26
C LEU A 37 -0.47 -5.93 -3.76
N HIS A 38 0.01 -6.96 -4.48
CA HIS A 38 -0.30 -7.22 -5.89
C HIS A 38 -1.77 -7.65 -6.09
N GLY A 39 -2.63 -6.65 -6.33
CA GLY A 39 -4.07 -6.86 -6.55
C GLY A 39 -4.98 -6.12 -5.56
N ILE A 40 -4.44 -5.22 -4.71
CA ILE A 40 -5.27 -4.50 -3.74
C ILE A 40 -6.22 -3.50 -4.41
N PHE A 41 -5.76 -2.77 -5.43
CA PHE A 41 -6.58 -1.76 -6.13
C PHE A 41 -7.93 -2.33 -6.59
N GLY A 42 -9.00 -1.78 -5.98
CA GLY A 42 -10.39 -2.16 -6.25
C GLY A 42 -11.00 -3.08 -5.19
N ARG A 43 -10.19 -3.58 -4.24
CA ARG A 43 -10.63 -4.48 -3.17
C ARG A 43 -10.58 -3.76 -1.81
N HIS A 44 -11.29 -4.32 -0.84
CA HIS A 44 -11.37 -3.71 0.49
C HIS A 44 -10.15 -4.10 1.31
N SER A 45 -9.94 -3.42 2.45
CA SER A 45 -8.80 -3.71 3.34
C SER A 45 -8.84 -5.15 3.81
N GLY A 46 -7.66 -5.76 3.96
CA GLY A 46 -7.55 -7.15 4.39
C GLY A 46 -7.85 -8.23 3.32
N GLN A 47 -7.29 -8.13 2.09
CA GLN A 47 -7.57 -9.14 1.03
C GLN A 47 -6.38 -10.06 0.58
N ALA A 48 -5.25 -10.08 1.31
CA ALA A 48 -4.09 -10.94 0.95
C ALA A 48 -4.37 -12.46 1.06
N GLU A 49 -4.25 -13.17 -0.08
CA GLU A 49 -4.49 -14.62 -0.19
C GLU A 49 -3.33 -15.46 0.45
N GLY A 50 -3.39 -15.63 1.79
CA GLY A 50 -2.39 -16.40 2.56
C GLY A 50 -1.85 -15.68 3.81
N TYR A 51 -2.34 -14.48 4.12
CA TYR A 51 -1.90 -13.67 5.28
C TYR A 51 -3.08 -13.07 6.09
N SER A 52 -2.95 -13.09 7.42
CA SER A 52 -3.98 -12.57 8.35
C SER A 52 -3.74 -11.09 8.75
N TYR A 53 -4.86 -10.36 8.85
CA TYR A 53 -4.95 -8.92 9.22
C TYR A 53 -5.53 -8.73 10.68
N THR A 54 -5.34 -7.54 11.29
CA THR A 54 -5.83 -7.23 12.66
C THR A 54 -7.35 -7.02 12.74
N ASP A 55 -7.88 -7.07 13.97
CA ASP A 55 -9.31 -6.87 14.24
C ASP A 55 -9.85 -5.56 13.62
N ALA A 56 -9.01 -4.52 13.60
CA ALA A 56 -9.36 -3.18 13.11
C ALA A 56 -9.23 -3.01 11.58
N ASN A 57 -8.24 -3.66 10.93
CA ASN A 57 -8.03 -3.52 9.48
C ASN A 57 -9.16 -4.20 8.66
N ILE A 58 -9.62 -5.36 9.13
CA ILE A 58 -10.74 -6.10 8.51
C ILE A 58 -12.04 -5.29 8.64
N LYS A 59 -12.57 -5.13 9.85
CA LYS A 59 -13.72 -4.24 10.14
C LYS A 59 -13.71 -2.91 9.34
N LYS A 60 -12.53 -2.50 8.84
CA LYS A 60 -12.32 -1.23 8.14
C LYS A 60 -12.78 -1.24 6.66
N ASN A 61 -12.62 -2.40 5.98
CA ASN A 61 -12.98 -2.71 4.57
C ASN A 61 -12.83 -1.50 3.61
N VAL A 62 -11.73 -0.76 3.75
CA VAL A 62 -11.48 0.41 2.88
C VAL A 62 -11.14 -0.06 1.48
N LEU A 63 -11.80 0.51 0.48
CA LEU A 63 -11.56 0.13 -0.92
C LEU A 63 -10.34 0.89 -1.45
N TRP A 64 -9.20 0.22 -1.48
CA TRP A 64 -7.94 0.81 -1.94
C TRP A 64 -8.04 1.31 -3.39
N ASP A 65 -7.91 2.62 -3.54
CA ASP A 65 -7.98 3.36 -4.81
C ASP A 65 -6.76 4.30 -4.93
N GLU A 66 -6.77 5.18 -5.93
CA GLU A 66 -5.68 6.12 -6.21
C GLU A 66 -5.48 7.08 -5.02
N ASN A 67 -6.55 7.77 -4.62
CA ASN A 67 -6.52 8.72 -3.51
C ASN A 67 -6.52 7.99 -2.14
N ASN A 68 -7.43 7.04 -1.92
CA ASN A 68 -7.52 6.27 -0.66
C ASN A 68 -6.16 5.69 -0.18
N MET A 69 -5.35 5.08 -1.04
CA MET A 69 -4.03 4.56 -0.63
C MET A 69 -3.14 5.66 0.02
N SER A 70 -3.19 6.89 -0.51
CA SER A 70 -2.44 8.03 0.05
C SER A 70 -2.95 8.43 1.47
N GLU A 71 -4.26 8.35 1.69
CA GLU A 71 -4.88 8.67 3.00
C GLU A 71 -4.23 7.82 4.12
N TYR A 72 -4.08 6.52 3.85
CA TYR A 72 -3.47 5.53 4.75
C TYR A 72 -1.93 5.61 4.79
N LEU A 73 -1.26 5.78 3.64
CA LEU A 73 0.21 5.91 3.63
C LEU A 73 0.74 7.06 4.50
N THR A 74 0.05 8.22 4.54
CA THR A 74 0.49 9.37 5.36
C THR A 74 0.46 9.05 6.86
N ASN A 75 -0.51 8.24 7.31
CA ASN A 75 -0.63 7.86 8.73
C ASN A 75 -1.45 6.56 8.89
N PRO A 76 -0.80 5.38 8.83
CA PRO A 76 -1.48 4.08 8.97
C PRO A 76 -2.19 3.91 10.34
N LYS A 77 -1.64 4.55 11.37
CA LYS A 77 -2.19 4.50 12.74
C LYS A 77 -3.49 5.31 12.87
N LYS A 78 -3.59 6.43 12.17
CA LYS A 78 -4.80 7.26 12.22
C LYS A 78 -5.94 6.69 11.37
N TYR A 79 -5.61 6.11 10.20
CA TYR A 79 -6.60 5.50 9.30
C TYR A 79 -7.12 4.13 9.78
N ILE A 80 -6.22 3.32 10.33
CA ILE A 80 -6.52 2.00 10.87
C ILE A 80 -5.86 1.89 12.26
N PRO A 81 -6.58 2.32 13.31
CA PRO A 81 -6.10 2.28 14.70
C PRO A 81 -5.94 0.85 15.23
N GLY A 82 -4.70 0.40 15.35
CA GLY A 82 -4.42 -0.96 15.83
C GLY A 82 -3.71 -1.87 14.80
N THR A 83 -3.48 -1.36 13.57
CA THR A 83 -2.82 -2.10 12.48
C THR A 83 -1.32 -2.34 12.72
N LYS A 84 -0.83 -3.49 12.24
CA LYS A 84 0.57 -3.89 12.38
C LYS A 84 1.54 -3.01 11.56
N MET A 85 1.08 -2.35 10.48
CA MET A 85 1.95 -1.51 9.65
C MET A 85 2.43 -0.25 10.41
N ALA A 86 3.70 -0.31 10.83
CA ALA A 86 4.36 0.73 11.62
C ALA A 86 5.54 1.46 10.93
N PHE A 87 5.41 1.56 9.60
CA PHE A 87 6.36 2.19 8.65
C PHE A 87 6.66 3.69 8.91
N GLY A 88 5.77 4.43 9.57
CA GLY A 88 6.03 5.87 9.83
C GLY A 88 5.08 6.84 9.12
N GLY A 89 4.70 6.54 7.86
CA GLY A 89 3.79 7.36 7.06
C GLY A 89 4.51 8.38 6.15
N LEU A 90 4.37 8.19 4.83
CA LEU A 90 4.97 9.06 3.81
C LEU A 90 4.15 10.36 3.66
N LYS A 91 4.58 11.37 4.42
CA LYS A 91 3.97 12.72 4.50
C LYS A 91 4.01 13.51 3.17
N LYS A 92 5.02 13.26 2.33
CA LYS A 92 5.21 13.95 1.05
C LYS A 92 4.28 13.41 -0.05
N GLU A 93 3.23 14.16 -0.36
CA GLU A 93 2.24 13.80 -1.39
C GLU A 93 2.83 13.58 -2.80
N LYS A 94 3.75 14.44 -3.25
CA LYS A 94 4.39 14.33 -4.57
C LYS A 94 5.09 12.96 -4.72
N ASP A 95 5.72 12.56 -3.63
CA ASP A 95 6.44 11.30 -3.47
C ASP A 95 5.49 10.07 -3.60
N ARG A 96 4.27 10.14 -3.03
CA ARG A 96 3.28 9.03 -3.17
C ARG A 96 2.67 9.01 -4.58
N ASN A 97 2.44 10.17 -5.20
CA ASN A 97 1.89 10.27 -6.56
C ASN A 97 2.51 9.23 -7.51
N ASP A 98 3.85 9.21 -7.62
CA ASP A 98 4.58 8.23 -8.46
C ASP A 98 4.44 6.79 -7.92
N LEU A 99 4.44 6.61 -6.58
CA LEU A 99 4.27 5.29 -5.92
C LEU A 99 2.96 4.58 -6.35
N ILE A 100 1.86 5.33 -6.48
CA ILE A 100 0.56 4.80 -6.91
C ILE A 100 0.65 4.29 -8.36
N THR A 101 1.22 5.11 -9.27
CA THR A 101 1.38 4.73 -10.68
C THR A 101 2.13 3.38 -10.84
N TYR A 102 3.20 3.17 -10.08
CA TYR A 102 3.95 1.90 -10.13
C TYR A 102 3.09 0.70 -9.71
N LEU A 103 2.49 0.76 -8.51
CA LEU A 103 1.60 -0.32 -8.01
C LEU A 103 0.39 -0.53 -8.93
N LYS A 104 -0.19 0.58 -9.34
CA LYS A 104 -1.33 0.62 -10.26
C LYS A 104 -0.96 -0.12 -11.57
N LYS A 105 0.29 0.05 -12.07
CA LYS A 105 0.79 -0.62 -13.32
C LYS A 105 0.98 -2.16 -13.20
N ALA A 106 1.30 -2.58 -11.99
CA ALA A 106 1.48 -3.97 -11.54
C ALA A 106 0.14 -4.70 -11.30
N THR A 107 -0.88 -3.98 -10.78
CA THR A 107 -2.24 -4.50 -10.53
C THR A 107 -3.08 -4.49 -11.83
N GLU A 108 -2.95 -3.45 -12.66
CA GLU A 108 -3.70 -3.36 -13.94
C GLU A 108 -2.76 -3.18 -15.14
FE HEC B . 2.25 -1.88 4.72
CHA HEC B . -0.87 -3.37 5.20
CHB HEC B . 1.10 -0.34 1.83
CHC HEC B . 5.37 -0.43 4.27
CHD HEC B . 3.57 -3.88 7.24
NA HEC B . 0.48 -1.82 3.73
C1A HEC B . -0.72 -2.46 4.10
C2A HEC B . -1.73 -2.21 3.13
C3A HEC B . -1.18 -1.39 2.16
C4A HEC B . 0.18 -1.15 2.53
CMA HEC B . -1.90 -0.87 0.94
CAA HEC B . -3.14 -2.73 3.15
CBA HEC B . -3.26 -4.20 2.75
CGA HEC B . -4.70 -4.69 2.87
O1A HEC B . -5.48 -4.08 3.64
O2A HEC B . -5.05 -5.71 2.23
NB HEC B . 3.07 -0.60 3.34
C1B HEC B . 2.45 -0.08 2.19
C2B HEC B . 3.36 0.75 1.48
C3B HEC B . 4.55 0.77 2.20
C4B HEC B . 4.36 -0.05 3.35
CMB HEC B . 3.13 1.31 0.11
CAB HEC B . 5.79 1.59 1.93
CBB HEC B . 5.55 3.08 2.03
NC HEC B . 4.10 -2.06 5.62
C1C HEC B . 5.26 -1.35 5.33
C2C HEC B . 6.36 -1.83 6.09
C3C HEC B . 5.89 -2.87 6.87
C4C HEC B . 4.47 -2.99 6.61
CMC HEC B . 7.78 -1.33 6.00
CAC HEC B . 6.71 -3.86 7.65
CBC HEC B . 7.18 -3.31 8.99
ND HEC B . 1.49 -3.28 6.01
C1D HEC B . 2.19 -4.02 6.96
C2D HEC B . 1.33 -4.93 7.62
C3D HEC B . 0.05 -4.74 7.12
C4D HEC B . 0.15 -3.73 6.11
CMD HEC B . 1.79 -6.04 8.51
CAD HEC B . -1.22 -5.36 7.67
CBD HEC B . -1.74 -4.59 8.89
CGD HEC B . -2.59 -5.42 9.86
O1D HEC B . -3.17 -6.47 9.48
O2D HEC B . -2.63 -5.03 11.04
HHA HEC B . -1.89 -3.71 5.42
HHB HEC B . 0.76 0.11 0.88
HHC HEC B . 6.31 0.15 4.21
HHD HEC B . 4.01 -4.59 7.96
HMA1 HEC B . -2.15 0.17 1.08
HMA2 HEC B . -2.80 -1.45 0.79
HMA3 HEC B . -1.26 -0.97 0.07
HAA1 HEC B . -3.74 -2.13 2.48
HAA2 HEC B . -3.52 -2.61 4.15
HBA1 HEC B . -2.63 -4.79 3.39
HBA2 HEC B . -2.93 -4.31 1.73
HMB1 HEC B . 2.11 1.14 -0.19
HMB2 HEC B . 3.79 0.83 -0.61
HMB3 HEC B . 3.33 2.37 0.11
HAB HEC B . 6.49 1.34 2.71
HBB1 HEC B . 4.71 3.26 2.71
HBB2 HEC B . 5.32 3.50 1.07
HBB3 HEC B . 6.43 3.57 2.44
HMC1 HEC B . 7.82 -0.29 6.26
HMC2 HEC B . 8.13 -1.46 4.98
HMC3 HEC B . 8.40 -1.89 6.68
HAC HEC B . 6.05 -4.69 7.89
HBC1 HEC B . 6.32 -3.20 9.64
HBC2 HEC B . 7.65 -2.35 8.85
HBC3 HEC B . 7.89 -3.99 9.45
HMD1 HEC B . 2.39 -5.64 9.31
HMD2 HEC B . 2.39 -6.75 7.93
HMD3 HEC B . 0.95 -6.56 8.92
HAD1 HEC B . -1.01 -6.38 7.96
HAD2 HEC B . -1.97 -5.36 6.90
HBD1 HEC B . -2.34 -3.77 8.54
HBD2 HEC B . -0.90 -4.20 9.44
C2 4NL C . -8.67 1.21 -9.73
C6 4NL C . -7.77 2.86 -8.24
C3 4NL C . -7.39 0.82 -10.08
C4 4NL C . -6.29 1.46 -9.51
C5 4NL C . -6.48 2.47 -8.59
C1 4NL C . -8.86 2.23 -8.81
N1 4NL C . -10.20 2.63 -8.43
O1 4NL C . -4.99 1.06 -9.87
H2 4NL C . -7.23 0.00 -10.83
H6 4NL C . -10.99 2.00 -8.61
H3 4NL C . -5.60 2.99 -8.13
H5 4NL C . -5.03 0.25 -10.44
H4 4NL C . -7.92 3.68 -7.50
H1 4NL C . -9.56 0.71 -10.20
H7 4NL C . -10.36 3.55 -8.00
N THR A 1 -4.02 17.48 -1.52
CA THR A 1 -4.58 16.72 -2.65
C THR A 1 -4.12 17.40 -3.93
N GLU A 2 -3.12 16.84 -4.60
CA GLU A 2 -2.58 17.38 -5.85
C GLU A 2 -1.79 16.24 -6.49
N PHE A 3 -2.52 15.33 -7.15
CA PHE A 3 -1.92 14.18 -7.84
C PHE A 3 -1.36 14.57 -9.24
N LYS A 4 -0.15 14.10 -9.47
CA LYS A 4 0.59 14.30 -10.71
C LYS A 4 1.19 12.95 -11.10
N ALA A 5 0.92 12.52 -12.34
CA ALA A 5 1.38 11.26 -12.89
C ALA A 5 2.92 11.06 -12.71
N GLY A 6 3.30 9.80 -12.45
CA GLY A 6 4.71 9.42 -12.27
C GLY A 6 5.24 8.57 -13.43
N SER A 7 6.04 7.57 -13.09
CA SER A 7 6.67 6.65 -14.04
C SER A 7 7.01 5.33 -13.36
N ALA A 8 6.81 4.22 -14.06
CA ALA A 8 7.10 2.88 -13.54
C ALA A 8 8.51 2.74 -12.91
N LYS A 9 9.57 3.28 -13.55
CA LYS A 9 10.94 3.19 -13.01
C LYS A 9 11.27 4.18 -11.87
N LYS A 10 10.29 4.96 -11.41
CA LYS A 10 10.48 5.93 -10.30
C LYS A 10 9.75 5.45 -9.06
N GLY A 11 8.44 5.23 -9.16
CA GLY A 11 7.65 4.73 -8.03
C GLY A 11 8.24 3.43 -7.45
N ALA A 12 8.88 2.61 -8.30
CA ALA A 12 9.52 1.37 -7.87
C ALA A 12 10.64 1.61 -6.83
N THR A 13 11.61 2.48 -7.11
CA THR A 13 12.70 2.76 -6.14
C THR A 13 12.18 3.00 -4.71
N LEU A 14 10.99 3.62 -4.57
CA LEU A 14 10.36 3.91 -3.28
C LEU A 14 9.90 2.62 -2.60
N PHE A 15 8.74 2.10 -3.02
CA PHE A 15 8.16 0.86 -2.49
C PHE A 15 9.19 -0.29 -2.40
N LYS A 16 10.02 -0.43 -3.44
CA LYS A 16 11.02 -1.52 -3.54
C LYS A 16 12.30 -1.31 -2.68
N THR A 17 12.32 -0.24 -1.87
CA THR A 17 13.45 0.10 -0.96
C THR A 17 12.94 0.52 0.46
N ARG A 18 11.70 1.00 0.51
CA ARG A 18 11.04 1.49 1.75
C ARG A 18 9.96 0.53 2.26
N CYS A 19 9.29 -0.15 1.32
CA CYS A 19 8.19 -1.07 1.64
C CYS A 19 8.64 -2.53 1.49
N LEU A 20 9.68 -2.76 0.69
CA LEU A 20 10.22 -4.11 0.43
C LEU A 20 10.57 -4.90 1.71
N GLN A 21 11.08 -4.19 2.73
CA GLN A 21 11.49 -4.77 4.02
C GLN A 21 10.48 -5.77 4.63
N CYS A 22 9.17 -5.55 4.41
CA CYS A 22 8.10 -6.42 4.91
C CYS A 22 7.14 -6.96 3.83
N HIS A 23 6.83 -6.15 2.81
CA HIS A 23 5.88 -6.50 1.74
C HIS A 23 6.54 -7.06 0.47
N THR A 24 5.70 -7.34 -0.52
CA THR A 24 6.07 -7.86 -1.83
C THR A 24 5.14 -7.25 -2.92
N VAL A 25 5.73 -6.61 -3.94
CA VAL A 25 4.98 -5.97 -5.05
C VAL A 25 4.45 -6.97 -6.11
N GLU A 26 5.12 -8.10 -6.24
CA GLU A 26 4.78 -9.16 -7.19
C GLU A 26 3.82 -10.16 -6.50
N LYS A 27 3.14 -11.03 -7.24
CA LYS A 27 2.20 -11.98 -6.60
C LYS A 27 2.85 -13.20 -5.93
N GLY A 28 3.80 -13.87 -6.59
CA GLY A 28 4.44 -15.05 -6.00
C GLY A 28 5.59 -14.69 -5.03
N GLY A 29 5.39 -13.65 -4.22
CA GLY A 29 6.38 -13.19 -3.24
C GLY A 29 6.10 -13.72 -1.83
N PRO A 30 7.12 -14.23 -1.11
CA PRO A 30 6.92 -14.74 0.24
C PRO A 30 6.42 -13.64 1.21
N HIS A 31 5.29 -13.91 1.87
CA HIS A 31 4.70 -12.97 2.81
C HIS A 31 5.62 -12.82 4.04
N LYS A 32 6.32 -11.69 4.14
CA LYS A 32 7.23 -11.41 5.27
C LYS A 32 6.45 -10.78 6.45
N VAL A 33 6.90 -9.64 6.98
CA VAL A 33 6.22 -8.93 8.06
C VAL A 33 4.91 -8.29 7.54
N GLY A 34 4.85 -8.09 6.20
CA GLY A 34 3.68 -7.53 5.51
C GLY A 34 3.21 -8.43 4.34
N PRO A 35 1.89 -8.55 4.14
CA PRO A 35 1.32 -9.40 3.08
C PRO A 35 1.52 -8.86 1.66
N ASN A 36 1.16 -9.67 0.67
CA ASN A 36 1.30 -9.27 -0.74
C ASN A 36 0.26 -8.15 -1.06
N LEU A 37 0.68 -7.12 -1.81
CA LEU A 37 -0.13 -5.95 -2.18
C LEU A 37 -0.58 -5.94 -3.67
N HIS A 38 -0.05 -6.90 -4.46
CA HIS A 38 -0.35 -7.06 -5.90
C HIS A 38 -1.82 -7.46 -6.14
N GLY A 39 -2.67 -6.44 -6.33
CA GLY A 39 -4.11 -6.65 -6.55
C GLY A 39 -5.01 -5.90 -5.55
N ILE A 40 -4.47 -5.01 -4.71
CA ILE A 40 -5.31 -4.29 -3.74
C ILE A 40 -6.32 -3.35 -4.42
N PHE A 41 -5.95 -2.71 -5.54
CA PHE A 41 -6.85 -1.80 -6.26
C PHE A 41 -8.18 -2.47 -6.63
N GLY A 42 -9.25 -2.00 -5.96
CA GLY A 42 -10.62 -2.50 -6.14
C GLY A 42 -11.08 -3.46 -5.02
N ARG A 43 -10.16 -3.89 -4.14
CA ARG A 43 -10.45 -4.82 -3.04
C ARG A 43 -10.60 -4.05 -1.72
N HIS A 44 -10.94 -4.76 -0.67
CA HIS A 44 -11.14 -4.16 0.65
C HIS A 44 -9.93 -4.46 1.54
N SER A 45 -9.74 -3.66 2.61
CA SER A 45 -8.63 -3.86 3.55
C SER A 45 -8.75 -5.20 4.24
N GLY A 46 -7.63 -5.92 4.33
CA GLY A 46 -7.59 -7.23 4.97
C GLY A 46 -7.94 -8.45 4.09
N GLN A 47 -7.56 -8.47 2.79
CA GLN A 47 -7.88 -9.64 1.91
C GLN A 47 -6.66 -10.36 1.23
N ALA A 48 -5.48 -10.38 1.85
CA ALA A 48 -4.29 -11.07 1.28
C ALA A 48 -4.45 -12.62 1.20
N GLU A 49 -4.32 -13.16 -0.02
CA GLU A 49 -4.44 -14.60 -0.31
C GLU A 49 -3.33 -15.45 0.40
N GLY A 50 -3.57 -15.78 1.68
CA GLY A 50 -2.68 -16.61 2.50
C GLY A 50 -2.05 -15.91 3.73
N TYR A 51 -2.54 -14.72 4.09
CA TYR A 51 -2.03 -13.93 5.23
C TYR A 51 -3.15 -13.23 6.04
N SER A 52 -2.99 -13.19 7.37
CA SER A 52 -3.97 -12.59 8.30
C SER A 52 -3.73 -11.08 8.54
N TYR A 53 -4.76 -10.43 9.13
CA TYR A 53 -4.83 -8.99 9.45
C TYR A 53 -5.35 -8.74 10.92
N THR A 54 -5.32 -7.48 11.40
CA THR A 54 -5.79 -7.10 12.77
C THR A 54 -7.31 -6.94 12.87
N ASP A 55 -7.83 -7.03 14.10
CA ASP A 55 -9.26 -6.89 14.41
C ASP A 55 -9.86 -5.59 13.81
N ALA A 56 -9.08 -4.51 13.82
CA ALA A 56 -9.49 -3.19 13.34
C ALA A 56 -9.34 -3.00 11.81
N ASN A 57 -8.33 -3.61 11.18
CA ASN A 57 -8.11 -3.48 9.72
C ASN A 57 -9.19 -4.23 8.92
N ILE A 58 -9.61 -5.40 9.42
CA ILE A 58 -10.67 -6.21 8.80
C ILE A 58 -12.03 -5.49 8.88
N LYS A 59 -12.57 -5.31 10.08
CA LYS A 59 -13.77 -4.46 10.33
C LYS A 59 -13.81 -3.16 9.47
N LYS A 60 -12.66 -2.72 8.98
CA LYS A 60 -12.49 -1.47 8.21
C LYS A 60 -12.86 -1.60 6.71
N ASN A 61 -12.56 -2.78 6.11
CA ASN A 61 -12.80 -3.18 4.70
C ASN A 61 -12.81 -2.01 3.69
N VAL A 62 -11.82 -1.11 3.80
CA VAL A 62 -11.74 0.04 2.90
C VAL A 62 -11.42 -0.41 1.49
N LEU A 63 -12.12 0.14 0.49
CA LEU A 63 -11.90 -0.23 -0.89
C LEU A 63 -10.70 0.57 -1.45
N TRP A 64 -9.54 -0.08 -1.50
CA TRP A 64 -8.31 0.53 -1.99
C TRP A 64 -8.47 1.04 -3.44
N ASP A 65 -8.37 2.36 -3.58
CA ASP A 65 -8.48 3.11 -4.84
C ASP A 65 -7.17 3.89 -5.08
N GLU A 66 -7.15 4.72 -6.14
CA GLU A 66 -5.98 5.52 -6.52
C GLU A 66 -5.65 6.55 -5.41
N ASN A 67 -6.66 7.34 -5.01
CA ASN A 67 -6.49 8.33 -3.95
C ASN A 67 -6.50 7.66 -2.54
N ASN A 68 -7.43 6.75 -2.27
CA ASN A 68 -7.52 6.03 -0.97
C ASN A 68 -6.17 5.43 -0.49
N MET A 69 -5.37 4.80 -1.36
CA MET A 69 -4.06 4.26 -0.95
C MET A 69 -3.18 5.36 -0.27
N SER A 70 -3.21 6.60 -0.79
CA SER A 70 -2.47 7.74 -0.20
C SER A 70 -2.99 8.11 1.20
N GLU A 71 -4.31 8.05 1.41
CA GLU A 71 -4.94 8.34 2.70
C GLU A 71 -4.24 7.55 3.84
N TYR A 72 -4.15 6.23 3.65
CA TYR A 72 -3.50 5.28 4.57
C TYR A 72 -1.97 5.47 4.67
N LEU A 73 -1.27 5.66 3.54
CA LEU A 73 0.19 5.86 3.58
C LEU A 73 0.63 7.07 4.44
N THR A 74 -0.11 8.19 4.39
CA THR A 74 0.23 9.39 5.19
C THR A 74 0.22 9.09 6.70
N ASN A 75 -0.72 8.26 7.17
CA ASN A 75 -0.81 7.89 8.59
C ASN A 75 -1.64 6.58 8.78
N PRO A 76 -0.98 5.41 8.73
CA PRO A 76 -1.66 4.12 8.91
C PRO A 76 -2.34 3.97 10.29
N LYS A 77 -1.73 4.58 11.30
CA LYS A 77 -2.24 4.55 12.70
C LYS A 77 -3.53 5.36 12.85
N LYS A 78 -3.64 6.49 12.15
CA LYS A 78 -4.85 7.33 12.22
C LYS A 78 -6.00 6.73 11.39
N TYR A 79 -5.71 6.15 10.24
CA TYR A 79 -6.72 5.52 9.36
C TYR A 79 -7.29 4.20 9.92
N ILE A 80 -6.41 3.36 10.46
CA ILE A 80 -6.74 2.08 11.05
C ILE A 80 -6.09 2.00 12.45
N PRO A 81 -6.84 2.39 13.49
CA PRO A 81 -6.36 2.36 14.88
C PRO A 81 -6.14 0.95 15.42
N GLY A 82 -4.88 0.55 15.52
CA GLY A 82 -4.54 -0.80 16.02
C GLY A 82 -3.82 -1.69 14.99
N THR A 83 -3.59 -1.18 13.78
CA THR A 83 -2.91 -1.92 12.68
C THR A 83 -1.42 -2.17 12.95
N LYS A 84 -0.92 -3.30 12.41
CA LYS A 84 0.47 -3.72 12.60
C LYS A 84 1.47 -2.98 11.69
N MET A 85 1.00 -2.22 10.69
CA MET A 85 1.89 -1.50 9.77
C MET A 85 2.69 -0.38 10.48
N ALA A 86 3.98 -0.66 10.71
CA ALA A 86 4.90 0.25 11.41
C ALA A 86 6.08 0.78 10.55
N PHE A 87 5.70 1.63 9.58
CA PHE A 87 6.57 2.32 8.61
C PHE A 87 6.71 3.85 8.84
N GLY A 88 5.81 4.49 9.62
CA GLY A 88 5.91 5.94 9.87
C GLY A 88 4.97 6.81 9.02
N GLY A 89 4.81 6.48 7.74
CA GLY A 89 3.93 7.21 6.81
C GLY A 89 4.65 8.30 5.99
N LEU A 90 4.72 8.10 4.67
CA LEU A 90 5.34 9.05 3.74
C LEU A 90 4.44 10.29 3.53
N LYS A 91 4.72 11.29 4.38
CA LYS A 91 4.04 12.60 4.43
C LYS A 91 4.17 13.43 3.14
N LYS A 92 5.19 13.15 2.33
CA LYS A 92 5.46 13.86 1.07
C LYS A 92 4.47 13.47 -0.05
N GLU A 93 3.40 14.26 -0.19
CA GLU A 93 2.36 14.04 -1.21
C GLU A 93 2.88 13.79 -2.63
N LYS A 94 3.82 14.60 -3.12
CA LYS A 94 4.39 14.46 -4.48
C LYS A 94 5.00 13.06 -4.68
N ASP A 95 5.68 12.61 -3.65
CA ASP A 95 6.35 11.31 -3.56
C ASP A 95 5.34 10.14 -3.70
N ARG A 96 4.18 10.19 -3.03
CA ARG A 96 3.14 9.15 -3.18
C ARG A 96 2.54 9.13 -4.60
N ASN A 97 2.39 10.29 -5.24
CA ASN A 97 1.86 10.40 -6.61
C ASN A 97 2.55 9.40 -7.57
N ASP A 98 3.90 9.39 -7.59
CA ASP A 98 4.68 8.43 -8.41
C ASP A 98 4.49 6.97 -7.94
N LEU A 99 4.40 6.75 -6.62
CA LEU A 99 4.16 5.41 -6.03
C LEU A 99 2.89 4.73 -6.59
N ILE A 100 1.82 5.52 -6.81
CA ILE A 100 0.55 5.03 -7.37
C ILE A 100 0.74 4.58 -8.83
N THR A 101 1.45 5.40 -9.64
CA THR A 101 1.73 5.07 -11.04
C THR A 101 2.37 3.69 -11.20
N TYR A 102 3.36 3.36 -10.37
CA TYR A 102 4.02 2.05 -10.42
C TYR A 102 3.09 0.90 -9.99
N LEU A 103 2.46 1.01 -8.82
CA LEU A 103 1.52 -0.01 -8.31
C LEU A 103 0.34 -0.21 -9.26
N LYS A 104 -0.23 0.90 -9.69
CA LYS A 104 -1.35 0.94 -10.64
C LYS A 104 -0.95 0.24 -11.95
N LYS A 105 0.30 0.41 -12.41
CA LYS A 105 0.84 -0.19 -13.67
C LYS A 105 1.03 -1.74 -13.61
N ALA A 106 1.33 -2.21 -12.41
CA ALA A 106 1.54 -3.60 -12.03
C ALA A 106 0.21 -4.39 -11.84
N THR A 107 -0.84 -3.71 -11.33
CA THR A 107 -2.19 -4.27 -11.16
C THR A 107 -2.96 -4.30 -12.50
N GLU A 108 -2.84 -3.23 -13.30
CA GLU A 108 -3.53 -3.16 -14.61
C GLU A 108 -2.55 -2.93 -15.78
FE HEC B . 2.27 -1.85 4.80
CHA HEC B . -0.85 -3.32 5.31
CHB HEC B . 1.13 -0.40 1.86
CHC HEC B . 5.39 -0.41 4.32
CHD HEC B . 3.59 -3.77 7.38
NA HEC B . 0.50 -1.83 3.81
C1A HEC B . -0.70 -2.46 4.20
C2A HEC B . -1.71 -2.24 3.20
C3A HEC B . -1.15 -1.44 2.21
C4A HEC B . 0.21 -1.20 2.59
CMA HEC B . -1.86 -0.97 0.98
CAA HEC B . -3.11 -2.75 3.25
CBA HEC B . -3.23 -4.24 2.88
CGA HEC B . -4.68 -4.73 3.02
O1A HEC B . -5.44 -4.11 3.76
O2A HEC B . -5.02 -5.77 2.40
NB HEC B . 3.09 -0.62 3.39
C1B HEC B . 2.48 -0.14 2.23
C2B HEC B . 3.39 0.67 1.49
C3B HEC B . 4.57 0.73 2.22
C4B HEC B . 4.38 -0.07 3.40
CMB HEC B . 3.17 1.19 0.09
CAB HEC B . 5.81 1.52 1.93
CBB HEC B . 5.58 3.04 1.98
NC HEC B . 4.11 -2.00 5.71
C1C HEC B . 5.28 -1.30 5.41
C2C HEC B . 6.37 -1.75 6.19
C3C HEC B . 5.90 -2.77 7.00
C4C HEC B . 4.49 -2.90 6.73
CMC HEC B . 7.79 -1.26 6.09
CAC HEC B . 6.71 -3.73 7.82
CBC HEC B . 7.19 -3.14 9.14
ND HEC B . 1.50 -3.21 6.13
C1D HEC B . 2.21 -3.92 7.12
C2D HEC B . 1.34 -4.82 7.80
C3D HEC B . 0.06 -4.64 7.28
C4D HEC B . 0.16 -3.66 6.24
CMD HEC B . 1.80 -5.89 8.72
CAD HEC B . -1.21 -5.25 7.84
CBD HEC B . -1.73 -4.43 9.04
CGD HEC B . -2.58 -5.25 10.03
O1D HEC B . -3.16 -6.29 9.69
O2D HEC B . -2.64 -4.82 11.20
HHA HEC B . -1.87 -3.66 5.55
HHB HEC B . 0.79 0.01 0.90
HHC HEC B . 6.33 0.16 4.25
HHD HEC B . 4.02 -4.46 8.13
HMA1 HEC B . -2.12 0.08 1.08
HMA2 HEC B . -2.77 -1.55 0.84
HMA3 HEC B . -1.22 -1.09 0.11
HAA1 HEC B . -3.71 -2.18 2.55
HAA2 HEC B . -3.50 -2.60 4.24
HBA1 HEC B . -2.60 -4.82 3.55
HBA2 HEC B . -2.90 -4.38 1.86
HMB1 HEC B . 2.14 1.01 -0.20
HMB2 HEC B . 3.82 0.69 -0.60
HMB3 HEC B . 3.37 2.26 0.07
HAB HEC B . 6.51 1.31 2.71
HBB1 HEC B . 4.74 3.23 2.64
HBB2 HEC B . 5.35 3.42 1.01
HBB3 HEC B . 6.45 3.52 2.37
HMC1 HEC B . 7.83 -0.20 6.31
HMC2 HEC B . 8.15 -1.42 5.08
HMC3 HEC B . 8.43 -1.80 6.78
HAC HEC B . 6.07 -4.56 8.08
HBC1 HEC B . 6.32 -3.01 9.77
HBC2 HEC B . 7.64 -2.18 8.97
HBC3 HEC B . 7.88 -3.80 9.62
HMD1 HEC B . 2.40 -5.46 9.51
HMD2 HEC B . 2.40 -6.61 8.18
HMD3 HEC B . 0.95 -6.40 9.14
HAD1 HEC B . -1.00 -6.25 8.16
HAD2 HEC B . -1.97 -5.27 7.08
HBD1 HEC B . -2.33 -3.62 8.66
HBD2 HEC B . -0.89 -4.03 9.58
C2 4NL C . -8.90 0.51 -9.65
C6 4NL C . -7.72 2.01 -8.19
C3 4NL C . -7.79 0.43 -10.48
C4 4NL C . -6.65 1.15 -10.16
C5 4NL C . -6.61 1.93 -9.01
C1 4NL C . -8.87 1.30 -8.51
N1 4NL C . -10.03 1.36 -7.64
O1 4NL C . -5.52 1.08 -11.00
H2 4NL C . -7.82 -0.19 -11.41
H6 4NL C . -10.38 0.51 -7.19
H3 4NL C . -5.69 2.51 -8.76
H5 4NL C . -5.67 0.40 -11.71
H4 4NL C . -7.70 2.64 -7.27
H1 4NL C . -9.84 -0.06 -9.92
H7 4NL C . -10.50 2.27 -7.49
N THR A 1 -3.94 17.47 -1.97
CA THR A 1 -4.50 16.64 -3.05
C THR A 1 -4.10 17.27 -4.37
N GLU A 2 -2.87 17.00 -4.82
CA GLU A 2 -2.34 17.53 -6.08
C GLU A 2 -1.60 16.36 -6.73
N PHE A 3 -2.35 15.33 -7.13
CA PHE A 3 -1.80 14.12 -7.76
C PHE A 3 -1.24 14.42 -9.18
N LYS A 4 0.04 14.10 -9.33
CA LYS A 4 0.79 14.23 -10.57
C LYS A 4 1.29 12.85 -10.95
N ALA A 5 0.91 12.42 -12.15
CA ALA A 5 1.26 11.11 -12.70
C ALA A 5 2.78 10.84 -12.65
N GLY A 6 3.14 9.57 -12.38
CA GLY A 6 4.53 9.13 -12.29
C GLY A 6 4.90 8.15 -13.39
N SER A 7 5.74 7.18 -13.05
CA SER A 7 6.24 6.15 -13.97
C SER A 7 6.80 4.97 -13.18
N ALA A 8 6.70 3.77 -13.77
CA ALA A 8 7.23 2.54 -13.14
C ALA A 8 8.71 2.64 -12.71
N LYS A 9 9.59 3.27 -13.51
CA LYS A 9 11.02 3.41 -13.17
C LYS A 9 11.34 4.49 -12.12
N LYS A 10 10.33 5.18 -11.58
CA LYS A 10 10.50 6.22 -10.55
C LYS A 10 9.87 5.77 -9.23
N GLY A 11 8.58 5.47 -9.25
CA GLY A 11 7.89 4.98 -8.06
C GLY A 11 8.54 3.73 -7.46
N ALA A 12 9.24 2.94 -8.30
CA ALA A 12 9.92 1.72 -7.86
C ALA A 12 11.04 2.02 -6.83
N THR A 13 11.94 2.99 -7.10
CA THR A 13 13.00 3.33 -6.14
C THR A 13 12.47 3.55 -4.71
N LEU A 14 11.28 4.13 -4.57
CA LEU A 14 10.62 4.37 -3.28
C LEU A 14 10.24 3.05 -2.61
N PHE A 15 9.12 2.46 -3.04
CA PHE A 15 8.61 1.18 -2.53
C PHE A 15 9.73 0.14 -2.35
N LYS A 16 10.67 0.09 -3.30
CA LYS A 16 11.78 -0.89 -3.31
C LYS A 16 12.76 -0.79 -2.11
N THR A 17 12.72 0.34 -1.37
CA THR A 17 13.59 0.61 -0.21
C THR A 17 12.81 1.34 0.94
N ARG A 18 11.47 1.23 0.87
CA ARG A 18 10.53 1.84 1.84
C ARG A 18 9.35 0.90 2.17
N CYS A 19 9.14 -0.11 1.32
CA CYS A 19 8.04 -1.07 1.47
C CYS A 19 8.51 -2.52 1.25
N LEU A 20 9.42 -2.72 0.28
CA LEU A 20 9.98 -4.05 -0.05
C LEU A 20 10.37 -4.88 1.19
N GLN A 21 10.93 -4.22 2.21
CA GLN A 21 11.35 -4.84 3.48
C GLN A 21 10.35 -5.88 4.06
N CYS A 22 9.04 -5.65 3.90
CA CYS A 22 7.99 -6.53 4.43
C CYS A 22 6.96 -7.00 3.38
N HIS A 23 6.63 -6.16 2.39
CA HIS A 23 5.63 -6.45 1.35
C HIS A 23 6.22 -7.02 0.05
N THR A 24 5.30 -7.44 -0.82
CA THR A 24 5.59 -7.98 -2.16
C THR A 24 4.68 -7.30 -3.20
N VAL A 25 5.27 -6.68 -4.23
CA VAL A 25 4.53 -5.92 -5.28
C VAL A 25 3.82 -6.81 -6.32
N GLU A 26 4.36 -7.99 -6.56
CA GLU A 26 3.84 -8.98 -7.51
C GLU A 26 3.40 -10.23 -6.74
N LYS A 27 2.96 -11.31 -7.41
CA LYS A 27 2.54 -12.52 -6.70
C LYS A 27 3.57 -13.67 -6.68
N GLY A 28 4.85 -13.40 -6.93
CA GLY A 28 5.88 -14.45 -6.94
C GLY A 28 6.61 -14.59 -5.58
N GLY A 29 6.61 -13.52 -4.78
CA GLY A 29 7.26 -13.49 -3.47
C GLY A 29 6.31 -13.93 -2.34
N PRO A 30 6.71 -14.90 -1.51
CA PRO A 30 5.87 -15.36 -0.40
C PRO A 30 5.59 -14.23 0.61
N HIS A 31 4.49 -14.34 1.33
CA HIS A 31 4.10 -13.35 2.33
C HIS A 31 5.22 -13.23 3.39
N LYS A 32 5.67 -11.99 3.65
CA LYS A 32 6.74 -11.73 4.62
C LYS A 32 6.17 -11.01 5.87
N VAL A 33 6.86 -9.98 6.37
CA VAL A 33 6.42 -9.20 7.53
C VAL A 33 5.12 -8.44 7.21
N GLY A 34 4.89 -8.21 5.90
CA GLY A 34 3.69 -7.54 5.38
C GLY A 34 2.95 -8.39 4.34
N PRO A 35 1.63 -8.19 4.19
CA PRO A 35 0.81 -8.95 3.22
C PRO A 35 1.09 -8.60 1.75
N ASN A 36 0.75 -9.52 0.85
CA ASN A 36 0.96 -9.31 -0.58
C ASN A 36 -0.06 -8.23 -1.09
N LEU A 37 0.46 -7.15 -1.70
CA LEU A 37 -0.32 -6.01 -2.20
C LEU A 37 -0.87 -6.21 -3.64
N HIS A 38 -0.31 -7.19 -4.38
CA HIS A 38 -0.70 -7.53 -5.75
C HIS A 38 -2.18 -7.95 -5.86
N GLY A 39 -3.03 -6.98 -6.21
CA GLY A 39 -4.48 -7.20 -6.37
C GLY A 39 -5.35 -6.40 -5.40
N ILE A 40 -4.77 -5.57 -4.52
CA ILE A 40 -5.58 -4.79 -3.58
C ILE A 40 -6.47 -3.76 -4.28
N PHE A 41 -5.99 -3.12 -5.35
CA PHE A 41 -6.76 -2.12 -6.11
C PHE A 41 -8.11 -2.69 -6.61
N GLY A 42 -9.19 -2.24 -5.96
CA GLY A 42 -10.56 -2.63 -6.26
C GLY A 42 -11.20 -3.55 -5.18
N ARG A 43 -10.39 -4.05 -4.24
CA ARG A 43 -10.86 -4.92 -3.14
C ARG A 43 -10.90 -4.13 -1.83
N HIS A 44 -11.44 -4.75 -0.79
CA HIS A 44 -11.59 -4.12 0.52
C HIS A 44 -10.35 -4.41 1.38
N SER A 45 -10.17 -3.64 2.45
CA SER A 45 -9.02 -3.83 3.36
C SER A 45 -8.98 -5.24 3.91
N GLY A 46 -7.78 -5.77 4.09
CA GLY A 46 -7.59 -7.12 4.63
C GLY A 46 -7.93 -8.30 3.71
N GLN A 47 -7.46 -8.32 2.44
CA GLN A 47 -7.76 -9.45 1.51
C GLN A 47 -6.54 -10.30 1.02
N ALA A 48 -5.36 -10.18 1.63
CA ALA A 48 -4.18 -10.97 1.22
C ALA A 48 -4.36 -12.51 1.35
N GLU A 49 -4.23 -13.23 0.23
CA GLU A 49 -4.40 -14.70 0.15
C GLU A 49 -3.19 -15.47 0.78
N GLY A 50 -3.16 -15.49 2.13
CA GLY A 50 -2.12 -16.20 2.90
C GLY A 50 -1.68 -15.49 4.21
N TYR A 51 -1.90 -14.18 4.31
CA TYR A 51 -1.51 -13.37 5.49
C TYR A 51 -2.74 -12.74 6.21
N SER A 52 -2.73 -12.84 7.56
CA SER A 52 -3.81 -12.31 8.42
C SER A 52 -3.63 -10.80 8.76
N TYR A 53 -4.77 -10.13 8.92
CA TYR A 53 -4.91 -8.68 9.23
C TYR A 53 -5.45 -8.44 10.69
N THR A 54 -5.32 -7.21 11.22
CA THR A 54 -5.80 -6.84 12.59
C THR A 54 -7.31 -6.67 12.70
N ASP A 55 -7.82 -6.69 13.94
CA ASP A 55 -9.24 -6.53 14.24
C ASP A 55 -9.82 -5.23 13.64
N ALA A 56 -9.01 -4.17 13.59
CA ALA A 56 -9.40 -2.84 13.11
C ALA A 56 -9.32 -2.68 11.57
N ASN A 57 -8.36 -3.33 10.89
CA ASN A 57 -8.20 -3.20 9.44
C ASN A 57 -9.32 -3.96 8.68
N ILE A 58 -9.72 -5.12 9.18
CA ILE A 58 -10.80 -5.94 8.60
C ILE A 58 -12.16 -5.23 8.76
N LYS A 59 -12.67 -5.08 9.98
CA LYS A 59 -13.87 -4.27 10.29
C LYS A 59 -13.98 -2.97 9.45
N LYS A 60 -12.86 -2.49 8.91
CA LYS A 60 -12.76 -1.23 8.15
C LYS A 60 -13.33 -1.31 6.72
N ASN A 61 -13.17 -2.49 6.07
CA ASN A 61 -13.62 -2.85 4.69
C ASN A 61 -13.44 -1.74 3.65
N VAL A 62 -12.39 -0.93 3.79
CA VAL A 62 -12.13 0.17 2.86
C VAL A 62 -11.78 -0.37 1.49
N LEU A 63 -12.40 0.18 0.44
CA LEU A 63 -12.15 -0.28 -0.92
C LEU A 63 -10.96 0.52 -1.50
N TRP A 64 -9.79 -0.09 -1.47
CA TRP A 64 -8.55 0.54 -1.93
C TRP A 64 -8.68 1.03 -3.38
N ASP A 65 -8.74 2.36 -3.51
CA ASP A 65 -8.86 3.10 -4.77
C ASP A 65 -7.58 3.94 -5.01
N GLU A 66 -7.58 4.76 -6.07
CA GLU A 66 -6.44 5.59 -6.44
C GLU A 66 -6.09 6.59 -5.32
N ASN A 67 -7.10 7.34 -4.86
CA ASN A 67 -6.94 8.31 -3.77
C ASN A 67 -6.92 7.60 -2.38
N ASN A 68 -7.85 6.67 -2.13
CA ASN A 68 -7.91 5.93 -0.85
C ASN A 68 -6.57 5.29 -0.42
N MET A 69 -5.87 4.56 -1.29
CA MET A 69 -4.54 3.99 -0.93
C MET A 69 -3.55 5.08 -0.45
N SER A 70 -3.56 6.26 -1.08
CA SER A 70 -2.70 7.40 -0.69
C SER A 70 -2.99 7.89 0.75
N GLU A 71 -4.27 7.90 1.15
CA GLU A 71 -4.69 8.29 2.50
C GLU A 71 -3.90 7.49 3.56
N TYR A 72 -3.91 6.16 3.42
CA TYR A 72 -3.20 5.20 4.29
C TYR A 72 -1.68 5.39 4.28
N LEU A 73 -1.05 5.64 3.12
CA LEU A 73 0.41 5.83 3.07
C LEU A 73 0.92 7.01 3.92
N THR A 74 0.20 8.15 3.96
CA THR A 74 0.61 9.31 4.76
C THR A 74 0.61 9.01 6.26
N ASN A 75 -0.30 8.16 6.73
CA ASN A 75 -0.39 7.79 8.16
C ASN A 75 -1.31 6.56 8.37
N PRO A 76 -0.74 5.34 8.27
CA PRO A 76 -1.52 4.09 8.45
C PRO A 76 -2.18 3.95 9.83
N LYS A 77 -1.38 4.16 10.88
CA LYS A 77 -1.84 4.06 12.28
C LYS A 77 -2.98 5.04 12.57
N LYS A 78 -2.97 6.22 11.94
CA LYS A 78 -4.05 7.20 12.13
C LYS A 78 -5.33 6.80 11.37
N TYR A 79 -5.21 6.26 10.17
CA TYR A 79 -6.34 5.79 9.36
C TYR A 79 -7.02 4.51 9.93
N ILE A 80 -6.19 3.60 10.43
CA ILE A 80 -6.63 2.33 11.02
C ILE A 80 -5.88 2.15 12.37
N PRO A 81 -6.53 2.51 13.49
CA PRO A 81 -5.94 2.40 14.83
C PRO A 81 -5.72 0.95 15.26
N GLY A 82 -4.46 0.60 15.51
CA GLY A 82 -4.12 -0.77 15.93
C GLY A 82 -3.35 -1.59 14.86
N THR A 83 -3.23 -1.05 13.64
CA THR A 83 -2.53 -1.71 12.51
C THR A 83 -1.09 -2.12 12.82
N LYS A 84 -0.70 -3.30 12.33
CA LYS A 84 0.65 -3.85 12.52
C LYS A 84 1.74 -3.09 11.73
N MET A 85 1.38 -2.36 10.66
CA MET A 85 2.37 -1.61 9.86
C MET A 85 2.96 -0.41 10.65
N ALA A 86 4.21 -0.61 11.10
CA ALA A 86 4.95 0.36 11.92
C ALA A 86 5.90 1.30 11.13
N PHE A 87 5.63 1.38 9.82
CA PHE A 87 6.34 2.19 8.81
C PHE A 87 6.39 3.71 9.09
N GLY A 88 5.52 4.25 9.94
CA GLY A 88 5.53 5.70 10.23
C GLY A 88 4.64 6.56 9.33
N GLY A 89 4.60 6.24 8.03
CA GLY A 89 3.79 6.97 7.03
C GLY A 89 4.55 8.08 6.29
N LEU A 90 4.58 8.00 4.96
CA LEU A 90 5.25 8.98 4.09
C LEU A 90 4.43 10.29 4.01
N LYS A 91 4.88 11.24 4.84
CA LYS A 91 4.29 12.59 5.01
C LYS A 91 4.55 13.54 3.82
N LYS A 92 4.92 12.98 2.66
CA LYS A 92 5.19 13.74 1.44
C LYS A 92 4.22 13.38 0.30
N GLU A 93 3.16 14.17 0.14
CA GLU A 93 2.14 13.97 -0.90
C GLU A 93 2.69 13.78 -2.33
N LYS A 94 3.59 14.65 -2.77
CA LYS A 94 4.17 14.57 -4.13
C LYS A 94 4.80 13.21 -4.40
N ASP A 95 5.56 12.75 -3.43
CA ASP A 95 6.24 11.47 -3.38
C ASP A 95 5.26 10.28 -3.59
N ARG A 96 4.11 10.28 -2.87
CA ARG A 96 3.07 9.22 -3.07
C ARG A 96 2.52 9.23 -4.50
N ASN A 97 2.39 10.41 -5.11
CA ASN A 97 1.88 10.55 -6.49
C ASN A 97 2.54 9.51 -7.45
N ASP A 98 3.87 9.53 -7.56
CA ASP A 98 4.63 8.55 -8.38
C ASP A 98 4.47 7.10 -7.85
N LEU A 99 4.44 6.92 -6.52
CA LEU A 99 4.25 5.60 -5.87
C LEU A 99 2.97 4.87 -6.38
N ILE A 100 1.89 5.62 -6.61
CA ILE A 100 0.61 5.08 -7.11
C ILE A 100 0.82 4.47 -8.51
N THR A 101 1.42 5.22 -9.44
CA THR A 101 1.68 4.76 -10.81
C THR A 101 2.43 3.40 -10.82
N TYR A 102 3.44 3.24 -9.97
CA TYR A 102 4.20 1.97 -9.88
C TYR A 102 3.31 0.81 -9.40
N LEU A 103 2.66 0.96 -8.24
CA LEU A 103 1.77 -0.08 -7.68
C LEU A 103 0.60 -0.38 -8.63
N LYS A 104 0.00 0.69 -9.15
CA LYS A 104 -1.09 0.61 -10.11
C LYS A 104 -0.65 -0.17 -11.36
N LYS A 105 0.60 0.01 -11.83
CA LYS A 105 1.16 -0.67 -13.03
C LYS A 105 1.41 -2.19 -12.87
N ALA A 106 1.74 -2.56 -11.64
CA ALA A 106 2.01 -3.92 -11.17
C ALA A 106 0.70 -4.74 -10.90
N THR A 107 -0.36 -4.08 -10.41
CA THR A 107 -1.68 -4.67 -10.16
C THR A 107 -2.49 -4.78 -11.47
N GLU A 108 -2.44 -3.75 -12.33
CA GLU A 108 -3.18 -3.76 -13.60
C GLU A 108 -2.25 -3.52 -14.81
FE HEC B . 2.28 -1.78 4.64
CHA HEC B . -0.87 -3.16 5.22
CHB HEC B . 1.10 -0.20 1.80
CHC HEC B . 5.42 -0.43 4.11
CHD HEC B . 3.61 -3.82 7.14
NA HEC B . 0.48 -1.66 3.71
C1A HEC B . -0.74 -2.27 4.13
C2A HEC B . -1.76 -1.98 3.17
C3A HEC B . -1.21 -1.18 2.19
C4A HEC B . 0.16 -0.98 2.53
CMA HEC B . -1.94 -0.64 0.99
CAA HEC B . -3.18 -2.44 3.24
CBA HEC B . -3.36 -3.92 2.84
CGA HEC B . -4.82 -4.37 3.00
O1A HEC B . -5.55 -3.74 3.79
O2A HEC B . -5.21 -5.37 2.37
NB HEC B . 3.09 -0.52 3.25
C1B HEC B . 2.46 0.01 2.12
C2B HEC B . 3.37 0.81 1.38
C3B HEC B . 4.58 0.80 2.08
C4B HEC B . 4.40 -0.03 3.23
CMB HEC B . 3.13 1.39 0.02
CAB HEC B . 5.84 1.57 1.77
CBB HEC B . 5.64 3.09 1.87
NC HEC B . 4.13 -2.02 5.50
C1C HEC B . 5.32 -1.34 5.18
C2C HEC B . 6.42 -1.87 5.91
C3C HEC B . 5.94 -2.89 6.70
C4C HEC B . 4.52 -2.96 6.47
CMC HEC B . 7.85 -1.40 5.78
CAC HEC B . 6.74 -3.91 7.46
CBC HEC B . 7.27 -3.36 8.78
ND HEC B . 1.50 -3.16 5.97
C1D HEC B . 2.21 -3.93 6.90
C2D HEC B . 1.33 -4.81 7.58
C3D HEC B . 0.05 -4.57 7.12
C4D HEC B . 0.15 -3.56 6.10
CMD HEC B . 1.78 -5.93 8.45
CAD HEC B . -1.21 -5.15 7.70
CBD HEC B . -1.68 -4.36 8.93
CGD HEC B . -2.52 -5.18 9.93
O1D HEC B . -3.15 -6.19 9.56
O2D HEC B . -2.53 -4.78 11.11
HHA HEC B . -1.90 -3.48 5.48
HHB HEC B . 0.73 0.26 0.86
HHC HEC B . 6.39 0.11 4.04
HHD HEC B . 4.03 -4.55 7.84
HMA1 HEC B . -2.16 0.41 1.14
HMA2 HEC B . -2.88 -1.18 0.86
HMA3 HEC B . -1.34 -0.76 0.11
HAA1 HEC B . -3.78 -1.84 2.58
HAA2 HEC B . -3.54 -2.32 4.25
HBA1 HEC B . -2.73 -4.53 3.46
HBA2 HEC B . -3.07 -4.04 1.81
HMB1 HEC B . 2.08 1.24 -0.24
HMB2 HEC B . 3.74 0.89 -0.72
HMB3 HEC B . 3.35 2.44 0.02
HAB HEC B . 6.56 1.31 2.52
HBB1 HEC B . 4.84 3.28 2.57
HBB2 HEC B . 5.40 3.50 0.92
HBB3 HEC B . 6.56 3.52 2.26
HMC1 HEC B . 7.93 -0.36 6.03
HMC2 HEC B . 8.18 -1.55 4.75
HMC3 HEC B . 8.48 -1.98 6.43
HAC HEC B . 6.07 -4.71 7.72
HBC1 HEC B . 6.43 -3.23 9.46
HBC2 HEC B . 7.76 -2.42 8.63
HBC3 HEC B . 7.97 -4.07 9.21
HMD1 HEC B . 2.42 -5.54 9.24
HMD2 HEC B . 2.35 -6.64 7.87
HMD3 HEC B . 0.94 -6.41 8.90
HAD1 HEC B . -1.03 -6.17 7.98
HAD2 HEC B . -2.01 -5.12 6.95
HBD1 HEC B . -2.26 -3.52 8.61
HBD2 HEC B . -0.81 -4.01 9.46
C2 4NL C . -8.32 0.45 -9.71
C6 4NL C . -7.63 2.10 -8.12
C3 4NL C . -7.01 0.29 -10.12
C4 4NL C . -6.00 1.04 -9.53
C5 4NL C . -6.31 1.94 -8.52
C1 4NL C . -8.63 1.35 -8.71
N1 4NL C . -10.00 1.50 -8.29
O1 4NL C . -4.66 0.89 -9.94
H2 4NL C . -6.75 -0.44 -10.94
H6 4NL C . -10.63 2.16 -8.77
H3 4NL C . -5.50 2.55 -8.04
H5 4NL C . -4.62 0.24 -10.69
H4 4NL C . -7.89 2.84 -7.32
H1 4NL C . -9.13 -0.16 -10.21
H7 4NL C . -10.36 0.97 -7.47
N THR A 1 -3.85 15.32 -2.12
CA THR A 1 -4.81 15.44 -3.22
C THR A 1 -4.20 16.35 -4.27
N GLU A 2 -2.94 16.10 -4.62
CA GLU A 2 -2.22 16.87 -5.63
C GLU A 2 -1.50 15.86 -6.53
N PHE A 3 -2.12 14.68 -6.66
CA PHE A 3 -1.56 13.58 -7.47
C PHE A 3 -1.22 14.04 -8.91
N LYS A 4 -0.10 13.51 -9.39
CA LYS A 4 0.44 13.76 -10.72
C LYS A 4 1.10 12.47 -11.20
N ALA A 5 0.72 12.05 -12.40
CA ALA A 5 1.20 10.81 -13.02
C ALA A 5 2.74 10.68 -12.95
N GLY A 6 3.20 9.44 -12.75
CA GLY A 6 4.63 9.12 -12.64
C GLY A 6 5.08 8.14 -13.74
N SER A 7 5.97 7.24 -13.36
CA SER A 7 6.54 6.21 -14.25
C SER A 7 7.09 5.05 -13.43
N ALA A 8 6.83 3.82 -13.87
CA ALA A 8 7.30 2.62 -13.18
C ALA A 8 8.80 2.64 -12.80
N LYS A 9 9.68 3.22 -13.64
CA LYS A 9 11.13 3.28 -13.35
C LYS A 9 11.56 4.35 -12.34
N LYS A 10 10.60 5.09 -11.76
CA LYS A 10 10.89 6.14 -10.75
C LYS A 10 10.25 5.76 -9.42
N GLY A 11 8.96 5.41 -9.44
CA GLY A 11 8.27 4.97 -8.23
C GLY A 11 8.89 3.70 -7.62
N ALA A 12 9.50 2.86 -8.45
CA ALA A 12 10.15 1.62 -8.01
C ALA A 12 11.27 1.89 -6.98
N THR A 13 12.20 2.82 -7.26
CA THR A 13 13.28 3.14 -6.30
C THR A 13 12.76 3.42 -4.88
N LEU A 14 11.57 4.04 -4.76
CA LEU A 14 10.93 4.36 -3.48
C LEU A 14 10.52 3.08 -2.76
N PHE A 15 9.39 2.49 -3.16
CA PHE A 15 8.87 1.24 -2.60
C PHE A 15 9.97 0.21 -2.33
N LYS A 16 10.97 0.13 -3.22
CA LYS A 16 12.08 -0.84 -3.14
C LYS A 16 12.94 -0.72 -1.86
N THR A 17 12.87 0.44 -1.16
CA THR A 17 13.63 0.72 0.07
C THR A 17 12.75 1.45 1.14
N ARG A 18 11.43 1.18 1.05
CA ARG A 18 10.40 1.77 1.95
C ARG A 18 9.25 0.79 2.22
N CYS A 19 8.98 -0.10 1.25
CA CYS A 19 7.89 -1.07 1.33
C CYS A 19 8.39 -2.50 1.11
N LEU A 20 9.38 -2.68 0.22
CA LEU A 20 9.97 -3.98 -0.10
C LEU A 20 10.41 -4.78 1.15
N GLN A 21 10.96 -4.07 2.15
CA GLN A 21 11.41 -4.65 3.44
C GLN A 21 10.44 -5.69 4.05
N CYS A 22 9.13 -5.49 3.90
CA CYS A 22 8.10 -6.40 4.43
C CYS A 22 7.10 -6.94 3.39
N HIS A 23 6.77 -6.13 2.37
CA HIS A 23 5.76 -6.47 1.34
C HIS A 23 6.35 -7.06 0.05
N THR A 24 5.43 -7.41 -0.85
CA THR A 24 5.73 -7.97 -2.18
C THR A 24 4.86 -7.27 -3.24
N VAL A 25 5.49 -6.67 -4.25
CA VAL A 25 4.79 -5.94 -5.35
C VAL A 25 4.12 -6.86 -6.40
N GLU A 26 4.67 -8.05 -6.56
CA GLU A 26 4.19 -9.06 -7.53
C GLU A 26 3.67 -10.28 -6.75
N LYS A 27 3.26 -11.36 -7.42
CA LYS A 27 2.76 -12.54 -6.69
C LYS A 27 3.74 -13.72 -6.59
N GLY A 28 5.04 -13.49 -6.79
CA GLY A 28 6.03 -14.57 -6.69
C GLY A 28 6.64 -14.73 -5.28
N GLY A 29 6.67 -13.63 -4.52
CA GLY A 29 7.22 -13.61 -3.16
C GLY A 29 6.19 -14.00 -2.10
N PRO A 30 6.48 -14.97 -1.23
CA PRO A 30 5.55 -15.37 -0.17
C PRO A 30 5.28 -14.21 0.80
N HIS A 31 4.15 -14.28 1.50
CA HIS A 31 3.77 -13.26 2.46
C HIS A 31 4.84 -13.12 3.55
N LYS A 32 5.55 -11.97 3.58
CA LYS A 32 6.60 -11.71 4.56
C LYS A 32 6.02 -10.97 5.79
N VAL A 33 6.72 -9.95 6.31
CA VAL A 33 6.27 -9.16 7.47
C VAL A 33 4.92 -8.48 7.16
N GLY A 34 4.67 -8.25 5.85
CA GLY A 34 3.43 -7.63 5.36
C GLY A 34 2.75 -8.48 4.26
N PRO A 35 1.45 -8.25 4.00
CA PRO A 35 0.70 -8.99 2.98
C PRO A 35 1.10 -8.67 1.53
N ASN A 36 0.59 -9.44 0.58
CA ASN A 36 0.91 -9.23 -0.84
C ASN A 36 0.00 -8.08 -1.39
N LEU A 37 0.63 -7.08 -2.03
CA LEU A 37 -0.02 -5.88 -2.58
C LEU A 37 -0.55 -6.07 -4.04
N HIS A 38 -0.02 -7.07 -4.76
CA HIS A 38 -0.37 -7.39 -6.14
C HIS A 38 -1.85 -7.79 -6.30
N GLY A 39 -2.68 -6.80 -6.66
CA GLY A 39 -4.12 -7.01 -6.86
C GLY A 39 -5.01 -6.36 -5.79
N ILE A 40 -4.51 -5.40 -5.00
CA ILE A 40 -5.34 -4.78 -3.97
C ILE A 40 -6.35 -3.77 -4.53
N PHE A 41 -6.02 -3.08 -5.63
CA PHE A 41 -6.91 -2.09 -6.25
C PHE A 41 -8.24 -2.71 -6.71
N GLY A 42 -9.32 -2.31 -6.03
CA GLY A 42 -10.69 -2.77 -6.28
C GLY A 42 -11.24 -3.72 -5.20
N ARG A 43 -10.44 -4.03 -4.17
CA ARG A 43 -10.82 -4.92 -3.07
C ARG A 43 -10.87 -4.13 -1.75
N HIS A 44 -11.42 -4.76 -0.72
CA HIS A 44 -11.54 -4.13 0.59
C HIS A 44 -10.29 -4.42 1.42
N SER A 45 -10.08 -3.65 2.52
CA SER A 45 -8.92 -3.85 3.39
C SER A 45 -8.96 -5.24 4.04
N GLY A 46 -7.80 -5.89 4.10
CA GLY A 46 -7.68 -7.22 4.70
C GLY A 46 -8.01 -8.42 3.78
N GLN A 47 -7.58 -8.44 2.51
CA GLN A 47 -7.88 -9.58 1.59
C GLN A 47 -6.66 -10.44 1.10
N ALA A 48 -5.51 -10.41 1.79
CA ALA A 48 -4.33 -11.21 1.39
C ALA A 48 -4.61 -12.74 1.28
N GLU A 49 -4.23 -13.33 0.14
CA GLU A 49 -4.42 -14.77 -0.16
C GLU A 49 -3.44 -15.67 0.66
N GLY A 50 -3.71 -15.78 1.98
CA GLY A 50 -2.90 -16.61 2.90
C GLY A 50 -2.23 -15.82 4.06
N TYR A 51 -2.74 -14.63 4.38
CA TYR A 51 -2.18 -13.78 5.46
C TYR A 51 -3.31 -13.11 6.31
N SER A 52 -3.08 -13.04 7.64
CA SER A 52 -4.03 -12.46 8.62
C SER A 52 -3.78 -10.97 8.90
N TYR A 53 -4.90 -10.24 9.11
CA TYR A 53 -4.97 -8.79 9.42
C TYR A 53 -5.47 -8.52 10.89
N THR A 54 -5.28 -7.29 11.41
CA THR A 54 -5.69 -6.91 12.79
C THR A 54 -7.19 -6.66 12.94
N ASP A 55 -7.65 -6.55 14.20
CA ASP A 55 -9.06 -6.31 14.54
C ASP A 55 -9.60 -5.02 13.88
N ALA A 56 -8.75 -4.00 13.75
CA ALA A 56 -9.10 -2.69 13.19
C ALA A 56 -9.07 -2.63 11.64
N ASN A 57 -8.14 -3.34 10.98
CA ASN A 57 -8.02 -3.30 9.51
C ASN A 57 -9.21 -4.03 8.82
N ILE A 58 -9.65 -5.15 9.41
CA ILE A 58 -10.79 -5.93 8.89
C ILE A 58 -12.10 -5.12 9.01
N LYS A 59 -12.59 -4.88 10.23
CA LYS A 59 -13.72 -3.96 10.50
C LYS A 59 -13.75 -2.70 9.60
N LYS A 60 -12.59 -2.34 9.03
CA LYS A 60 -12.41 -1.12 8.21
C LYS A 60 -12.89 -1.28 6.75
N ASN A 61 -12.69 -2.50 6.17
CA ASN A 61 -13.05 -2.94 4.79
C ASN A 61 -13.04 -1.80 3.75
N VAL A 62 -12.02 -0.94 3.79
CA VAL A 62 -11.93 0.18 2.85
C VAL A 62 -11.69 -0.33 1.44
N LEU A 63 -12.37 0.27 0.46
CA LEU A 63 -12.19 -0.14 -0.94
C LEU A 63 -10.94 0.58 -1.49
N TRP A 64 -9.82 -0.15 -1.52
CA TRP A 64 -8.54 0.38 -1.97
C TRP A 64 -8.63 0.94 -3.40
N ASP A 65 -8.61 2.28 -3.48
CA ASP A 65 -8.70 3.07 -4.70
C ASP A 65 -7.43 3.93 -4.86
N GLU A 66 -7.40 4.79 -5.88
CA GLU A 66 -6.25 5.65 -6.20
C GLU A 66 -6.06 6.72 -5.10
N ASN A 67 -7.09 7.53 -4.87
CA ASN A 67 -7.06 8.58 -3.85
C ASN A 67 -7.07 7.99 -2.42
N ASN A 68 -7.87 6.95 -2.15
CA ASN A 68 -7.95 6.31 -0.82
C ASN A 68 -6.60 5.72 -0.32
N MET A 69 -5.79 5.08 -1.17
CA MET A 69 -4.47 4.56 -0.75
C MET A 69 -3.61 5.65 -0.07
N SER A 70 -3.62 6.89 -0.61
CA SER A 70 -2.89 8.03 -0.03
C SER A 70 -3.45 8.45 1.35
N GLU A 71 -4.78 8.39 1.51
CA GLU A 71 -5.46 8.74 2.76
C GLU A 71 -4.83 7.97 3.95
N TYR A 72 -4.77 6.64 3.82
CA TYR A 72 -4.18 5.72 4.80
C TYR A 72 -2.65 5.85 4.89
N LEU A 73 -1.93 6.05 3.79
CA LEU A 73 -0.47 6.18 3.84
C LEU A 73 0.03 7.33 4.73
N THR A 74 -0.66 8.48 4.74
CA THR A 74 -0.27 9.63 5.59
C THR A 74 -0.10 9.23 7.06
N ASN A 75 -0.96 8.33 7.57
CA ASN A 75 -0.87 7.85 8.96
C ASN A 75 -1.68 6.54 9.15
N PRO A 76 -1.07 5.37 8.92
CA PRO A 76 -1.75 4.07 9.10
C PRO A 76 -2.26 3.86 10.54
N LYS A 77 -1.54 4.40 11.50
CA LYS A 77 -1.89 4.31 12.94
C LYS A 77 -3.14 5.13 13.27
N LYS A 78 -3.32 6.27 12.62
CA LYS A 78 -4.49 7.14 12.87
C LYS A 78 -5.77 6.56 12.24
N TYR A 79 -5.68 6.04 11.03
CA TYR A 79 -6.82 5.43 10.32
C TYR A 79 -7.20 4.02 10.85
N ILE A 80 -6.19 3.19 11.08
CA ILE A 80 -6.33 1.84 11.58
C ILE A 80 -5.55 1.73 12.92
N PRO A 81 -6.20 2.07 14.04
CA PRO A 81 -5.58 2.03 15.37
C PRO A 81 -5.28 0.61 15.83
N GLY A 82 -4.00 0.28 15.92
CA GLY A 82 -3.56 -1.07 16.34
C GLY A 82 -3.00 -1.95 15.20
N THR A 83 -2.90 -1.40 13.98
CA THR A 83 -2.40 -2.12 12.79
C THR A 83 -0.90 -2.48 12.87
N LYS A 84 -0.54 -3.58 12.22
CA LYS A 84 0.85 -4.07 12.18
C LYS A 84 1.78 -3.23 11.29
N MET A 85 1.26 -2.31 10.48
CA MET A 85 2.09 -1.49 9.58
C MET A 85 2.70 -0.26 10.31
N ALA A 86 3.83 -0.52 10.97
CA ALA A 86 4.57 0.48 11.76
C ALA A 86 5.63 1.31 10.97
N PHE A 87 5.48 1.27 9.65
CA PHE A 87 6.30 1.96 8.62
C PHE A 87 6.52 3.47 8.87
N GLY A 88 5.57 4.19 9.49
CA GLY A 88 5.75 5.63 9.75
C GLY A 88 4.59 6.52 9.31
N GLY A 89 4.43 6.73 7.99
CA GLY A 89 3.36 7.55 7.41
C GLY A 89 3.85 8.62 6.41
N LEU A 90 3.74 8.30 5.11
CA LEU A 90 4.17 9.19 4.02
C LEU A 90 3.14 10.32 3.80
N LYS A 91 3.59 11.53 4.17
CA LYS A 91 2.83 12.80 4.09
C LYS A 91 3.28 13.71 2.93
N LYS A 92 4.24 13.24 2.12
CA LYS A 92 4.79 13.99 0.97
C LYS A 92 4.15 13.55 -0.37
N GLU A 93 3.26 14.38 -0.89
CA GLU A 93 2.54 14.12 -2.16
C GLU A 93 3.45 13.84 -3.37
N LYS A 94 4.49 14.66 -3.56
CA LYS A 94 5.42 14.50 -4.70
C LYS A 94 5.94 13.05 -4.80
N ASP A 95 6.29 12.52 -3.64
CA ASP A 95 6.79 11.17 -3.43
C ASP A 95 5.69 10.10 -3.73
N ARG A 96 4.44 10.31 -3.29
CA ARG A 96 3.33 9.38 -3.59
C ARG A 96 2.97 9.37 -5.09
N ASN A 97 3.05 10.51 -5.76
CA ASN A 97 2.74 10.64 -7.20
C ASN A 97 3.31 9.45 -8.00
N ASP A 98 4.62 9.25 -7.99
CA ASP A 98 5.29 8.12 -8.68
C ASP A 98 4.97 6.76 -8.00
N LEU A 99 4.89 6.73 -6.67
CA LEU A 99 4.57 5.51 -5.89
C LEU A 99 3.25 4.85 -6.34
N ILE A 100 2.19 5.65 -6.53
CA ILE A 100 0.88 5.17 -6.99
C ILE A 100 0.99 4.58 -8.40
N THR A 101 1.59 5.33 -9.34
CA THR A 101 1.80 4.86 -10.72
C THR A 101 2.53 3.51 -10.78
N TYR A 102 3.54 3.30 -9.91
CA TYR A 102 4.25 2.01 -9.84
C TYR A 102 3.32 0.85 -9.47
N LEU A 103 2.64 0.94 -8.32
CA LEU A 103 1.69 -0.09 -7.88
C LEU A 103 0.53 -0.27 -8.87
N LYS A 104 0.03 0.87 -9.35
CA LYS A 104 -1.04 0.94 -10.34
C LYS A 104 -0.63 0.20 -11.62
N LYS A 105 0.66 0.33 -12.04
CA LYS A 105 1.21 -0.32 -13.27
C LYS A 105 1.38 -1.86 -13.16
N ALA A 106 1.63 -2.30 -11.95
CA ALA A 106 1.80 -3.69 -11.51
C ALA A 106 0.45 -4.46 -11.36
N THR A 107 -0.61 -3.77 -10.90
CA THR A 107 -1.97 -4.31 -10.75
C THR A 107 -2.75 -4.27 -12.08
N GLU A 108 -2.60 -3.19 -12.87
CA GLU A 108 -3.29 -3.07 -14.16
C GLU A 108 -2.31 -2.84 -15.33
FE HEC B . 2.25 -1.82 4.50
CHA HEC B . -0.86 -3.28 5.09
CHB HEC B . 1.03 -0.35 1.61
CHC HEC B . 5.36 -0.38 3.95
CHD HEC B . 3.62 -3.75 7.05
NA HEC B . 0.44 -1.78 3.56
C1A HEC B . -0.75 -2.41 3.98
C2A HEC B . -1.77 -2.19 3.01
C3A HEC B . -1.24 -1.39 2.01
C4A HEC B . 0.13 -1.14 2.35
CMA HEC B . -1.99 -0.90 0.79
CAA HEC B . -3.17 -2.69 3.08
CBA HEC B . -3.30 -4.18 2.71
CGA HEC B . -4.75 -4.67 2.88
O1A HEC B . -5.50 -4.05 3.65
O2A HEC B . -5.10 -5.70 2.28
NB HEC B . 3.03 -0.57 3.08
C1B HEC B . 2.39 -0.09 1.94
C2B HEC B . 3.29 0.73 1.18
C3B HEC B . 4.48 0.78 1.89
C4B HEC B . 4.32 -0.02 3.05
CMB HEC B . 3.03 1.26 -0.20
CAB HEC B . 5.72 1.58 1.57
CBB HEC B . 5.48 3.08 1.63
NC HEC B . 4.11 -1.97 5.38
C1C HEC B . 5.26 -1.26 5.04
C2C HEC B . 6.38 -1.73 5.80
C3C HEC B . 5.93 -2.75 6.61
C4C HEC B . 4.50 -2.87 6.37
CMC HEC B . 7.80 -1.24 5.66
CAC HEC B . 6.77 -3.72 7.40
CBC HEC B . 7.25 -3.13 8.71
ND HEC B . 1.50 -3.18 5.86
C1D HEC B . 2.24 -3.91 6.81
C2D HEC B . 1.38 -4.80 7.50
C3D HEC B . 0.09 -4.61 7.03
C4D HEC B . 0.18 -3.63 5.99
CMD HEC B . 1.86 -5.88 8.41
CAD HEC B . -1.16 -5.22 7.62
CBD HEC B . -1.66 -4.42 8.83
CGD HEC B . -2.48 -5.23 9.84
O1D HEC B . -3.07 -6.27 9.50
O2D HEC B . -2.50 -4.81 11.01
HHA HEC B . -1.88 -3.63 5.35
HHB HEC B . 0.67 0.08 0.66
HHC HEC B . 6.29 0.20 3.87
HHD HEC B . 4.07 -4.44 7.78
HMA1 HEC B . -2.23 0.14 0.91
HMA2 HEC B . -2.89 -1.48 0.68
HMA3 HEC B . -1.37 -1.02 -0.09
HAA1 HEC B . -3.79 -2.12 2.41
HAA2 HEC B . -3.54 -2.55 4.09
HBA1 HEC B . -2.67 -4.76 3.36
HBA2 HEC B . -3.00 -4.32 1.70
HMB1 HEC B . 1.99 1.08 -0.47
HMB2 HEC B . 3.67 0.76 -0.91
HMB3 HEC B . 3.22 2.32 -0.22
HAB HEC B . 6.44 1.35 2.33
HBB1 HEC B . 4.67 3.27 2.32
HBB2 HEC B . 5.23 3.47 0.67
HBB3 HEC B . 6.38 3.57 2.01
HMC1 HEC B . 7.85 -0.19 5.89
HMC2 HEC B . 8.13 -1.39 4.65
HMC3 HEC B . 8.44 -1.78 6.33
HAC HEC B . 6.12 -4.54 7.67
HBC1 HEC B . 6.41 -3.00 9.38
HBC2 HEC B . 7.72 -2.18 8.53
HBC3 HEC B . 7.97 -3.81 9.17
HMD1 HEC B . 2.48 -5.45 9.19
HMD2 HEC B . 2.45 -6.60 7.84
HMD3 HEC B . 1.02 -6.39 8.86
HAD1 HEC B . -0.95 -6.23 7.93
HAD2 HEC B . -1.93 -5.24 6.87
HBD1 HEC B . -2.26 -3.60 8.47
HBD2 HEC B . -0.80 -4.01 9.35
C2 4NL C . -8.03 0.78 -9.97
C6 4NL C . -7.54 2.42 -8.30
C3 4NL C . -6.70 0.76 -10.35
C4 4NL C . -5.79 1.57 -9.68
C5 4NL C . -6.21 2.41 -8.67
C1 4NL C . -8.45 1.62 -8.95
N1 4NL C . -9.85 1.63 -8.56
O1 4NL C . -4.43 1.55 -10.07
H2 4NL C . -6.35 0.09 -11.18
H6 4NL C . -10.53 1.06 -9.08
H3 4NL C . -5.47 3.06 -8.14
H5 4NL C . -4.30 0.92 -10.83
H4 4NL C . -7.89 3.10 -7.48
H1 4NL C . -8.78 0.13 -10.51
H7 4NL C . -10.15 2.22 -7.78
N THR A 1 -4.46 16.78 -2.38
CA THR A 1 -5.22 16.34 -3.57
C THR A 1 -4.63 17.03 -4.79
N GLU A 2 -3.33 16.87 -5.00
CA GLU A 2 -2.61 17.47 -6.14
C GLU A 2 -1.79 16.35 -6.77
N PHE A 3 -2.50 15.34 -7.31
CA PHE A 3 -1.86 14.19 -7.96
C PHE A 3 -1.18 14.58 -9.29
N LYS A 4 0.09 14.21 -9.38
CA LYS A 4 0.95 14.43 -10.54
C LYS A 4 1.49 13.06 -10.97
N ALA A 5 1.22 12.70 -12.22
CA ALA A 5 1.65 11.45 -12.83
C ALA A 5 3.17 11.20 -12.66
N GLY A 6 3.53 9.93 -12.44
CA GLY A 6 4.92 9.51 -12.26
C GLY A 6 5.41 8.62 -13.40
N SER A 7 6.24 7.64 -13.06
CA SER A 7 6.82 6.68 -14.00
C SER A 7 7.35 5.45 -13.25
N ALA A 8 7.21 4.27 -13.85
CA ALA A 8 7.69 3.02 -13.26
C ALA A 8 9.14 3.10 -12.71
N LYS A 9 10.08 3.73 -13.44
CA LYS A 9 11.48 3.85 -12.98
C LYS A 9 11.72 4.86 -11.83
N LYS A 10 10.65 5.46 -11.30
CA LYS A 10 10.75 6.43 -10.18
C LYS A 10 10.00 5.90 -8.96
N GLY A 11 8.71 5.59 -9.13
CA GLY A 11 7.91 5.02 -8.05
C GLY A 11 8.51 3.72 -7.51
N ALA A 12 9.19 2.95 -8.37
CA ALA A 12 9.84 1.70 -7.99
C ALA A 12 10.93 1.91 -6.92
N THR A 13 11.87 2.85 -7.12
CA THR A 13 12.91 3.13 -6.12
C THR A 13 12.33 3.33 -4.69
N LEU A 14 11.15 3.93 -4.58
CA LEU A 14 10.47 4.19 -3.30
C LEU A 14 10.05 2.87 -2.65
N PHE A 15 8.93 2.30 -3.12
CA PHE A 15 8.41 1.02 -2.63
C PHE A 15 9.51 -0.04 -2.42
N LYS A 16 10.49 -0.08 -3.33
CA LYS A 16 11.59 -1.07 -3.31
C LYS A 16 12.56 -0.93 -2.10
N THR A 17 12.54 0.23 -1.42
CA THR A 17 13.39 0.52 -0.25
C THR A 17 12.60 1.30 0.85
N ARG A 18 11.27 1.12 0.81
CA ARG A 18 10.32 1.75 1.77
C ARG A 18 9.15 0.80 2.12
N CYS A 19 8.94 -0.21 1.27
CA CYS A 19 7.84 -1.17 1.44
C CYS A 19 8.32 -2.62 1.23
N LEU A 20 9.26 -2.82 0.30
CA LEU A 20 9.83 -4.16 -0.01
C LEU A 20 10.24 -4.95 1.26
N GLN A 21 10.82 -4.27 2.25
CA GLN A 21 11.25 -4.86 3.53
C GLN A 21 10.28 -5.90 4.13
N CYS A 22 8.96 -5.69 3.96
CA CYS A 22 7.92 -6.60 4.48
C CYS A 22 6.92 -7.11 3.43
N HIS A 23 6.60 -6.28 2.42
CA HIS A 23 5.61 -6.61 1.37
C HIS A 23 6.22 -7.16 0.08
N THR A 24 5.32 -7.45 -0.86
CA THR A 24 5.62 -7.98 -2.19
C THR A 24 4.74 -7.28 -3.25
N VAL A 25 5.36 -6.65 -4.26
CA VAL A 25 4.63 -5.92 -5.34
C VAL A 25 4.02 -6.85 -6.42
N GLU A 26 4.53 -8.06 -6.53
CA GLU A 26 4.09 -9.07 -7.49
C GLU A 26 3.57 -10.29 -6.71
N LYS A 27 3.14 -11.37 -7.37
CA LYS A 27 2.65 -12.56 -6.65
C LYS A 27 3.65 -13.74 -6.54
N GLY A 28 4.96 -13.47 -6.67
CA GLY A 28 5.96 -14.54 -6.58
C GLY A 28 6.63 -14.64 -5.20
N GLY A 29 6.64 -13.53 -4.45
CA GLY A 29 7.25 -13.46 -3.12
C GLY A 29 6.28 -13.86 -2.01
N PRO A 30 6.65 -14.80 -1.14
CA PRO A 30 5.79 -15.22 -0.03
C PRO A 30 5.48 -14.07 0.93
N HIS A 31 4.38 -14.17 1.66
CA HIS A 31 3.97 -13.15 2.60
C HIS A 31 5.02 -13.02 3.72
N LYS A 32 5.75 -11.90 3.74
CA LYS A 32 6.79 -11.64 4.76
C LYS A 32 6.17 -10.99 6.02
N VAL A 33 6.79 -9.94 6.55
CA VAL A 33 6.27 -9.21 7.73
C VAL A 33 4.94 -8.51 7.35
N GLY A 34 4.72 -8.31 6.04
CA GLY A 34 3.51 -7.70 5.49
C GLY A 34 2.86 -8.56 4.39
N PRO A 35 1.55 -8.42 4.16
CA PRO A 35 0.82 -9.20 3.14
C PRO A 35 1.18 -8.84 1.69
N ASN A 36 0.64 -9.59 0.74
CA ASN A 36 0.90 -9.34 -0.68
C ASN A 36 -0.08 -8.24 -1.18
N LEU A 37 0.46 -7.20 -1.84
CA LEU A 37 -0.27 -6.01 -2.31
C LEU A 37 -0.74 -6.12 -3.80
N HIS A 38 -0.27 -7.16 -4.51
CA HIS A 38 -0.61 -7.46 -5.91
C HIS A 38 -2.10 -7.79 -6.10
N GLY A 39 -2.88 -6.76 -6.44
CA GLY A 39 -4.32 -6.88 -6.67
C GLY A 39 -5.21 -6.20 -5.62
N ILE A 40 -4.65 -5.32 -4.77
CA ILE A 40 -5.47 -4.65 -3.75
C ILE A 40 -6.46 -3.66 -4.34
N PHE A 41 -6.14 -3.04 -5.50
CA PHE A 41 -7.04 -2.08 -6.17
C PHE A 41 -8.39 -2.70 -6.52
N GLY A 42 -9.43 -2.16 -5.86
CA GLY A 42 -10.83 -2.59 -6.02
C GLY A 42 -11.33 -3.53 -4.91
N ARG A 43 -10.47 -3.87 -3.94
CA ARG A 43 -10.80 -4.77 -2.83
C ARG A 43 -10.82 -3.99 -1.50
N HIS A 44 -11.29 -4.63 -0.45
CA HIS A 44 -11.39 -4.02 0.87
C HIS A 44 -10.13 -4.33 1.69
N SER A 45 -9.89 -3.55 2.75
CA SER A 45 -8.73 -3.77 3.63
C SER A 45 -8.84 -5.11 4.33
N GLY A 46 -7.72 -5.85 4.34
CA GLY A 46 -7.67 -7.17 4.98
C GLY A 46 -8.06 -8.38 4.12
N GLN A 47 -7.72 -8.42 2.82
CA GLN A 47 -8.09 -9.57 1.94
C GLN A 47 -6.92 -10.35 1.26
N ALA A 48 -5.71 -10.36 1.83
CA ALA A 48 -4.55 -11.09 1.23
C ALA A 48 -4.76 -12.64 1.18
N GLU A 49 -4.30 -13.24 0.07
CA GLU A 49 -4.43 -14.69 -0.19
C GLU A 49 -3.33 -15.53 0.55
N GLY A 50 -3.51 -15.67 1.87
CA GLY A 50 -2.60 -16.46 2.74
C GLY A 50 -1.94 -15.67 3.90
N TYR A 51 -2.60 -14.59 4.37
CA TYR A 51 -2.10 -13.77 5.48
C TYR A 51 -3.26 -13.15 6.32
N SER A 52 -3.08 -13.15 7.66
CA SER A 52 -4.06 -12.61 8.62
C SER A 52 -3.81 -11.13 8.99
N TYR A 53 -4.92 -10.38 9.10
CA TYR A 53 -4.98 -8.95 9.46
C TYR A 53 -5.50 -8.73 10.93
N THR A 54 -5.29 -7.52 11.51
CA THR A 54 -5.72 -7.20 12.90
C THR A 54 -7.22 -6.93 13.03
N ASP A 55 -7.70 -6.90 14.29
CA ASP A 55 -9.11 -6.67 14.62
C ASP A 55 -9.65 -5.34 14.03
N ALA A 56 -8.79 -4.32 14.01
CA ALA A 56 -9.13 -2.97 13.52
C ALA A 56 -9.01 -2.80 11.98
N ASN A 57 -8.07 -3.49 11.31
CA ASN A 57 -7.90 -3.38 9.85
C ASN A 57 -9.06 -4.06 9.10
N ILE A 58 -9.54 -5.20 9.61
CA ILE A 58 -10.67 -5.93 9.02
C ILE A 58 -11.97 -5.12 9.15
N LYS A 59 -12.48 -4.91 10.36
CA LYS A 59 -13.60 -3.99 10.65
C LYS A 59 -13.60 -2.69 9.79
N LYS A 60 -12.42 -2.32 9.28
CA LYS A 60 -12.21 -1.09 8.49
C LYS A 60 -12.63 -1.20 7.01
N ASN A 61 -12.41 -2.40 6.41
CA ASN A 61 -12.73 -2.80 5.00
C ASN A 61 -12.74 -1.63 3.99
N VAL A 62 -11.70 -0.81 4.02
CA VAL A 62 -11.60 0.33 3.10
C VAL A 62 -11.41 -0.15 1.68
N LEU A 63 -12.13 0.44 0.73
CA LEU A 63 -12.02 0.03 -0.67
C LEU A 63 -10.81 0.74 -1.30
N TRP A 64 -9.70 0.01 -1.43
CA TRP A 64 -8.46 0.51 -1.98
C TRP A 64 -8.65 1.00 -3.44
N ASP A 65 -8.52 2.31 -3.62
CA ASP A 65 -8.67 3.03 -4.88
C ASP A 65 -7.38 3.84 -5.17
N GLU A 66 -7.40 4.64 -6.23
CA GLU A 66 -6.26 5.45 -6.67
C GLU A 66 -5.92 6.50 -5.59
N ASN A 67 -6.91 7.30 -5.18
CA ASN A 67 -6.74 8.31 -4.14
C ASN A 67 -6.68 7.66 -2.72
N ASN A 68 -7.59 6.73 -2.41
CA ASN A 68 -7.63 6.04 -1.10
C ASN A 68 -6.27 5.43 -0.67
N MET A 69 -5.49 4.83 -1.58
CA MET A 69 -4.16 4.29 -1.22
C MET A 69 -3.27 5.35 -0.51
N SER A 70 -3.33 6.62 -0.96
CA SER A 70 -2.58 7.73 -0.34
C SER A 70 -3.12 8.09 1.06
N GLU A 71 -4.45 8.05 1.24
CA GLU A 71 -5.10 8.36 2.52
C GLU A 71 -4.40 7.62 3.67
N TYR A 72 -4.35 6.28 3.57
CA TYR A 72 -3.71 5.37 4.53
C TYR A 72 -2.18 5.52 4.56
N LEU A 73 -1.51 5.72 3.42
CA LEU A 73 -0.05 5.88 3.40
C LEU A 73 0.46 7.09 4.21
N THR A 74 -0.26 8.23 4.19
CA THR A 74 0.14 9.41 4.97
C THR A 74 0.21 9.14 6.47
N ASN A 75 -0.69 8.30 7.00
CA ASN A 75 -0.72 7.96 8.43
C ASN A 75 -1.49 6.64 8.68
N PRO A 76 -0.82 5.49 8.59
CA PRO A 76 -1.45 4.17 8.82
C PRO A 76 -2.02 4.02 10.24
N LYS A 77 -1.29 4.53 11.22
CA LYS A 77 -1.68 4.47 12.65
C LYS A 77 -2.98 5.25 12.92
N LYS A 78 -3.18 6.36 12.22
CA LYS A 78 -4.40 7.17 12.39
C LYS A 78 -5.58 6.59 11.58
N TYR A 79 -5.33 6.09 10.37
CA TYR A 79 -6.35 5.48 9.51
C TYR A 79 -6.88 4.12 10.04
N ILE A 80 -5.95 3.30 10.55
CA ILE A 80 -6.25 1.99 11.12
C ILE A 80 -5.54 1.90 12.50
N PRO A 81 -6.23 2.35 13.56
CA PRO A 81 -5.69 2.32 14.93
C PRO A 81 -5.52 0.90 15.49
N GLY A 82 -4.29 0.42 15.48
CA GLY A 82 -3.99 -0.94 15.97
C GLY A 82 -3.42 -1.89 14.91
N THR A 83 -3.14 -1.37 13.69
CA THR A 83 -2.59 -2.16 12.56
C THR A 83 -1.11 -2.50 12.72
N LYS A 84 -0.70 -3.64 12.14
CA LYS A 84 0.67 -4.13 12.21
C LYS A 84 1.64 -3.37 11.28
N MET A 85 1.17 -2.39 10.49
CA MET A 85 2.03 -1.65 9.56
C MET A 85 2.73 -0.45 10.28
N ALA A 86 3.85 -0.79 10.93
CA ALA A 86 4.67 0.15 11.71
C ALA A 86 5.77 0.89 10.91
N PHE A 87 5.35 1.42 9.75
CA PHE A 87 6.13 2.20 8.77
C PHE A 87 6.12 3.73 9.01
N GLY A 88 5.26 4.25 9.89
CA GLY A 88 5.22 5.72 10.16
C GLY A 88 4.29 6.51 9.24
N GLY A 89 4.39 6.30 7.92
CA GLY A 89 3.55 6.97 6.91
C GLY A 89 4.28 8.06 6.10
N LEU A 90 4.20 7.95 4.77
CA LEU A 90 4.82 8.91 3.83
C LEU A 90 3.91 10.16 3.68
N LYS A 91 4.24 11.17 4.49
CA LYS A 91 3.54 12.47 4.59
C LYS A 91 3.61 13.33 3.31
N LYS A 92 4.66 13.14 2.50
CA LYS A 92 4.87 13.89 1.26
C LYS A 92 4.00 13.36 0.10
N GLU A 93 3.02 14.16 -0.30
CA GLU A 93 2.12 13.85 -1.43
C GLU A 93 2.83 13.63 -2.79
N LYS A 94 3.77 14.50 -3.15
CA LYS A 94 4.49 14.39 -4.44
C LYS A 94 5.17 13.02 -4.58
N ASP A 95 5.72 12.56 -3.46
CA ASP A 95 6.40 11.29 -3.31
C ASP A 95 5.44 10.08 -3.51
N ARG A 96 4.20 10.14 -2.97
CA ARG A 96 3.20 9.07 -3.19
C ARG A 96 2.62 9.11 -4.61
N ASN A 97 2.43 10.31 -5.18
CA ASN A 97 1.93 10.47 -6.56
C ASN A 97 2.62 9.50 -7.54
N ASP A 98 3.96 9.50 -7.58
CA ASP A 98 4.75 8.58 -8.44
C ASP A 98 4.56 7.10 -8.01
N LEU A 99 4.47 6.82 -6.70
CA LEU A 99 4.22 5.47 -6.16
C LEU A 99 2.95 4.82 -6.75
N ILE A 100 1.90 5.62 -6.98
CA ILE A 100 0.63 5.17 -7.58
C ILE A 100 0.89 4.60 -8.99
N THR A 101 1.55 5.39 -9.86
CA THR A 101 1.89 4.96 -11.22
C THR A 101 2.60 3.60 -11.24
N TYR A 102 3.56 3.38 -10.34
CA TYR A 102 4.28 2.10 -10.26
C TYR A 102 3.38 0.95 -9.79
N LEU A 103 2.69 1.11 -8.66
CA LEU A 103 1.77 0.09 -8.12
C LEU A 103 0.65 -0.24 -9.10
N LYS A 104 0.03 0.83 -9.61
CA LYS A 104 -1.06 0.75 -10.58
C LYS A 104 -0.61 -0.04 -11.82
N LYS A 105 0.65 0.14 -12.27
CA LYS A 105 1.21 -0.54 -13.48
C LYS A 105 1.49 -2.06 -13.30
N ALA A 106 1.81 -2.42 -12.07
CA ALA A 106 2.10 -3.77 -11.57
C ALA A 106 0.80 -4.61 -11.33
N THR A 107 -0.27 -3.96 -10.85
CA THR A 107 -1.59 -4.57 -10.60
C THR A 107 -2.41 -4.68 -11.90
N GLU A 108 -2.36 -3.65 -12.75
CA GLU A 108 -3.11 -3.65 -14.03
C GLU A 108 -2.18 -3.36 -15.23
FE HEC B . 2.11 -2.00 4.61
CHA HEC B . -1.01 -3.47 5.16
CHB HEC B . 0.89 -0.48 1.73
CHC HEC B . 5.22 -0.55 4.08
CHD HEC B . 3.47 -3.98 7.12
NA HEC B . 0.30 -1.95 3.66
C1A HEC B . -0.90 -2.58 4.06
C2A HEC B . -1.92 -2.34 3.10
C3A HEC B . -1.39 -1.52 2.11
C4A HEC B . -0.01 -1.28 2.46
CMA HEC B . -2.12 -1.01 0.91
CAA HEC B . -3.32 -2.85 3.16
CBA HEC B . -3.46 -4.33 2.76
CGA HEC B . -4.90 -4.82 2.92
O1A HEC B . -5.66 -4.20 3.71
O2A HEC B . -5.26 -5.83 2.30
NB HEC B . 2.88 -0.73 3.21
C1B HEC B . 2.24 -0.23 2.07
C2B HEC B . 3.15 0.59 1.33
C3B HEC B . 4.35 0.64 2.03
C4B HEC B . 4.17 -0.19 3.19
CMB HEC B . 2.89 1.15 -0.05
CAB HEC B . 5.59 1.44 1.73
CBB HEC B . 5.35 2.94 1.82
NC HEC B . 3.96 -2.17 5.47
C1C HEC B . 5.12 -1.46 5.16
C2C HEC B . 6.24 -1.95 5.90
C3C HEC B . 5.77 -2.98 6.69
C4C HEC B . 4.36 -3.10 6.46
CMC HEC B . 7.65 -1.45 5.77
CAC HEC B . 6.60 -3.97 7.48
CBC HEC B . 7.11 -3.40 8.80
ND HEC B . 1.35 -3.38 5.93
C1D HEC B . 2.07 -4.13 6.88
C2D HEC B . 1.22 -5.02 7.56
C3D HEC B . -0.07 -4.84 7.08
C4D HEC B . 0.02 -3.83 6.06
CMD HEC B . 1.71 -6.13 8.44
CAD HEC B . -1.32 -5.45 7.66
CBD HEC B . -1.81 -4.66 8.88
CGD HEC B . -2.64 -5.49 9.88
O1D HEC B . -3.23 -6.52 9.52
O2D HEC B . -2.67 -5.09 11.06
HHA HEC B . -2.03 -3.82 5.41
HHB HEC B . 0.53 -0.03 0.79
HHC HEC B . 6.15 0.02 4.01
HHD HEC B . 3.91 -4.68 7.84
HMA1 HEC B . -2.37 0.03 1.05
HMA2 HEC B . -3.03 -1.58 0.78
HMA3 HEC B . -1.50 -1.13 0.03
HAA1 HEC B . -3.93 -2.26 2.49
HAA2 HEC B . -3.69 -2.72 4.16
HBA1 HEC B . -2.82 -4.91 3.41
HBA2 HEC B . -3.16 -4.44 1.75
HMB1 HEC B . 1.85 0.98 -0.32
HMB2 HEC B . 3.53 0.66 -0.77
HMB3 HEC B . 3.09 2.21 -0.06
HAB HEC B . 6.31 1.20 2.49
HBB1 HEC B . 4.53 3.12 2.51
HBB2 HEC B . 5.10 3.35 0.85
HBB3 HEC B . 6.24 3.42 2.20
HMC1 HEC B . 7.69 -0.40 6.03
HMC2 HEC B . 7.98 -1.59 4.75
HMC3 HEC B . 8.30 -2.00 6.44
HAC HEC B . 5.96 -4.78 7.73
HBC1 HEC B . 6.26 -3.28 9.46
HBC2 HEC B . 7.56 -2.43 8.63
HBC3 HEC B . 7.82 -4.07 9.24
HMD1 HEC B . 2.31 -5.71 9.23
HMD2 HEC B . 2.29 -6.84 7.87
HMD3 HEC B . 0.86 -6.64 8.88
HAD1 HEC B . -1.11 -6.46 7.96
HAD2 HEC B . -2.09 -5.45 6.90
HBD1 HEC B . -2.42 -3.84 8.54
HBD2 HEC B . -0.96 -4.27 9.41
C2 4NL C . -8.25 0.38 -9.93
C6 4NL C . -7.63 2.10 -8.37
C3 4NL C . -6.93 0.31 -10.36
C4 4NL C . -5.97 1.13 -9.80
C5 4NL C . -6.31 2.02 -8.80
C1 4NL C . -8.59 1.28 -8.94
N1 4NL C . -9.96 1.35 -8.48
O1 4NL C . -4.63 1.05 -10.24
H2 4NL C . -6.65 -0.42 -11.18
H6 4NL C . -10.32 0.65 -7.81
H3 4NL C . -5.54 2.68 -8.35
H5 4NL C . -4.56 0.37 -10.97
H4 4NL C . -7.91 2.83 -7.57
H1 4NL C . -9.03 -0.28 -10.40
H7 4NL C . -10.59 2.10 -8.82
#